data_8DBS
#
_entry.id   8DBS
#
_cell.length_a   1.00
_cell.length_b   1.00
_cell.length_c   1.00
_cell.angle_alpha   90.00
_cell.angle_beta   90.00
_cell.angle_gamma   90.00
#
_symmetry.space_group_name_H-M   'P 1'
#
loop_
_entity.id
_entity.type
_entity.pdbx_description
1 polymer 'ATP synthase subunit alpha'
2 polymer 'ATP synthase subunit alpha'
3 polymer 'ATP synthase subunit beta'
4 polymer 'ATP synthase gamma chain'
5 polymer 'ATP synthase epsilon chain'
6 polymer 'ATP synthase subunit c'
7 polymer 'ATP synthase subunit delta'
8 polymer 'ATP synthase subunit b'
9 polymer 'ATP synthase subunit b'
10 polymer 'ATP synthase subunit a'
11 non-polymer "ADENOSINE-5'-TRIPHOSPHATE"
12 non-polymer 'MAGNESIUM ION'
13 non-polymer "ADENOSINE-5'-DIPHOSPHATE"
#
loop_
_entity_poly.entity_id
_entity_poly.type
_entity_poly.pdbx_seq_one_letter_code
_entity_poly.pdbx_strand_id
1 'polypeptide(L)'
;NSTEISELIKQRIAQFNVVSEAHNEGTIVSVSDGVIRIHGLADAMQGEMISLPGNRYAIALNLERDSVGAVVMGPYADLA
EGMKVKATGRILEVPVGRGLLGRVVNTLGAPIDGKGPLDHDGFSAVEAIAPGVIERQSVDQPVQTGYKAVDSMIPIGRGQ
RELIIGDRQTGKTALAIDAIINQRDSGIKAIYVAIGQKASTISNVVRKLEEHGALANTIVVVATASESAALQYLAPYAGA
AMGEYFRDRGEDALIIYDDLSKQAVAYRQISLLLRRPPGREAFPGDVFYLHSRLLERAARVNAEYVEAFTKGEVKGKTGS
LTALPIIETQAGDVSAFVPTNVISITDGQIFLETNLFNAGIRPAVNPGISVSRVGGAAQTKIMKKLSGGIRTALAQYREL
AAFSQAASDLDDATRKQLDHGQKVTELLKQKQYAPMSVAQQSLVLFAAERGYLADVELSKIGSFEAALLAYVDRDHAPLM
QEINQTGGYNDEIEGKLKGILDSFKATQ
;
A
2 'polypeptide(L)'
;MQLNSTEISELIKQRIAQFNVVSEAHNEGTIVSVSDGVIRIHGLADAMQGEMISLPGNRYAIALNLERDSVGAVVMGPYA
DLAEGMKVKATGRILEVPVGRGLLGRVVNTLGAPIDGKGPLDHDGFSAVEAIAPGVIERQSVDQPVQTGYKAVDSMIPIG
RGQRELIIGDRQTGKTALAIDAIINQRDSGIKAIYVAIGQKASTISNVVRKLEEHGALANTIVVVATASESAALQYLAPY
AGAAMGEYFRDRGEDALIIYDDLSKQAVAYRQISLLLRRPPGREAFPGDVFYLHSRLLERAARVNAEYVEAFTKGEVKGK
TGSLTALPIIETQAGDVSAFVPTNVISITDGQIFLETNLFNAGIRPAVNPGISVSRVGGAAQTKIMKKLSGGIRTALAQY
RELAAFSQFASDLDDATRKQLDHGQKVTELLKQKQYAPMSVAQQSLVLFAAERGYLADVELSKIGSFEAALLAYVDRDHA
PLMQEINQTGGYNDEIEGKLKGILDSFKATQSW
;
B,C
3 'polypeptide(L)'
;MATGKIVQVIGAVVDVEFPQDAVPRVYDALEVQNGNERLVLEVQQQLGGGIVRTIAMGSSDGLRRGLDVKDLEHPIEVPV
GKATLGRIMNVLGEPVDMKGEIGEEERWAIHRAAPSYEELSNSQELLETGIKVIDLMAPFAKGGKVGLFGGAGVGKTVNM
MELIRNIAIEHSGYSVFAGVGERTREGNDFYHEMTDSNVIDKVSLVYGQMNEPPGNRLRVALTGLTMAEKFRDEGRDVLL
FVDNIYRYTLAGTEVSALLGRMPSAVGYQPTLAEEMGVLQERITSTKTGSITSVQAVYVPADDLTDPSPATTFAHLDATV
VLSRQIASLGIYPAVDPLDSTSRQLDPLVVGQEHYDTARGVQSILQRYQELKDIIAILGMDELSEEDKLVVARARKIQRF
LSQPFFVAEVFTGSPGKYVSLKDTIRGFKGIMEGEYDHLPEQAFYMVGSIEEAVEKAKKL
;
D,E,F
4 'polypeptide(L)'
;AGAKDIRSKIASVQNTQKITKAMEMVAASKMRKSQDRMAASRPYAETMRKVIGHLAHGNLEYKHPYLEDRDVKRVGYLVV
STDRGLAGGLNINLFKKLLAEMKTWTDKGVQADLAMIGSKGVSFFNSVGGNVVAQVTGMGDNPSLSELIGPVKVMLQAYD
EGRLDKLYIVSNKFINTMSQVPTISQLLPLPASDDDDLKHKSWDYLYEPDPKALLDTLLRRYVESQVYQGVVENLASEQA
ARMVAMKAATDNGGSLIKELQLVYNKARQASITQELTEIVSGAA
;
G
5 'polypeptide(L)'
;TYHLDVVSAEQQMFSGLVEKIQVTGSEGELGIYPGHAPLLTAIKPGMIRIVKQHGHEEFIYLSGGILEVQPGNVTVLADT
AIRGQDLDEARAMEAKRKAEE
;
H
6 'polypeptide(L)' NLNMDLLYMAAAVMMGLAAIGAAIGIGILGGKFLEGAARQPDLIPLLRTQFFIVMGLVDAIPMIAVGLGLYVMFAVA I,J,L,M,N,O,P,Q,R,S
7 'polypeptide(L)'
;EFITVARPYAKAAFDFAVEHQSVERWQDMLAFAAEVTKNEQMAELLSGALAPETLAESFIAVAGEQLDENGQNLIRVMAE
NGRLNALPDVLEQFIHLRAVSEATAEVDVISAAALSEQQLAKISAAMEKRLSRKVKLNAKIDKSVMAGVIIRAGDMVIDG
SVRGRLERLADVL
;
W
8 'polypeptide(L)'
;MNLNATILGQAIAFVLFVLFAMKYVWPPLMAAIEKRQKEIADGLASAERAHKDLDLAKASATDQLKKAKAEAQVIIEQAN
AARSQILDEAKAEAEQERTKIVAQAQAEIEAERKRAREELRKQVAILAVAGAEKIIERSVDEAANSDIVDKLVAEL
;
X
9 'polypeptide(L)'
;MNLNATILGQAIAFVLFVLFAMKYVWPPLMAAIEKRQKEIADGLASAERAHKDLDLAKASATDQLKKAKAEAQVIIEQAN
KRRSQILDEAKAEAEQERTKIVAQAQAEIEAERKRAREELRKQVAILAVAGAEKIIERSVDEAANSDIVDKLVAEL
;
Y
10 'polypeptide(L)'
;ENMTPQDYIGHHLNNLQLDLRTFSLVDPQNPPATFWTINIDSMFFSVVLGLLFLVLFRSVAKKATSGVPGKFQTAIELVI
GFVNGSVKDMYHGKSKLIAPLALTIFVWVFLMNLMDLLPIDLLPYIAEHVLGLPALRVVPSADVNVTLSMALGVFILILF
YSIKMKGIGGFTKELTLQPFNHWAFIPVNLILEGVSLLSKPVSLGLRLFGNMYAGELIFILIAGLLPWWSQWILNVPWAI
FHILIITLQAFIFMVLTIVYLSMASE
;
a
#
loop_
_chem_comp.id
_chem_comp.type
_chem_comp.name
_chem_comp.formula
ADP non-polymer ADENOSINE-5'-DIPHOSPHATE 'C10 H15 N5 O10 P2'
ATP non-polymer ADENOSINE-5'-TRIPHOSPHATE 'C10 H16 N5 O13 P3'
MG non-polymer 'MAGNESIUM ION' 'Mg 2'
#
# COMPACT_ATOMS: atom_id res chain seq x y z
N ASN A 1 -60.36 66.69 -38.64
CA ASN A 1 -59.67 67.64 -37.78
C ASN A 1 -58.26 67.13 -37.44
N SER A 2 -57.90 65.98 -38.04
CA SER A 2 -56.62 65.35 -37.73
C SER A 2 -55.50 65.85 -38.66
N THR A 3 -55.78 65.96 -39.96
CA THR A 3 -54.74 66.43 -40.88
C THR A 3 -54.33 67.86 -40.56
N GLU A 4 -55.30 68.70 -40.17
CA GLU A 4 -54.97 70.09 -39.85
C GLU A 4 -54.14 70.18 -38.58
N ILE A 5 -54.43 69.36 -37.57
CA ILE A 5 -53.59 69.43 -36.37
C ILE A 5 -52.23 68.83 -36.63
N SER A 6 -52.13 67.83 -37.51
CA SER A 6 -50.82 67.30 -37.87
C SER A 6 -49.97 68.35 -38.58
N GLU A 7 -50.57 69.09 -39.51
CA GLU A 7 -49.80 70.13 -40.17
C GLU A 7 -49.53 71.31 -39.24
N LEU A 8 -50.41 71.55 -38.27
CA LEU A 8 -50.12 72.53 -37.23
C LEU A 8 -48.93 72.09 -36.39
N ILE A 9 -48.82 70.78 -36.12
CA ILE A 9 -47.66 70.25 -35.41
C ILE A 9 -46.40 70.49 -36.21
N LYS A 10 -46.46 70.23 -37.52
CA LYS A 10 -45.29 70.50 -38.36
C LYS A 10 -44.94 71.99 -38.35
N GLN A 11 -45.95 72.85 -38.40
CA GLN A 11 -45.71 74.29 -38.34
C GLN A 11 -45.06 74.69 -37.03
N ARG A 12 -45.51 74.11 -35.93
CA ARG A 12 -44.99 74.48 -34.62
C ARG A 12 -43.56 73.99 -34.44
N ILE A 13 -43.27 72.75 -34.85
CA ILE A 13 -41.91 72.25 -34.75
C ILE A 13 -40.98 73.08 -35.64
N ALA A 14 -41.49 73.56 -36.77
CA ALA A 14 -40.69 74.47 -37.58
C ALA A 14 -40.46 75.78 -36.84
N GLN A 15 -41.49 76.28 -36.16
CA GLN A 15 -41.38 77.55 -35.44
C GLN A 15 -40.31 77.48 -34.35
N PHE A 16 -40.33 76.42 -33.54
CA PHE A 16 -39.42 76.32 -32.40
C PHE A 16 -38.10 75.65 -32.75
N ASN A 17 -37.84 75.36 -34.02
CA ASN A 17 -36.54 74.96 -34.52
C ASN A 17 -36.04 73.65 -33.92
N VAL A 18 -36.93 72.75 -33.53
CA VAL A 18 -36.53 71.39 -33.19
C VAL A 18 -36.35 70.63 -34.51
N VAL A 19 -35.15 70.09 -34.72
CA VAL A 19 -34.80 69.48 -36.00
C VAL A 19 -33.89 68.29 -35.74
N SER A 20 -33.96 67.29 -36.63
CA SER A 20 -33.17 66.08 -36.47
C SER A 20 -31.70 66.33 -36.81
N GLU A 21 -30.85 65.49 -36.24
CA GLU A 21 -29.44 65.52 -36.58
C GLU A 21 -29.23 65.07 -38.03
N ALA A 22 -28.16 65.56 -38.64
CA ALA A 22 -27.82 65.13 -39.98
C ALA A 22 -27.31 63.69 -39.97
N HIS A 23 -27.56 62.99 -41.07
CA HIS A 23 -27.00 61.65 -41.23
C HIS A 23 -25.48 61.72 -41.22
N ASN A 24 -24.85 60.59 -40.93
CA ASN A 24 -23.40 60.47 -40.79
C ASN A 24 -22.85 61.31 -39.65
N GLU A 25 -23.71 61.81 -38.77
CA GLU A 25 -23.29 62.57 -37.61
C GLU A 25 -24.11 62.14 -36.41
N GLY A 26 -23.52 62.24 -35.22
CA GLY A 26 -24.21 61.85 -34.01
C GLY A 26 -23.56 62.50 -32.81
N THR A 27 -24.12 62.20 -31.64
CA THR A 27 -23.65 62.76 -30.38
C THR A 27 -23.44 61.64 -29.37
N ILE A 28 -22.36 61.76 -28.59
CA ILE A 28 -22.06 60.77 -27.56
C ILE A 28 -23.06 60.90 -26.42
N VAL A 29 -23.69 59.80 -26.05
CA VAL A 29 -24.68 59.80 -24.99
C VAL A 29 -24.07 59.44 -23.64
N SER A 30 -23.21 58.43 -23.60
CA SER A 30 -22.62 58.00 -22.33
C SER A 30 -21.23 57.44 -22.58
N VAL A 31 -20.41 57.46 -21.54
CA VAL A 31 -19.02 57.01 -21.59
C VAL A 31 -18.75 56.20 -20.32
N SER A 32 -18.27 54.97 -20.48
CA SER A 32 -17.91 54.15 -19.33
C SER A 32 -16.96 53.05 -19.78
N ASP A 33 -15.77 53.03 -19.19
CA ASP A 33 -14.82 51.94 -19.38
C ASP A 33 -14.45 51.74 -20.85
N GLY A 34 -14.39 52.83 -21.61
CA GLY A 34 -14.01 52.76 -23.00
C GLY A 34 -15.12 52.40 -23.96
N VAL A 35 -16.30 52.09 -23.47
CA VAL A 35 -17.45 51.81 -24.32
C VAL A 35 -18.24 53.10 -24.49
N ILE A 36 -18.67 53.38 -25.72
CA ILE A 36 -19.33 54.63 -26.06
C ILE A 36 -20.70 54.32 -26.62
N ARG A 37 -21.70 55.06 -26.16
CA ARG A 37 -23.06 54.98 -26.67
C ARG A 37 -23.37 56.27 -27.41
N ILE A 38 -23.76 56.14 -28.67
CA ILE A 38 -23.89 57.28 -29.58
C ILE A 38 -25.31 57.33 -30.10
N HIS A 39 -25.90 58.51 -30.07
CA HIS A 39 -27.24 58.73 -30.61
C HIS A 39 -27.12 59.35 -32.00
N GLY A 40 -28.03 58.95 -32.89
CA GLY A 40 -27.97 59.39 -34.26
C GLY A 40 -27.24 58.41 -35.15
N LEU A 41 -26.41 58.92 -36.06
CA LEU A 41 -25.65 58.07 -36.98
C LEU A 41 -26.57 57.12 -37.74
N ALA A 42 -27.63 57.69 -38.33
CA ALA A 42 -28.62 56.87 -39.02
C ALA A 42 -28.03 56.11 -40.20
N ASP A 43 -26.87 56.53 -40.70
CA ASP A 43 -26.23 55.87 -41.83
C ASP A 43 -24.99 55.08 -41.44
N ALA A 44 -24.73 54.91 -40.15
CA ALA A 44 -23.63 54.06 -39.72
C ALA A 44 -23.89 52.61 -40.07
N MET A 45 -22.82 51.86 -40.27
CA MET A 45 -22.91 50.45 -40.60
C MET A 45 -22.06 49.63 -39.63
N GLN A 46 -22.40 48.37 -39.49
CA GLN A 46 -21.70 47.48 -38.57
C GLN A 46 -20.22 47.41 -38.92
N GLY A 47 -19.37 47.63 -37.92
CA GLY A 47 -17.93 47.58 -38.12
C GLY A 47 -17.32 48.83 -38.68
N GLU A 48 -18.07 49.93 -38.77
CA GLU A 48 -17.56 51.16 -39.36
C GLU A 48 -16.59 51.84 -38.42
N MET A 49 -15.71 52.65 -38.99
CA MET A 49 -14.83 53.51 -38.21
C MET A 49 -15.51 54.85 -37.97
N ILE A 50 -15.76 55.18 -36.71
CA ILE A 50 -16.43 56.43 -36.34
C ILE A 50 -15.36 57.40 -35.86
N SER A 51 -15.23 58.54 -36.54
CA SER A 51 -14.23 59.53 -36.18
C SER A 51 -14.72 60.36 -35.00
N LEU A 52 -13.90 60.42 -33.97
CA LEU A 52 -14.18 61.15 -32.74
C LEU A 52 -13.51 62.51 -32.76
N PRO A 53 -13.88 63.40 -31.84
CA PRO A 53 -13.10 64.63 -31.68
C PRO A 53 -11.66 64.30 -31.32
N GLY A 54 -10.75 65.16 -31.77
CA GLY A 54 -9.35 64.79 -31.80
C GLY A 54 -9.04 64.04 -33.07
N ASN A 55 -8.16 63.05 -33.00
CA ASN A 55 -7.76 62.27 -34.17
C ASN A 55 -7.78 60.79 -33.86
N ARG A 56 -8.86 60.32 -33.24
CA ARG A 56 -8.99 58.92 -32.85
C ARG A 56 -10.32 58.39 -33.34
N TYR A 57 -10.47 57.08 -33.30
CA TYR A 57 -11.62 56.40 -33.90
C TYR A 57 -12.28 55.45 -32.91
N ALA A 58 -13.57 55.23 -33.13
CA ALA A 58 -14.33 54.21 -32.41
C ALA A 58 -14.90 53.22 -33.42
N ILE A 59 -15.05 51.97 -32.99
CA ILE A 59 -15.54 50.90 -33.85
C ILE A 59 -16.98 50.58 -33.45
N ALA A 60 -17.89 50.67 -34.40
CA ALA A 60 -19.30 50.40 -34.14
C ALA A 60 -19.53 48.90 -34.02
N LEU A 61 -19.94 48.44 -32.85
CA LEU A 61 -20.19 47.02 -32.62
C LEU A 61 -21.67 46.66 -32.65
N ASN A 62 -22.55 47.52 -32.15
CA ASN A 62 -23.97 47.23 -32.08
C ASN A 62 -24.75 48.38 -32.70
N LEU A 63 -25.71 48.04 -33.56
CA LEU A 63 -26.62 49.04 -34.12
C LEU A 63 -27.97 48.83 -33.46
N GLU A 64 -28.13 49.42 -32.27
CA GLU A 64 -29.38 49.31 -31.56
C GLU A 64 -30.46 50.15 -32.23
N ARG A 65 -31.68 50.00 -31.74
CA ARG A 65 -32.80 50.75 -32.32
C ARG A 65 -32.59 52.25 -32.16
N ASP A 66 -32.06 52.68 -31.02
CA ASP A 66 -31.94 54.10 -30.72
C ASP A 66 -30.51 54.60 -30.59
N SER A 67 -29.51 53.71 -30.63
CA SER A 67 -28.14 54.15 -30.37
C SER A 67 -27.16 53.17 -30.99
N VAL A 68 -25.90 53.58 -31.05
CA VAL A 68 -24.81 52.76 -31.57
C VAL A 68 -23.84 52.50 -30.43
N GLY A 69 -23.48 51.23 -30.23
CA GLY A 69 -22.47 50.88 -29.26
C GLY A 69 -21.10 50.79 -29.92
N ALA A 70 -20.13 51.49 -29.35
CA ALA A 70 -18.81 51.56 -29.96
C ALA A 70 -17.74 51.48 -28.87
N VAL A 71 -16.55 51.06 -29.30
CA VAL A 71 -15.38 50.96 -28.44
C VAL A 71 -14.30 51.88 -28.97
N VAL A 72 -13.63 52.60 -28.07
CA VAL A 72 -12.66 53.62 -28.45
C VAL A 72 -11.32 52.97 -28.72
N MET A 73 -10.73 53.28 -29.88
CA MET A 73 -9.40 52.78 -30.25
C MET A 73 -8.32 53.69 -29.68
N GLY A 74 -8.35 53.84 -28.35
CA GLY A 74 -7.37 54.67 -27.66
C GLY A 74 -7.86 55.14 -26.31
N PRO A 75 -7.16 56.12 -25.74
CA PRO A 75 -7.61 56.68 -24.45
C PRO A 75 -9.01 57.26 -24.59
N TYR A 76 -9.85 56.96 -23.60
CA TYR A 76 -11.25 57.37 -23.62
C TYR A 76 -11.58 58.41 -22.55
N ALA A 77 -10.66 58.74 -21.66
CA ALA A 77 -11.00 59.55 -20.50
C ALA A 77 -11.36 60.97 -20.86
N ASP A 78 -10.85 61.50 -21.98
CA ASP A 78 -11.12 62.89 -22.33
C ASP A 78 -12.48 63.08 -22.99
N LEU A 79 -13.12 62.02 -23.46
CA LEU A 79 -14.42 62.16 -24.10
C LEU A 79 -15.48 62.58 -23.09
N ALA A 80 -16.51 63.26 -23.60
CA ALA A 80 -17.57 63.75 -22.72
C ALA A 80 -18.90 63.65 -23.45
N GLU A 81 -19.97 63.51 -22.66
CA GLU A 81 -21.31 63.44 -23.20
C GLU A 81 -21.64 64.70 -24.01
N GLY A 82 -22.25 64.49 -25.18
CA GLY A 82 -22.64 65.58 -26.03
C GLY A 82 -21.63 65.97 -27.09
N MET A 83 -20.47 65.32 -27.13
CA MET A 83 -19.51 65.57 -28.18
C MET A 83 -20.05 65.09 -29.52
N LYS A 84 -19.77 65.86 -30.57
CA LYS A 84 -20.19 65.46 -31.91
C LYS A 84 -19.23 64.43 -32.48
N VAL A 85 -19.80 63.48 -33.22
CA VAL A 85 -19.02 62.45 -33.90
C VAL A 85 -19.49 62.37 -35.35
N LYS A 86 -18.60 61.90 -36.22
CA LYS A 86 -18.87 61.81 -37.64
C LYS A 86 -18.52 60.41 -38.14
N ALA A 87 -19.42 59.85 -38.94
CA ALA A 87 -19.25 58.50 -39.45
C ALA A 87 -18.50 58.54 -40.78
N THR A 88 -17.24 58.12 -40.77
CA THR A 88 -16.54 57.88 -42.02
C THR A 88 -17.18 56.72 -42.76
N GLY A 89 -17.04 56.73 -44.08
CA GLY A 89 -17.65 55.67 -44.85
C GLY A 89 -16.85 54.38 -44.91
N ARG A 90 -15.68 54.35 -44.29
CA ARG A 90 -14.80 53.19 -44.40
C ARG A 90 -15.12 52.16 -43.33
N ILE A 91 -15.30 50.91 -43.73
CA ILE A 91 -15.17 49.82 -42.78
C ILE A 91 -13.72 49.80 -42.31
N LEU A 92 -13.51 49.36 -41.07
CA LEU A 92 -12.21 49.38 -40.42
C LEU A 92 -11.11 48.85 -41.34
N GLU A 93 -10.13 49.70 -41.61
CA GLU A 93 -9.05 49.39 -42.53
C GLU A 93 -7.72 49.76 -41.90
N VAL A 94 -6.65 49.11 -42.36
CA VAL A 94 -5.31 49.35 -41.85
C VAL A 94 -4.37 49.50 -43.04
N PRO A 95 -3.39 50.41 -42.98
CA PRO A 95 -2.43 50.52 -44.08
C PRO A 95 -1.68 49.23 -44.31
N VAL A 96 -1.44 48.90 -45.58
CA VAL A 96 -0.72 47.70 -45.96
C VAL A 96 0.25 48.03 -47.08
N GLY A 97 1.16 47.10 -47.34
CA GLY A 97 2.14 47.24 -48.40
C GLY A 97 3.53 46.89 -47.92
N ARG A 98 4.43 46.70 -48.90
CA ARG A 98 5.81 46.34 -48.58
C ARG A 98 6.54 47.48 -47.90
N GLY A 99 6.08 48.71 -48.08
CA GLY A 99 6.72 49.84 -47.43
C GLY A 99 6.66 49.80 -45.92
N LEU A 100 5.80 48.95 -45.36
CA LEU A 100 5.73 48.82 -43.90
C LEU A 100 6.96 48.13 -43.34
N LEU A 101 7.70 47.39 -44.16
CA LEU A 101 8.82 46.60 -43.68
C LEU A 101 9.85 47.48 -43.01
N GLY A 102 10.29 47.07 -41.82
CA GLY A 102 11.25 47.83 -41.05
C GLY A 102 10.67 48.90 -40.16
N ARG A 103 9.36 49.00 -40.08
CA ARG A 103 8.70 49.99 -39.24
C ARG A 103 8.08 49.33 -38.01
N VAL A 104 7.97 50.09 -36.94
CA VAL A 104 7.24 49.70 -35.75
C VAL A 104 5.93 50.47 -35.74
N VAL A 105 4.82 49.76 -35.73
CA VAL A 105 3.53 50.32 -36.12
C VAL A 105 2.49 49.99 -35.06
N ASN A 106 1.65 50.97 -34.75
CA ASN A 106 0.49 50.78 -33.91
C ASN A 106 -0.58 50.00 -34.67
N THR A 107 -1.50 49.39 -33.91
CA THR A 107 -2.52 48.53 -34.51
C THR A 107 -3.37 49.28 -35.52
N LEU A 108 -3.56 50.58 -35.34
CA LEU A 108 -4.29 51.39 -36.30
C LEU A 108 -3.49 51.67 -37.56
N GLY A 109 -2.22 51.31 -37.61
CA GLY A 109 -1.36 51.66 -38.72
C GLY A 109 -0.49 52.87 -38.50
N ALA A 110 -0.69 53.59 -37.39
CA ALA A 110 0.14 54.74 -37.11
C ALA A 110 1.52 54.29 -36.67
N PRO A 111 2.59 54.88 -37.20
CA PRO A 111 3.93 54.53 -36.74
C PRO A 111 4.22 55.11 -35.37
N ILE A 112 4.88 54.32 -34.52
CA ILE A 112 5.30 54.77 -33.20
C ILE A 112 6.78 55.05 -33.14
N ASP A 113 7.58 54.56 -34.08
CA ASP A 113 8.97 54.97 -34.16
C ASP A 113 9.05 56.42 -34.65
N GLY A 114 10.21 57.03 -34.44
CA GLY A 114 10.41 58.42 -34.82
C GLY A 114 10.77 58.60 -36.28
N LYS A 115 10.53 57.60 -37.11
CA LYS A 115 10.99 57.59 -38.49
C LYS A 115 9.94 58.09 -39.48
N GLY A 116 9.03 58.95 -39.04
CA GLY A 116 8.18 59.68 -39.94
C GLY A 116 7.02 58.88 -40.52
N PRO A 117 6.31 59.48 -41.48
CA PRO A 117 5.08 58.87 -41.99
C PRO A 117 5.35 57.63 -42.83
N LEU A 118 4.28 56.89 -43.05
CA LEU A 118 4.35 55.61 -43.77
C LEU A 118 4.19 55.79 -45.26
N ASP A 119 4.99 55.04 -46.02
CA ASP A 119 4.73 54.80 -47.43
C ASP A 119 4.04 53.45 -47.58
N HIS A 120 2.89 53.45 -48.26
CA HIS A 120 2.05 52.25 -48.26
C HIS A 120 1.30 52.15 -49.58
N ASP A 121 0.70 50.98 -49.79
CA ASP A 121 0.04 50.65 -51.04
C ASP A 121 -1.47 50.58 -50.88
N GLY A 122 -2.04 51.52 -50.11
CA GLY A 122 -3.46 51.53 -49.86
C GLY A 122 -3.83 50.73 -48.63
N PHE A 123 -5.12 50.71 -48.34
CA PHE A 123 -5.63 50.07 -47.13
C PHE A 123 -6.30 48.74 -47.44
N SER A 124 -6.46 47.93 -46.40
CA SER A 124 -7.09 46.62 -46.51
C SER A 124 -8.01 46.41 -45.32
N ALA A 125 -9.05 45.62 -45.53
CA ALA A 125 -10.03 45.37 -44.48
C ALA A 125 -9.42 44.56 -43.35
N VAL A 126 -9.67 44.98 -42.12
CA VAL A 126 -9.14 44.28 -40.95
C VAL A 126 -9.86 42.95 -40.75
N GLU A 127 -11.18 42.93 -40.92
CA GLU A 127 -11.96 41.71 -40.82
C GLU A 127 -12.26 41.19 -42.22
N ALA A 128 -11.85 39.95 -42.50
CA ALA A 128 -12.05 39.37 -43.81
C ALA A 128 -12.19 37.87 -43.66
N ILE A 129 -12.72 37.23 -44.70
CA ILE A 129 -12.96 35.79 -44.72
C ILE A 129 -11.83 35.12 -45.47
N ALA A 130 -11.29 34.06 -44.87
CA ALA A 130 -10.16 33.34 -45.45
C ALA A 130 -10.57 32.65 -46.75
N PRO A 131 -9.61 32.34 -47.62
CA PRO A 131 -9.94 31.64 -48.86
C PRO A 131 -10.61 30.30 -48.61
N GLY A 132 -11.55 29.95 -49.49
CA GLY A 132 -12.36 28.77 -49.32
C GLY A 132 -11.61 27.48 -49.62
N VAL A 133 -12.37 26.38 -49.64
CA VAL A 133 -11.80 25.05 -49.80
C VAL A 133 -11.04 24.94 -51.12
N ILE A 134 -11.66 25.37 -52.22
CA ILE A 134 -11.09 25.14 -53.54
C ILE A 134 -9.88 26.01 -53.83
N GLU A 135 -9.68 27.08 -53.07
CA GLU A 135 -8.56 27.98 -53.29
C GLU A 135 -7.30 27.56 -52.55
N ARG A 136 -7.37 26.60 -51.65
CA ARG A 136 -6.19 26.16 -50.92
C ARG A 136 -5.34 25.22 -51.75
N GLN A 137 -4.07 25.13 -51.38
CA GLN A 137 -3.16 24.13 -51.92
C GLN A 137 -2.41 23.48 -50.78
N SER A 138 -2.02 22.22 -50.97
CA SER A 138 -1.38 21.46 -49.90
C SER A 138 -0.01 22.04 -49.58
N VAL A 139 0.40 21.87 -48.32
CA VAL A 139 1.67 22.41 -47.84
C VAL A 139 2.78 21.43 -48.16
N ASP A 140 3.75 21.87 -48.98
CA ASP A 140 4.91 21.02 -49.24
C ASP A 140 6.23 21.78 -49.30
N GLN A 141 6.34 22.96 -48.70
CA GLN A 141 7.58 23.71 -48.73
C GLN A 141 8.05 23.98 -47.31
N PRO A 142 9.38 23.90 -47.08
CA PRO A 142 9.90 24.05 -45.74
C PRO A 142 10.28 25.42 -45.21
N VAL A 143 9.82 25.76 -44.01
CA VAL A 143 10.26 27.02 -43.33
C VAL A 143 11.24 26.50 -42.28
N GLN A 144 12.51 26.87 -42.38
CA GLN A 144 13.47 26.23 -41.45
C GLN A 144 13.79 27.15 -40.30
N THR A 145 13.36 26.79 -39.10
CA THR A 145 13.80 27.57 -37.93
C THR A 145 15.21 27.07 -37.64
N GLY A 146 16.03 27.83 -36.94
CA GLY A 146 17.41 27.37 -36.74
C GLY A 146 17.50 26.15 -35.86
N TYR A 147 16.72 26.10 -34.78
CA TYR A 147 16.90 25.02 -33.78
C TYR A 147 16.76 23.64 -34.38
N LYS A 148 17.70 22.74 -34.08
CA LYS A 148 17.71 21.38 -34.63
C LYS A 148 16.47 20.63 -34.18
N ALA A 149 16.07 20.81 -32.93
CA ALA A 149 14.93 19.99 -32.44
C ALA A 149 13.69 20.28 -33.28
N VAL A 150 13.43 21.55 -33.53
CA VAL A 150 12.19 21.90 -34.28
C VAL A 150 12.27 21.41 -35.72
N ASP A 151 13.36 21.64 -36.44
CA ASP A 151 13.38 21.28 -37.89
C ASP A 151 13.47 19.79 -38.10
N SER A 152 13.80 19.05 -37.05
CA SER A 152 13.95 17.58 -37.19
C SER A 152 12.68 16.91 -36.70
N MET A 153 12.26 17.22 -35.48
CA MET A 153 11.12 16.50 -34.93
C MET A 153 9.79 17.16 -35.28
N ILE A 154 9.75 18.49 -35.34
CA ILE A 154 8.49 19.21 -35.53
C ILE A 154 8.61 20.13 -36.74
N PRO A 155 8.62 19.57 -37.96
CA PRO A 155 8.84 20.37 -39.13
C PRO A 155 7.77 21.44 -39.25
N ILE A 156 8.11 22.60 -39.84
CA ILE A 156 7.07 23.64 -40.08
C ILE A 156 7.09 23.92 -41.58
N GLY A 157 5.93 23.92 -42.22
CA GLY A 157 5.84 24.12 -43.67
C GLY A 157 5.27 25.48 -43.98
N ARG A 158 5.36 25.94 -45.22
CA ARG A 158 4.85 27.24 -45.62
C ARG A 158 3.33 27.18 -45.73
N GLY A 159 2.65 28.05 -44.98
CA GLY A 159 1.20 28.03 -44.90
C GLY A 159 0.65 27.20 -43.76
N GLN A 160 1.52 26.64 -42.92
CA GLN A 160 1.07 25.87 -41.77
C GLN A 160 0.88 26.80 -40.58
N ARG A 161 0.02 26.37 -39.66
CA ARG A 161 -0.17 27.05 -38.38
C ARG A 161 0.37 26.15 -37.28
N GLU A 162 1.28 26.68 -36.47
CA GLU A 162 2.04 25.86 -35.52
C GLU A 162 2.02 26.55 -34.17
N LEU A 163 1.29 25.95 -33.22
CA LEU A 163 1.17 26.53 -31.90
C LEU A 163 2.44 26.34 -31.09
N ILE A 164 2.95 27.41 -30.50
CA ILE A 164 4.00 27.35 -29.49
C ILE A 164 3.34 27.54 -28.14
N ILE A 165 3.39 26.53 -27.28
CA ILE A 165 2.63 26.52 -26.05
C ILE A 165 3.53 26.08 -24.90
N GLY A 166 3.42 26.76 -23.77
CA GLY A 166 4.23 26.43 -22.61
C GLY A 166 3.95 27.40 -21.49
N ASP A 167 4.65 27.15 -20.37
CA ASP A 167 4.48 27.96 -19.18
C ASP A 167 5.31 29.23 -19.27
N ARG A 168 5.22 30.07 -18.23
CA ARG A 168 5.94 31.34 -18.22
C ARG A 168 7.45 31.12 -18.26
N GLN A 169 8.12 32.03 -18.97
CA GLN A 169 9.59 32.09 -18.99
C GLN A 169 10.21 30.75 -19.38
N THR A 170 9.62 30.11 -20.39
CA THR A 170 10.13 28.80 -20.84
C THR A 170 10.69 28.93 -22.26
N GLY A 171 10.91 30.15 -22.74
CA GLY A 171 11.58 30.28 -24.04
C GLY A 171 10.62 30.45 -25.20
N LYS A 172 9.35 30.67 -24.94
CA LYS A 172 8.40 30.70 -26.07
C LYS A 172 8.75 31.85 -27.00
N THR A 173 9.02 33.04 -26.50
CA THR A 173 9.29 34.19 -27.39
C THR A 173 10.57 33.93 -28.16
N ALA A 174 11.57 33.39 -27.48
CA ALA A 174 12.89 33.16 -28.11
C ALA A 174 12.77 32.18 -29.27
N LEU A 175 12.01 31.11 -29.12
CA LEU A 175 11.95 30.12 -30.21
C LEU A 175 11.44 30.85 -31.42
N ALA A 176 10.52 31.77 -31.20
CA ALA A 176 9.90 32.46 -32.34
C ALA A 176 10.85 33.47 -32.96
N ILE A 177 11.42 34.39 -32.18
CA ILE A 177 12.24 35.46 -32.82
C ILE A 177 13.37 34.78 -33.59
N ASP A 178 13.98 33.75 -33.01
CA ASP A 178 15.00 32.97 -33.75
C ASP A 178 14.45 32.64 -35.13
N ALA A 179 13.22 32.17 -35.22
CA ALA A 179 12.74 31.82 -36.56
C ALA A 179 12.79 33.07 -37.43
N ILE A 180 12.38 34.21 -36.89
CA ILE A 180 12.33 35.42 -37.76
C ILE A 180 13.73 35.70 -38.25
N ILE A 181 14.72 35.58 -37.36
CA ILE A 181 16.12 35.86 -37.74
C ILE A 181 16.52 34.89 -38.84
N ASN A 182 16.11 33.62 -38.75
CA ASN A 182 16.59 32.66 -39.76
C ASN A 182 16.06 33.06 -41.13
N GLN A 183 14.91 33.72 -41.18
CA GLN A 183 14.32 34.02 -42.51
C GLN A 183 14.99 35.24 -43.12
N ARG A 184 16.00 35.80 -42.45
CA ARG A 184 16.75 36.96 -42.94
C ARG A 184 17.17 36.85 -44.40
N ASP A 185 17.54 35.65 -44.85
CA ASP A 185 17.99 35.45 -46.22
C ASP A 185 17.15 34.43 -47.00
N SER A 186 16.06 33.93 -46.43
CA SER A 186 15.26 32.91 -47.09
C SER A 186 14.17 33.49 -47.99
N GLY A 187 14.10 34.81 -48.13
CA GLY A 187 13.10 35.41 -48.99
C GLY A 187 11.69 35.35 -48.48
N ILE A 188 11.50 35.19 -47.17
CA ILE A 188 10.18 35.17 -46.56
C ILE A 188 10.04 36.40 -45.68
N LYS A 189 8.99 37.17 -45.91
CA LYS A 189 8.73 38.33 -45.07
C LYS A 189 8.28 37.87 -43.69
N ALA A 190 8.47 38.73 -42.69
CA ALA A 190 8.16 38.40 -41.33
C ALA A 190 7.36 39.49 -40.67
N ILE A 191 6.50 39.10 -39.73
CA ILE A 191 5.68 40.02 -38.96
C ILE A 191 5.69 39.57 -37.52
N TYR A 192 5.82 40.51 -36.59
CA TYR A 192 5.83 40.21 -35.17
C TYR A 192 4.76 41.05 -34.49
N VAL A 193 3.71 40.40 -33.98
CA VAL A 193 2.60 41.08 -33.34
C VAL A 193 2.71 40.89 -31.84
N ALA A 194 2.95 41.98 -31.12
CA ALA A 194 3.08 41.95 -29.67
C ALA A 194 1.78 42.43 -29.03
N ILE A 195 1.07 41.53 -28.37
CA ILE A 195 -0.22 41.88 -27.73
C ILE A 195 -0.01 41.85 -26.23
N GLY A 196 -0.26 42.95 -25.52
CA GLY A 196 -0.19 43.00 -24.07
C GLY A 196 1.18 42.83 -23.48
N GLN A 197 2.23 42.98 -24.28
CA GLN A 197 3.58 42.83 -23.78
C GLN A 197 4.07 44.13 -23.15
N LYS A 198 5.02 44.01 -22.24
CA LYS A 198 5.63 45.18 -21.64
C LYS A 198 6.40 45.97 -22.69
N ALA A 199 6.29 47.30 -22.62
CA ALA A 199 6.94 48.13 -23.63
C ALA A 199 8.45 47.94 -23.63
N SER A 200 9.05 47.72 -22.46
CA SER A 200 10.49 47.51 -22.40
C SER A 200 10.90 46.24 -23.13
N THR A 201 10.13 45.15 -22.95
CA THR A 201 10.44 43.92 -23.65
C THR A 201 10.29 44.06 -25.15
N ILE A 202 9.26 44.79 -25.58
CA ILE A 202 9.07 45.02 -27.01
C ILE A 202 10.24 45.80 -27.58
N SER A 203 10.67 46.86 -26.86
CA SER A 203 11.82 47.64 -27.32
C SER A 203 13.07 46.78 -27.39
N ASN A 204 13.28 45.93 -26.39
CA ASN A 204 14.45 45.07 -26.39
C ASN A 204 14.43 44.09 -27.56
N VAL A 205 13.26 43.52 -27.85
CA VAL A 205 13.15 42.60 -28.98
C VAL A 205 13.40 43.33 -30.29
N VAL A 206 12.92 44.56 -30.42
CA VAL A 206 13.19 45.34 -31.62
C VAL A 206 14.68 45.61 -31.76
N ARG A 207 15.34 45.94 -30.65
CA ARG A 207 16.78 46.17 -30.69
C ARG A 207 17.54 44.92 -31.11
N LYS A 208 17.11 43.75 -30.61
CA LYS A 208 17.77 42.52 -31.00
C LYS A 208 17.52 42.20 -32.47
N LEU A 209 16.32 42.47 -32.97
CA LEU A 209 16.02 42.25 -34.38
C LEU A 209 16.88 43.15 -35.26
N GLU A 210 17.10 44.39 -34.82
CA GLU A 210 17.94 45.30 -35.60
C GLU A 210 19.40 44.90 -35.51
N GLU A 211 19.82 44.34 -34.37
CA GLU A 211 21.22 43.96 -34.19
C GLU A 211 21.64 42.91 -35.22
N HIS A 212 20.84 41.88 -35.40
CA HIS A 212 21.15 40.81 -36.34
C HIS A 212 20.70 41.12 -37.77
N GLY A 213 20.13 42.30 -38.00
CA GLY A 213 19.78 42.70 -39.35
C GLY A 213 18.47 42.15 -39.88
N ALA A 214 17.65 41.54 -39.04
CA ALA A 214 16.35 41.05 -39.49
C ALA A 214 15.31 42.16 -39.55
N LEU A 215 15.54 43.27 -38.84
CA LEU A 215 14.51 44.30 -38.72
C LEU A 215 14.11 44.88 -40.07
N ALA A 216 15.04 44.92 -41.02
CA ALA A 216 14.71 45.44 -42.35
C ALA A 216 13.75 44.54 -43.10
N ASN A 217 13.50 43.33 -42.60
CA ASN A 217 12.60 42.39 -43.26
C ASN A 217 11.34 42.12 -42.45
N THR A 218 11.15 42.76 -41.30
CA THR A 218 10.05 42.49 -40.42
C THR A 218 9.16 43.71 -40.24
N ILE A 219 7.88 43.46 -39.97
CA ILE A 219 6.94 44.48 -39.54
C ILE A 219 6.58 44.19 -38.09
N VAL A 220 6.67 45.20 -37.24
CA VAL A 220 6.40 45.04 -35.81
C VAL A 220 5.13 45.80 -35.47
N VAL A 221 4.11 45.08 -35.02
CA VAL A 221 2.87 45.68 -34.55
C VAL A 221 2.85 45.58 -33.04
N VAL A 222 2.57 46.70 -32.38
CA VAL A 222 2.74 46.83 -30.94
C VAL A 222 1.42 47.19 -30.29
N ALA A 223 1.05 46.43 -29.27
CA ALA A 223 -0.08 46.76 -28.39
C ALA A 223 0.43 46.52 -26.98
N THR A 224 0.85 47.57 -26.31
CA THR A 224 1.48 47.43 -25.01
C THR A 224 0.45 47.02 -23.95
N ALA A 225 0.96 46.57 -22.80
CA ALA A 225 0.10 46.10 -21.73
C ALA A 225 -0.84 47.17 -21.20
N SER A 226 -0.51 48.44 -21.38
CA SER A 226 -1.32 49.53 -20.82
C SER A 226 -2.33 50.10 -21.80
N GLU A 227 -2.25 49.74 -23.07
CA GLU A 227 -3.15 50.31 -24.07
C GLU A 227 -4.54 49.69 -23.95
N SER A 228 -5.52 50.43 -24.47
CA SER A 228 -6.92 50.04 -24.31
C SER A 228 -7.18 48.66 -24.90
N ALA A 229 -8.08 47.93 -24.25
CA ALA A 229 -8.37 46.57 -24.68
C ALA A 229 -8.83 46.51 -26.12
N ALA A 230 -9.52 47.55 -26.59
CA ALA A 230 -9.98 47.56 -27.98
C ALA A 230 -8.81 47.46 -28.94
N LEU A 231 -7.73 48.17 -28.64
CA LEU A 231 -6.58 48.20 -29.55
C LEU A 231 -5.95 46.83 -29.70
N GLN A 232 -5.96 46.12 -28.55
CA GLN A 232 -5.37 44.77 -28.37
C GLN A 232 -6.22 43.70 -29.06
N TYR A 233 -6.95 44.07 -30.10
CA TYR A 233 -7.76 43.10 -30.86
C TYR A 233 -7.57 43.37 -32.33
N LEU A 234 -7.56 44.62 -32.73
CA LEU A 234 -7.25 44.86 -34.12
C LEU A 234 -5.78 44.66 -34.41
N ALA A 235 -4.97 44.46 -33.37
CA ALA A 235 -3.55 44.16 -33.57
C ALA A 235 -3.36 42.84 -34.32
N PRO A 236 -3.88 41.72 -33.78
CA PRO A 236 -3.67 40.42 -34.34
C PRO A 236 -4.48 40.21 -35.60
N TYR A 237 -5.25 41.22 -35.98
CA TYR A 237 -6.11 41.09 -37.19
C TYR A 237 -5.44 42.00 -38.20
N ALA A 238 -4.95 43.16 -37.77
CA ALA A 238 -4.17 44.01 -38.65
C ALA A 238 -2.92 43.28 -39.14
N GLY A 239 -2.25 42.54 -38.25
CA GLY A 239 -1.12 41.74 -38.69
C GLY A 239 -1.52 40.70 -39.72
N ALA A 240 -2.68 40.06 -39.51
CA ALA A 240 -3.19 39.10 -40.48
C ALA A 240 -3.44 39.77 -41.82
N ALA A 241 -3.98 40.99 -41.83
CA ALA A 241 -4.20 41.70 -43.08
C ALA A 241 -2.90 42.09 -43.76
N MET A 242 -1.90 42.50 -42.98
CA MET A 242 -0.60 42.85 -43.55
C MET A 242 0.07 41.63 -44.17
N GLY A 243 -0.02 40.48 -43.51
CA GLY A 243 0.46 39.25 -44.11
C GLY A 243 -0.36 38.84 -45.32
N GLU A 244 -1.68 39.04 -45.25
CA GLU A 244 -2.56 38.71 -46.35
C GLU A 244 -2.20 39.50 -47.60
N TYR A 245 -1.67 40.70 -47.44
CA TYR A 245 -1.20 41.46 -48.60
C TYR A 245 -0.17 40.64 -49.39
N PHE A 246 0.87 40.16 -48.72
CA PHE A 246 1.88 39.35 -49.40
C PHE A 246 1.30 38.02 -49.87
N ARG A 247 0.45 37.41 -49.05
CA ARG A 247 -0.14 36.12 -49.40
C ARG A 247 -0.91 36.22 -50.72
N ASP A 248 -1.72 37.26 -50.86
CA ASP A 248 -2.50 37.44 -52.07
C ASP A 248 -1.64 37.90 -53.24
N ARG A 249 -0.59 38.69 -52.97
CA ARG A 249 0.28 39.12 -54.05
C ARG A 249 1.03 37.95 -54.67
N GLY A 250 1.21 36.87 -53.93
CA GLY A 250 1.86 35.69 -54.44
C GLY A 250 3.24 35.42 -53.89
N GLU A 251 3.62 36.03 -52.78
CA GLU A 251 4.88 35.77 -52.12
C GLU A 251 4.61 35.24 -50.71
N ASP A 252 5.69 34.88 -50.02
CA ASP A 252 5.59 34.16 -48.75
C ASP A 252 5.85 35.10 -47.59
N ALA A 253 5.06 34.94 -46.53
CA ALA A 253 5.20 35.73 -45.31
C ALA A 253 5.08 34.82 -44.10
N LEU A 254 5.64 35.27 -42.99
CA LEU A 254 5.57 34.58 -41.71
C LEU A 254 5.13 35.55 -40.64
N ILE A 255 4.14 35.17 -39.84
CA ILE A 255 3.59 36.05 -38.82
C ILE A 255 3.57 35.33 -37.48
N ILE A 256 4.03 35.99 -36.42
CA ILE A 256 4.14 35.30 -35.10
C ILE A 256 3.35 36.06 -34.04
N TYR A 257 2.10 35.72 -33.82
CA TYR A 257 1.28 36.48 -32.84
C TYR A 257 1.81 36.15 -31.47
N ASP A 258 1.93 37.15 -30.61
CA ASP A 258 2.51 36.91 -29.28
C ASP A 258 1.43 37.02 -28.22
N ASP A 259 1.33 36.02 -27.38
CA ASP A 259 0.32 36.00 -26.31
C ASP A 259 -1.07 36.13 -26.91
N LEU A 260 -1.44 35.19 -27.75
CA LEU A 260 -2.83 35.20 -28.23
C LEU A 260 -3.67 35.07 -26.98
N SER A 261 -3.12 34.53 -25.90
CA SER A 261 -3.87 34.48 -24.61
C SER A 261 -4.18 35.91 -24.18
N LYS A 262 -3.22 36.81 -24.28
CA LYS A 262 -3.47 38.18 -23.77
C LYS A 262 -4.54 38.85 -24.63
N GLN A 263 -4.77 38.35 -25.83
CA GLN A 263 -5.90 38.84 -26.64
C GLN A 263 -7.17 38.31 -25.97
N ALA A 264 -7.24 37.01 -25.68
CA ALA A 264 -8.50 36.44 -25.19
C ALA A 264 -8.95 37.12 -23.91
N VAL A 265 -8.02 37.45 -23.03
CA VAL A 265 -8.41 38.17 -21.79
C VAL A 265 -9.06 39.48 -22.19
N ALA A 266 -8.53 40.16 -23.22
CA ALA A 266 -9.10 41.44 -23.66
C ALA A 266 -10.51 41.29 -24.23
N TYR A 267 -10.79 40.23 -24.99
CA TYR A 267 -12.19 40.10 -25.47
C TYR A 267 -13.06 39.94 -24.24
N ARG A 268 -12.61 39.19 -23.24
CA ARG A 268 -13.50 38.95 -22.10
C ARG A 268 -13.81 40.33 -21.53
N GLN A 269 -12.83 41.21 -21.39
CA GLN A 269 -13.18 42.50 -20.76
C GLN A 269 -14.19 43.23 -21.64
N ILE A 270 -13.96 43.34 -22.94
CA ILE A 270 -14.89 44.13 -23.80
C ILE A 270 -16.23 43.42 -23.72
N SER A 271 -16.22 42.11 -23.65
CA SER A 271 -17.47 41.33 -23.60
C SER A 271 -18.21 41.47 -22.27
N LEU A 272 -17.56 41.26 -21.13
CA LEU A 272 -18.19 41.42 -19.83
C LEU A 272 -18.62 42.86 -19.60
N LEU A 273 -17.86 43.83 -20.13
CA LEU A 273 -18.32 45.21 -20.06
C LEU A 273 -19.61 45.41 -20.85
N LEU A 274 -19.84 44.58 -21.87
CA LEU A 274 -21.07 44.62 -22.66
C LEU A 274 -22.15 43.71 -22.10
N ARG A 275 -21.96 43.14 -20.91
CA ARG A 275 -22.93 42.33 -20.20
C ARG A 275 -23.25 41.01 -20.90
N ARG A 276 -22.42 40.60 -21.85
CA ARG A 276 -22.68 39.35 -22.59
C ARG A 276 -22.47 38.17 -21.64
N PRO A 277 -23.36 37.15 -21.59
CA PRO A 277 -23.25 36.03 -20.65
C PRO A 277 -21.98 35.23 -20.86
N PRO A 278 -21.16 35.08 -19.81
CA PRO A 278 -19.94 34.29 -19.95
C PRO A 278 -20.23 32.79 -19.97
N GLY A 279 -19.32 32.04 -20.58
CA GLY A 279 -19.43 30.59 -20.64
C GLY A 279 -18.53 29.88 -19.65
N ARG A 280 -17.82 28.87 -20.12
CA ARG A 280 -16.85 28.18 -19.27
C ARG A 280 -15.73 29.14 -18.88
N GLU A 281 -15.19 28.94 -17.68
CA GLU A 281 -14.41 29.97 -17.02
C GLU A 281 -15.21 31.27 -17.04
N ALA A 282 -14.68 32.32 -17.65
CA ALA A 282 -15.46 33.54 -17.83
C ALA A 282 -15.43 34.03 -19.26
N PHE A 283 -14.94 33.22 -20.19
CA PHE A 283 -14.94 33.63 -21.58
C PHE A 283 -16.33 33.44 -22.19
N PRO A 284 -16.69 34.29 -23.16
CA PRO A 284 -17.98 34.18 -23.82
C PRO A 284 -17.88 33.07 -24.88
N GLY A 285 -19.00 32.46 -25.26
CA GLY A 285 -18.99 31.38 -26.23
C GLY A 285 -18.33 31.75 -27.54
N ASP A 286 -18.22 33.04 -27.84
CA ASP A 286 -17.67 33.46 -29.14
C ASP A 286 -16.15 33.32 -29.13
N VAL A 287 -15.54 32.96 -28.01
CA VAL A 287 -14.08 32.96 -27.93
C VAL A 287 -13.45 32.02 -28.94
N PHE A 288 -14.14 30.92 -29.29
CA PHE A 288 -13.59 30.05 -30.32
C PHE A 288 -13.64 30.71 -31.68
N TYR A 289 -14.72 31.44 -31.97
CA TYR A 289 -14.83 32.10 -33.27
C TYR A 289 -13.74 33.14 -33.45
N LEU A 290 -13.36 33.76 -32.34
CA LEU A 290 -12.35 34.83 -32.36
C LEU A 290 -11.04 34.29 -32.87
N HIS A 291 -10.61 33.15 -32.38
CA HIS A 291 -9.27 32.69 -32.78
C HIS A 291 -9.44 31.99 -34.11
N SER A 292 -10.52 31.24 -34.28
CA SER A 292 -10.71 30.47 -35.52
C SER A 292 -10.70 31.38 -36.74
N ARG A 293 -11.41 32.51 -36.68
CA ARG A 293 -11.38 33.42 -37.81
C ARG A 293 -10.06 34.14 -37.93
N LEU A 294 -9.27 34.24 -36.86
CA LEU A 294 -7.97 34.93 -37.03
C LEU A 294 -7.00 33.94 -37.60
N LEU A 295 -7.01 32.72 -37.07
CA LEU A 295 -5.98 31.80 -37.51
C LEU A 295 -6.23 31.27 -38.92
N GLU A 296 -7.50 31.10 -39.29
CA GLU A 296 -7.81 30.44 -40.56
C GLU A 296 -7.31 31.22 -41.77
N ARG A 297 -6.91 32.48 -41.60
CA ARG A 297 -6.39 33.25 -42.72
C ARG A 297 -5.00 32.80 -43.15
N ALA A 298 -4.27 32.10 -42.28
CA ALA A 298 -2.94 31.62 -42.63
C ALA A 298 -3.10 30.36 -43.49
N ALA A 299 -2.80 30.47 -44.78
CA ALA A 299 -3.01 29.36 -45.68
C ALA A 299 -2.15 29.52 -46.91
N ARG A 300 -1.97 28.43 -47.65
CA ARG A 300 -1.28 28.44 -48.93
C ARG A 300 -2.31 28.34 -50.05
N VAL A 301 -2.26 29.28 -50.98
CA VAL A 301 -3.27 29.42 -52.01
C VAL A 301 -2.67 29.04 -53.36
N ASN A 302 -3.44 28.31 -54.17
CA ASN A 302 -2.97 27.86 -55.46
C ASN A 302 -2.83 29.03 -56.43
N ALA A 303 -2.08 28.78 -57.51
CA ALA A 303 -1.75 29.83 -58.46
C ALA A 303 -2.98 30.48 -59.06
N GLU A 304 -4.06 29.73 -59.25
CA GLU A 304 -5.26 30.28 -59.87
C GLU A 304 -5.86 31.39 -59.01
N TYR A 305 -5.85 31.23 -57.69
CA TYR A 305 -6.33 32.28 -56.81
C TYR A 305 -5.47 33.53 -56.92
N VAL A 306 -4.14 33.34 -57.00
CA VAL A 306 -3.24 34.48 -57.12
C VAL A 306 -3.51 35.23 -58.42
N GLU A 307 -3.70 34.48 -59.51
CA GLU A 307 -3.98 35.12 -60.80
C GLU A 307 -5.31 35.86 -60.77
N ALA A 308 -6.33 35.25 -60.16
CA ALA A 308 -7.63 35.93 -60.07
C ALA A 308 -7.54 37.19 -59.23
N PHE A 309 -6.82 37.14 -58.11
CA PHE A 309 -6.71 38.32 -57.26
C PHE A 309 -5.88 39.40 -57.92
N THR A 310 -4.73 39.04 -58.49
CA THR A 310 -3.85 40.02 -59.11
C THR A 310 -4.39 40.55 -60.43
N LYS A 311 -5.49 40.00 -60.95
CA LYS A 311 -6.05 40.40 -62.23
C LYS A 311 -5.07 40.08 -63.37
N GLY A 312 -4.43 38.93 -63.29
CA GLY A 312 -3.53 38.48 -64.34
C GLY A 312 -2.13 39.05 -64.30
N GLU A 313 -1.82 39.91 -63.33
CA GLU A 313 -0.47 40.48 -63.27
C GLU A 313 0.58 39.45 -62.87
N VAL A 314 0.25 38.57 -61.93
CA VAL A 314 1.16 37.52 -61.46
C VAL A 314 0.59 36.18 -61.86
N LYS A 315 1.43 35.34 -62.47
CA LYS A 315 0.99 34.03 -62.96
C LYS A 315 1.92 32.93 -62.46
N GLY A 316 1.34 31.80 -62.09
CA GLY A 316 2.09 30.60 -61.76
C GLY A 316 2.78 30.61 -60.41
N LYS A 317 2.50 31.55 -59.54
CA LYS A 317 3.12 31.62 -58.22
C LYS A 317 2.06 31.40 -57.14
N THR A 318 2.40 30.59 -56.14
CA THR A 318 1.50 30.30 -55.04
C THR A 318 1.90 31.12 -53.81
N GLY A 319 0.96 31.88 -53.28
CA GLY A 319 1.21 32.62 -52.07
C GLY A 319 0.99 31.78 -50.82
N SER A 320 1.59 32.24 -49.72
CA SER A 320 1.51 31.50 -48.46
C SER A 320 1.64 32.48 -47.31
N LEU A 321 1.15 32.05 -46.14
CA LEU A 321 1.27 32.84 -44.91
C LEU A 321 1.35 31.87 -43.75
N THR A 322 2.55 31.70 -43.19
CA THR A 322 2.74 30.86 -42.02
C THR A 322 2.49 31.65 -40.75
N ALA A 323 1.95 30.99 -39.74
CA ALA A 323 1.61 31.63 -38.47
C ALA A 323 2.09 30.76 -37.31
N LEU A 324 2.64 31.42 -36.28
CA LEU A 324 3.14 30.75 -35.08
C LEU A 324 2.48 31.38 -33.86
N PRO A 325 1.26 31.00 -33.54
CA PRO A 325 0.60 31.55 -32.34
C PRO A 325 1.27 31.06 -31.07
N ILE A 326 1.27 31.91 -30.05
CA ILE A 326 1.86 31.61 -28.76
C ILE A 326 0.77 31.59 -27.71
N ILE A 327 0.73 30.54 -26.90
CA ILE A 327 -0.25 30.38 -25.83
C ILE A 327 0.49 30.04 -24.55
N GLU A 328 0.04 30.62 -23.44
CA GLU A 328 0.69 30.47 -22.15
C GLU A 328 -0.22 29.68 -21.21
N THR A 329 0.31 28.60 -20.66
CA THR A 329 -0.46 27.68 -19.82
C THR A 329 -0.07 27.86 -18.36
N GLN A 330 -1.07 27.84 -17.49
CA GLN A 330 -0.81 27.86 -16.06
C GLN A 330 -0.44 26.47 -15.56
N ALA A 331 0.70 26.38 -14.87
CA ALA A 331 1.16 25.13 -14.26
C ALA A 331 1.25 23.99 -15.28
N GLY A 332 1.55 24.33 -16.54
CA GLY A 332 1.73 23.33 -17.56
C GLY A 332 0.45 22.57 -17.90
N ASP A 333 -0.69 23.10 -17.51
CA ASP A 333 -1.98 22.45 -17.73
C ASP A 333 -2.39 22.65 -19.18
N VAL A 334 -2.14 21.63 -20.01
CA VAL A 334 -2.56 21.68 -21.41
C VAL A 334 -4.06 21.49 -21.58
N SER A 335 -4.76 21.11 -20.52
CA SER A 335 -6.19 20.81 -20.61
C SER A 335 -7.08 22.01 -20.33
N ALA A 336 -6.54 23.20 -20.18
CA ALA A 336 -7.35 24.38 -19.93
C ALA A 336 -8.21 24.71 -21.14
N PHE A 337 -9.14 25.63 -20.95
CA PHE A 337 -10.12 25.94 -21.98
C PHE A 337 -9.45 26.52 -23.22
N VAL A 338 -8.77 27.66 -23.07
CA VAL A 338 -8.20 28.39 -24.20
C VAL A 338 -7.09 27.59 -24.89
N PRO A 339 -6.16 26.95 -24.16
CA PRO A 339 -5.19 26.09 -24.87
C PRO A 339 -5.83 25.01 -25.71
N THR A 340 -6.90 24.38 -25.23
CA THR A 340 -7.58 23.37 -26.03
C THR A 340 -8.31 23.97 -27.21
N ASN A 341 -8.88 25.17 -27.05
CA ASN A 341 -9.50 25.84 -28.18
C ASN A 341 -8.48 26.14 -29.26
N VAL A 342 -7.29 26.58 -28.88
CA VAL A 342 -6.26 26.92 -29.86
C VAL A 342 -5.72 25.65 -30.51
N ILE A 343 -5.54 24.59 -29.73
CA ILE A 343 -5.01 23.34 -30.28
C ILE A 343 -5.94 22.79 -31.34
N SER A 344 -7.25 22.93 -31.15
CA SER A 344 -8.22 22.41 -32.10
C SER A 344 -8.26 23.20 -33.39
N ILE A 345 -7.45 24.23 -33.53
CA ILE A 345 -7.40 25.06 -34.72
C ILE A 345 -6.11 24.87 -35.49
N THR A 346 -4.98 24.94 -34.80
CA THR A 346 -3.68 24.88 -35.46
C THR A 346 -3.42 23.48 -36.00
N ASP A 347 -2.35 23.36 -36.78
CA ASP A 347 -1.93 22.10 -37.39
C ASP A 347 -0.85 21.42 -36.57
N GLY A 348 -0.90 21.56 -35.25
CA GLY A 348 0.09 20.94 -34.39
C GLY A 348 0.49 21.87 -33.28
N GLN A 349 1.34 21.40 -32.37
CA GLN A 349 1.82 22.27 -31.29
C GLN A 349 3.24 21.86 -30.91
N ILE A 350 4.01 22.85 -30.50
CA ILE A 350 5.33 22.63 -29.92
C ILE A 350 5.21 22.92 -28.44
N PHE A 351 5.25 21.87 -27.61
CA PHE A 351 5.06 22.03 -26.18
C PHE A 351 6.41 22.20 -25.50
N LEU A 352 6.58 23.32 -24.81
CA LEU A 352 7.80 23.61 -24.07
C LEU A 352 7.57 23.28 -22.60
N GLU A 353 8.41 22.41 -22.05
CA GLU A 353 8.22 21.86 -20.72
C GLU A 353 9.12 22.59 -19.73
N THR A 354 8.52 23.11 -18.66
CA THR A 354 9.28 23.86 -17.67
C THR A 354 10.33 22.99 -16.98
N ASN A 355 10.05 21.70 -16.78
CA ASN A 355 11.01 20.84 -16.10
C ASN A 355 12.28 20.67 -16.93
N LEU A 356 12.15 20.50 -18.25
CA LEU A 356 13.32 20.39 -19.10
C LEU A 356 14.08 21.71 -19.16
N PHE A 357 13.35 22.84 -19.23
CA PHE A 357 13.99 24.13 -19.25
C PHE A 357 14.81 24.37 -17.99
N ASN A 358 14.26 23.98 -16.83
CA ASN A 358 15.01 24.10 -15.58
C ASN A 358 16.21 23.17 -15.58
N ALA A 359 16.06 21.98 -16.14
CA ALA A 359 17.15 21.01 -16.20
C ALA A 359 18.25 21.42 -17.17
N GLY A 360 18.11 22.54 -17.86
CA GLY A 360 19.10 22.99 -18.82
C GLY A 360 18.96 22.42 -20.21
N ILE A 361 17.92 21.64 -20.48
CA ILE A 361 17.64 21.18 -21.83
C ILE A 361 16.89 22.28 -22.56
N ARG A 362 17.60 23.13 -23.27
CA ARG A 362 16.98 24.30 -23.93
C ARG A 362 17.51 24.41 -25.35
N PRO A 363 16.68 24.27 -26.41
CA PRO A 363 15.21 24.31 -26.34
C PRO A 363 14.50 23.17 -25.62
N ALA A 364 13.45 23.45 -24.84
CA ALA A 364 12.77 22.43 -24.01
C ALA A 364 11.60 21.78 -24.72
N VAL A 365 11.80 21.20 -25.88
CA VAL A 365 10.74 20.64 -26.71
C VAL A 365 10.43 19.24 -26.19
N ASN A 366 9.20 19.05 -25.70
CA ASN A 366 8.79 17.79 -25.11
C ASN A 366 8.16 16.92 -26.19
N PRO A 367 8.79 15.84 -26.62
CA PRO A 367 8.15 14.94 -27.58
C PRO A 367 7.03 14.15 -26.92
N GLY A 368 6.25 13.47 -27.75
CA GLY A 368 5.07 12.78 -27.29
C GLY A 368 3.86 13.69 -27.25
N ILE A 369 4.03 14.90 -26.71
CA ILE A 369 2.97 15.89 -26.76
C ILE A 369 3.12 16.78 -27.99
N SER A 370 4.33 17.21 -28.30
CA SER A 370 4.55 18.03 -29.48
C SER A 370 4.47 17.18 -30.74
N VAL A 371 3.85 17.76 -31.78
CA VAL A 371 3.65 17.05 -33.03
C VAL A 371 3.38 18.07 -34.12
N SER A 372 3.76 17.73 -35.35
CA SER A 372 3.39 18.49 -36.53
C SER A 372 2.44 17.64 -37.35
N ARG A 373 1.25 18.16 -37.64
CA ARG A 373 0.21 17.39 -38.29
C ARG A 373 0.30 17.42 -39.81
N VAL A 374 1.14 18.28 -40.37
CA VAL A 374 1.45 18.15 -41.79
C VAL A 374 2.52 17.10 -42.00
N GLY A 375 3.31 16.82 -40.99
CA GLY A 375 4.30 15.75 -41.01
C GLY A 375 5.45 16.01 -41.95
N GLY A 376 6.03 14.92 -42.46
CA GLY A 376 7.25 14.97 -43.26
C GLY A 376 7.11 15.68 -44.58
N ALA A 377 5.88 15.92 -45.04
CA ALA A 377 5.67 16.56 -46.33
C ALA A 377 6.36 17.92 -46.41
N ALA A 378 6.47 18.62 -45.28
CA ALA A 378 7.13 19.91 -45.28
C ALA A 378 8.64 19.78 -45.38
N GLN A 379 9.20 18.68 -44.87
CA GLN A 379 10.65 18.57 -44.71
C GLN A 379 11.36 18.42 -46.06
N THR A 380 12.60 18.88 -46.09
CA THR A 380 13.49 18.58 -47.21
C THR A 380 13.83 17.10 -47.22
N LYS A 381 14.09 16.56 -48.40
CA LYS A 381 14.32 15.13 -48.55
C LYS A 381 15.40 14.62 -47.58
N ILE A 382 16.52 15.32 -47.51
CA ILE A 382 17.63 14.86 -46.67
C ILE A 382 17.24 14.89 -45.20
N MET A 383 16.60 15.98 -44.76
CA MET A 383 16.19 16.09 -43.37
C MET A 383 15.13 15.04 -43.04
N LYS A 384 14.21 14.80 -43.97
CA LYS A 384 13.20 13.77 -43.75
C LYS A 384 13.83 12.39 -43.63
N LYS A 385 14.86 12.11 -44.44
CA LYS A 385 15.51 10.81 -44.37
C LYS A 385 16.29 10.65 -43.07
N LEU A 386 17.06 11.68 -42.68
CA LEU A 386 17.92 11.56 -41.51
C LEU A 386 17.15 11.66 -40.19
N SER A 387 16.01 12.35 -40.17
CA SER A 387 15.28 12.50 -38.92
C SER A 387 14.55 11.23 -38.52
N GLY A 388 14.05 10.48 -39.49
CA GLY A 388 13.43 9.19 -39.25
C GLY A 388 12.47 9.13 -38.09
N GLY A 389 12.79 8.33 -37.09
CA GLY A 389 11.99 8.15 -35.90
C GLY A 389 12.50 8.85 -34.66
N ILE A 390 13.28 9.92 -34.80
CA ILE A 390 13.94 10.55 -33.65
C ILE A 390 12.92 10.94 -32.59
N ARG A 391 11.80 11.54 -32.99
CA ARG A 391 10.84 12.01 -32.01
C ARG A 391 10.22 10.85 -31.23
N THR A 392 9.89 9.75 -31.90
CA THR A 392 9.33 8.61 -31.20
C THR A 392 10.38 7.91 -30.35
N ALA A 393 11.62 7.84 -30.82
CA ALA A 393 12.68 7.27 -30.00
C ALA A 393 12.87 8.08 -28.72
N LEU A 394 12.84 9.41 -28.83
CA LEU A 394 12.96 10.24 -27.63
C LEU A 394 11.74 10.10 -26.74
N ALA A 395 10.55 9.99 -27.31
CA ALA A 395 9.35 9.83 -26.49
C ALA A 395 9.41 8.54 -25.71
N GLN A 396 9.88 7.46 -26.33
CA GLN A 396 10.04 6.20 -25.62
C GLN A 396 11.15 6.27 -24.60
N TYR A 397 12.27 6.92 -24.95
CA TYR A 397 13.41 7.01 -24.04
C TYR A 397 13.08 7.80 -22.79
N ARG A 398 12.26 8.84 -22.92
CA ARG A 398 11.95 9.66 -21.75
C ARG A 398 11.09 8.92 -20.75
N GLU A 399 10.30 7.95 -21.21
CA GLU A 399 9.56 7.09 -20.29
C GLU A 399 10.43 5.95 -19.77
N LEU A 400 11.30 5.43 -20.63
CA LEU A 400 12.22 4.37 -20.22
C LEU A 400 13.16 4.84 -19.13
N ALA A 401 13.63 6.10 -19.22
CA ALA A 401 14.49 6.65 -18.19
C ALA A 401 13.74 6.87 -16.89
N ALA A 402 12.46 7.23 -16.98
CA ALA A 402 11.66 7.38 -15.76
C ALA A 402 11.45 6.04 -15.07
N PHE A 403 11.22 4.98 -15.84
CA PHE A 403 11.05 3.66 -15.25
C PHE A 403 12.38 3.09 -14.76
N SER A 404 13.48 3.41 -15.45
CA SER A 404 14.78 2.82 -15.13
C SER A 404 15.29 3.26 -13.76
N GLN A 405 14.84 4.41 -13.28
CA GLN A 405 15.28 4.86 -11.96
C GLN A 405 14.84 3.90 -10.86
N ALA A 406 13.71 3.23 -11.07
CA ALA A 406 13.20 2.26 -10.09
C ALA A 406 13.84 0.88 -10.28
N ALA A 407 13.74 0.32 -11.47
CA ALA A 407 14.29 -1.00 -11.76
C ALA A 407 14.49 -1.14 -13.26
N SER A 408 15.31 -2.12 -13.63
CA SER A 408 15.67 -2.31 -15.03
C SER A 408 15.81 -3.80 -15.33
N ASP A 409 15.46 -4.16 -16.56
CA ASP A 409 15.66 -5.51 -17.08
C ASP A 409 16.10 -5.40 -18.52
N LEU A 410 16.68 -6.48 -19.05
CA LEU A 410 17.30 -6.47 -20.37
C LEU A 410 18.36 -5.39 -20.44
N ASP A 411 19.32 -5.46 -19.51
CA ASP A 411 20.23 -4.35 -19.25
C ASP A 411 21.25 -4.11 -20.36
N ASP A 412 21.24 -4.88 -21.45
CA ASP A 412 22.10 -4.56 -22.58
C ASP A 412 21.40 -3.63 -23.56
N ALA A 413 20.27 -4.07 -24.11
CA ALA A 413 19.54 -3.25 -25.07
C ALA A 413 19.02 -1.96 -24.42
N THR A 414 18.50 -2.07 -23.20
CA THR A 414 18.03 -0.88 -22.51
C THR A 414 19.18 0.09 -22.25
N ARG A 415 20.38 -0.44 -21.97
CA ARG A 415 21.54 0.43 -21.77
C ARG A 415 21.88 1.20 -23.04
N LYS A 416 21.86 0.52 -24.19
CA LYS A 416 22.11 1.21 -25.45
C LYS A 416 21.05 2.25 -25.72
N GLN A 417 19.78 1.91 -25.48
CA GLN A 417 18.70 2.88 -25.70
C GLN A 417 18.89 4.09 -24.80
N LEU A 418 19.22 3.87 -23.53
CA LEU A 418 19.40 4.98 -22.59
C LEU A 418 20.56 5.87 -22.99
N ASP A 419 21.70 5.28 -23.34
CA ASP A 419 22.85 6.13 -23.68
C ASP A 419 22.60 6.87 -25.00
N HIS A 420 22.00 6.20 -25.98
CA HIS A 420 21.68 6.87 -27.24
C HIS A 420 20.72 8.04 -27.01
N GLY A 421 19.66 7.80 -26.24
CA GLY A 421 18.73 8.88 -25.94
C GLY A 421 19.39 10.04 -25.22
N GLN A 422 20.24 9.74 -24.23
CA GLN A 422 20.90 10.80 -23.48
C GLN A 422 21.83 11.61 -24.39
N LYS A 423 22.55 10.93 -25.27
CA LYS A 423 23.48 11.65 -26.14
C LYS A 423 22.75 12.46 -27.19
N VAL A 424 21.61 11.97 -27.70
CA VAL A 424 20.88 12.77 -28.68
C VAL A 424 20.21 13.95 -28.01
N THR A 425 19.73 13.79 -26.76
CA THR A 425 19.22 14.95 -26.04
C THR A 425 20.31 15.99 -25.82
N GLU A 426 21.52 15.53 -25.50
CA GLU A 426 22.63 16.47 -25.35
C GLU A 426 22.97 17.13 -26.69
N LEU A 427 22.78 16.41 -27.79
CA LEU A 427 23.03 16.99 -29.11
C LEU A 427 21.98 18.01 -29.49
N LEU A 428 20.73 17.82 -29.06
CA LEU A 428 19.66 18.73 -29.44
C LEU A 428 19.77 20.08 -28.75
N LYS A 429 20.42 20.16 -27.60
CA LYS A 429 20.46 21.45 -26.90
C LYS A 429 21.26 22.42 -27.78
N GLN A 430 20.74 23.62 -28.01
CA GLN A 430 21.42 24.60 -28.90
C GLN A 430 21.33 25.97 -28.24
N LYS A 431 22.35 26.80 -28.39
CA LYS A 431 22.35 28.12 -27.72
C LYS A 431 21.42 29.08 -28.44
N GLN A 432 20.96 30.12 -27.75
CA GLN A 432 20.05 31.13 -28.33
C GLN A 432 20.82 32.01 -29.31
N TYR A 433 20.11 32.63 -30.25
CA TYR A 433 20.76 33.54 -31.24
C TYR A 433 21.88 32.79 -31.93
N ALA A 434 21.63 31.54 -32.28
CA ALA A 434 22.67 30.70 -32.91
C ALA A 434 22.03 29.71 -33.87
N PRO A 435 21.50 30.19 -35.01
CA PRO A 435 20.88 29.36 -36.03
C PRO A 435 21.94 28.64 -36.86
N MET A 436 21.57 27.47 -37.37
CA MET A 436 22.46 26.69 -38.21
C MET A 436 21.70 26.22 -39.44
N SER A 437 22.39 26.24 -40.58
CA SER A 437 21.76 25.90 -41.85
C SER A 437 21.45 24.41 -41.92
N VAL A 438 20.64 24.05 -42.91
CA VAL A 438 20.25 22.66 -43.10
C VAL A 438 21.46 21.76 -43.33
N ALA A 439 22.53 22.29 -43.93
CA ALA A 439 23.72 21.49 -44.17
C ALA A 439 24.34 21.01 -42.86
N GLN A 440 24.56 21.98 -41.95
CA GLN A 440 25.23 21.69 -40.67
C GLN A 440 24.26 20.89 -39.84
N GLN A 441 22.97 21.15 -40.01
CA GLN A 441 21.98 20.31 -39.31
C GLN A 441 22.06 18.89 -39.87
N SER A 442 22.19 18.77 -41.18
CA SER A 442 22.11 17.41 -41.77
C SER A 442 23.24 16.53 -41.25
N LEU A 443 24.46 17.05 -41.23
CA LEU A 443 25.65 16.28 -40.87
C LEU A 443 25.68 15.93 -39.40
N VAL A 444 25.15 16.78 -38.52
CA VAL A 444 25.13 16.38 -37.12
C VAL A 444 24.11 15.27 -36.90
N LEU A 445 22.98 15.30 -37.60
CA LEU A 445 22.05 14.18 -37.52
C LEU A 445 22.66 12.90 -38.09
N PHE A 446 23.46 13.04 -39.14
CA PHE A 446 24.16 11.89 -39.70
C PHE A 446 25.12 11.29 -38.68
N ALA A 447 25.88 12.14 -38.00
CA ALA A 447 26.76 11.65 -36.94
C ALA A 447 25.95 11.03 -35.81
N ALA A 448 24.75 11.53 -35.55
CA ALA A 448 23.93 11.00 -34.47
C ALA A 448 23.41 9.60 -34.81
N GLU A 449 22.79 9.45 -35.98
CA GLU A 449 22.06 8.24 -36.30
C GLU A 449 22.92 7.14 -36.93
N ARG A 450 24.08 7.47 -37.47
CA ARG A 450 24.95 6.46 -38.05
C ARG A 450 25.92 5.86 -37.04
N GLY A 451 25.85 6.27 -35.78
CA GLY A 451 26.64 5.66 -34.73
C GLY A 451 27.99 6.28 -34.46
N TYR A 452 28.28 7.46 -35.02
CA TYR A 452 29.57 8.08 -34.80
C TYR A 452 29.68 8.69 -33.41
N LEU A 453 28.57 9.15 -32.84
CA LEU A 453 28.56 9.71 -31.50
C LEU A 453 28.48 8.65 -30.40
N ALA A 454 28.36 7.37 -30.78
CA ALA A 454 28.02 6.34 -29.81
C ALA A 454 29.06 6.21 -28.70
N ASP A 455 30.34 6.42 -29.01
CA ASP A 455 31.41 6.18 -28.04
C ASP A 455 32.08 7.47 -27.58
N VAL A 456 31.44 8.62 -27.77
CA VAL A 456 31.94 9.89 -27.29
C VAL A 456 31.17 10.27 -26.04
N GLU A 457 31.90 10.70 -25.00
CA GLU A 457 31.27 10.95 -23.71
C GLU A 457 30.42 12.22 -23.75
N LEU A 458 29.49 12.29 -22.81
CA LEU A 458 28.52 13.39 -22.76
C LEU A 458 29.20 14.74 -22.67
N SER A 459 30.23 14.84 -21.83
CA SER A 459 30.88 16.11 -21.56
C SER A 459 31.63 16.65 -22.77
N LYS A 460 31.65 15.88 -23.86
CA LYS A 460 32.35 16.28 -25.07
C LYS A 460 31.43 16.39 -26.29
N ILE A 461 30.13 16.14 -26.14
CA ILE A 461 29.22 16.14 -27.28
C ILE A 461 29.19 17.51 -27.94
N GLY A 462 29.05 18.58 -27.14
CA GLY A 462 28.99 19.91 -27.71
C GLY A 462 30.31 20.33 -28.34
N SER A 463 31.43 20.00 -27.69
CA SER A 463 32.74 20.27 -28.27
C SER A 463 32.96 19.46 -29.54
N PHE A 464 32.50 18.21 -29.56
CA PHE A 464 32.56 17.42 -30.77
C PHE A 464 31.79 18.10 -31.90
N GLU A 465 30.58 18.59 -31.59
CA GLU A 465 29.76 19.24 -32.59
C GLU A 465 30.43 20.50 -33.13
N ALA A 466 30.96 21.33 -32.24
CA ALA A 466 31.62 22.57 -32.67
C ALA A 466 32.86 22.27 -33.49
N ALA A 467 33.65 21.28 -33.08
CA ALA A 467 34.84 20.91 -33.85
C ALA A 467 34.45 20.36 -35.21
N LEU A 468 33.40 19.56 -35.29
CA LEU A 468 32.94 19.03 -36.56
C LEU A 468 32.48 20.15 -37.48
N LEU A 469 31.75 21.13 -36.94
CA LEU A 469 31.31 22.25 -37.76
C LEU A 469 32.50 23.05 -38.29
N ALA A 470 33.47 23.36 -37.42
CA ALA A 470 34.63 24.11 -37.86
C ALA A 470 35.45 23.33 -38.89
N TYR A 471 35.55 22.02 -38.71
CA TYR A 471 36.29 21.17 -39.63
C TYR A 471 35.64 21.13 -41.00
N VAL A 472 34.32 20.87 -41.05
CA VAL A 472 33.64 20.81 -42.32
C VAL A 472 33.58 22.18 -42.99
N ASP A 473 33.68 23.26 -42.21
CA ASP A 473 33.72 24.58 -42.82
C ASP A 473 35.01 24.85 -43.59
N ARG A 474 36.08 24.10 -43.30
CA ARG A 474 37.38 24.43 -43.89
C ARG A 474 37.49 23.98 -45.33
N ASP A 475 37.32 22.68 -45.59
CA ASP A 475 37.64 22.11 -46.89
C ASP A 475 36.50 21.36 -47.56
N HIS A 476 35.41 21.09 -46.85
CA HIS A 476 34.24 20.45 -47.43
C HIS A 476 33.15 21.44 -47.77
N ALA A 477 33.51 22.73 -47.92
CA ALA A 477 32.60 23.81 -48.25
C ALA A 477 31.76 23.56 -49.50
N PRO A 478 32.31 22.99 -50.59
CA PRO A 478 31.45 22.71 -51.75
C PRO A 478 30.27 21.81 -51.42
N LEU A 479 30.46 20.80 -50.57
CA LEU A 479 29.37 19.93 -50.20
C LEU A 479 28.34 20.65 -49.33
N MET A 480 28.79 21.52 -48.44
CA MET A 480 27.86 22.32 -47.65
C MET A 480 27.03 23.22 -48.55
N GLN A 481 27.68 23.88 -49.53
CA GLN A 481 26.95 24.70 -50.49
C GLN A 481 25.93 23.88 -51.28
N GLU A 482 26.35 22.68 -51.72
CA GLU A 482 25.44 21.83 -52.49
C GLU A 482 24.23 21.44 -51.66
N ILE A 483 24.45 21.06 -50.40
CA ILE A 483 23.33 20.67 -49.54
C ILE A 483 22.40 21.85 -49.29
N ASN A 484 22.97 23.03 -49.03
CA ASN A 484 22.15 24.20 -48.75
C ASN A 484 21.39 24.70 -49.98
N GLN A 485 21.92 24.47 -51.18
CA GLN A 485 21.17 24.84 -52.38
C GLN A 485 20.01 23.88 -52.61
N THR A 486 20.30 22.59 -52.70
CA THR A 486 19.29 21.56 -52.87
C THR A 486 19.31 20.64 -51.67
N GLY A 487 18.18 20.49 -51.00
CA GLY A 487 18.09 19.58 -49.88
C GLY A 487 17.80 18.17 -50.33
N GLY A 488 18.63 17.66 -51.23
CA GLY A 488 18.45 16.34 -51.78
C GLY A 488 19.28 15.31 -51.05
N TYR A 489 18.91 14.04 -51.23
CA TYR A 489 19.63 12.93 -50.63
C TYR A 489 19.89 11.86 -51.67
N ASN A 490 21.11 11.33 -51.69
CA ASN A 490 21.49 10.29 -52.62
C ASN A 490 22.72 9.57 -52.06
N ASP A 491 23.02 8.42 -52.68
CA ASP A 491 24.12 7.60 -52.19
C ASP A 491 25.48 8.27 -52.33
N GLU A 492 25.65 9.17 -53.29
CA GLU A 492 26.94 9.83 -53.46
C GLU A 492 27.23 10.76 -52.30
N ILE A 493 26.29 11.63 -51.96
CA ILE A 493 26.49 12.49 -50.80
C ILE A 493 26.43 11.69 -49.51
N GLU A 494 25.71 10.56 -49.52
CA GLU A 494 25.77 9.64 -48.38
C GLU A 494 27.20 9.19 -48.13
N GLY A 495 27.88 8.71 -49.18
CA GLY A 495 29.27 8.29 -49.03
C GLY A 495 30.18 9.44 -48.68
N LYS A 496 29.91 10.62 -49.23
CA LYS A 496 30.70 11.80 -48.88
C LYS A 496 30.59 12.11 -47.39
N LEU A 497 29.37 12.10 -46.85
CA LEU A 497 29.18 12.35 -45.43
C LEU A 497 29.85 11.27 -44.58
N LYS A 498 29.73 10.01 -45.01
CA LYS A 498 30.36 8.93 -44.28
C LYS A 498 31.88 9.12 -44.21
N GLY A 499 32.49 9.45 -45.35
CA GLY A 499 33.92 9.68 -45.36
C GLY A 499 34.33 10.88 -44.54
N ILE A 500 33.52 11.94 -44.58
CA ILE A 500 33.80 13.13 -43.77
C ILE A 500 33.76 12.78 -42.29
N LEU A 501 32.76 12.01 -41.88
CA LEU A 501 32.65 11.61 -40.48
C LEU A 501 33.81 10.72 -40.07
N ASP A 502 34.19 9.77 -40.92
CA ASP A 502 35.33 8.90 -40.60
C ASP A 502 36.60 9.72 -40.44
N SER A 503 36.85 10.65 -41.36
CA SER A 503 38.08 11.44 -41.32
C SER A 503 38.10 12.37 -40.10
N PHE A 504 36.96 12.99 -39.79
CA PHE A 504 36.90 13.83 -38.60
C PHE A 504 37.11 13.00 -37.33
N LYS A 505 36.46 11.83 -37.26
CA LYS A 505 36.62 10.96 -36.10
C LYS A 505 38.06 10.52 -35.93
N ALA A 506 38.79 10.36 -37.04
CA ALA A 506 40.21 10.04 -36.92
C ALA A 506 41.00 11.21 -36.35
N THR A 507 40.81 12.41 -36.90
CA THR A 507 41.51 13.61 -36.45
C THR A 507 40.59 14.46 -35.58
N GLN A 508 40.40 14.04 -34.34
CA GLN A 508 39.59 14.83 -33.41
C GLN A 508 40.48 15.64 -32.48
N MET B 1 -63.17 -9.43 -47.53
CA MET B 1 -62.11 -9.03 -46.60
C MET B 1 -62.42 -7.68 -45.95
N GLN B 2 -62.88 -6.74 -46.77
CA GLN B 2 -63.19 -5.38 -46.30
C GLN B 2 -64.57 -4.98 -46.80
N LEU B 3 -65.56 -5.84 -46.57
CA LEU B 3 -66.95 -5.47 -46.81
C LEU B 3 -67.38 -4.30 -45.94
N ASN B 4 -66.62 -4.01 -44.89
CA ASN B 4 -66.89 -2.85 -44.07
C ASN B 4 -66.76 -1.54 -44.85
N SER B 5 -66.21 -1.58 -46.06
CA SER B 5 -66.09 -0.37 -46.87
C SER B 5 -67.45 0.27 -47.14
N THR B 6 -68.52 -0.52 -47.14
CA THR B 6 -69.85 0.05 -47.22
C THR B 6 -70.28 0.65 -45.89
N GLU B 7 -69.95 -0.02 -44.77
CA GLU B 7 -70.45 0.39 -43.46
C GLU B 7 -69.69 1.59 -42.89
N ILE B 8 -68.43 1.78 -43.27
CA ILE B 8 -67.71 2.99 -42.87
C ILE B 8 -68.44 4.22 -43.38
N SER B 9 -69.12 4.10 -44.52
CA SER B 9 -69.90 5.22 -45.03
C SER B 9 -71.03 5.57 -44.07
N GLU B 10 -71.76 4.57 -43.58
CA GLU B 10 -72.84 4.85 -42.63
C GLU B 10 -72.28 5.41 -41.34
N LEU B 11 -71.13 4.91 -40.91
CA LEU B 11 -70.49 5.44 -39.71
C LEU B 11 -70.15 6.92 -39.88
N ILE B 12 -69.65 7.28 -41.07
CA ILE B 12 -69.37 8.68 -41.37
C ILE B 12 -70.66 9.49 -41.38
N LYS B 13 -71.70 8.97 -42.03
CA LYS B 13 -72.91 9.74 -42.24
C LYS B 13 -73.66 10.01 -40.94
N GLN B 14 -73.64 9.05 -40.01
CA GLN B 14 -74.33 9.27 -38.74
C GLN B 14 -73.69 10.38 -37.91
N ARG B 15 -72.43 10.74 -38.18
CA ARG B 15 -71.84 11.89 -37.51
C ARG B 15 -72.66 13.14 -37.72
N ILE B 16 -73.17 13.33 -38.95
CA ILE B 16 -74.01 14.49 -39.24
C ILE B 16 -75.25 14.48 -38.36
N ALA B 17 -75.83 13.31 -38.14
CA ALA B 17 -76.94 13.21 -37.19
C ALA B 17 -76.47 13.51 -35.78
N GLN B 18 -75.19 13.28 -35.48
CA GLN B 18 -74.67 13.59 -34.15
C GLN B 18 -74.32 15.06 -34.01
N PHE B 19 -74.01 15.75 -35.11
CA PHE B 19 -73.54 17.13 -35.04
C PHE B 19 -74.63 18.04 -34.50
N ASN B 20 -74.20 19.18 -33.95
CA ASN B 20 -75.09 20.13 -33.29
C ASN B 20 -74.95 21.49 -33.94
N VAL B 21 -76.08 22.17 -34.13
CA VAL B 21 -76.10 23.51 -34.75
C VAL B 21 -75.96 24.63 -33.73
N VAL B 22 -75.88 24.33 -32.43
CA VAL B 22 -75.88 25.38 -31.42
C VAL B 22 -74.66 26.29 -31.59
N SER B 23 -74.89 27.60 -31.51
CA SER B 23 -73.80 28.58 -31.56
C SER B 23 -73.23 28.75 -30.15
N GLU B 24 -71.99 28.33 -29.95
CA GLU B 24 -71.36 28.43 -28.64
C GLU B 24 -70.75 29.82 -28.46
N ALA B 25 -70.22 30.07 -27.26
CA ALA B 25 -69.51 31.29 -26.94
C ALA B 25 -68.20 30.95 -26.26
N HIS B 26 -67.15 31.71 -26.57
CA HIS B 26 -65.83 31.43 -26.05
C HIS B 26 -65.06 32.74 -25.90
N ASN B 27 -64.05 32.71 -25.05
CA ASN B 27 -63.14 33.84 -24.88
C ASN B 27 -62.05 33.75 -25.93
N GLU B 28 -61.61 34.91 -26.42
CA GLU B 28 -60.73 34.96 -27.57
C GLU B 28 -59.51 35.83 -27.28
N GLY B 29 -58.36 35.41 -27.81
CA GLY B 29 -57.14 36.18 -27.71
C GLY B 29 -56.34 36.07 -29.00
N THR B 30 -55.33 36.92 -29.11
CA THR B 30 -54.51 37.00 -30.31
C THR B 30 -53.05 36.80 -29.96
N ILE B 31 -52.36 36.02 -30.78
CA ILE B 31 -50.93 35.77 -30.58
C ILE B 31 -50.14 37.02 -30.95
N VAL B 32 -49.25 37.44 -30.06
CA VAL B 32 -48.38 38.59 -30.33
C VAL B 32 -46.94 38.19 -30.59
N SER B 33 -46.51 37.00 -30.21
CA SER B 33 -45.14 36.57 -30.48
C SER B 33 -45.08 35.06 -30.51
N VAL B 34 -44.14 34.55 -31.31
CA VAL B 34 -43.89 33.12 -31.44
C VAL B 34 -42.38 32.91 -31.42
N SER B 35 -41.90 32.06 -30.52
CA SER B 35 -40.47 31.85 -30.40
C SER B 35 -40.20 30.56 -29.64
N ASP B 36 -39.52 29.62 -30.29
CA ASP B 36 -39.00 28.42 -29.64
C ASP B 36 -40.09 27.63 -28.92
N GLY B 37 -41.29 27.63 -29.49
CA GLY B 37 -42.39 26.88 -28.92
C GLY B 37 -43.18 27.60 -27.86
N VAL B 38 -42.79 28.81 -27.50
CA VAL B 38 -43.53 29.61 -26.52
C VAL B 38 -44.24 30.75 -27.25
N ILE B 39 -45.50 30.97 -26.93
CA ILE B 39 -46.30 32.01 -27.56
C ILE B 39 -46.85 32.93 -26.49
N ARG B 40 -46.89 34.21 -26.81
CA ARG B 40 -47.48 35.23 -25.94
C ARG B 40 -48.83 35.62 -26.52
N ILE B 41 -49.85 35.63 -25.67
CA ILE B 41 -51.22 35.86 -26.10
C ILE B 41 -51.75 37.12 -25.43
N HIS B 42 -52.31 38.00 -26.22
CA HIS B 42 -52.97 39.20 -25.70
C HIS B 42 -54.46 38.93 -25.56
N GLY B 43 -55.04 39.44 -24.49
CA GLY B 43 -56.44 39.18 -24.20
C GLY B 43 -56.62 37.95 -23.32
N LEU B 44 -57.65 37.15 -23.63
CA LEU B 44 -57.96 35.95 -22.85
C LEU B 44 -58.18 36.29 -21.38
N ALA B 45 -59.14 37.20 -21.14
CA ALA B 45 -59.41 37.65 -19.77
C ALA B 45 -59.83 36.50 -18.87
N ASP B 46 -60.48 35.47 -19.43
CA ASP B 46 -61.02 34.39 -18.63
C ASP B 46 -60.14 33.15 -18.59
N ALA B 47 -58.91 33.24 -19.10
CA ALA B 47 -58.03 32.09 -19.11
C ALA B 47 -57.66 31.69 -17.69
N MET B 48 -57.58 30.37 -17.47
CA MET B 48 -57.16 29.80 -16.19
C MET B 48 -55.77 29.20 -16.33
N GLN B 49 -55.05 29.12 -15.22
CA GLN B 49 -53.72 28.53 -15.24
C GLN B 49 -53.83 27.03 -15.44
N GLY B 50 -52.99 26.49 -16.32
CA GLY B 50 -53.06 25.08 -16.65
C GLY B 50 -54.17 24.71 -17.62
N GLU B 51 -54.86 25.70 -18.17
CA GLU B 51 -55.96 25.45 -19.08
C GLU B 51 -55.44 25.08 -20.46
N MET B 52 -56.19 24.24 -21.16
CA MET B 52 -55.86 23.89 -22.53
C MET B 52 -56.36 24.98 -23.46
N ILE B 53 -55.44 25.59 -24.20
CA ILE B 53 -55.76 26.65 -25.13
C ILE B 53 -55.71 26.08 -26.54
N SER B 54 -56.74 26.36 -27.33
CA SER B 54 -56.89 25.79 -28.66
C SER B 54 -56.32 26.74 -29.71
N LEU B 55 -55.55 26.19 -30.63
CA LEU B 55 -54.87 26.95 -31.67
C LEU B 55 -55.47 26.67 -33.03
N PRO B 56 -55.11 27.44 -34.06
CA PRO B 56 -55.52 27.09 -35.42
C PRO B 56 -55.06 25.70 -35.80
N GLY B 57 -55.92 24.97 -36.50
CA GLY B 57 -55.72 23.55 -36.67
C GLY B 57 -56.12 22.80 -35.41
N ASN B 58 -55.72 21.53 -35.33
CA ASN B 58 -55.98 20.77 -34.12
C ASN B 58 -54.73 20.74 -33.24
N ARG B 59 -54.32 21.90 -32.75
CA ARG B 59 -53.17 22.01 -31.88
C ARG B 59 -53.57 22.76 -30.62
N TYR B 60 -52.85 22.49 -29.53
CA TYR B 60 -53.21 23.03 -28.24
C TYR B 60 -51.99 23.60 -27.54
N ALA B 61 -52.24 24.54 -26.63
CA ALA B 61 -51.20 25.15 -25.82
C ALA B 61 -51.64 25.14 -24.36
N ILE B 62 -50.66 25.15 -23.46
CA ILE B 62 -50.90 25.13 -22.02
C ILE B 62 -50.56 26.50 -21.46
N ALA B 63 -51.53 27.14 -20.82
CA ALA B 63 -51.30 28.44 -20.20
C ALA B 63 -50.55 28.25 -18.89
N LEU B 64 -49.39 28.89 -18.77
CA LEU B 64 -48.57 28.77 -17.57
C LEU B 64 -48.37 30.09 -16.85
N ASN B 65 -48.01 31.15 -17.56
CA ASN B 65 -47.81 32.46 -16.96
C ASN B 65 -49.03 33.32 -17.23
N LEU B 66 -49.81 33.59 -16.18
CA LEU B 66 -50.94 34.49 -16.28
C LEU B 66 -50.51 35.85 -15.74
N GLU B 67 -49.74 36.56 -16.56
CA GLU B 67 -49.30 37.89 -16.20
C GLU B 67 -50.40 38.90 -16.53
N ARG B 68 -50.19 40.13 -16.06
CA ARG B 68 -51.11 41.20 -16.42
C ARG B 68 -50.94 41.56 -17.89
N ASP B 69 -52.06 41.67 -18.60
CA ASP B 69 -52.11 42.13 -19.99
C ASP B 69 -51.50 41.14 -20.97
N SER B 70 -51.01 39.99 -20.51
CA SER B 70 -50.43 39.01 -21.41
C SER B 70 -50.47 37.63 -20.78
N VAL B 71 -50.66 36.62 -21.62
CA VAL B 71 -50.63 35.22 -21.20
C VAL B 71 -49.51 34.51 -21.92
N GLY B 72 -48.69 33.77 -21.18
CA GLY B 72 -47.65 32.95 -21.75
C GLY B 72 -48.06 31.50 -21.78
N ALA B 73 -47.87 30.87 -22.94
CA ALA B 73 -48.30 29.49 -23.13
C ALA B 73 -47.26 28.74 -23.96
N VAL B 74 -47.18 27.43 -23.74
CA VAL B 74 -46.25 26.55 -24.45
C VAL B 74 -47.05 25.67 -25.40
N VAL B 75 -46.55 25.53 -26.62
CA VAL B 75 -47.26 24.79 -27.67
C VAL B 75 -46.90 23.32 -27.56
N MET B 76 -47.93 22.46 -27.55
CA MET B 76 -47.73 21.02 -27.48
C MET B 76 -47.68 20.42 -28.88
N GLY B 77 -46.60 20.73 -29.59
CA GLY B 77 -46.39 20.21 -30.92
C GLY B 77 -45.50 21.09 -31.76
N PRO B 78 -45.46 20.85 -33.06
CA PRO B 78 -44.67 21.70 -33.96
C PRO B 78 -45.24 23.11 -34.01
N TYR B 79 -44.46 24.08 -33.55
CA TYR B 79 -44.91 25.45 -33.41
C TYR B 79 -44.62 26.33 -34.62
N ALA B 80 -43.86 25.83 -35.60
CA ALA B 80 -43.34 26.69 -36.65
C ALA B 80 -44.43 27.30 -37.53
N ASP B 81 -45.61 26.69 -37.60
CA ASP B 81 -46.67 27.20 -38.45
C ASP B 81 -47.47 28.34 -37.83
N LEU B 82 -47.33 28.56 -36.52
CA LEU B 82 -48.05 29.66 -35.89
C LEU B 82 -47.50 31.00 -36.37
N ALA B 83 -48.37 32.01 -36.34
CA ALA B 83 -48.00 33.33 -36.82
C ALA B 83 -48.64 34.39 -35.94
N GLU B 84 -48.01 35.56 -35.89
CA GLU B 84 -48.55 36.69 -35.14
C GLU B 84 -49.93 37.06 -35.69
N GLY B 85 -50.84 37.41 -34.79
CA GLY B 85 -52.17 37.84 -35.17
C GLY B 85 -53.18 36.73 -35.36
N MET B 86 -52.78 35.48 -35.25
CA MET B 86 -53.73 34.38 -35.29
C MET B 86 -54.70 34.46 -34.13
N LYS B 87 -55.94 34.05 -34.37
CA LYS B 87 -56.98 34.07 -33.35
C LYS B 87 -56.88 32.82 -32.50
N VAL B 88 -57.00 32.99 -31.18
CA VAL B 88 -56.84 31.92 -30.22
C VAL B 88 -58.08 31.84 -29.36
N LYS B 89 -58.60 30.63 -29.18
CA LYS B 89 -59.83 30.39 -28.43
C LYS B 89 -59.50 29.67 -27.13
N ALA B 90 -59.97 30.21 -26.01
CA ALA B 90 -59.78 29.57 -24.72
C ALA B 90 -60.94 28.63 -24.43
N THR B 91 -60.65 27.35 -24.35
CA THR B 91 -61.64 26.36 -23.93
C THR B 91 -61.76 26.41 -22.40
N GLY B 92 -62.60 25.53 -21.86
CA GLY B 92 -62.71 25.34 -20.43
C GLY B 92 -62.04 24.10 -19.90
N ARG B 93 -61.31 23.37 -20.73
CA ARG B 93 -60.85 22.03 -20.38
C ARG B 93 -59.43 22.06 -19.83
N ILE B 94 -59.18 21.22 -18.84
CA ILE B 94 -57.83 20.87 -18.44
C ILE B 94 -57.37 19.69 -19.28
N LEU B 95 -56.07 19.41 -19.22
CA LEU B 95 -55.52 18.35 -20.06
C LEU B 95 -55.99 16.98 -19.58
N GLU B 96 -56.50 16.17 -20.50
CA GLU B 96 -56.97 14.82 -20.22
C GLU B 96 -56.39 13.85 -21.23
N VAL B 97 -56.26 12.60 -20.81
CA VAL B 97 -55.71 11.56 -21.69
C VAL B 97 -56.67 10.38 -21.77
N PRO B 98 -56.73 9.68 -22.90
CA PRO B 98 -57.48 8.42 -22.95
C PRO B 98 -56.90 7.43 -21.95
N VAL B 99 -57.78 6.66 -21.32
CA VAL B 99 -57.38 5.73 -20.28
C VAL B 99 -58.31 4.54 -20.30
N GLY B 100 -57.80 3.39 -19.92
CA GLY B 100 -58.62 2.19 -19.85
C GLY B 100 -57.77 0.94 -20.00
N ARG B 101 -58.47 -0.20 -19.91
CA ARG B 101 -57.79 -1.48 -20.03
C ARG B 101 -57.25 -1.69 -21.43
N GLY B 102 -57.93 -1.15 -22.44
CA GLY B 102 -57.58 -1.38 -23.82
C GLY B 102 -56.24 -0.82 -24.23
N LEU B 103 -55.61 0.00 -23.37
CA LEU B 103 -54.31 0.56 -23.70
C LEU B 103 -53.20 -0.47 -23.70
N LEU B 104 -53.42 -1.63 -23.07
CA LEU B 104 -52.37 -2.64 -22.95
C LEU B 104 -51.93 -3.12 -24.33
N GLY B 105 -50.62 -3.22 -24.53
CA GLY B 105 -50.07 -3.63 -25.79
C GLY B 105 -50.04 -2.55 -26.86
N ARG B 106 -50.39 -1.32 -26.51
CA ARG B 106 -50.40 -0.21 -27.44
C ARG B 106 -49.28 0.77 -27.13
N VAL B 107 -48.77 1.42 -28.17
CA VAL B 107 -47.77 2.47 -28.04
C VAL B 107 -48.44 3.79 -28.35
N VAL B 108 -48.44 4.70 -27.39
CA VAL B 108 -49.14 5.98 -27.52
C VAL B 108 -48.21 7.10 -27.09
N ASN B 109 -48.36 8.26 -27.71
CA ASN B 109 -47.62 9.43 -27.29
C ASN B 109 -48.17 9.98 -25.98
N THR B 110 -47.56 11.06 -25.50
CA THR B 110 -47.98 11.66 -24.24
C THR B 110 -49.43 12.12 -24.28
N LEU B 111 -49.93 12.47 -25.45
CA LEU B 111 -51.31 12.91 -25.58
C LEU B 111 -52.30 11.74 -25.67
N GLY B 112 -51.80 10.51 -25.78
CA GLY B 112 -52.66 9.35 -25.91
C GLY B 112 -53.00 8.96 -27.33
N ALA B 113 -52.45 9.63 -28.32
CA ALA B 113 -52.66 9.22 -29.70
C ALA B 113 -51.81 7.99 -30.00
N PRO B 114 -52.40 6.92 -30.54
CA PRO B 114 -51.61 5.70 -30.83
C PRO B 114 -50.68 5.94 -31.99
N ILE B 115 -49.39 5.66 -31.77
CA ILE B 115 -48.36 5.78 -32.80
C ILE B 115 -47.84 4.45 -33.26
N ASP B 116 -48.34 3.34 -32.70
CA ASP B 116 -47.85 2.02 -33.10
C ASP B 116 -48.34 1.62 -34.49
N GLY B 117 -49.33 2.32 -35.03
CA GLY B 117 -49.89 1.92 -36.31
C GLY B 117 -50.86 0.76 -36.23
N LYS B 118 -51.34 0.43 -35.03
CA LYS B 118 -52.28 -0.66 -34.83
C LYS B 118 -53.73 -0.18 -34.81
N GLY B 119 -54.02 0.96 -35.44
CA GLY B 119 -55.37 1.45 -35.51
C GLY B 119 -55.78 2.25 -34.31
N PRO B 120 -57.06 2.66 -34.27
CA PRO B 120 -57.52 3.55 -33.20
C PRO B 120 -57.56 2.85 -31.85
N LEU B 121 -57.65 3.66 -30.81
CA LEU B 121 -57.59 3.17 -29.45
C LEU B 121 -58.95 2.69 -28.97
N ASP B 122 -58.95 1.58 -28.23
CA ASP B 122 -60.07 1.21 -27.39
C ASP B 122 -59.76 1.64 -25.96
N HIS B 123 -60.68 2.37 -25.33
CA HIS B 123 -60.39 2.94 -24.03
C HIS B 123 -61.69 3.08 -23.24
N ASP B 124 -61.53 3.45 -21.97
CA ASP B 124 -62.65 3.54 -21.04
C ASP B 124 -62.87 4.98 -20.61
N GLY B 125 -62.83 5.90 -21.56
CA GLY B 125 -63.01 7.31 -21.26
C GLY B 125 -61.70 8.04 -21.07
N PHE B 126 -61.79 9.21 -20.44
CA PHE B 126 -60.66 10.10 -20.28
C PHE B 126 -60.49 10.46 -18.81
N SER B 127 -59.25 10.71 -18.42
CA SER B 127 -58.91 11.10 -17.06
C SER B 127 -57.97 12.29 -17.09
N ALA B 128 -58.05 13.13 -16.06
CA ALA B 128 -57.22 14.32 -15.99
C ALA B 128 -55.75 13.94 -15.85
N VAL B 129 -54.89 14.69 -16.52
CA VAL B 129 -53.45 14.44 -16.42
C VAL B 129 -52.92 14.87 -15.06
N GLU B 130 -53.37 16.02 -14.56
CA GLU B 130 -52.95 16.54 -13.28
C GLU B 130 -53.98 16.15 -12.22
N ALA B 131 -53.53 15.50 -11.16
CA ALA B 131 -54.43 15.06 -10.12
C ALA B 131 -53.65 14.91 -8.82
N ILE B 132 -54.36 15.08 -7.70
CA ILE B 132 -53.75 15.01 -6.38
C ILE B 132 -53.61 13.55 -5.96
N ALA B 133 -52.61 13.29 -5.12
CA ALA B 133 -52.38 11.96 -4.59
C ALA B 133 -53.34 11.66 -3.44
N PRO B 134 -53.58 10.39 -3.15
CA PRO B 134 -54.44 10.05 -2.00
C PRO B 134 -53.85 10.54 -0.69
N GLY B 135 -54.72 11.01 0.20
CA GLY B 135 -54.29 11.54 1.47
C GLY B 135 -53.79 10.46 2.41
N VAL B 136 -53.41 10.92 3.62
CA VAL B 136 -52.85 10.01 4.62
C VAL B 136 -53.86 8.92 4.98
N ILE B 137 -55.10 9.31 5.24
CA ILE B 137 -56.09 8.39 5.77
C ILE B 137 -56.57 7.36 4.76
N GLU B 138 -56.25 7.55 3.48
CA GLU B 138 -56.71 6.66 2.42
C GLU B 138 -55.70 5.59 2.06
N ARG B 139 -54.51 5.60 2.64
CA ARG B 139 -53.47 4.67 2.25
C ARG B 139 -53.42 3.46 3.18
N GLN B 140 -52.76 2.41 2.70
CA GLN B 140 -52.55 1.19 3.47
C GLN B 140 -51.08 0.80 3.37
N SER B 141 -50.59 0.13 4.41
CA SER B 141 -49.18 -0.21 4.50
C SER B 141 -48.78 -1.19 3.40
N VAL B 142 -47.58 -1.00 2.87
CA VAL B 142 -47.04 -1.85 1.81
C VAL B 142 -46.53 -3.15 2.44
N ASP B 143 -47.19 -4.28 2.13
CA ASP B 143 -46.73 -5.56 2.63
C ASP B 143 -46.85 -6.67 1.59
N GLN B 144 -46.73 -6.33 0.30
CA GLN B 144 -46.85 -7.35 -0.73
C GLN B 144 -45.66 -7.27 -1.69
N PRO B 145 -45.22 -8.41 -2.21
CA PRO B 145 -44.03 -8.42 -3.06
C PRO B 145 -44.34 -8.17 -4.53
N VAL B 146 -43.41 -7.46 -5.17
CA VAL B 146 -43.31 -7.41 -6.63
C VAL B 146 -41.94 -7.95 -6.99
N GLN B 147 -41.92 -9.08 -7.69
CA GLN B 147 -40.66 -9.79 -7.91
C GLN B 147 -39.94 -9.23 -9.12
N THR B 148 -38.68 -8.84 -8.92
CA THR B 148 -37.87 -8.33 -10.01
C THR B 148 -37.32 -9.45 -10.88
N GLY B 149 -37.10 -10.63 -10.30
CA GLY B 149 -36.44 -11.70 -11.00
C GLY B 149 -34.94 -11.68 -10.94
N TYR B 150 -34.35 -10.67 -10.32
CA TYR B 150 -32.91 -10.57 -10.12
C TYR B 150 -32.56 -11.01 -8.71
N LYS B 151 -31.55 -11.88 -8.58
CA LYS B 151 -31.18 -12.38 -7.27
C LYS B 151 -30.77 -11.24 -6.34
N ALA B 152 -29.91 -10.34 -6.83
CA ALA B 152 -29.40 -9.27 -5.96
C ALA B 152 -30.52 -8.35 -5.49
N VAL B 153 -31.35 -7.89 -6.43
CA VAL B 153 -32.40 -6.93 -6.08
C VAL B 153 -33.46 -7.59 -5.21
N ASP B 154 -33.94 -8.77 -5.61
CA ASP B 154 -34.98 -9.43 -4.82
C ASP B 154 -34.48 -9.82 -3.44
N SER B 155 -33.19 -10.12 -3.30
CA SER B 155 -32.67 -10.53 -2.01
C SER B 155 -32.39 -9.32 -1.12
N MET B 156 -31.41 -8.51 -1.50
CA MET B 156 -30.93 -7.45 -0.62
C MET B 156 -31.90 -6.28 -0.55
N ILE B 157 -32.54 -5.92 -1.67
CA ILE B 157 -33.28 -4.68 -1.77
C ILE B 157 -34.70 -4.97 -2.23
N PRO B 158 -35.56 -5.51 -1.37
CA PRO B 158 -36.92 -5.86 -1.79
C PRO B 158 -37.72 -4.64 -2.20
N ILE B 159 -38.57 -4.81 -3.20
CA ILE B 159 -39.50 -3.78 -3.64
C ILE B 159 -40.91 -4.28 -3.34
N GLY B 160 -41.72 -3.42 -2.72
CA GLY B 160 -43.07 -3.77 -2.35
C GLY B 160 -44.10 -3.15 -3.27
N ARG B 161 -45.32 -3.68 -3.19
CA ARG B 161 -46.42 -3.20 -4.01
C ARG B 161 -46.90 -1.86 -3.43
N GLY B 162 -46.54 -0.78 -4.10
CA GLY B 162 -46.81 0.57 -3.62
C GLY B 162 -45.57 1.34 -3.25
N GLN B 163 -44.38 0.80 -3.45
CA GLN B 163 -43.13 1.46 -3.11
C GLN B 163 -42.64 2.31 -4.29
N ARG B 164 -41.80 3.30 -3.97
CA ARG B 164 -41.09 4.08 -4.96
C ARG B 164 -39.60 3.78 -4.81
N GLU B 165 -39.03 3.09 -5.79
CA GLU B 165 -37.64 2.64 -5.70
C GLU B 165 -36.83 3.29 -6.81
N LEU B 166 -35.89 4.14 -6.44
CA LEU B 166 -35.07 4.85 -7.42
C LEU B 166 -33.99 3.94 -7.98
N ILE B 167 -33.87 3.92 -9.30
CA ILE B 167 -32.72 3.30 -9.97
C ILE B 167 -31.80 4.43 -10.43
N ILE B 168 -30.59 4.48 -9.88
CA ILE B 168 -29.69 5.59 -10.08
C ILE B 168 -28.31 5.07 -10.45
N GLY B 169 -27.65 5.75 -11.37
CA GLY B 169 -26.32 5.33 -11.78
C GLY B 169 -25.85 6.13 -12.99
N ASP B 170 -24.64 5.81 -13.42
CA ASP B 170 -24.04 6.50 -14.55
C ASP B 170 -24.56 5.91 -15.87
N ARG B 171 -24.18 6.56 -16.96
CA ARG B 171 -24.57 6.10 -18.28
C ARG B 171 -24.00 4.72 -18.58
N GLN B 172 -24.78 3.93 -19.33
CA GLN B 172 -24.34 2.63 -19.81
C GLN B 172 -23.92 1.72 -18.65
N THR B 173 -24.74 1.68 -17.61
CA THR B 173 -24.54 0.77 -16.49
C THR B 173 -25.67 -0.22 -16.32
N GLY B 174 -26.66 -0.23 -17.22
CA GLY B 174 -27.73 -1.21 -17.16
C GLY B 174 -28.99 -0.77 -16.47
N LYS B 175 -29.22 0.54 -16.33
CA LYS B 175 -30.42 1.01 -15.65
C LYS B 175 -31.68 0.59 -16.40
N THR B 176 -31.70 0.78 -17.72
CA THR B 176 -32.87 0.42 -18.50
C THR B 176 -33.09 -1.09 -18.50
N ALA B 177 -32.00 -1.86 -18.56
CA ALA B 177 -32.12 -3.32 -18.61
C ALA B 177 -32.81 -3.85 -17.36
N LEU B 178 -32.42 -3.34 -16.19
CA LEU B 178 -33.05 -3.80 -14.96
C LEU B 178 -34.55 -3.52 -14.95
N ALA B 179 -34.95 -2.34 -15.39
CA ALA B 179 -36.36 -1.98 -15.37
C ALA B 179 -37.16 -2.80 -16.38
N ILE B 180 -36.60 -3.02 -17.57
CA ILE B 180 -37.36 -3.81 -18.54
C ILE B 180 -37.43 -5.27 -18.11
N ASP B 181 -36.39 -5.78 -17.44
CA ASP B 181 -36.48 -7.13 -16.90
C ASP B 181 -37.54 -7.20 -15.81
N ALA B 182 -37.64 -6.15 -15.00
CA ALA B 182 -38.72 -6.09 -14.03
C ALA B 182 -40.07 -6.08 -14.71
N ILE B 183 -40.18 -5.43 -15.87
CA ILE B 183 -41.43 -5.45 -16.63
C ILE B 183 -41.68 -6.84 -17.20
N ILE B 184 -40.63 -7.47 -17.74
CA ILE B 184 -40.77 -8.81 -18.32
C ILE B 184 -41.26 -9.79 -17.28
N ASN B 185 -40.76 -9.69 -16.05
CA ASN B 185 -41.08 -10.66 -15.03
C ASN B 185 -42.55 -10.62 -14.62
N GLN B 186 -43.25 -9.52 -14.91
CA GLN B 186 -44.64 -9.37 -14.50
C GLN B 186 -45.62 -10.03 -15.45
N ARG B 187 -45.14 -10.68 -16.52
CA ARG B 187 -46.05 -11.24 -17.52
C ARG B 187 -47.08 -12.19 -16.90
N ASP B 188 -46.74 -12.85 -15.80
CA ASP B 188 -47.62 -13.84 -15.19
C ASP B 188 -47.95 -13.54 -13.73
N SER B 189 -47.50 -12.40 -13.20
CA SER B 189 -47.79 -12.03 -11.82
C SER B 189 -49.09 -11.26 -11.67
N GLY B 190 -49.70 -10.82 -12.77
CA GLY B 190 -50.94 -10.08 -12.72
C GLY B 190 -50.79 -8.57 -12.56
N ILE B 191 -49.57 -8.09 -12.34
CA ILE B 191 -49.34 -6.65 -12.19
C ILE B 191 -49.20 -6.04 -13.58
N LYS B 192 -50.03 -5.04 -13.87
CA LYS B 192 -49.92 -4.32 -15.13
C LYS B 192 -48.66 -3.46 -15.12
N ALA B 193 -48.13 -3.19 -16.31
CA ALA B 193 -46.88 -2.48 -16.45
C ALA B 193 -47.05 -1.28 -17.37
N ILE B 194 -46.38 -0.18 -17.01
CA ILE B 194 -46.35 1.03 -17.82
C ILE B 194 -44.90 1.46 -17.97
N TYR B 195 -44.46 1.61 -19.21
CA TYR B 195 -43.10 2.07 -19.50
C TYR B 195 -43.18 3.43 -20.16
N VAL B 196 -42.68 4.45 -19.47
CA VAL B 196 -42.72 5.83 -19.96
C VAL B 196 -41.33 6.19 -20.45
N ALA B 197 -41.23 6.57 -21.72
CA ALA B 197 -39.95 6.92 -22.34
C ALA B 197 -39.88 8.42 -22.57
N ILE B 198 -39.03 9.09 -21.82
CA ILE B 198 -38.85 10.54 -21.93
C ILE B 198 -37.54 10.81 -22.64
N GLY B 199 -37.60 11.51 -23.77
CA GLY B 199 -36.43 12.03 -24.42
C GLY B 199 -35.50 11.01 -25.04
N GLN B 200 -35.86 9.73 -25.07
CA GLN B 200 -35.02 8.75 -25.72
C GLN B 200 -35.28 8.75 -27.22
N LYS B 201 -34.27 8.34 -27.98
CA LYS B 201 -34.40 8.27 -29.43
C LYS B 201 -35.33 7.12 -29.81
N ALA B 202 -36.10 7.32 -30.89
CA ALA B 202 -37.19 6.42 -31.21
C ALA B 202 -36.71 5.01 -31.54
N SER B 203 -35.49 4.87 -32.06
CA SER B 203 -35.00 3.54 -32.40
C SER B 203 -34.73 2.70 -31.16
N THR B 204 -34.29 3.34 -30.08
CA THR B 204 -34.14 2.62 -28.82
C THR B 204 -35.49 2.11 -28.33
N ILE B 205 -36.54 2.92 -28.46
CA ILE B 205 -37.87 2.48 -28.06
C ILE B 205 -38.35 1.36 -28.97
N SER B 206 -38.00 1.40 -30.26
CA SER B 206 -38.34 0.30 -31.14
C SER B 206 -37.69 -1.00 -30.68
N ASN B 207 -36.40 -0.92 -30.31
CA ASN B 207 -35.72 -2.10 -29.81
C ASN B 207 -36.33 -2.60 -28.51
N VAL B 208 -36.68 -1.70 -27.61
CA VAL B 208 -37.29 -2.11 -26.34
C VAL B 208 -38.62 -2.81 -26.60
N VAL B 209 -39.45 -2.23 -27.48
CA VAL B 209 -40.73 -2.84 -27.80
C VAL B 209 -40.52 -4.21 -28.43
N ARG B 210 -39.51 -4.32 -29.31
CA ARG B 210 -39.25 -5.60 -29.94
C ARG B 210 -38.80 -6.64 -28.92
N LYS B 211 -38.04 -6.22 -27.91
CA LYS B 211 -37.62 -7.16 -26.88
C LYS B 211 -38.79 -7.58 -26.00
N LEU B 212 -39.65 -6.63 -25.65
CA LEU B 212 -40.85 -6.98 -24.89
C LEU B 212 -41.78 -7.90 -25.68
N GLU B 213 -41.82 -7.72 -27.00
CA GLU B 213 -42.65 -8.56 -27.86
C GLU B 213 -42.03 -9.93 -28.09
N GLU B 214 -40.70 -10.04 -28.01
CA GLU B 214 -40.07 -11.34 -28.16
C GLU B 214 -40.45 -12.27 -27.01
N HIS B 215 -40.70 -11.71 -25.84
CA HIS B 215 -41.31 -12.43 -24.73
C HIS B 215 -42.81 -12.11 -24.72
N GLY B 216 -43.50 -12.63 -23.72
CA GLY B 216 -44.92 -12.37 -23.58
C GLY B 216 -45.27 -11.11 -22.81
N ALA B 217 -44.30 -10.24 -22.57
CA ALA B 217 -44.51 -9.10 -21.69
C ALA B 217 -45.30 -7.98 -22.36
N LEU B 218 -45.22 -7.83 -23.68
CA LEU B 218 -45.79 -6.65 -24.33
C LEU B 218 -47.30 -6.59 -24.14
N ALA B 219 -47.98 -7.74 -24.19
CA ALA B 219 -49.44 -7.74 -24.04
C ALA B 219 -49.89 -7.24 -22.67
N ASN B 220 -49.00 -7.23 -21.69
CA ASN B 220 -49.29 -6.77 -20.35
C ASN B 220 -48.84 -5.35 -20.08
N THR B 221 -48.26 -4.67 -21.06
CA THR B 221 -47.54 -3.43 -20.83
C THR B 221 -48.13 -2.31 -21.67
N ILE B 222 -48.13 -1.10 -21.11
CA ILE B 222 -48.45 0.13 -21.82
C ILE B 222 -47.15 0.88 -22.03
N VAL B 223 -46.94 1.42 -23.23
CA VAL B 223 -45.74 2.19 -23.54
C VAL B 223 -46.17 3.60 -23.90
N VAL B 224 -45.65 4.57 -23.15
CA VAL B 224 -45.86 5.98 -23.42
C VAL B 224 -44.55 6.55 -23.92
N VAL B 225 -44.59 7.25 -25.05
CA VAL B 225 -43.38 7.66 -25.75
C VAL B 225 -43.38 9.17 -25.92
N ALA B 226 -42.25 9.79 -25.60
CA ALA B 226 -41.97 11.19 -25.89
C ALA B 226 -40.52 11.24 -26.37
N THR B 227 -40.34 11.15 -27.69
CA THR B 227 -39.01 11.07 -28.26
C THR B 227 -38.26 12.39 -28.07
N ALA B 228 -36.95 12.34 -28.30
CA ALA B 228 -36.11 13.52 -28.13
C ALA B 228 -36.49 14.66 -29.06
N SER B 229 -37.15 14.35 -30.19
CA SER B 229 -37.49 15.39 -31.15
C SER B 229 -38.69 16.23 -30.71
N GLU B 230 -39.59 15.68 -29.91
CA GLU B 230 -40.83 16.34 -29.60
C GLU B 230 -40.60 17.53 -28.68
N SER B 231 -41.57 18.45 -28.67
CA SER B 231 -41.42 19.70 -27.94
C SER B 231 -41.31 19.45 -26.44
N ALA B 232 -40.71 20.41 -25.74
CA ALA B 232 -40.44 20.23 -24.31
C ALA B 232 -41.71 20.03 -23.50
N ALA B 233 -42.82 20.63 -23.94
CA ALA B 233 -44.08 20.48 -23.20
C ALA B 233 -44.51 19.03 -23.17
N LEU B 234 -44.42 18.35 -24.31
CA LEU B 234 -44.80 16.94 -24.36
C LEU B 234 -43.90 16.09 -23.48
N GLN B 235 -42.60 16.36 -23.50
CA GLN B 235 -41.67 15.59 -22.70
C GLN B 235 -41.92 15.77 -21.21
N TYR B 236 -42.14 17.02 -20.78
CA TYR B 236 -42.33 17.26 -19.36
C TYR B 236 -43.71 16.78 -18.90
N LEU B 237 -44.69 16.72 -19.80
CA LEU B 237 -46.00 16.19 -19.42
C LEU B 237 -46.07 14.68 -19.50
N ALA B 238 -45.15 14.04 -20.20
CA ALA B 238 -45.21 12.59 -20.40
C ALA B 238 -45.32 11.79 -19.11
N PRO B 239 -44.53 12.03 -18.06
CA PRO B 239 -44.70 11.21 -16.85
C PRO B 239 -46.08 11.31 -16.25
N TYR B 240 -46.72 12.48 -16.29
CA TYR B 240 -48.02 12.62 -15.67
C TYR B 240 -49.09 11.83 -16.41
N ALA B 241 -49.00 11.75 -17.74
CA ALA B 241 -49.96 10.94 -18.48
C ALA B 241 -49.85 9.47 -18.09
N GLY B 242 -48.62 8.97 -17.97
CA GLY B 242 -48.43 7.61 -17.52
C GLY B 242 -48.90 7.41 -16.10
N ALA B 243 -48.71 8.42 -15.25
CA ALA B 243 -49.20 8.33 -13.88
C ALA B 243 -50.71 8.19 -13.85
N ALA B 244 -51.41 8.98 -14.67
CA ALA B 244 -52.87 8.86 -14.75
C ALA B 244 -53.30 7.50 -15.29
N MET B 245 -52.59 7.00 -16.31
CA MET B 245 -52.92 5.70 -16.87
C MET B 245 -52.74 4.58 -15.84
N GLY B 246 -51.65 4.65 -15.07
CA GLY B 246 -51.48 3.70 -13.98
C GLY B 246 -52.51 3.88 -12.88
N GLU B 247 -52.87 5.13 -12.57
CA GLU B 247 -53.87 5.40 -11.55
C GLU B 247 -55.23 4.84 -11.92
N TYR B 248 -55.49 4.65 -13.21
CA TYR B 248 -56.71 3.96 -13.61
C TYR B 248 -56.81 2.60 -12.94
N PHE B 249 -55.74 1.80 -13.02
CA PHE B 249 -55.77 0.47 -12.40
C PHE B 249 -55.75 0.56 -10.89
N ARG B 250 -55.00 1.52 -10.33
CA ARG B 250 -54.81 1.58 -8.89
C ARG B 250 -56.12 1.81 -8.16
N ASP B 251 -57.04 2.58 -8.74
CA ASP B 251 -58.29 2.90 -8.06
C ASP B 251 -59.35 1.81 -8.20
N ARG B 252 -59.21 0.91 -9.16
CA ARG B 252 -60.13 -0.20 -9.32
C ARG B 252 -59.70 -1.43 -8.54
N GLY B 253 -58.57 -1.36 -7.84
CA GLY B 253 -58.11 -2.48 -7.04
C GLY B 253 -57.14 -3.41 -7.73
N GLU B 254 -56.53 -2.97 -8.82
CA GLU B 254 -55.54 -3.77 -9.52
C GLU B 254 -54.16 -3.16 -9.34
N ASP B 255 -53.14 -4.00 -9.49
CA ASP B 255 -51.76 -3.59 -9.27
C ASP B 255 -51.12 -3.17 -10.58
N ALA B 256 -50.41 -2.04 -10.54
CA ALA B 256 -49.74 -1.50 -11.71
C ALA B 256 -48.31 -1.12 -11.34
N LEU B 257 -47.39 -1.36 -12.28
CA LEU B 257 -45.98 -1.01 -12.13
C LEU B 257 -45.63 -0.03 -13.23
N ILE B 258 -45.16 1.15 -12.85
CA ILE B 258 -44.89 2.23 -13.80
C ILE B 258 -43.41 2.59 -13.74
N ILE B 259 -42.76 2.54 -14.89
CA ILE B 259 -41.34 2.85 -15.01
C ILE B 259 -41.20 4.23 -15.62
N TYR B 260 -40.63 5.16 -14.86
CA TYR B 260 -40.25 6.47 -15.39
C TYR B 260 -38.79 6.41 -15.82
N ASP B 261 -38.56 6.53 -17.12
CA ASP B 261 -37.21 6.41 -17.66
C ASP B 261 -36.60 7.80 -17.81
N ASP B 262 -35.52 8.04 -17.07
CA ASP B 262 -34.77 9.30 -17.13
C ASP B 262 -35.67 10.49 -16.79
N LEU B 263 -36.06 10.56 -15.52
CA LEU B 263 -36.69 11.78 -15.02
C LEU B 263 -35.77 12.98 -15.13
N SER B 264 -34.45 12.74 -15.22
CA SER B 264 -33.52 13.85 -15.44
C SER B 264 -33.84 14.56 -16.75
N LYS B 265 -34.19 13.81 -17.79
CA LYS B 265 -34.59 14.44 -19.04
C LYS B 265 -35.89 15.23 -18.91
N GLN B 266 -36.80 14.78 -18.04
CA GLN B 266 -37.98 15.59 -17.76
C GLN B 266 -37.60 16.89 -17.07
N ALA B 267 -36.65 16.82 -16.13
CA ALA B 267 -36.20 18.04 -15.47
C ALA B 267 -35.52 18.97 -16.45
N VAL B 268 -34.78 18.42 -17.41
CA VAL B 268 -34.15 19.25 -18.43
C VAL B 268 -35.19 19.94 -19.29
N ALA B 269 -36.23 19.20 -19.69
CA ALA B 269 -37.30 19.81 -20.48
C ALA B 269 -38.02 20.91 -19.69
N TYR B 270 -38.25 20.67 -18.40
CA TYR B 270 -38.90 21.69 -17.59
C TYR B 270 -38.00 22.91 -17.39
N ARG B 271 -36.69 22.70 -17.27
CA ARG B 271 -35.77 23.83 -17.19
C ARG B 271 -35.82 24.66 -18.46
N GLN B 272 -35.84 23.99 -19.61
CA GLN B 272 -35.98 24.71 -20.87
C GLN B 272 -37.26 25.53 -20.89
N ILE B 273 -38.38 24.92 -20.48
CA ILE B 273 -39.66 25.62 -20.48
C ILE B 273 -39.62 26.83 -19.56
N SER B 274 -39.06 26.67 -18.36
CA SER B 274 -39.01 27.77 -17.41
C SER B 274 -38.11 28.89 -17.92
N LEU B 275 -36.97 28.55 -18.52
CA LEU B 275 -36.06 29.59 -18.99
C LEU B 275 -36.64 30.34 -20.18
N LEU B 276 -37.39 29.65 -21.05
CA LEU B 276 -38.04 30.34 -22.15
C LEU B 276 -39.13 31.27 -21.67
N LEU B 277 -39.73 30.97 -20.52
CA LEU B 277 -40.74 31.83 -19.91
C LEU B 277 -40.13 32.94 -19.05
N ARG B 278 -38.81 33.09 -19.05
CA ARG B 278 -38.12 34.16 -18.33
C ARG B 278 -38.34 34.08 -16.81
N ARG B 279 -38.61 32.89 -16.30
CA ARG B 279 -38.70 32.72 -14.85
C ARG B 279 -37.30 32.70 -14.25
N PRO B 280 -37.12 33.21 -13.03
CA PRO B 280 -35.78 33.32 -12.44
C PRO B 280 -35.16 31.96 -12.25
N PRO B 281 -33.94 31.75 -12.76
CA PRO B 281 -33.26 30.47 -12.56
C PRO B 281 -32.73 30.35 -11.15
N GLY B 282 -32.81 29.15 -10.59
CA GLY B 282 -32.25 28.91 -9.27
C GLY B 282 -30.86 28.32 -9.34
N ARG B 283 -30.56 27.36 -8.48
CA ARG B 283 -29.26 26.71 -8.50
C ARG B 283 -29.15 25.82 -9.74
N GLU B 284 -27.93 25.74 -10.27
CA GLU B 284 -27.64 24.95 -11.46
C GLU B 284 -28.56 25.30 -12.63
N ALA B 285 -29.05 26.54 -12.65
CA ALA B 285 -29.94 27.08 -13.67
C ALA B 285 -31.31 26.40 -13.68
N PHE B 286 -31.56 25.49 -12.76
CA PHE B 286 -32.88 24.89 -12.65
C PHE B 286 -33.84 25.85 -11.96
N PRO B 287 -35.12 25.78 -12.28
CA PRO B 287 -36.12 26.56 -11.54
C PRO B 287 -36.27 26.06 -10.12
N GLY B 288 -36.78 26.93 -9.25
CA GLY B 288 -36.88 26.57 -7.85
C GLY B 288 -37.84 25.44 -7.57
N ASP B 289 -38.98 25.41 -8.26
CA ASP B 289 -40.03 24.43 -7.99
C ASP B 289 -39.75 23.07 -8.60
N VAL B 290 -38.53 22.77 -9.06
CA VAL B 290 -38.28 21.47 -9.65
C VAL B 290 -38.54 20.34 -8.66
N PHE B 291 -38.30 20.59 -7.37
CA PHE B 291 -38.60 19.57 -6.37
C PHE B 291 -40.10 19.29 -6.30
N TYR B 292 -40.92 20.35 -6.37
CA TYR B 292 -42.35 20.16 -6.32
C TYR B 292 -42.84 19.33 -7.50
N LEU B 293 -42.20 19.49 -8.66
CA LEU B 293 -42.56 18.70 -9.84
C LEU B 293 -42.43 17.21 -9.56
N HIS B 294 -41.23 16.78 -9.20
CA HIS B 294 -40.99 15.35 -8.98
C HIS B 294 -41.72 14.85 -7.74
N SER B 295 -41.81 15.67 -6.70
CA SER B 295 -42.48 15.23 -5.48
C SER B 295 -43.96 14.98 -5.74
N ARG B 296 -44.63 15.91 -6.43
CA ARG B 296 -46.06 15.71 -6.70
C ARG B 296 -46.28 14.64 -7.76
N LEU B 297 -45.30 14.43 -8.64
CA LEU B 297 -45.39 13.32 -9.58
C LEU B 297 -45.30 11.97 -8.86
N LEU B 298 -44.27 11.80 -8.01
CA LEU B 298 -44.00 10.51 -7.42
C LEU B 298 -44.95 10.14 -6.29
N GLU B 299 -45.58 11.13 -5.64
CA GLU B 299 -46.47 10.83 -4.53
C GLU B 299 -47.77 10.17 -4.97
N ARG B 300 -48.04 10.11 -6.27
CA ARG B 300 -49.22 9.38 -6.73
C ARG B 300 -49.06 7.88 -6.52
N ALA B 301 -47.85 7.36 -6.66
CA ALA B 301 -47.62 5.94 -6.46
C ALA B 301 -47.84 5.57 -5.01
N ALA B 302 -48.93 4.85 -4.73
CA ALA B 302 -49.28 4.52 -3.36
C ALA B 302 -50.25 3.35 -3.35
N ARG B 303 -50.34 2.70 -2.21
CA ARG B 303 -51.30 1.62 -2.00
C ARG B 303 -52.47 2.15 -1.18
N VAL B 304 -53.68 2.00 -1.71
CA VAL B 304 -54.88 2.54 -1.10
C VAL B 304 -55.68 1.43 -0.46
N ASN B 305 -56.29 1.72 0.68
CA ASN B 305 -57.09 0.73 1.40
C ASN B 305 -58.38 0.42 0.64
N ALA B 306 -59.03 -0.66 1.07
CA ALA B 306 -60.25 -1.11 0.39
C ALA B 306 -61.36 -0.08 0.44
N GLU B 307 -61.41 0.72 1.51
CA GLU B 307 -62.48 1.71 1.64
C GLU B 307 -62.41 2.75 0.52
N TYR B 308 -61.20 3.23 0.22
CA TYR B 308 -61.03 4.20 -0.86
C TYR B 308 -61.46 3.58 -2.20
N VAL B 309 -61.10 2.32 -2.43
CA VAL B 309 -61.49 1.65 -3.67
C VAL B 309 -63.00 1.55 -3.77
N GLU B 310 -63.66 1.17 -2.68
CA GLU B 310 -65.12 1.07 -2.69
C GLU B 310 -65.75 2.43 -2.94
N ALA B 311 -65.23 3.48 -2.32
CA ALA B 311 -65.77 4.81 -2.54
C ALA B 311 -65.60 5.24 -4.00
N PHE B 312 -64.42 4.98 -4.58
CA PHE B 312 -64.19 5.36 -5.97
C PHE B 312 -65.10 4.59 -6.92
N THR B 313 -65.26 3.29 -6.68
CA THR B 313 -66.05 2.45 -7.57
C THR B 313 -67.54 2.46 -7.24
N LYS B 314 -67.94 3.19 -6.20
CA LYS B 314 -69.35 3.25 -5.78
C LYS B 314 -69.91 1.87 -5.48
N GLY B 315 -69.08 1.04 -4.85
CA GLY B 315 -69.51 -0.28 -4.41
C GLY B 315 -69.41 -1.38 -5.44
N GLU B 316 -69.00 -1.07 -6.68
CA GLU B 316 -68.86 -2.11 -7.68
C GLU B 316 -67.75 -3.10 -7.30
N VAL B 317 -66.66 -2.60 -6.75
CA VAL B 317 -65.55 -3.42 -6.28
C VAL B 317 -65.45 -3.26 -4.77
N LYS B 318 -65.44 -4.38 -4.05
CA LYS B 318 -65.39 -4.36 -2.60
C LYS B 318 -64.33 -5.35 -2.11
N GLY B 319 -63.57 -4.94 -1.10
CA GLY B 319 -62.64 -5.82 -0.44
C GLY B 319 -61.28 -5.95 -1.09
N LYS B 320 -60.97 -5.14 -2.09
CA LYS B 320 -59.68 -5.21 -2.78
C LYS B 320 -58.95 -3.88 -2.64
N THR B 321 -57.65 -3.95 -2.41
CA THR B 321 -56.80 -2.77 -2.28
C THR B 321 -55.95 -2.60 -3.54
N GLY B 322 -55.93 -1.38 -4.07
CA GLY B 322 -55.17 -1.07 -5.26
C GLY B 322 -53.82 -0.48 -4.92
N SER B 323 -52.86 -0.66 -5.83
CA SER B 323 -51.50 -0.21 -5.60
C SER B 323 -50.85 0.19 -6.91
N LEU B 324 -50.02 1.24 -6.85
CA LEU B 324 -49.22 1.68 -7.98
C LEU B 324 -47.77 1.76 -7.54
N THR B 325 -46.89 1.06 -8.25
CA THR B 325 -45.47 1.00 -7.92
C THR B 325 -44.66 1.72 -8.99
N ALA B 326 -43.83 2.66 -8.55
CA ALA B 326 -43.05 3.51 -9.46
C ALA B 326 -41.57 3.21 -9.30
N LEU B 327 -40.85 3.13 -10.43
CA LEU B 327 -39.41 2.89 -10.44
C LEU B 327 -38.74 3.98 -11.28
N PRO B 328 -38.55 5.16 -10.72
CA PRO B 328 -37.88 6.24 -11.47
C PRO B 328 -36.43 5.91 -11.76
N ILE B 329 -35.92 6.48 -12.85
CA ILE B 329 -34.54 6.28 -13.26
C ILE B 329 -33.86 7.64 -13.33
N ILE B 330 -32.70 7.74 -12.69
CA ILE B 330 -31.90 8.97 -12.68
C ILE B 330 -30.50 8.63 -13.14
N GLU B 331 -29.95 9.46 -14.02
CA GLU B 331 -28.58 9.28 -14.51
C GLU B 331 -27.66 10.29 -13.83
N THR B 332 -26.64 9.79 -13.15
CA THR B 332 -25.60 10.64 -12.57
C THR B 332 -24.44 10.77 -13.55
N GLN B 333 -23.77 11.92 -13.51
CA GLN B 333 -22.75 12.19 -14.52
C GLN B 333 -21.44 11.48 -14.20
N ALA B 334 -20.94 11.62 -12.97
CA ALA B 334 -19.71 10.94 -12.59
C ALA B 334 -19.86 10.33 -11.20
N GLY B 335 -21.01 9.73 -10.94
CA GLY B 335 -21.30 9.27 -9.60
C GLY B 335 -21.62 10.38 -8.62
N ASP B 336 -21.64 11.63 -9.08
CA ASP B 336 -21.86 12.79 -8.24
C ASP B 336 -23.33 12.85 -7.83
N VAL B 337 -23.64 12.35 -6.64
CA VAL B 337 -25.02 12.41 -6.15
C VAL B 337 -25.40 13.78 -5.60
N SER B 338 -24.45 14.72 -5.57
CA SER B 338 -24.71 16.03 -4.99
C SER B 338 -25.44 16.96 -5.95
N ALA B 339 -25.67 16.56 -7.19
CA ALA B 339 -26.37 17.40 -8.14
C ALA B 339 -27.82 17.62 -7.70
N PHE B 340 -28.43 18.68 -8.25
CA PHE B 340 -29.72 19.13 -7.75
C PHE B 340 -30.80 18.06 -7.95
N VAL B 341 -30.95 17.57 -9.17
CA VAL B 341 -32.01 16.61 -9.49
C VAL B 341 -31.78 15.31 -8.75
N PRO B 342 -30.56 14.74 -8.74
CA PRO B 342 -30.35 13.53 -7.94
C PRO B 342 -30.65 13.72 -6.47
N THR B 343 -30.28 14.86 -5.89
CA THR B 343 -30.58 15.07 -4.48
C THR B 343 -32.08 15.10 -4.23
N ASN B 344 -32.83 15.80 -5.09
CA ASN B 344 -34.27 15.87 -4.91
C ASN B 344 -34.89 14.47 -5.02
N VAL B 345 -34.52 13.73 -6.06
CA VAL B 345 -35.15 12.44 -6.28
C VAL B 345 -34.77 11.46 -5.16
N ILE B 346 -33.54 11.54 -4.66
CA ILE B 346 -33.15 10.68 -3.55
C ILE B 346 -33.94 11.05 -2.30
N SER B 347 -34.20 12.35 -2.10
CA SER B 347 -34.99 12.75 -0.94
C SER B 347 -36.42 12.23 -1.03
N ILE B 348 -36.99 12.21 -2.23
CA ILE B 348 -38.40 11.86 -2.37
C ILE B 348 -38.63 10.35 -2.21
N THR B 349 -37.82 9.53 -2.87
CA THR B 349 -38.16 8.12 -3.04
C THR B 349 -37.96 7.34 -1.74
N ASP B 350 -38.50 6.13 -1.73
CA ASP B 350 -38.42 5.20 -0.61
C ASP B 350 -37.18 4.33 -0.65
N GLY B 351 -36.19 4.70 -1.43
CA GLY B 351 -34.95 3.94 -1.52
C GLY B 351 -34.33 4.10 -2.88
N GLN B 352 -33.13 3.54 -3.02
CA GLN B 352 -32.43 3.64 -4.28
C GLN B 352 -31.59 2.39 -4.51
N ILE B 353 -31.39 2.06 -5.78
CA ILE B 353 -30.51 0.99 -6.20
C ILE B 353 -29.36 1.63 -6.96
N PHE B 354 -28.14 1.51 -6.43
CA PHE B 354 -26.99 2.16 -7.02
C PHE B 354 -26.30 1.22 -8.00
N LEU B 355 -26.24 1.63 -9.26
CA LEU B 355 -25.42 0.95 -10.26
C LEU B 355 -24.23 1.84 -10.57
N GLU B 356 -23.03 1.26 -10.60
CA GLU B 356 -21.83 2.05 -10.78
C GLU B 356 -20.90 1.37 -11.78
N THR B 357 -20.07 2.19 -12.43
CA THR B 357 -19.26 1.73 -13.56
C THR B 357 -18.21 0.72 -13.13
N ASN B 358 -17.62 0.90 -11.95
CA ASN B 358 -16.51 0.04 -11.55
C ASN B 358 -16.94 -1.42 -11.45
N LEU B 359 -18.07 -1.68 -10.80
CA LEU B 359 -18.54 -3.05 -10.67
C LEU B 359 -18.94 -3.63 -12.03
N PHE B 360 -19.55 -2.81 -12.89
CA PHE B 360 -19.93 -3.28 -14.21
C PHE B 360 -18.71 -3.69 -15.01
N ASN B 361 -17.64 -2.89 -14.97
CA ASN B 361 -16.42 -3.26 -15.68
C ASN B 361 -15.74 -4.44 -15.03
N ALA B 362 -15.87 -4.59 -13.71
CA ALA B 362 -15.30 -5.75 -13.03
C ALA B 362 -16.01 -7.05 -13.38
N GLY B 363 -17.12 -6.98 -14.10
CA GLY B 363 -17.89 -8.15 -14.45
C GLY B 363 -19.03 -8.46 -13.52
N ILE B 364 -19.27 -7.64 -12.50
CA ILE B 364 -20.40 -7.83 -11.60
C ILE B 364 -21.64 -7.21 -12.24
N ARG B 365 -22.42 -8.02 -12.96
CA ARG B 365 -23.62 -7.54 -13.62
C ARG B 365 -24.80 -8.40 -13.19
N PRO B 366 -25.87 -7.80 -12.62
CA PRO B 366 -26.09 -6.38 -12.39
C PRO B 366 -25.14 -5.75 -11.36
N ALA B 367 -24.71 -4.53 -11.62
CA ALA B 367 -23.71 -3.86 -10.78
C ALA B 367 -24.39 -3.12 -9.65
N VAL B 368 -25.02 -3.89 -8.77
CA VAL B 368 -25.72 -3.34 -7.61
C VAL B 368 -24.73 -3.18 -6.47
N ASN B 369 -24.54 -1.96 -6.01
CA ASN B 369 -23.67 -1.70 -4.87
C ASN B 369 -24.43 -1.95 -3.58
N PRO B 370 -24.11 -3.02 -2.86
CA PRO B 370 -24.88 -3.36 -1.65
C PRO B 370 -24.78 -2.33 -0.54
N GLY B 371 -23.73 -1.51 -0.52
CA GLY B 371 -23.51 -0.60 0.58
C GLY B 371 -24.41 0.62 0.56
N ILE B 372 -24.41 1.35 -0.56
CA ILE B 372 -25.18 2.58 -0.64
C ILE B 372 -26.63 2.36 -1.06
N SER B 373 -26.97 1.19 -1.59
CA SER B 373 -28.34 0.89 -1.96
C SER B 373 -29.12 0.44 -0.74
N VAL B 374 -30.40 0.84 -0.66
CA VAL B 374 -31.22 0.55 0.51
C VAL B 374 -32.68 0.57 0.09
N SER B 375 -33.47 -0.29 0.73
CA SER B 375 -34.92 -0.27 0.62
C SER B 375 -35.52 0.10 1.96
N ARG B 376 -36.35 1.14 1.98
CA ARG B 376 -36.92 1.59 3.25
C ARG B 376 -38.13 0.79 3.68
N VAL B 377 -38.68 -0.05 2.80
CA VAL B 377 -39.75 -0.96 3.20
C VAL B 377 -39.19 -2.24 3.79
N GLY B 378 -38.12 -2.76 3.20
CA GLY B 378 -37.40 -3.88 3.79
C GLY B 378 -38.22 -5.15 3.84
N GLY B 379 -38.05 -5.90 4.93
CA GLY B 379 -38.54 -7.26 5.02
C GLY B 379 -40.04 -7.42 4.85
N ALA B 380 -40.81 -6.36 5.12
CA ALA B 380 -42.26 -6.45 4.99
C ALA B 380 -42.69 -6.73 3.55
N ALA B 381 -41.85 -6.39 2.58
CA ALA B 381 -42.19 -6.63 1.18
C ALA B 381 -41.83 -8.03 0.70
N GLN B 382 -41.00 -8.75 1.44
CA GLN B 382 -40.52 -10.05 1.00
C GLN B 382 -41.45 -11.17 1.45
N THR B 383 -41.40 -12.29 0.72
CA THR B 383 -41.95 -13.53 1.23
C THR B 383 -41.09 -14.02 2.39
N LYS B 384 -41.68 -14.85 3.23
CA LYS B 384 -41.04 -15.20 4.50
C LYS B 384 -39.67 -15.85 4.28
N ILE B 385 -39.60 -16.79 3.34
CA ILE B 385 -38.35 -17.51 3.11
C ILE B 385 -37.27 -16.59 2.58
N MET B 386 -37.61 -15.75 1.60
CA MET B 386 -36.62 -14.84 1.02
C MET B 386 -36.13 -13.85 2.07
N LYS B 387 -37.03 -13.36 2.92
CA LYS B 387 -36.65 -12.46 4.00
C LYS B 387 -35.66 -13.14 4.93
N LYS B 388 -36.00 -14.35 5.38
CA LYS B 388 -35.14 -15.11 6.28
C LYS B 388 -33.74 -15.28 5.69
N LEU B 389 -33.66 -15.60 4.39
CA LEU B 389 -32.38 -15.88 3.79
C LEU B 389 -31.55 -14.60 3.59
N SER B 390 -32.15 -13.54 3.06
CA SER B 390 -31.37 -12.40 2.59
C SER B 390 -31.06 -11.39 3.69
N GLY B 391 -31.82 -11.40 4.80
CA GLY B 391 -31.61 -10.40 5.84
C GLY B 391 -30.17 -10.32 6.30
N GLY B 392 -29.58 -11.46 6.64
CA GLY B 392 -28.17 -11.49 6.96
C GLY B 392 -27.28 -11.21 5.76
N ILE B 393 -27.71 -11.67 4.58
CA ILE B 393 -26.87 -11.66 3.38
C ILE B 393 -26.42 -10.24 3.07
N ARG B 394 -27.34 -9.28 3.09
CA ARG B 394 -26.98 -7.96 2.56
C ARG B 394 -25.89 -7.29 3.41
N THR B 395 -26.04 -7.31 4.73
CA THR B 395 -25.04 -6.69 5.59
C THR B 395 -23.78 -7.53 5.65
N ALA B 396 -23.91 -8.85 5.49
CA ALA B 396 -22.71 -9.69 5.41
C ALA B 396 -21.86 -9.30 4.22
N LEU B 397 -22.49 -9.06 3.06
CA LEU B 397 -21.75 -8.65 1.88
C LEU B 397 -21.10 -7.28 2.07
N ALA B 398 -21.84 -6.35 2.68
CA ALA B 398 -21.25 -5.02 2.92
C ALA B 398 -20.01 -5.12 3.83
N GLN B 399 -20.14 -5.85 4.94
CA GLN B 399 -19.00 -5.98 5.84
C GLN B 399 -17.88 -6.80 5.22
N TYR B 400 -18.20 -7.74 4.32
CA TYR B 400 -17.16 -8.43 3.58
C TYR B 400 -16.37 -7.45 2.73
N ARG B 401 -17.05 -6.51 2.06
CA ARG B 401 -16.33 -5.54 1.27
C ARG B 401 -15.42 -4.68 2.14
N GLU B 402 -15.91 -4.31 3.33
CA GLU B 402 -15.07 -3.56 4.26
C GLU B 402 -13.84 -4.38 4.67
N LEU B 403 -14.04 -5.65 5.05
CA LEU B 403 -12.93 -6.49 5.48
C LEU B 403 -11.92 -6.68 4.35
N ALA B 404 -12.40 -6.90 3.13
CA ALA B 404 -11.51 -7.04 1.99
C ALA B 404 -10.72 -5.78 1.75
N ALA B 405 -11.30 -4.61 2.03
CA ALA B 405 -10.52 -3.38 2.01
C ALA B 405 -9.43 -3.42 3.08
N PHE B 406 -9.77 -3.88 4.28
CA PHE B 406 -8.82 -3.89 5.38
C PHE B 406 -7.69 -4.90 5.14
N SER B 407 -8.05 -6.12 4.73
CA SER B 407 -7.14 -7.26 4.76
C SER B 407 -6.14 -7.27 3.60
N GLN B 408 -6.26 -6.33 2.65
CA GLN B 408 -5.65 -6.48 1.33
C GLN B 408 -4.14 -6.75 1.36
N PHE B 409 -3.44 -6.32 2.41
CA PHE B 409 -1.98 -6.51 2.49
C PHE B 409 -1.53 -7.34 3.67
N ALA B 410 -2.45 -7.86 4.49
CA ALA B 410 -2.07 -8.65 5.64
C ALA B 410 -1.80 -10.09 5.20
N SER B 411 -0.63 -10.63 5.57
CA SER B 411 -0.30 -11.99 5.20
C SER B 411 -1.07 -13.01 6.02
N ASP B 412 -1.32 -12.73 7.30
CA ASP B 412 -1.93 -13.67 8.22
C ASP B 412 -3.39 -13.27 8.45
N LEU B 413 -4.30 -14.20 8.18
CA LEU B 413 -5.72 -14.00 8.41
C LEU B 413 -6.21 -15.00 9.44
N ASP B 414 -6.92 -14.50 10.45
CA ASP B 414 -7.59 -15.38 11.40
C ASP B 414 -8.64 -16.20 10.68
N ASP B 415 -8.86 -17.43 11.17
CA ASP B 415 -9.75 -18.34 10.47
C ASP B 415 -11.15 -17.79 10.32
N ALA B 416 -11.62 -17.02 11.31
CA ALA B 416 -12.91 -16.33 11.15
C ALA B 416 -12.85 -15.33 10.01
N THR B 417 -11.76 -14.57 9.93
CA THR B 417 -11.59 -13.62 8.83
C THR B 417 -11.49 -14.33 7.50
N ARG B 418 -10.79 -15.47 7.47
CA ARG B 418 -10.72 -16.26 6.24
C ARG B 418 -12.10 -16.75 5.83
N LYS B 419 -12.91 -17.18 6.80
CA LYS B 419 -14.27 -17.60 6.50
C LYS B 419 -15.05 -16.44 5.89
N GLN B 420 -14.95 -15.27 6.51
CA GLN B 420 -15.69 -14.11 6.01
C GLN B 420 -15.24 -13.74 4.60
N LEU B 421 -13.93 -13.74 4.35
CA LEU B 421 -13.42 -13.35 3.03
C LEU B 421 -13.85 -14.34 1.95
N ASP B 422 -13.72 -15.63 2.22
CA ASP B 422 -14.09 -16.64 1.23
C ASP B 422 -15.60 -16.61 0.98
N HIS B 423 -16.38 -16.58 2.06
CA HIS B 423 -17.83 -16.52 1.95
C HIS B 423 -18.28 -15.30 1.17
N GLY B 424 -17.66 -14.15 1.43
CA GLY B 424 -18.02 -12.93 0.72
C GLY B 424 -17.68 -13.00 -0.76
N GLN B 425 -16.51 -13.56 -1.09
CA GLN B 425 -16.15 -13.71 -2.50
C GLN B 425 -17.14 -14.63 -3.21
N LYS B 426 -17.51 -15.73 -2.57
CA LYS B 426 -18.43 -16.66 -3.21
C LYS B 426 -19.83 -16.08 -3.33
N VAL B 427 -20.27 -15.30 -2.33
CA VAL B 427 -21.58 -14.66 -2.42
C VAL B 427 -21.59 -13.59 -3.51
N THR B 428 -20.52 -12.81 -3.62
CA THR B 428 -20.41 -11.82 -4.69
C THR B 428 -20.45 -12.51 -6.05
N GLU B 429 -19.77 -13.64 -6.19
CA GLU B 429 -19.84 -14.39 -7.44
C GLU B 429 -21.24 -14.94 -7.68
N LEU B 430 -21.95 -15.28 -6.61
CA LEU B 430 -23.25 -15.94 -6.74
C LEU B 430 -24.31 -15.02 -7.33
N LEU B 431 -24.25 -13.72 -7.04
CA LEU B 431 -25.33 -12.82 -7.38
C LEU B 431 -25.28 -12.34 -8.83
N LYS B 432 -24.23 -12.68 -9.57
CA LYS B 432 -24.17 -12.30 -10.97
C LYS B 432 -25.22 -13.08 -11.77
N GLN B 433 -25.84 -12.41 -12.73
CA GLN B 433 -26.97 -12.99 -13.43
C GLN B 433 -27.05 -12.39 -14.83
N LYS B 434 -27.32 -13.24 -15.82
CA LYS B 434 -27.39 -12.79 -17.19
C LYS B 434 -28.67 -12.03 -17.47
N GLN B 435 -28.62 -11.18 -18.51
CA GLN B 435 -29.77 -10.38 -18.90
C GLN B 435 -30.89 -11.26 -19.46
N TYR B 436 -32.12 -10.80 -19.28
CA TYR B 436 -33.32 -11.43 -19.83
C TYR B 436 -33.53 -12.85 -19.30
N ALA B 437 -32.99 -13.16 -18.12
CA ALA B 437 -33.14 -14.48 -17.50
C ALA B 437 -33.63 -14.32 -16.07
N PRO B 438 -34.91 -13.98 -15.89
CA PRO B 438 -35.45 -13.88 -14.52
C PRO B 438 -35.54 -15.26 -13.88
N MET B 439 -35.38 -15.29 -12.56
CA MET B 439 -35.47 -16.52 -11.79
C MET B 439 -36.69 -16.45 -10.87
N SER B 440 -37.43 -17.55 -10.81
CA SER B 440 -38.58 -17.63 -9.93
C SER B 440 -38.16 -17.53 -8.47
N VAL B 441 -39.16 -17.31 -7.61
CA VAL B 441 -38.89 -17.19 -6.17
C VAL B 441 -38.26 -18.46 -5.63
N ALA B 442 -38.77 -19.62 -6.07
CA ALA B 442 -38.26 -20.88 -5.55
C ALA B 442 -36.79 -21.07 -5.90
N GLN B 443 -36.39 -20.71 -7.12
CA GLN B 443 -35.00 -20.88 -7.52
C GLN B 443 -34.08 -19.94 -6.75
N GLN B 444 -34.49 -18.68 -6.58
CA GLN B 444 -33.69 -17.74 -5.80
C GLN B 444 -33.55 -18.23 -4.36
N SER B 445 -34.65 -18.70 -3.80
CA SER B 445 -34.62 -19.22 -2.43
C SER B 445 -33.69 -20.41 -2.32
N LEU B 446 -33.73 -21.32 -3.30
CA LEU B 446 -32.86 -22.48 -3.27
C LEU B 446 -31.39 -22.08 -3.35
N VAL B 447 -31.05 -21.13 -4.23
CA VAL B 447 -29.66 -20.75 -4.37
C VAL B 447 -29.17 -20.02 -3.13
N LEU B 448 -30.02 -19.17 -2.56
CA LEU B 448 -29.64 -18.46 -1.34
C LEU B 448 -29.50 -19.41 -0.17
N PHE B 449 -30.35 -20.44 -0.10
CA PHE B 449 -30.18 -21.48 0.90
C PHE B 449 -28.86 -22.21 0.72
N ALA B 450 -28.52 -22.53 -0.52
CA ALA B 450 -27.24 -23.18 -0.79
C ALA B 450 -26.07 -22.32 -0.36
N ALA B 451 -26.21 -20.99 -0.49
CA ALA B 451 -25.12 -20.10 -0.09
C ALA B 451 -25.05 -19.92 1.42
N GLU B 452 -26.19 -19.76 2.07
CA GLU B 452 -26.22 -19.43 3.49
C GLU B 452 -25.79 -20.61 4.35
N ARG B 453 -26.25 -21.81 4.02
CA ARG B 453 -26.00 -22.99 4.84
C ARG B 453 -24.64 -23.63 4.55
N GLY B 454 -23.74 -22.90 3.90
CA GLY B 454 -22.35 -23.31 3.80
C GLY B 454 -22.02 -24.31 2.72
N TYR B 455 -23.01 -24.80 1.96
CA TYR B 455 -22.74 -25.81 0.95
C TYR B 455 -21.80 -25.33 -0.14
N LEU B 456 -21.75 -24.01 -0.39
CA LEU B 456 -20.91 -23.49 -1.46
C LEU B 456 -19.43 -23.52 -1.10
N ALA B 457 -19.11 -23.73 0.18
CA ALA B 457 -17.77 -23.44 0.70
C ALA B 457 -16.68 -24.17 -0.08
N ASP B 458 -16.83 -25.48 -0.28
CA ASP B 458 -15.76 -26.26 -0.88
C ASP B 458 -15.64 -26.05 -2.39
N VAL B 459 -16.70 -25.57 -3.04
CA VAL B 459 -16.68 -25.40 -4.49
C VAL B 459 -15.74 -24.26 -4.84
N GLU B 460 -14.88 -24.49 -5.83
CA GLU B 460 -14.00 -23.44 -6.32
C GLU B 460 -14.80 -22.33 -6.98
N LEU B 461 -14.25 -21.11 -6.93
CA LEU B 461 -15.02 -19.92 -7.25
C LEU B 461 -15.56 -19.96 -8.68
N SER B 462 -14.74 -20.38 -9.64
CA SER B 462 -15.15 -20.34 -11.04
C SER B 462 -16.34 -21.26 -11.30
N LYS B 463 -16.37 -22.43 -10.69
CA LYS B 463 -17.43 -23.40 -10.93
C LYS B 463 -18.75 -23.00 -10.27
N ILE B 464 -18.77 -21.94 -9.48
CA ILE B 464 -19.98 -21.56 -8.74
C ILE B 464 -21.16 -21.36 -9.68
N GLY B 465 -20.93 -20.71 -10.83
CA GLY B 465 -22.00 -20.50 -11.77
C GLY B 465 -22.55 -21.79 -12.35
N SER B 466 -21.66 -22.69 -12.75
CA SER B 466 -22.08 -24.00 -13.23
C SER B 466 -22.72 -24.81 -12.12
N PHE B 467 -22.24 -24.66 -10.89
CA PHE B 467 -22.90 -25.29 -9.75
C PHE B 467 -24.35 -24.82 -9.66
N GLU B 468 -24.56 -23.52 -9.77
CA GLU B 468 -25.92 -22.97 -9.70
C GLU B 468 -26.79 -23.49 -10.83
N ALA B 469 -26.28 -23.47 -12.06
CA ALA B 469 -27.06 -23.94 -13.20
C ALA B 469 -27.43 -25.41 -13.05
N ALA B 470 -26.45 -26.24 -12.65
CA ALA B 470 -26.70 -27.66 -12.49
C ALA B 470 -27.70 -27.92 -11.37
N LEU B 471 -27.59 -27.18 -10.27
CA LEU B 471 -28.55 -27.31 -9.18
C LEU B 471 -29.95 -26.95 -9.64
N LEU B 472 -30.08 -25.86 -10.40
CA LEU B 472 -31.40 -25.46 -10.89
C LEU B 472 -32.00 -26.53 -11.79
N ALA B 473 -31.20 -27.06 -12.73
CA ALA B 473 -31.71 -28.08 -13.65
C ALA B 473 -32.09 -29.35 -12.90
N TYR B 474 -31.23 -29.80 -11.98
CA TYR B 474 -31.48 -31.00 -11.21
C TYR B 474 -32.76 -30.87 -10.39
N VAL B 475 -32.91 -29.75 -9.68
CA VAL B 475 -34.09 -29.56 -8.86
C VAL B 475 -35.34 -29.44 -9.73
N ASP B 476 -35.22 -28.79 -10.89
CA ASP B 476 -36.38 -28.66 -11.75
C ASP B 476 -36.86 -30.01 -12.27
N ARG B 477 -35.92 -30.89 -12.65
CA ARG B 477 -36.34 -32.18 -13.17
C ARG B 477 -36.81 -33.11 -12.06
N ASP B 478 -36.09 -33.16 -10.93
CA ASP B 478 -36.35 -34.18 -9.93
C ASP B 478 -37.31 -33.73 -8.82
N HIS B 479 -37.40 -32.44 -8.54
CA HIS B 479 -38.11 -31.98 -7.35
C HIS B 479 -39.08 -30.85 -7.66
N ALA B 480 -39.80 -30.95 -8.77
CA ALA B 480 -40.77 -29.95 -9.20
C ALA B 480 -41.84 -29.64 -8.16
N PRO B 481 -42.43 -30.63 -7.45
CA PRO B 481 -43.51 -30.28 -6.50
C PRO B 481 -43.10 -29.30 -5.42
N LEU B 482 -41.88 -29.42 -4.90
CA LEU B 482 -41.43 -28.48 -3.90
C LEU B 482 -41.27 -27.08 -4.48
N MET B 483 -40.78 -26.99 -5.72
CA MET B 483 -40.68 -25.71 -6.38
C MET B 483 -42.06 -25.08 -6.55
N GLN B 484 -43.04 -25.87 -6.94
CA GLN B 484 -44.40 -25.35 -7.08
C GLN B 484 -44.94 -24.88 -5.75
N GLU B 485 -44.71 -25.66 -4.69
CA GLU B 485 -45.19 -25.27 -3.37
C GLU B 485 -44.55 -23.96 -2.92
N ILE B 486 -43.25 -23.82 -3.12
CA ILE B 486 -42.56 -22.59 -2.71
C ILE B 486 -43.06 -21.40 -3.52
N ASN B 487 -43.18 -21.57 -4.84
CA ASN B 487 -43.62 -20.47 -5.68
C ASN B 487 -45.03 -20.02 -5.32
N GLN B 488 -45.92 -20.97 -5.04
CA GLN B 488 -47.30 -20.59 -4.72
C GLN B 488 -47.40 -20.01 -3.32
N THR B 489 -46.93 -20.74 -2.31
CA THR B 489 -47.09 -20.29 -0.94
C THR B 489 -46.04 -19.26 -0.54
N GLY B 490 -44.77 -19.54 -0.83
CA GLY B 490 -43.69 -18.71 -0.30
C GLY B 490 -43.49 -18.93 1.18
N GLY B 491 -44.12 -19.95 1.74
CA GLY B 491 -43.98 -20.24 3.15
C GLY B 491 -42.65 -20.90 3.47
N TYR B 492 -42.33 -20.93 4.76
CA TYR B 492 -41.09 -21.51 5.24
C TYR B 492 -41.33 -22.16 6.59
N ASN B 493 -40.87 -23.40 6.73
CA ASN B 493 -41.12 -24.18 7.94
C ASN B 493 -39.96 -25.14 8.16
N ASP B 494 -40.05 -25.88 9.27
CA ASP B 494 -39.02 -26.88 9.56
C ASP B 494 -38.96 -27.95 8.49
N GLU B 495 -40.13 -28.42 8.02
CA GLU B 495 -40.12 -29.43 6.97
C GLU B 495 -39.62 -28.86 5.66
N ILE B 496 -39.87 -27.57 5.40
CA ILE B 496 -39.35 -26.93 4.20
C ILE B 496 -37.83 -26.89 4.25
N GLU B 497 -37.26 -26.48 5.39
CA GLU B 497 -35.82 -26.47 5.53
C GLU B 497 -35.23 -27.87 5.42
N GLY B 498 -35.92 -28.86 6.01
CA GLY B 498 -35.44 -30.23 5.90
C GLY B 498 -35.42 -30.74 4.47
N LYS B 499 -36.48 -30.44 3.71
CA LYS B 499 -36.51 -30.85 2.31
C LYS B 499 -35.44 -30.14 1.51
N LEU B 500 -35.22 -28.85 1.76
CA LEU B 500 -34.15 -28.12 1.06
C LEU B 500 -32.79 -28.71 1.39
N LYS B 501 -32.55 -29.04 2.67
CA LYS B 501 -31.29 -29.63 3.07
C LYS B 501 -31.08 -30.98 2.39
N GLY B 502 -32.12 -31.81 2.35
CA GLY B 502 -32.03 -33.08 1.67
C GLY B 502 -31.73 -32.91 0.19
N ILE B 503 -32.37 -31.92 -0.44
CA ILE B 503 -32.13 -31.65 -1.85
C ILE B 503 -30.68 -31.25 -2.07
N LEU B 504 -30.16 -30.38 -1.20
CA LEU B 504 -28.78 -29.94 -1.35
C LEU B 504 -27.80 -31.10 -1.19
N ASP B 505 -28.03 -31.94 -0.17
CA ASP B 505 -27.15 -33.09 0.04
C ASP B 505 -27.19 -34.04 -1.15
N SER B 506 -28.39 -34.32 -1.66
CA SER B 506 -28.51 -35.25 -2.78
C SER B 506 -27.83 -34.69 -4.02
N PHE B 507 -28.03 -33.40 -4.30
CA PHE B 507 -27.38 -32.79 -5.45
C PHE B 507 -25.86 -32.83 -5.30
N LYS B 508 -25.35 -32.44 -4.14
CA LYS B 508 -23.91 -32.34 -3.96
C LYS B 508 -23.25 -33.71 -3.99
N ALA B 509 -23.96 -34.76 -3.55
CA ALA B 509 -23.41 -36.10 -3.64
C ALA B 509 -23.48 -36.64 -5.06
N THR B 510 -24.69 -36.74 -5.62
CA THR B 510 -24.90 -37.48 -6.85
C THR B 510 -24.40 -36.75 -8.09
N GLN B 511 -24.57 -35.43 -8.16
CA GLN B 511 -24.48 -34.72 -9.41
C GLN B 511 -23.06 -34.17 -9.62
N SER B 512 -22.85 -33.57 -10.79
CA SER B 512 -21.58 -32.97 -11.16
C SER B 512 -21.85 -31.62 -11.80
N TRP B 513 -21.04 -30.62 -11.43
CA TRP B 513 -21.28 -29.26 -11.91
C TRP B 513 -20.98 -29.16 -13.40
N GLN C 2 -39.57 47.16 -19.42
CA GLN C 2 -40.45 48.22 -18.91
C GLN C 2 -41.18 47.76 -17.67
N LEU C 3 -41.02 48.51 -16.59
CA LEU C 3 -41.73 48.23 -15.34
C LEU C 3 -41.90 49.53 -14.58
N ASN C 4 -42.92 49.55 -13.72
CA ASN C 4 -43.24 50.76 -12.97
C ASN C 4 -42.22 50.98 -11.87
N SER C 5 -41.89 52.25 -11.61
CA SER C 5 -40.97 52.65 -10.56
C SER C 5 -41.68 53.71 -9.72
N THR C 6 -42.42 53.26 -8.71
CA THR C 6 -43.17 54.12 -7.80
C THR C 6 -44.15 55.03 -8.54
N GLU C 7 -44.59 54.63 -9.73
CA GLU C 7 -45.62 55.34 -10.48
C GLU C 7 -46.97 54.74 -10.12
N ILE C 8 -47.63 55.33 -9.12
CA ILE C 8 -48.91 54.83 -8.62
C ILE C 8 -49.95 55.93 -8.78
N SER C 9 -51.22 55.52 -8.85
CA SER C 9 -52.28 56.40 -9.34
C SER C 9 -52.42 57.66 -8.50
N GLU C 10 -52.45 57.54 -7.17
CA GLU C 10 -52.81 58.71 -6.37
C GLU C 10 -51.67 59.72 -6.30
N LEU C 11 -50.42 59.28 -6.29
CA LEU C 11 -49.31 60.23 -6.32
C LEU C 11 -49.29 60.99 -7.65
N ILE C 12 -49.54 60.29 -8.75
CA ILE C 12 -49.61 60.93 -10.04
C ILE C 12 -50.75 61.94 -10.08
N LYS C 13 -51.89 61.59 -9.48
CA LYS C 13 -53.02 62.53 -9.45
C LYS C 13 -52.67 63.77 -8.64
N GLN C 14 -51.98 63.59 -7.51
CA GLN C 14 -51.50 64.74 -6.75
C GLN C 14 -50.60 65.63 -7.59
N ARG C 15 -49.66 65.02 -8.31
CA ARG C 15 -48.78 65.81 -9.18
C ARG C 15 -49.57 66.49 -10.30
N ILE C 16 -50.66 65.86 -10.75
CA ILE C 16 -51.54 66.47 -11.74
C ILE C 16 -52.13 67.76 -11.19
N ALA C 17 -52.65 67.70 -9.95
CA ALA C 17 -53.29 68.86 -9.36
C ALA C 17 -52.30 70.02 -9.20
N GLN C 18 -51.17 69.76 -8.57
CA GLN C 18 -50.13 70.79 -8.38
C GLN C 18 -48.78 70.11 -8.49
N PHE C 19 -48.01 70.48 -9.51
CA PHE C 19 -46.75 69.80 -9.78
C PHE C 19 -45.72 70.10 -8.70
N ASN C 20 -45.73 71.30 -8.13
CA ASN C 20 -44.70 71.73 -7.18
C ASN C 20 -45.04 71.26 -5.77
N VAL C 21 -45.11 69.93 -5.61
CA VAL C 21 -45.36 69.33 -4.32
C VAL C 21 -44.23 69.55 -3.33
N VAL C 22 -43.11 70.13 -3.77
CA VAL C 22 -42.00 70.45 -2.86
C VAL C 22 -42.43 71.44 -1.80
N SER C 23 -43.57 72.11 -1.97
CA SER C 23 -44.06 73.07 -0.99
C SER C 23 -44.28 72.43 0.37
N GLU C 24 -44.47 71.11 0.42
CA GLU C 24 -44.61 70.39 1.67
C GLU C 24 -43.25 70.20 2.32
N ALA C 25 -43.24 70.13 3.65
CA ALA C 25 -41.99 70.03 4.39
C ALA C 25 -41.21 68.79 3.99
N HIS C 26 -39.89 68.95 3.87
CA HIS C 26 -39.00 67.83 3.57
C HIS C 26 -38.85 66.88 4.75
N ASN C 27 -39.36 67.25 5.92
CA ASN C 27 -39.09 66.52 7.14
C ASN C 27 -39.87 65.22 7.25
N GLU C 28 -40.85 64.99 6.39
CA GLU C 28 -41.74 63.84 6.55
C GLU C 28 -41.94 63.14 5.22
N GLY C 29 -42.48 61.92 5.31
CA GLY C 29 -42.76 61.12 4.14
C GLY C 29 -43.70 59.99 4.51
N THR C 30 -44.00 59.15 3.52
CA THR C 30 -44.96 58.07 3.69
C THR C 30 -44.39 56.76 3.19
N ILE C 31 -44.71 55.67 3.89
CA ILE C 31 -44.31 54.34 3.46
C ILE C 31 -45.12 53.95 2.23
N VAL C 32 -44.44 53.39 1.22
CA VAL C 32 -45.11 52.91 0.02
C VAL C 32 -44.95 51.41 -0.18
N SER C 33 -44.06 50.76 0.57
CA SER C 33 -43.86 49.32 0.42
C SER C 33 -43.31 48.75 1.71
N VAL C 34 -43.69 47.52 2.01
CA VAL C 34 -43.21 46.80 3.18
C VAL C 34 -42.93 45.37 2.76
N SER C 35 -41.71 44.90 3.00
CA SER C 35 -41.36 43.53 2.63
C SER C 35 -40.08 43.12 3.34
N ASP C 36 -40.15 42.00 4.06
CA ASP C 36 -38.97 41.33 4.63
C ASP C 36 -38.18 42.24 5.56
N GLY C 37 -38.82 43.20 6.20
CA GLY C 37 -38.15 44.10 7.11
C GLY C 37 -37.59 45.35 6.46
N VAL C 38 -37.69 45.49 5.15
CA VAL C 38 -37.24 46.67 4.43
C VAL C 38 -38.45 47.43 3.94
N ILE C 39 -38.43 48.75 4.12
CA ILE C 39 -39.53 49.61 3.72
C ILE C 39 -39.01 50.65 2.73
N ARG C 40 -39.88 51.06 1.81
CA ARG C 40 -39.60 52.13 0.88
C ARG C 40 -40.43 53.34 1.28
N ILE C 41 -39.79 54.51 1.36
CA ILE C 41 -40.44 55.72 1.84
C ILE C 41 -40.45 56.75 0.72
N HIS C 42 -41.60 57.34 0.47
CA HIS C 42 -41.74 58.40 -0.52
C HIS C 42 -41.71 59.74 0.20
N GLY C 43 -40.85 60.63 -0.28
CA GLY C 43 -40.64 61.91 0.39
C GLY C 43 -39.32 61.95 1.12
N LEU C 44 -39.29 62.57 2.30
CA LEU C 44 -38.07 62.68 3.10
C LEU C 44 -36.93 63.30 2.31
N ALA C 45 -37.21 64.46 1.71
CA ALA C 45 -36.22 65.10 0.85
C ALA C 45 -34.94 65.44 1.58
N ASP C 46 -35.00 65.61 2.90
CA ASP C 46 -33.83 65.97 3.69
C ASP C 46 -33.17 64.80 4.40
N ALA C 47 -33.56 63.58 4.07
CA ALA C 47 -32.94 62.41 4.70
C ALA C 47 -31.47 62.32 4.31
N MET C 48 -30.68 61.70 5.18
CA MET C 48 -29.26 61.52 4.95
C MET C 48 -28.85 60.11 5.34
N GLN C 49 -27.73 59.66 4.78
CA GLN C 49 -27.25 58.31 5.02
C GLN C 49 -27.08 58.03 6.50
N GLY C 50 -27.65 56.92 6.95
CA GLY C 50 -27.52 56.51 8.33
C GLY C 50 -28.44 57.24 9.29
N GLU C 51 -29.31 58.10 8.80
CA GLU C 51 -30.19 58.86 9.67
C GLU C 51 -31.26 57.94 10.28
N MET C 52 -31.64 58.26 11.51
CA MET C 52 -32.71 57.52 12.17
C MET C 52 -34.05 58.10 11.79
N ILE C 53 -34.93 57.25 11.27
CA ILE C 53 -36.27 57.65 10.87
C ILE C 53 -37.26 57.07 11.86
N SER C 54 -38.08 57.95 12.45
CA SER C 54 -39.00 57.54 13.51
C SER C 54 -40.25 56.94 12.91
N LEU C 55 -40.64 55.77 13.40
CA LEU C 55 -41.82 55.05 12.95
C LEU C 55 -42.90 55.07 14.02
N PRO C 56 -44.17 54.89 13.63
CA PRO C 56 -45.22 54.76 14.64
C PRO C 56 -44.96 53.56 15.54
N GLY C 57 -45.28 53.72 16.82
CA GLY C 57 -44.95 52.73 17.81
C GLY C 57 -43.57 52.88 18.43
N ASN C 58 -42.97 54.06 18.33
CA ASN C 58 -41.66 54.34 18.91
C ASN C 58 -40.60 53.36 18.40
N ARG C 59 -40.67 53.06 17.11
CA ARG C 59 -39.65 52.28 16.43
C ARG C 59 -38.82 53.18 15.53
N TYR C 60 -37.69 52.67 15.07
CA TYR C 60 -36.78 53.44 14.24
C TYR C 60 -36.32 52.62 13.05
N ALA C 61 -36.01 53.33 11.97
CA ALA C 61 -35.44 52.74 10.77
C ALA C 61 -34.24 53.55 10.34
N ILE C 62 -33.27 52.87 9.74
CA ILE C 62 -32.04 53.49 9.28
C ILE C 62 -32.13 53.69 7.78
N ALA C 63 -31.96 54.93 7.33
CA ALA C 63 -31.96 55.25 5.91
C ALA C 63 -30.63 54.82 5.30
N LEU C 64 -30.66 53.83 4.42
CA LEU C 64 -29.44 53.33 3.80
C LEU C 64 -29.37 53.60 2.31
N ASN C 65 -30.47 53.51 1.58
CA ASN C 65 -30.49 53.78 0.15
C ASN C 65 -31.25 55.06 -0.10
N LEU C 66 -30.53 56.10 -0.49
CA LEU C 66 -31.16 57.36 -0.91
C LEU C 66 -31.22 57.34 -2.43
N GLU C 67 -32.41 57.06 -2.96
CA GLU C 67 -32.60 56.96 -4.39
C GLU C 67 -33.29 58.21 -4.91
N ARG C 68 -33.37 58.32 -6.24
CA ARG C 68 -33.86 59.54 -6.86
C ARG C 68 -35.33 59.82 -6.57
N ASP C 69 -36.08 58.82 -6.14
CA ASP C 69 -37.51 59.00 -5.87
C ASP C 69 -37.97 58.50 -4.52
N SER C 70 -37.18 57.66 -3.84
CA SER C 70 -37.64 57.07 -2.60
C SER C 70 -36.44 56.67 -1.76
N VAL C 71 -36.69 56.49 -0.47
CA VAL C 71 -35.65 56.17 0.51
C VAL C 71 -35.87 54.74 0.99
N GLY C 72 -34.83 53.92 0.91
CA GLY C 72 -34.90 52.58 1.42
C GLY C 72 -34.38 52.47 2.84
N ALA C 73 -35.22 52.01 3.76
CA ALA C 73 -34.86 51.97 5.16
C ALA C 73 -35.14 50.59 5.72
N VAL C 74 -34.36 50.22 6.73
CA VAL C 74 -34.46 48.91 7.38
C VAL C 74 -35.00 49.11 8.79
N VAL C 75 -36.00 48.33 9.16
CA VAL C 75 -36.67 48.49 10.44
C VAL C 75 -35.84 47.85 11.53
N MET C 76 -35.55 48.61 12.58
CA MET C 76 -34.79 48.11 13.73
C MET C 76 -35.71 47.52 14.79
N GLY C 77 -36.53 46.55 14.39
CA GLY C 77 -37.45 45.91 15.29
C GLY C 77 -38.50 45.13 14.53
N PRO C 78 -39.59 44.75 15.22
CA PRO C 78 -40.69 44.09 14.52
C PRO C 78 -41.26 44.99 13.44
N TYR C 79 -41.54 44.39 12.29
CA TYR C 79 -42.02 45.12 11.13
C TYR C 79 -43.36 44.66 10.59
N ALA C 80 -43.89 43.54 11.08
CA ALA C 80 -45.04 42.92 10.43
C ALA C 80 -46.30 43.77 10.49
N ASP C 81 -46.39 44.70 11.43
CA ASP C 81 -47.60 45.50 11.56
C ASP C 81 -47.56 46.79 10.74
N LEU C 82 -46.42 47.15 10.18
CA LEU C 82 -46.36 48.35 9.37
C LEU C 82 -47.17 48.16 8.09
N ALA C 83 -47.73 49.27 7.61
CA ALA C 83 -48.52 49.25 6.38
C ALA C 83 -48.23 50.51 5.59
N GLU C 84 -48.39 50.40 4.27
CA GLU C 84 -48.14 51.54 3.41
C GLU C 84 -49.11 52.67 3.72
N GLY C 85 -48.64 53.90 3.54
CA GLY C 85 -49.41 55.07 3.90
C GLY C 85 -49.20 55.58 5.31
N MET C 86 -48.43 54.86 6.13
CA MET C 86 -48.07 55.37 7.45
C MET C 86 -47.12 56.56 7.32
N LYS C 87 -47.37 57.59 8.11
CA LYS C 87 -46.48 58.74 8.14
C LYS C 87 -45.19 58.42 8.88
N VAL C 88 -44.09 59.01 8.41
CA VAL C 88 -42.79 58.88 9.05
C VAL C 88 -42.16 60.27 9.11
N LYS C 89 -41.36 60.50 10.14
CA LYS C 89 -40.68 61.77 10.34
C LYS C 89 -39.19 61.52 10.53
N ALA C 90 -38.38 62.23 9.76
CA ALA C 90 -36.93 62.05 9.80
C ALA C 90 -36.35 62.87 10.96
N THR C 91 -36.01 62.19 12.06
CA THR C 91 -35.23 62.84 13.10
C THR C 91 -33.83 63.09 12.58
N GLY C 92 -33.31 64.29 12.83
CA GLY C 92 -32.02 64.66 12.28
C GLY C 92 -30.84 64.12 13.06
N ARG C 93 -30.95 62.88 13.55
CA ARG C 93 -29.94 62.30 14.41
C ARG C 93 -29.37 61.03 13.77
N ILE C 94 -28.05 60.87 13.90
CA ILE C 94 -27.42 59.60 13.56
C ILE C 94 -27.61 58.64 14.73
N LEU C 95 -27.50 57.34 14.43
CA LEU C 95 -27.71 56.31 15.45
C LEU C 95 -26.73 56.51 16.60
N GLU C 96 -27.26 56.62 17.81
CA GLU C 96 -26.47 56.86 19.00
C GLU C 96 -26.91 55.91 20.10
N VAL C 97 -25.96 55.55 20.96
CA VAL C 97 -26.24 54.64 22.07
C VAL C 97 -25.75 55.24 23.37
N PRO C 98 -26.41 54.97 24.49
CA PRO C 98 -25.89 55.42 25.78
C PRO C 98 -24.54 54.79 26.09
N VAL C 99 -23.69 55.56 26.76
CA VAL C 99 -22.37 55.11 27.19
C VAL C 99 -22.13 55.58 28.61
N GLY C 100 -21.21 54.91 29.29
CA GLY C 100 -20.83 55.31 30.63
C GLY C 100 -20.52 54.10 31.48
N ARG C 101 -20.10 54.39 32.71
CA ARG C 101 -19.74 53.33 33.65
C ARG C 101 -20.96 52.59 34.16
N GLY C 102 -22.10 53.27 34.26
CA GLY C 102 -23.30 52.63 34.78
C GLY C 102 -23.71 51.41 33.99
N LEU C 103 -23.33 51.34 32.72
CA LEU C 103 -23.69 50.20 31.89
C LEU C 103 -23.10 48.90 32.43
N LEU C 104 -22.02 48.99 33.21
CA LEU C 104 -21.36 47.79 33.71
C LEU C 104 -22.31 46.92 34.50
N GLY C 105 -22.26 45.61 34.23
CA GLY C 105 -23.12 44.68 34.90
C GLY C 105 -24.52 44.58 34.33
N ARG C 106 -24.81 45.32 33.26
CA ARG C 106 -26.14 45.37 32.68
C ARG C 106 -26.18 44.64 31.35
N VAL C 107 -27.35 44.11 31.01
CA VAL C 107 -27.58 43.44 29.73
C VAL C 107 -28.47 44.35 28.90
N VAL C 108 -27.98 44.74 27.74
CA VAL C 108 -28.70 45.69 26.89
C VAL C 108 -28.73 45.16 25.47
N ASN C 109 -29.73 45.58 24.71
CA ASN C 109 -29.76 45.29 23.29
C ASN C 109 -28.91 46.30 22.54
N THR C 110 -28.80 46.14 21.22
CA THR C 110 -27.95 47.01 20.43
C THR C 110 -28.42 48.46 20.42
N LEU C 111 -29.66 48.72 20.81
CA LEU C 111 -30.15 50.09 20.93
C LEU C 111 -29.84 50.72 22.29
N GLY C 112 -29.20 49.97 23.18
CA GLY C 112 -28.95 50.47 24.52
C GLY C 112 -30.11 50.38 25.47
N ALA C 113 -31.18 49.70 25.08
CA ALA C 113 -32.29 49.46 25.99
C ALA C 113 -31.97 48.25 26.86
N PRO C 114 -32.05 48.37 28.19
CA PRO C 114 -31.78 47.22 29.05
C PRO C 114 -32.85 46.15 28.89
N ILE C 115 -32.41 44.90 28.90
CA ILE C 115 -33.31 43.75 28.80
C ILE C 115 -33.19 42.82 29.99
N ASP C 116 -32.37 43.16 30.98
CA ASP C 116 -32.19 42.31 32.15
C ASP C 116 -33.35 42.43 33.13
N GLY C 117 -34.17 43.47 33.00
CA GLY C 117 -35.25 43.71 33.94
C GLY C 117 -34.84 44.43 35.20
N LYS C 118 -33.63 44.96 35.29
CA LYS C 118 -33.13 45.62 36.48
C LYS C 118 -33.24 47.13 36.43
N GLY C 119 -34.25 47.65 35.72
CA GLY C 119 -34.51 49.07 35.70
C GLY C 119 -33.68 49.85 34.70
N PRO C 120 -33.89 51.16 34.67
CA PRO C 120 -33.24 52.00 33.66
C PRO C 120 -31.73 52.03 33.83
N LEU C 121 -31.06 52.62 32.83
CA LEU C 121 -29.61 52.72 32.79
C LEU C 121 -29.17 54.11 33.19
N ASP C 122 -28.27 54.18 34.17
CA ASP C 122 -27.53 55.40 34.42
C ASP C 122 -26.38 55.49 33.43
N HIS C 123 -26.27 56.61 32.73
CA HIS C 123 -25.32 56.71 31.63
C HIS C 123 -24.80 58.13 31.51
N ASP C 124 -23.56 58.24 31.04
CA ASP C 124 -22.89 59.51 30.83
C ASP C 124 -23.03 60.01 29.39
N GLY C 125 -24.27 60.19 28.95
CA GLY C 125 -24.51 60.72 27.62
C GLY C 125 -24.54 59.65 26.55
N PHE C 126 -24.36 60.10 25.31
CA PHE C 126 -24.51 59.25 24.14
C PHE C 126 -23.34 59.43 23.19
N SER C 127 -23.07 58.40 22.40
CA SER C 127 -22.02 58.42 21.39
C SER C 127 -22.56 57.86 20.08
N ALA C 128 -22.07 58.39 18.97
CA ALA C 128 -22.51 57.90 17.67
C ALA C 128 -22.05 56.47 17.46
N VAL C 129 -22.93 55.63 16.93
CA VAL C 129 -22.56 54.24 16.66
C VAL C 129 -21.46 54.18 15.61
N GLU C 130 -21.61 54.95 14.53
CA GLU C 130 -20.58 55.01 13.50
C GLU C 130 -19.54 56.06 13.88
N ALA C 131 -18.26 55.68 13.83
CA ALA C 131 -17.18 56.57 14.22
C ALA C 131 -15.94 56.24 13.40
N ILE C 132 -14.97 57.15 13.45
CA ILE C 132 -13.72 57.02 12.71
C ILE C 132 -12.61 56.66 13.69
N ALA C 133 -11.80 55.67 13.33
CA ALA C 133 -10.73 55.22 14.20
C ALA C 133 -9.65 56.31 14.31
N PRO C 134 -8.90 56.33 15.42
CA PRO C 134 -7.79 57.28 15.54
C PRO C 134 -6.75 57.10 14.45
N GLY C 135 -6.17 58.22 14.02
CA GLY C 135 -5.22 58.19 12.94
C GLY C 135 -3.88 57.59 13.33
N VAL C 136 -2.99 57.53 12.34
CA VAL C 136 -1.68 56.89 12.53
C VAL C 136 -0.90 57.60 13.62
N ILE C 137 -0.91 58.94 13.61
CA ILE C 137 -0.07 59.68 14.55
C ILE C 137 -0.58 59.53 15.98
N GLU C 138 -1.87 59.25 16.15
CA GLU C 138 -2.43 59.15 17.50
C GLU C 138 -2.06 57.83 18.18
N ARG C 139 -1.83 56.77 17.41
CA ARG C 139 -1.58 55.46 17.99
C ARG C 139 -0.27 55.44 18.77
N GLN C 140 -0.17 54.45 19.66
CA GLN C 140 1.07 54.17 20.37
C GLN C 140 1.30 52.66 20.38
N SER C 141 2.57 52.26 20.35
CA SER C 141 2.93 50.86 20.26
C SER C 141 2.44 50.09 21.49
N VAL C 142 1.95 48.88 21.26
CA VAL C 142 1.39 48.05 22.32
C VAL C 142 2.51 47.30 23.02
N ASP C 143 2.64 47.53 24.34
CA ASP C 143 3.66 46.83 25.11
C ASP C 143 3.13 46.45 26.49
N GLN C 144 1.84 46.19 26.60
CA GLN C 144 1.27 45.88 27.90
C GLN C 144 0.44 44.61 27.84
N PRO C 145 0.50 43.77 28.88
CA PRO C 145 -0.08 42.43 28.79
C PRO C 145 -1.57 42.39 29.08
N VAL C 146 -2.25 41.49 28.38
CA VAL C 146 -3.60 41.07 28.71
C VAL C 146 -3.54 39.57 28.99
N GLN C 147 -3.86 39.18 30.21
CA GLN C 147 -3.73 37.79 30.63
C GLN C 147 -5.06 37.05 30.42
N THR C 148 -5.03 36.03 29.56
CA THR C 148 -6.21 35.20 29.34
C THR C 148 -6.40 34.15 30.44
N GLY C 149 -5.35 33.83 31.18
CA GLY C 149 -5.43 32.79 32.19
C GLY C 149 -5.24 31.39 31.67
N TYR C 150 -4.98 31.22 30.38
CA TYR C 150 -4.68 29.93 29.80
C TYR C 150 -3.18 29.82 29.55
N LYS C 151 -2.58 28.71 29.99
CA LYS C 151 -1.14 28.55 29.88
C LYS C 151 -0.68 28.62 28.43
N ALA C 152 -1.36 27.90 27.54
CA ALA C 152 -0.95 27.88 26.15
C ALA C 152 -1.03 29.26 25.51
N VAL C 153 -2.17 29.93 25.69
CA VAL C 153 -2.38 31.24 25.07
C VAL C 153 -1.41 32.26 25.63
N ASP C 154 -1.34 32.36 26.96
CA ASP C 154 -0.47 33.37 27.58
C ASP C 154 1.00 33.09 27.32
N SER C 155 1.36 31.83 27.07
CA SER C 155 2.75 31.50 26.83
C SER C 155 3.16 31.75 25.39
N MET C 156 2.53 31.04 24.44
CA MET C 156 2.97 31.11 23.05
C MET C 156 2.29 32.21 22.26
N ILE C 157 1.12 32.67 22.70
CA ILE C 157 0.34 33.64 21.92
C ILE C 157 0.02 34.86 22.77
N PRO C 158 1.01 35.70 23.08
CA PRO C 158 0.75 36.86 23.93
C PRO C 158 -0.26 37.81 23.30
N ILE C 159 -1.15 38.34 24.12
CA ILE C 159 -2.12 39.34 23.71
C ILE C 159 -1.80 40.64 24.41
N GLY C 160 -1.62 41.71 23.64
CA GLY C 160 -1.28 43.00 24.18
C GLY C 160 -2.47 43.94 24.23
N ARG C 161 -2.40 44.92 25.13
CA ARG C 161 -3.47 45.89 25.30
C ARG C 161 -3.59 46.75 24.05
N GLY C 162 -4.69 46.61 23.32
CA GLY C 162 -4.87 47.29 22.06
C GLY C 162 -4.61 46.44 20.84
N GLN C 163 -4.37 45.15 21.01
CA GLN C 163 -4.18 44.24 19.90
C GLN C 163 -5.51 43.64 19.47
N ARG C 164 -5.58 43.22 18.21
CA ARG C 164 -6.71 42.47 17.68
C ARG C 164 -6.26 41.03 17.49
N GLU C 165 -6.89 40.11 18.21
CA GLU C 165 -6.52 38.70 18.19
C GLU C 165 -7.72 37.88 17.74
N LEU C 166 -7.64 37.30 16.55
CA LEU C 166 -8.75 36.55 15.98
C LEU C 166 -8.79 35.15 16.56
N ILE C 167 -9.91 34.81 17.20
CA ILE C 167 -10.18 33.43 17.56
C ILE C 167 -10.94 32.78 16.42
N ILE C 168 -10.39 31.70 15.86
CA ILE C 168 -10.93 31.09 14.66
C ILE C 168 -10.88 29.57 14.82
N GLY C 169 -11.93 28.90 14.36
CA GLY C 169 -11.98 27.45 14.45
C GLY C 169 -13.35 26.95 14.08
N ASP C 170 -13.45 25.62 13.99
CA ASP C 170 -14.69 25.00 13.60
C ASP C 170 -15.70 25.02 14.75
N ARG C 171 -16.93 24.61 14.44
CA ARG C 171 -18.00 24.62 15.43
C ARG C 171 -17.68 23.67 16.58
N GLN C 172 -18.14 24.04 17.77
CA GLN C 172 -17.97 23.24 18.98
C GLN C 172 -16.51 22.88 19.23
N THR C 173 -15.65 23.90 19.21
CA THR C 173 -14.25 23.72 19.53
C THR C 173 -13.79 24.52 20.74
N GLY C 174 -14.67 25.29 21.37
CA GLY C 174 -14.33 26.01 22.58
C GLY C 174 -13.99 27.47 22.40
N LYS C 175 -14.33 28.08 21.26
CA LYS C 175 -14.06 29.50 21.06
C LYS C 175 -14.76 30.35 22.10
N THR C 176 -16.06 30.10 22.31
CA THR C 176 -16.82 30.87 23.28
C THR C 176 -16.26 30.67 24.69
N ALA C 177 -15.90 29.43 25.02
CA ALA C 177 -15.33 29.16 26.33
C ALA C 177 -14.04 29.95 26.55
N LEU C 178 -13.17 29.97 25.55
CA LEU C 178 -11.92 30.72 25.67
C LEU C 178 -12.19 32.21 25.83
N ALA C 179 -13.14 32.74 25.05
CA ALA C 179 -13.46 34.16 25.14
C ALA C 179 -13.99 34.51 26.53
N ILE C 180 -14.94 33.73 27.03
CA ILE C 180 -15.54 34.08 28.32
C ILE C 180 -14.54 33.85 29.45
N ASP C 181 -13.65 32.86 29.33
CA ASP C 181 -12.62 32.70 30.35
C ASP C 181 -11.64 33.87 30.34
N ALA C 182 -11.30 34.38 29.16
CA ALA C 182 -10.49 35.59 29.11
C ALA C 182 -11.23 36.76 29.75
N ILE C 183 -12.55 36.79 29.60
CA ILE C 183 -13.35 37.80 30.30
C ILE C 183 -13.25 37.61 31.81
N ILE C 184 -13.32 36.37 32.27
CA ILE C 184 -13.30 36.08 33.71
C ILE C 184 -11.98 36.54 34.33
N ASN C 185 -10.88 36.26 33.65
CA ASN C 185 -9.57 36.52 34.26
C ASN C 185 -9.34 38.00 34.53
N GLN C 186 -9.98 38.88 33.78
CA GLN C 186 -9.83 40.31 33.99
C GLN C 186 -10.65 40.85 35.15
N ARG C 187 -11.23 39.96 35.97
CA ARG C 187 -12.12 40.41 37.03
C ARG C 187 -11.38 41.26 38.05
N ASP C 188 -10.13 40.92 38.35
CA ASP C 188 -9.34 41.63 39.35
C ASP C 188 -8.32 42.58 38.75
N SER C 189 -8.26 42.68 37.43
CA SER C 189 -7.39 43.65 36.78
C SER C 189 -8.17 44.93 36.46
N GLY C 190 -7.45 45.92 35.93
CA GLY C 190 -8.07 47.17 35.57
C GLY C 190 -8.86 47.16 34.28
N ILE C 191 -8.78 46.09 33.51
CA ILE C 191 -9.42 46.01 32.21
C ILE C 191 -10.90 45.71 32.38
N LYS C 192 -11.74 46.44 31.64
CA LYS C 192 -13.17 46.25 31.66
C LYS C 192 -13.62 45.54 30.39
N ALA C 193 -14.51 44.57 30.53
CA ALA C 193 -14.89 43.67 29.44
C ALA C 193 -16.25 44.03 28.88
N ILE C 194 -16.39 43.85 27.56
CA ILE C 194 -17.66 43.95 26.86
C ILE C 194 -17.85 42.69 26.05
N TYR C 195 -18.99 42.02 26.20
CA TYR C 195 -19.31 40.81 25.46
C TYR C 195 -20.48 41.10 24.54
N VAL C 196 -20.26 40.95 23.23
CA VAL C 196 -21.26 41.26 22.22
C VAL C 196 -21.71 39.95 21.59
N ALA C 197 -23.00 39.64 21.75
CA ALA C 197 -23.58 38.41 21.20
C ALA C 197 -24.36 38.75 19.94
N ILE C 198 -23.92 38.24 18.80
CA ILE C 198 -24.58 38.44 17.53
C ILE C 198 -25.16 37.11 17.07
N GLY C 199 -26.47 37.08 16.84
CA GLY C 199 -27.13 35.91 16.30
C GLY C 199 -27.18 34.70 17.22
N GLN C 200 -26.80 34.84 18.49
CA GLN C 200 -26.90 33.74 19.43
C GLN C 200 -28.34 33.53 19.85
N LYS C 201 -28.68 32.30 20.21
CA LYS C 201 -29.99 32.03 20.79
C LYS C 201 -30.01 32.47 22.24
N ALA C 202 -31.18 32.96 22.69
CA ALA C 202 -31.27 33.64 23.97
C ALA C 202 -30.89 32.74 25.13
N SER C 203 -31.19 31.45 25.05
CA SER C 203 -30.87 30.54 26.15
C SER C 203 -29.36 30.48 26.38
N THR C 204 -28.59 30.42 25.30
CA THR C 204 -27.14 30.40 25.43
C THR C 204 -26.63 31.66 26.11
N ILE C 205 -27.19 32.82 25.75
CA ILE C 205 -26.74 34.07 26.36
C ILE C 205 -27.11 34.11 27.84
N SER C 206 -28.30 33.62 28.18
CA SER C 206 -28.68 33.58 29.59
C SER C 206 -27.74 32.68 30.38
N ASN C 207 -27.37 31.54 29.81
CA ASN C 207 -26.43 30.64 30.49
C ASN C 207 -25.06 31.28 30.63
N VAL C 208 -24.61 32.00 29.60
CA VAL C 208 -23.31 32.66 29.67
C VAL C 208 -23.31 33.73 30.77
N VAL C 209 -24.39 34.52 30.83
CA VAL C 209 -24.48 35.54 31.87
C VAL C 209 -24.52 34.88 33.25
N ARG C 210 -25.19 33.74 33.36
CA ARG C 210 -25.22 33.04 34.64
C ARG C 210 -23.83 32.58 35.05
N LYS C 211 -23.06 32.04 34.12
CA LYS C 211 -21.70 31.64 34.43
C LYS C 211 -20.82 32.84 34.78
N LEU C 212 -21.04 33.97 34.11
CA LEU C 212 -20.28 35.18 34.43
C LEU C 212 -20.56 35.64 35.85
N GLU C 213 -21.83 35.63 36.24
CA GLU C 213 -22.18 36.07 37.59
C GLU C 213 -21.73 35.06 38.64
N GLU C 214 -21.69 33.78 38.29
CA GLU C 214 -21.28 32.75 39.24
C GLU C 214 -19.84 32.96 39.69
N HIS C 215 -18.94 33.27 38.76
CA HIS C 215 -17.54 33.50 39.08
C HIS C 215 -17.24 34.97 39.40
N GLY C 216 -18.25 35.83 39.41
CA GLY C 216 -18.09 37.18 39.89
C GLY C 216 -17.58 38.20 38.91
N ALA C 217 -17.50 37.87 37.62
CA ALA C 217 -17.01 38.81 36.63
C ALA C 217 -18.10 39.71 36.05
N LEU C 218 -19.37 39.39 36.29
CA LEU C 218 -20.46 40.15 35.67
C LEU C 218 -20.41 41.63 36.07
N ALA C 219 -19.97 41.92 37.29
CA ALA C 219 -19.92 43.30 37.74
C ALA C 219 -18.96 44.15 36.92
N ASN C 220 -18.06 43.52 36.17
CA ASN C 220 -17.10 44.23 35.35
C ASN C 220 -17.38 44.13 33.85
N THR C 221 -18.52 43.55 33.47
CA THR C 221 -18.80 43.24 32.08
C THR C 221 -20.08 43.92 31.62
N ILE C 222 -20.05 44.43 30.39
CA ILE C 222 -21.23 44.93 29.70
C ILE C 222 -21.62 43.92 28.64
N VAL C 223 -22.89 43.54 28.62
CA VAL C 223 -23.39 42.52 27.70
C VAL C 223 -24.31 43.19 26.70
N VAL C 224 -23.98 43.09 25.42
CA VAL C 224 -24.81 43.58 24.33
C VAL C 224 -25.34 42.38 23.58
N VAL C 225 -26.65 42.30 23.41
CA VAL C 225 -27.31 41.09 22.92
C VAL C 225 -28.14 41.42 21.70
N ALA C 226 -27.97 40.64 20.64
CA ALA C 226 -28.81 40.68 19.45
C ALA C 226 -29.14 39.24 19.11
N THR C 227 -30.26 38.73 19.63
CA THR C 227 -30.57 37.33 19.48
C THR C 227 -30.92 37.01 18.03
N ALA C 228 -30.96 35.70 17.72
CA ALA C 228 -31.18 35.25 16.36
C ALA C 228 -32.54 35.64 15.81
N SER C 229 -33.50 35.95 16.68
CA SER C 229 -34.84 36.29 16.23
C SER C 229 -35.04 37.78 16.00
N GLU C 230 -34.03 38.60 16.27
CA GLU C 230 -34.14 40.04 16.13
C GLU C 230 -33.81 40.48 14.71
N SER C 231 -34.31 41.66 14.34
CA SER C 231 -34.15 42.17 12.99
C SER C 231 -32.68 42.17 12.57
N ALA C 232 -32.45 41.85 11.29
CA ALA C 232 -31.08 41.74 10.79
C ALA C 232 -30.30 43.03 10.97
N ALA C 233 -30.97 44.18 10.92
CA ALA C 233 -30.29 45.45 11.14
C ALA C 233 -29.73 45.52 12.55
N LEU C 234 -30.46 45.00 13.53
CA LEU C 234 -29.97 45.00 14.90
C LEU C 234 -28.72 44.14 15.04
N GLN C 235 -28.73 42.95 14.42
CA GLN C 235 -27.56 42.07 14.49
C GLN C 235 -26.37 42.71 13.81
N TYR C 236 -26.58 43.30 12.63
CA TYR C 236 -25.46 43.88 11.89
C TYR C 236 -24.88 45.10 12.61
N LEU C 237 -25.74 45.94 13.19
CA LEU C 237 -25.25 47.13 13.88
C LEU C 237 -24.71 46.81 15.27
N ALA C 238 -25.08 45.67 15.83
CA ALA C 238 -24.73 45.37 17.22
C ALA C 238 -23.23 45.46 17.53
N PRO C 239 -22.31 44.91 16.75
CA PRO C 239 -20.88 45.06 17.10
C PRO C 239 -20.44 46.51 17.18
N TYR C 240 -20.98 47.36 16.31
CA TYR C 240 -20.58 48.76 16.33
C TYR C 240 -21.02 49.45 17.61
N ALA C 241 -22.20 49.11 18.12
CA ALA C 241 -22.64 49.69 19.39
C ALA C 241 -21.70 49.28 20.52
N GLY C 242 -21.31 48.02 20.57
CA GLY C 242 -20.35 47.58 21.57
C GLY C 242 -19.03 48.30 21.45
N ALA C 243 -18.54 48.48 20.22
CA ALA C 243 -17.31 49.23 20.01
C ALA C 243 -17.45 50.65 20.53
N ALA C 244 -18.58 51.29 20.24
CA ALA C 244 -18.80 52.65 20.73
C ALA C 244 -18.82 52.70 22.25
N MET C 245 -19.41 51.69 22.89
CA MET C 245 -19.37 51.63 24.35
C MET C 245 -17.94 51.45 24.85
N GLY C 246 -17.17 50.59 24.18
CA GLY C 246 -15.79 50.41 24.56
C GLY C 246 -14.94 51.64 24.32
N GLU C 247 -15.21 52.37 23.23
CA GLU C 247 -14.44 53.58 22.94
C GLU C 247 -14.57 54.61 24.05
N TYR C 248 -15.63 54.52 24.85
CA TYR C 248 -15.81 55.45 25.96
C TYR C 248 -14.63 55.39 26.93
N PHE C 249 -14.20 54.17 27.27
CA PHE C 249 -13.08 54.03 28.21
C PHE C 249 -11.74 54.35 27.54
N ARG C 250 -11.59 53.95 26.27
CA ARG C 250 -10.31 54.12 25.60
C ARG C 250 -9.89 55.58 25.53
N ASP C 251 -10.83 56.45 25.19
CA ASP C 251 -10.51 57.86 25.04
C ASP C 251 -10.25 58.55 26.37
N ARG C 252 -10.86 58.07 27.45
CA ARG C 252 -10.65 58.65 28.77
C ARG C 252 -9.36 58.19 29.42
N GLY C 253 -8.67 57.21 28.85
CA GLY C 253 -7.41 56.78 29.41
C GLY C 253 -7.53 55.54 30.28
N GLU C 254 -8.39 54.62 29.87
CA GLU C 254 -8.56 53.35 30.56
C GLU C 254 -8.47 52.22 29.54
N ASP C 255 -8.40 51.00 30.04
CA ASP C 255 -8.26 49.82 29.21
C ASP C 255 -9.56 49.03 29.18
N ALA C 256 -9.96 48.63 27.98
CA ALA C 256 -11.17 47.84 27.78
C ALA C 256 -10.87 46.66 26.88
N LEU C 257 -11.62 45.58 27.08
CA LEU C 257 -11.49 44.36 26.28
C LEU C 257 -12.86 44.01 25.74
N ILE C 258 -13.00 43.95 24.43
CA ILE C 258 -14.29 43.74 23.79
C ILE C 258 -14.22 42.47 22.94
N ILE C 259 -15.24 41.63 23.06
CA ILE C 259 -15.29 40.35 22.35
C ILE C 259 -16.52 40.35 21.44
N TYR C 260 -16.28 40.15 20.14
CA TYR C 260 -17.36 40.04 19.16
C TYR C 260 -17.58 38.56 18.87
N ASP C 261 -18.73 38.05 19.27
CA ASP C 261 -19.06 36.64 19.07
C ASP C 261 -19.66 36.47 17.68
N ASP C 262 -19.04 35.61 16.86
CA ASP C 262 -19.55 35.24 15.54
C ASP C 262 -19.70 36.48 14.63
N LEU C 263 -18.55 37.05 14.28
CA LEU C 263 -18.55 38.10 13.27
C LEU C 263 -19.09 37.59 11.94
N SER C 264 -18.96 36.29 11.70
CA SER C 264 -19.56 35.69 10.50
C SER C 264 -21.07 35.87 10.48
N LYS C 265 -21.71 35.84 11.65
CA LYS C 265 -23.14 36.09 11.70
C LYS C 265 -23.47 37.54 11.38
N GLN C 266 -22.63 38.49 11.82
CA GLN C 266 -22.81 39.87 11.40
C GLN C 266 -22.67 40.00 9.90
N ALA C 267 -21.70 39.30 9.31
CA ALA C 267 -21.54 39.34 7.87
C ALA C 267 -22.75 38.77 7.15
N VAL C 268 -23.33 37.69 7.68
CA VAL C 268 -24.53 37.12 7.08
C VAL C 268 -25.69 38.11 7.16
N ALA C 269 -25.84 38.78 8.30
CA ALA C 269 -26.92 39.75 8.45
C ALA C 269 -26.75 40.91 7.47
N TYR C 270 -25.52 41.39 7.32
CA TYR C 270 -25.27 42.48 6.38
C TYR C 270 -25.51 42.03 4.94
N ARG C 271 -25.16 40.79 4.61
CA ARG C 271 -25.44 40.28 3.27
C ARG C 271 -26.93 40.25 3.02
N GLN C 272 -27.71 39.80 4.00
CA GLN C 272 -29.16 39.79 3.87
C GLN C 272 -29.68 41.20 3.63
N ILE C 273 -29.22 42.16 4.44
CA ILE C 273 -29.66 43.55 4.29
C ILE C 273 -29.33 44.07 2.89
N SER C 274 -28.11 43.81 2.42
CA SER C 274 -27.70 44.31 1.13
C SER C 274 -28.52 43.70 0.00
N LEU C 275 -28.79 42.39 0.08
CA LEU C 275 -29.55 41.74 -0.98
C LEU C 275 -31.01 42.15 -0.98
N LEU C 276 -31.59 42.42 0.19
CA LEU C 276 -32.97 42.90 0.21
C LEU C 276 -33.07 44.31 -0.34
N LEU C 277 -31.99 45.09 -0.24
CA LEU C 277 -31.93 46.43 -0.83
C LEU C 277 -31.48 46.41 -2.29
N ARG C 278 -31.29 45.23 -2.86
CA ARG C 278 -30.91 45.07 -4.27
C ARG C 278 -29.57 45.74 -4.57
N ARG C 279 -28.58 45.47 -3.73
CA ARG C 279 -27.26 45.97 -4.09
C ARG C 279 -26.46 44.88 -4.79
N PRO C 280 -25.60 45.25 -5.74
CA PRO C 280 -24.91 44.25 -6.55
C PRO C 280 -24.12 43.28 -5.69
N PRO C 281 -24.22 41.98 -5.98
CA PRO C 281 -23.50 40.98 -5.18
C PRO C 281 -22.08 40.75 -5.66
N GLY C 282 -21.22 40.38 -4.72
CA GLY C 282 -19.87 39.96 -5.00
C GLY C 282 -19.69 38.47 -4.83
N ARG C 283 -18.43 38.07 -4.61
CA ARG C 283 -18.13 36.66 -4.39
C ARG C 283 -18.92 36.13 -3.20
N GLU C 284 -19.46 34.91 -3.37
CA GLU C 284 -20.28 34.27 -2.33
C GLU C 284 -21.43 35.15 -1.88
N ALA C 285 -21.96 35.95 -2.82
CA ALA C 285 -23.15 36.77 -2.61
C ALA C 285 -22.96 37.87 -1.56
N PHE C 286 -21.77 38.00 -1.01
CA PHE C 286 -21.51 39.12 -0.13
C PHE C 286 -21.41 40.42 -0.94
N PRO C 287 -21.83 41.54 -0.37
CA PRO C 287 -21.73 42.81 -1.10
C PRO C 287 -20.28 43.19 -1.31
N GLY C 288 -20.08 44.21 -2.16
CA GLY C 288 -18.72 44.59 -2.51
C GLY C 288 -17.89 45.05 -1.33
N ASP C 289 -18.49 45.83 -0.44
CA ASP C 289 -17.77 46.44 0.68
C ASP C 289 -17.84 45.60 1.95
N VAL C 290 -17.86 44.27 1.84
CA VAL C 290 -17.88 43.45 3.05
C VAL C 290 -16.56 43.57 3.79
N PHE C 291 -15.45 43.73 3.06
CA PHE C 291 -14.17 43.92 3.73
C PHE C 291 -14.13 45.23 4.49
N TYR C 292 -14.69 46.29 3.90
CA TYR C 292 -14.75 47.58 4.57
C TYR C 292 -15.54 47.49 5.86
N LEU C 293 -16.58 46.67 5.88
CA LEU C 293 -17.43 46.52 7.06
C LEU C 293 -16.63 46.03 8.25
N HIS C 294 -15.89 44.93 8.06
CA HIS C 294 -15.10 44.40 9.16
C HIS C 294 -13.86 45.24 9.42
N SER C 295 -13.30 45.87 8.39
CA SER C 295 -12.06 46.62 8.57
C SER C 295 -12.29 47.86 9.42
N ARG C 296 -13.33 48.63 9.13
CA ARG C 296 -13.55 49.86 9.90
C ARG C 296 -13.98 49.54 11.32
N LEU C 297 -14.63 48.41 11.53
CA LEU C 297 -14.98 47.98 12.89
C LEU C 297 -13.74 47.62 13.69
N LEU C 298 -12.87 46.79 13.13
CA LEU C 298 -11.74 46.27 13.90
C LEU C 298 -10.66 47.32 14.11
N GLU C 299 -10.52 48.26 13.18
CA GLU C 299 -9.49 49.29 13.32
C GLU C 299 -9.74 50.20 14.51
N ARG C 300 -10.96 50.20 15.05
CA ARG C 300 -11.22 51.00 16.25
C ARG C 300 -10.42 50.50 17.44
N ALA C 301 -10.18 49.20 17.53
CA ALA C 301 -9.40 48.65 18.63
C ALA C 301 -7.95 49.09 18.50
N ALA C 302 -7.53 49.98 19.38
CA ALA C 302 -6.19 50.56 19.26
C ALA C 302 -5.78 51.15 20.60
N ARG C 303 -4.49 51.41 20.73
CA ARG C 303 -3.93 52.08 21.89
C ARG C 303 -3.53 53.49 21.49
N VAL C 304 -3.95 54.47 22.28
CA VAL C 304 -3.77 55.88 21.96
C VAL C 304 -2.77 56.49 22.91
N ASN C 305 -1.94 57.40 22.39
CA ASN C 305 -0.91 58.02 23.20
C ASN C 305 -1.52 58.97 24.22
N ALA C 306 -0.69 59.36 25.19
CA ALA C 306 -1.16 60.22 26.27
C ALA C 306 -1.69 61.55 25.76
N GLU C 307 -1.14 62.06 24.66
CA GLU C 307 -1.55 63.37 24.18
C GLU C 307 -2.95 63.34 23.58
N TYR C 308 -3.32 62.24 22.93
CA TYR C 308 -4.69 62.12 22.42
C TYR C 308 -5.68 62.10 23.58
N VAL C 309 -5.38 61.36 24.63
CA VAL C 309 -6.25 61.31 25.80
C VAL C 309 -6.36 62.70 26.43
N GLU C 310 -5.22 63.39 26.56
CA GLU C 310 -5.22 64.71 27.17
C GLU C 310 -6.06 65.69 26.35
N ALA C 311 -5.91 65.66 25.02
CA ALA C 311 -6.69 66.54 24.17
C ALA C 311 -8.18 66.22 24.25
N PHE C 312 -8.53 64.93 24.24
CA PHE C 312 -9.94 64.56 24.25
C PHE C 312 -10.62 64.97 25.54
N THR C 313 -10.00 64.66 26.68
CA THR C 313 -10.58 64.98 27.99
C THR C 313 -10.36 66.43 28.39
N LYS C 314 -9.90 67.28 27.47
CA LYS C 314 -9.62 68.69 27.75
C LYS C 314 -8.69 68.85 28.94
N GLY C 315 -7.66 68.01 28.98
CA GLY C 315 -6.63 68.11 29.98
C GLY C 315 -6.98 67.58 31.35
N GLU C 316 -8.16 66.99 31.53
CA GLU C 316 -8.52 66.46 32.84
C GLU C 316 -7.77 65.17 33.16
N VAL C 317 -7.38 64.40 32.15
CA VAL C 317 -6.53 63.24 32.32
C VAL C 317 -5.30 63.45 31.44
N LYS C 318 -4.12 63.37 32.05
CA LYS C 318 -2.89 63.74 31.38
C LYS C 318 -1.93 62.57 31.18
N GLY C 319 -1.58 61.86 32.24
CA GLY C 319 -0.54 60.85 32.17
C GLY C 319 -0.95 59.47 31.72
N LYS C 320 -2.21 59.25 31.38
CA LYS C 320 -2.72 57.91 31.08
C LYS C 320 -2.89 57.72 29.58
N THR C 321 -2.42 56.59 29.07
CA THR C 321 -2.81 56.12 27.76
C THR C 321 -4.07 55.28 27.84
N GLY C 322 -4.73 55.10 26.69
CA GLY C 322 -5.92 54.29 26.64
C GLY C 322 -5.79 53.21 25.58
N SER C 323 -6.59 52.16 25.73
CA SER C 323 -6.54 51.04 24.82
C SER C 323 -7.88 50.34 24.77
N LEU C 324 -8.18 49.73 23.62
CA LEU C 324 -9.33 48.85 23.44
C LEU C 324 -8.86 47.59 22.75
N THR C 325 -9.05 46.45 23.40
CA THR C 325 -8.60 45.16 22.86
C THR C 325 -9.81 44.38 22.37
N ALA C 326 -9.72 43.89 21.13
CA ALA C 326 -10.84 43.21 20.47
C ALA C 326 -10.47 41.75 20.22
N LEU C 327 -11.38 40.85 20.58
CA LEU C 327 -11.18 39.44 20.30
C LEU C 327 -12.30 38.91 19.41
N PRO C 328 -12.25 39.17 18.11
CA PRO C 328 -13.32 38.68 17.23
C PRO C 328 -13.29 37.17 17.12
N ILE C 329 -14.47 36.61 16.86
CA ILE C 329 -14.63 35.17 16.70
C ILE C 329 -15.12 34.89 15.28
N ILE C 330 -14.44 33.97 14.61
CA ILE C 330 -14.80 33.54 13.26
C ILE C 330 -14.91 32.03 13.26
N GLU C 331 -15.98 31.51 12.64
CA GLU C 331 -16.23 30.08 12.58
C GLU C 331 -15.93 29.58 11.17
N THR C 332 -14.91 28.74 11.03
CA THR C 332 -14.65 28.07 9.78
C THR C 332 -15.57 26.85 9.66
N GLN C 333 -16.18 26.68 8.49
CA GLN C 333 -17.18 25.62 8.34
C GLN C 333 -16.55 24.24 8.40
N ALA C 334 -15.55 23.99 7.57
CA ALA C 334 -14.95 22.66 7.46
C ALA C 334 -13.43 22.79 7.48
N GLY C 335 -12.92 23.60 8.39
CA GLY C 335 -11.49 23.86 8.42
C GLY C 335 -11.00 24.62 7.21
N ASP C 336 -11.86 25.39 6.56
CA ASP C 336 -11.49 26.16 5.39
C ASP C 336 -11.21 27.59 5.82
N VAL C 337 -9.93 27.98 5.76
CA VAL C 337 -9.55 29.37 6.01
C VAL C 337 -9.46 30.19 4.74
N SER C 338 -9.78 29.60 3.60
CA SER C 338 -9.72 30.27 2.31
C SER C 338 -11.07 30.83 1.89
N ALA C 339 -12.08 30.75 2.74
CA ALA C 339 -13.37 31.34 2.44
C ALA C 339 -13.24 32.87 2.42
N PHE C 340 -14.33 33.54 2.08
CA PHE C 340 -14.26 34.99 1.87
C PHE C 340 -14.10 35.74 3.18
N VAL C 341 -15.12 35.67 4.05
CA VAL C 341 -15.05 36.39 5.33
C VAL C 341 -13.88 35.92 6.18
N PRO C 342 -13.59 34.63 6.31
CA PRO C 342 -12.38 34.24 7.04
C PRO C 342 -11.12 34.85 6.46
N THR C 343 -11.00 34.91 5.14
CA THR C 343 -9.79 35.51 4.56
C THR C 343 -9.69 36.98 4.90
N ASN C 344 -10.80 37.71 4.81
CA ASN C 344 -10.78 39.13 5.15
C ASN C 344 -10.37 39.34 6.61
N VAL C 345 -10.98 38.59 7.52
CA VAL C 345 -10.68 38.78 8.93
C VAL C 345 -9.25 38.36 9.23
N ILE C 346 -8.74 37.32 8.57
CA ILE C 346 -7.34 36.95 8.73
C ILE C 346 -6.45 38.10 8.30
N SER C 347 -6.79 38.74 7.18
CA SER C 347 -5.95 39.83 6.69
C SER C 347 -6.00 41.04 7.60
N ILE C 348 -7.11 41.25 8.29
CA ILE C 348 -7.25 42.46 9.10
C ILE C 348 -6.51 42.33 10.44
N THR C 349 -6.65 41.19 11.12
CA THR C 349 -6.25 41.11 12.51
C THR C 349 -4.74 41.01 12.66
N ASP C 350 -4.29 41.17 13.91
CA ASP C 350 -2.88 41.13 14.25
C ASP C 350 -2.38 39.74 14.62
N GLY C 351 -3.26 38.76 14.74
CA GLY C 351 -2.85 37.43 15.13
C GLY C 351 -4.02 36.47 15.05
N GLN C 352 -3.70 35.19 15.19
CA GLN C 352 -4.67 34.12 15.03
C GLN C 352 -4.49 33.07 16.11
N ILE C 353 -5.59 32.63 16.70
CA ILE C 353 -5.59 31.50 17.62
C ILE C 353 -6.45 30.42 16.97
N PHE C 354 -5.81 29.44 16.35
CA PHE C 354 -6.52 28.37 15.67
C PHE C 354 -6.90 27.28 16.65
N LEU C 355 -8.19 27.04 16.80
CA LEU C 355 -8.70 25.91 17.58
C LEU C 355 -9.01 24.77 16.62
N GLU C 356 -8.55 23.57 16.95
CA GLU C 356 -8.67 22.42 16.07
C GLU C 356 -9.64 21.40 16.66
N THR C 357 -10.51 20.87 15.80
CA THR C 357 -11.47 19.88 16.26
C THR C 357 -10.80 18.54 16.54
N ASN C 358 -9.76 18.19 15.77
CA ASN C 358 -9.04 16.94 16.02
C ASN C 358 -8.39 16.95 17.40
N LEU C 359 -7.72 18.05 17.74
CA LEU C 359 -7.12 18.17 19.06
C LEU C 359 -8.18 18.20 20.15
N PHE C 360 -9.32 18.84 19.89
CA PHE C 360 -10.40 18.87 20.86
C PHE C 360 -10.93 17.46 21.12
N ASN C 361 -11.09 16.66 20.06
CA ASN C 361 -11.46 15.27 20.23
C ASN C 361 -10.39 14.52 21.01
N ALA C 362 -9.13 14.83 20.77
CA ALA C 362 -8.04 14.26 21.54
C ALA C 362 -8.10 14.84 22.96
N GLY C 363 -7.14 14.46 23.80
CA GLY C 363 -7.21 14.79 25.22
C GLY C 363 -7.00 16.25 25.55
N ILE C 364 -6.48 17.03 24.60
CA ILE C 364 -6.08 18.40 24.90
C ILE C 364 -7.27 19.33 24.75
N ARG C 365 -8.03 19.50 25.83
CA ARG C 365 -9.26 20.29 25.87
C ARG C 365 -9.09 21.71 25.32
N PRO C 366 -8.05 22.46 25.69
CA PRO C 366 -7.92 23.82 25.14
C PRO C 366 -7.85 23.84 23.63
N ALA C 367 -7.30 22.80 23.01
CA ALA C 367 -7.34 22.57 21.58
C ALA C 367 -6.62 23.65 20.77
N VAL C 368 -5.86 24.52 21.43
CA VAL C 368 -5.10 25.52 20.69
C VAL C 368 -4.02 24.82 19.89
N ASN C 369 -3.90 25.16 18.61
CA ASN C 369 -2.95 24.50 17.74
C ASN C 369 -1.75 25.39 17.53
N PRO C 370 -0.58 25.03 18.05
CA PRO C 370 0.63 25.81 17.79
C PRO C 370 1.15 25.52 16.38
N GLY C 371 2.14 26.31 15.98
CA GLY C 371 2.74 26.17 14.67
C GLY C 371 1.90 26.78 13.56
N ILE C 372 0.60 26.89 13.79
CA ILE C 372 -0.28 27.62 12.91
C ILE C 372 -0.82 28.90 13.55
N SER C 373 -1.02 28.91 14.87
CA SER C 373 -1.37 30.13 15.58
C SER C 373 -0.14 31.00 15.74
N VAL C 374 -0.34 32.32 15.67
CA VAL C 374 0.77 33.26 15.70
C VAL C 374 0.24 34.60 16.22
N SER C 375 1.09 35.32 16.92
CA SER C 375 0.80 36.69 17.36
C SER C 375 1.90 37.60 16.84
N ARG C 376 1.53 38.53 15.97
CA ARG C 376 2.54 39.40 15.37
C ARG C 376 3.11 40.41 16.37
N VAL C 377 2.40 40.68 17.46
CA VAL C 377 2.96 41.53 18.50
C VAL C 377 4.07 40.81 19.25
N GLY C 378 3.86 39.54 19.57
CA GLY C 378 4.90 38.73 20.15
C GLY C 378 5.30 39.18 21.54
N GLY C 379 6.62 39.12 21.80
CA GLY C 379 7.15 39.27 23.14
C GLY C 379 6.96 40.63 23.77
N ALA C 380 6.64 41.66 22.98
CA ALA C 380 6.41 42.97 23.58
C ALA C 380 5.19 42.96 24.49
N ALA C 381 4.17 42.17 24.14
CA ALA C 381 2.97 42.06 24.96
C ALA C 381 3.20 41.29 26.26
N GLN C 382 4.35 40.65 26.41
CA GLN C 382 4.54 39.66 27.47
C GLN C 382 5.38 40.22 28.60
N THR C 383 5.07 39.77 29.82
CA THR C 383 5.86 40.16 30.98
C THR C 383 7.25 39.53 30.90
N LYS C 384 8.18 40.12 31.66
CA LYS C 384 9.59 39.73 31.53
C LYS C 384 9.80 38.26 31.84
N ILE C 385 9.21 37.77 32.92
CA ILE C 385 9.42 36.38 33.32
C ILE C 385 8.82 35.43 32.28
N MET C 386 7.60 35.72 31.84
CA MET C 386 6.95 34.88 30.85
C MET C 386 7.70 34.92 29.52
N LYS C 387 8.18 36.10 29.13
CA LYS C 387 8.98 36.19 27.91
C LYS C 387 10.25 35.37 28.03
N LYS C 388 10.88 35.39 29.20
CA LYS C 388 12.08 34.59 29.42
C LYS C 388 11.77 33.10 29.30
N LEU C 389 10.64 32.67 29.87
CA LEU C 389 10.38 31.24 29.98
C LEU C 389 9.79 30.64 28.71
N SER C 390 8.97 31.39 27.97
CA SER C 390 8.15 30.79 26.91
C SER C 390 8.96 30.30 25.72
N GLY C 391 10.18 30.79 25.53
CA GLY C 391 10.97 30.32 24.40
C GLY C 391 11.28 28.84 24.48
N GLY C 392 11.49 28.33 25.70
CA GLY C 392 11.69 26.91 25.87
C GLY C 392 10.49 26.11 25.39
N ILE C 393 9.29 26.54 25.76
CA ILE C 393 8.08 25.86 25.32
C ILE C 393 7.97 25.91 23.79
N ARG C 394 8.22 27.09 23.23
CA ARG C 394 8.12 27.25 21.78
C ARG C 394 9.02 26.25 21.06
N THR C 395 10.30 26.21 21.44
CA THR C 395 11.24 25.32 20.79
C THR C 395 10.97 23.86 21.09
N ALA C 396 10.51 23.55 22.31
CA ALA C 396 10.20 22.17 22.66
C ALA C 396 9.07 21.63 21.80
N LEU C 397 8.01 22.43 21.61
CA LEU C 397 6.92 21.99 20.75
C LEU C 397 7.34 21.94 19.29
N ALA C 398 8.17 22.88 18.85
CA ALA C 398 8.66 22.83 17.48
C ALA C 398 9.41 21.53 17.21
N GLN C 399 10.29 21.15 18.14
CA GLN C 399 11.01 19.88 18.00
C GLN C 399 10.06 18.69 18.11
N TYR C 400 9.09 18.76 19.03
CA TYR C 400 8.21 17.62 19.25
C TYR C 400 7.35 17.33 18.04
N ARG C 401 6.99 18.37 17.27
CA ARG C 401 6.11 18.16 16.13
C ARG C 401 6.72 17.18 15.13
N GLU C 402 8.01 17.32 14.84
CA GLU C 402 8.63 16.45 13.84
C GLU C 402 8.78 15.02 14.35
N LEU C 403 9.12 14.86 15.63
CA LEU C 403 9.36 13.52 16.17
C LEU C 403 8.08 12.72 16.30
N ALA C 404 6.92 13.39 16.25
CA ALA C 404 5.65 12.67 16.34
C ALA C 404 5.54 11.59 15.28
N ALA C 405 6.17 11.79 14.13
CA ALA C 405 6.24 10.74 13.12
C ALA C 405 7.06 9.55 13.61
N PHE C 406 8.13 9.80 14.36
CA PHE C 406 8.96 8.73 14.90
C PHE C 406 8.35 8.09 16.13
N SER C 407 7.27 8.67 16.67
CA SER C 407 6.68 8.13 17.89
C SER C 407 6.20 6.69 17.72
N GLN C 408 5.76 6.31 16.52
CA GLN C 408 5.25 4.96 16.31
C GLN C 408 6.32 3.90 16.57
N PHE C 409 7.57 4.18 16.24
CA PHE C 409 8.65 3.22 16.37
C PHE C 409 9.86 3.87 17.04
N ALA C 410 9.62 4.64 18.10
CA ALA C 410 10.65 5.38 18.80
C ALA C 410 11.54 4.49 19.68
N SER C 411 11.30 3.17 19.70
CA SER C 411 12.13 2.28 20.50
C SER C 411 13.57 2.26 20.00
N ASP C 412 13.77 2.43 18.69
CA ASP C 412 15.09 2.45 18.09
C ASP C 412 15.39 3.88 17.65
N LEU C 413 15.94 4.67 18.58
CA LEU C 413 16.26 6.06 18.32
C LEU C 413 17.47 6.49 19.13
N ASP C 414 18.08 7.58 18.69
CA ASP C 414 19.10 8.24 19.50
C ASP C 414 18.50 8.69 20.81
N ASP C 415 19.24 8.47 21.91
CA ASP C 415 18.72 8.85 23.22
C ASP C 415 18.44 10.34 23.31
N ALA C 416 19.18 11.17 22.57
CA ALA C 416 18.85 12.59 22.50
C ALA C 416 17.45 12.80 21.91
N THR C 417 17.17 12.12 20.80
CA THR C 417 15.84 12.20 20.21
C THR C 417 14.79 11.65 21.16
N ARG C 418 15.12 10.58 21.90
CA ARG C 418 14.18 10.05 22.87
C ARG C 418 13.86 11.06 23.95
N LYS C 419 14.88 11.78 24.44
CA LYS C 419 14.66 12.81 25.44
C LYS C 419 13.79 13.93 24.88
N GLN C 420 14.08 14.37 23.65
CA GLN C 420 13.27 15.42 23.04
C GLN C 420 11.82 14.99 22.93
N LEU C 421 11.58 13.74 22.53
CA LEU C 421 10.22 13.26 22.37
C LEU C 421 9.49 13.18 23.71
N ASP C 422 10.15 12.62 24.74
CA ASP C 422 9.48 12.52 26.02
C ASP C 422 9.38 13.86 26.74
N HIS C 423 10.08 14.88 26.26
CA HIS C 423 9.89 16.23 26.76
C HIS C 423 8.77 16.97 26.06
N GLY C 424 8.71 16.86 24.73
CA GLY C 424 7.58 17.42 24.01
C GLY C 424 6.25 16.83 24.44
N GLN C 425 6.21 15.50 24.63
CA GLN C 425 4.98 14.87 25.05
C GLN C 425 4.52 15.39 26.41
N LYS C 426 5.46 15.54 27.34
CA LYS C 426 5.10 16.02 28.67
C LYS C 426 4.68 17.48 28.65
N VAL C 427 5.31 18.30 27.81
CA VAL C 427 4.89 19.70 27.71
C VAL C 427 3.48 19.79 27.15
N THR C 428 3.21 19.02 26.10
CA THR C 428 1.87 19.00 25.53
C THR C 428 0.84 18.53 26.55
N GLU C 429 1.20 17.54 27.36
CA GLU C 429 0.30 17.09 28.42
C GLU C 429 0.13 18.16 29.49
N LEU C 430 1.16 18.97 29.73
CA LEU C 430 1.05 20.01 30.73
C LEU C 430 0.15 21.15 30.28
N LEU C 431 0.17 21.47 28.98
CA LEU C 431 -0.55 22.63 28.49
C LEU C 431 -2.07 22.50 28.62
N LYS C 432 -2.60 21.29 28.77
CA LYS C 432 -4.04 21.15 28.91
C LYS C 432 -4.51 21.76 30.23
N GLN C 433 -5.75 22.25 30.23
CA GLN C 433 -6.24 23.01 31.37
C GLN C 433 -7.76 22.89 31.43
N LYS C 434 -8.28 22.89 32.66
CA LYS C 434 -9.72 22.81 32.85
C LYS C 434 -10.39 24.14 32.55
N GLN C 435 -11.63 24.06 32.08
CA GLN C 435 -12.43 25.25 31.84
C GLN C 435 -12.74 25.97 33.14
N TYR C 436 -12.93 27.29 33.04
CA TYR C 436 -13.35 28.16 34.13
C TYR C 436 -12.31 28.27 35.24
N ALA C 437 -11.08 27.82 35.00
CA ALA C 437 -10.01 27.84 36.01
C ALA C 437 -8.83 28.62 35.47
N PRO C 438 -8.89 29.95 35.48
CA PRO C 438 -7.73 30.73 35.04
C PRO C 438 -6.62 30.71 36.07
N MET C 439 -5.38 30.71 35.57
CA MET C 439 -4.19 30.66 36.41
C MET C 439 -3.50 32.02 36.37
N SER C 440 -3.16 32.53 37.55
CA SER C 440 -2.43 33.79 37.64
C SER C 440 -1.05 33.65 37.00
N VAL C 441 -0.43 34.80 36.71
CA VAL C 441 0.87 34.79 36.06
C VAL C 441 1.90 34.06 36.91
N ALA C 442 1.78 34.15 38.24
CA ALA C 442 2.71 33.45 39.10
C ALA C 442 2.63 31.93 38.91
N GLN C 443 1.42 31.39 38.80
CA GLN C 443 1.26 29.95 38.70
C GLN C 443 1.68 29.44 37.31
N GLN C 444 1.31 30.17 36.27
CA GLN C 444 1.76 29.79 34.93
C GLN C 444 3.28 29.83 34.84
N SER C 445 3.88 30.89 35.39
CA SER C 445 5.33 30.99 35.38
C SER C 445 5.97 29.87 36.18
N LEU C 446 5.36 29.48 37.30
CA LEU C 446 5.91 28.41 38.13
C LEU C 446 5.88 27.07 37.39
N VAL C 447 4.74 26.72 36.80
CA VAL C 447 4.66 25.45 36.10
C VAL C 447 5.52 25.46 34.84
N LEU C 448 5.64 26.61 34.19
CA LEU C 448 6.51 26.71 33.03
C LEU C 448 7.97 26.55 33.42
N PHE C 449 8.36 27.15 34.55
CA PHE C 449 9.71 26.95 35.08
C PHE C 449 9.96 25.48 35.38
N ALA C 450 8.98 24.81 35.99
CA ALA C 450 9.12 23.39 36.29
C ALA C 450 9.33 22.58 35.02
N ALA C 451 8.53 22.88 33.98
CA ALA C 451 8.63 22.12 32.75
C ALA C 451 9.96 22.38 32.04
N GLU C 452 10.40 23.63 32.02
CA GLU C 452 11.56 24.00 31.21
C GLU C 452 12.87 23.56 31.85
N ARG C 453 12.99 23.69 33.16
CA ARG C 453 14.25 23.40 33.84
C ARG C 453 14.47 21.90 34.07
N GLY C 454 13.66 21.03 33.45
CA GLY C 454 13.90 19.61 33.49
C GLY C 454 13.42 18.90 34.73
N TYR C 455 12.61 19.54 35.57
CA TYR C 455 12.11 18.87 36.77
C TYR C 455 11.06 17.81 36.45
N LEU C 456 10.44 17.88 35.28
CA LEU C 456 9.48 16.87 34.87
C LEU C 456 10.13 15.68 34.18
N ALA C 457 11.46 15.64 34.11
CA ALA C 457 12.13 14.59 33.36
C ALA C 457 11.81 13.20 33.89
N ASP C 458 11.63 13.06 35.20
CA ASP C 458 11.38 11.75 35.80
C ASP C 458 9.92 11.54 36.16
N VAL C 459 9.06 12.50 35.88
CA VAL C 459 7.63 12.36 36.18
C VAL C 459 6.95 11.67 35.00
N GLU C 460 6.00 10.78 35.32
CA GLU C 460 5.33 10.00 34.30
C GLU C 460 4.28 10.83 33.57
N LEU C 461 4.13 10.57 32.27
CA LEU C 461 3.17 11.31 31.46
C LEU C 461 1.76 11.22 32.04
N SER C 462 1.41 10.09 32.63
CA SER C 462 0.06 9.90 33.16
C SER C 462 -0.21 10.76 34.40
N LYS C 463 0.84 11.24 35.07
CA LYS C 463 0.69 11.90 36.35
C LYS C 463 0.96 13.40 36.32
N ILE C 464 1.17 13.98 35.14
CA ILE C 464 1.58 15.39 35.06
C ILE C 464 0.56 16.29 35.73
N GLY C 465 -0.73 16.07 35.49
CA GLY C 465 -1.74 16.95 36.04
C GLY C 465 -1.76 16.96 37.55
N SER C 466 -1.65 15.79 38.17
CA SER C 466 -1.63 15.71 39.62
C SER C 466 -0.40 16.40 40.19
N PHE C 467 0.75 16.27 39.51
CA PHE C 467 1.94 16.99 39.91
C PHE C 467 1.71 18.49 39.90
N GLU C 468 1.09 18.99 38.83
CA GLU C 468 0.80 20.42 38.72
C GLU C 468 -0.11 20.89 39.85
N ALA C 469 -1.21 20.15 40.09
CA ALA C 469 -2.15 20.54 41.14
C ALA C 469 -1.48 20.54 42.51
N ALA C 470 -0.69 19.50 42.80
CA ALA C 470 0.00 19.42 44.08
C ALA C 470 1.00 20.56 44.24
N LEU C 471 1.75 20.88 43.18
CA LEU C 471 2.70 21.98 43.25
C LEU C 471 1.98 23.30 43.49
N LEU C 472 0.86 23.53 42.83
CA LEU C 472 0.12 24.77 43.03
C LEU C 472 -0.40 24.86 44.46
N ALA C 473 -0.91 23.76 45.01
CA ALA C 473 -1.38 23.79 46.39
C ALA C 473 -0.24 24.03 47.36
N TYR C 474 0.91 23.40 47.12
CA TYR C 474 2.07 23.56 47.99
C TYR C 474 2.55 25.01 48.00
N VAL C 475 2.70 25.61 46.81
CA VAL C 475 3.18 26.99 46.76
C VAL C 475 2.13 27.95 47.32
N ASP C 476 0.83 27.64 47.14
CA ASP C 476 -0.19 28.48 47.75
C ASP C 476 -0.16 28.37 49.26
N ARG C 477 0.29 27.24 49.80
CA ARG C 477 0.29 27.04 51.23
C ARG C 477 1.54 27.63 51.91
N ASP C 478 2.72 27.31 51.40
CA ASP C 478 3.97 27.63 52.10
C ASP C 478 4.69 28.86 51.60
N HIS C 479 4.39 29.34 50.39
CA HIS C 479 5.21 30.38 49.78
C HIS C 479 4.37 31.47 49.11
N ALA C 480 3.25 31.84 49.73
CA ALA C 480 2.40 32.87 49.15
C ALA C 480 3.10 34.19 48.85
N PRO C 481 4.00 34.73 49.69
CA PRO C 481 4.61 36.03 49.35
C PRO C 481 5.32 36.05 48.00
N LEU C 482 6.02 34.98 47.64
CA LEU C 482 6.69 34.96 46.35
C LEU C 482 5.69 35.05 45.21
N MET C 483 4.58 34.31 45.31
CA MET C 483 3.54 34.41 44.30
C MET C 483 2.96 35.81 44.25
N GLN C 484 2.81 36.46 45.40
CA GLN C 484 2.32 37.83 45.42
C GLN C 484 3.27 38.77 44.68
N GLU C 485 4.58 38.63 44.94
CA GLU C 485 5.55 39.48 44.27
C GLU C 485 5.54 39.24 42.77
N ILE C 486 5.44 37.98 42.36
CA ILE C 486 5.43 37.67 40.93
C ILE C 486 4.18 38.27 40.27
N ASN C 487 3.02 38.13 40.92
CA ASN C 487 1.80 38.71 40.37
C ASN C 487 1.86 40.22 40.33
N GLN C 488 2.57 40.83 41.27
CA GLN C 488 2.64 42.29 41.29
C GLN C 488 3.60 42.85 40.26
N THR C 489 4.71 42.16 40.00
CA THR C 489 5.75 42.72 39.15
C THR C 489 6.03 41.91 37.89
N GLY C 490 5.97 40.58 37.95
CA GLY C 490 6.35 39.80 36.80
C GLY C 490 7.82 39.93 36.43
N GLY C 491 8.65 40.38 37.36
CA GLY C 491 10.07 40.50 37.09
C GLY C 491 10.78 39.16 37.19
N TYR C 492 12.00 39.13 36.64
CA TYR C 492 12.81 37.92 36.69
C TYR C 492 14.27 38.30 36.86
N ASN C 493 14.95 37.58 37.74
CA ASN C 493 16.37 37.80 38.02
C ASN C 493 16.89 36.59 38.79
N ASP C 494 18.19 36.62 39.10
CA ASP C 494 18.79 35.49 39.81
C ASP C 494 18.17 35.29 41.18
N GLU C 495 17.82 36.38 41.86
CA GLU C 495 17.18 36.26 43.17
C GLU C 495 15.83 35.57 43.08
N ILE C 496 15.17 35.62 41.93
CA ILE C 496 13.90 34.93 41.75
C ILE C 496 14.12 33.50 41.28
N GLU C 497 15.07 33.28 40.36
CA GLU C 497 15.32 31.93 39.89
C GLU C 497 15.82 31.03 41.02
N GLY C 498 16.67 31.56 41.90
CA GLY C 498 17.11 30.77 43.03
C GLY C 498 15.97 30.42 43.98
N LYS C 499 15.05 31.36 44.20
CA LYS C 499 13.89 31.07 45.03
C LYS C 499 13.02 29.99 44.40
N LEU C 500 12.82 30.07 43.08
CA LEU C 500 12.03 29.05 42.39
C LEU C 500 12.72 27.69 42.45
N LYS C 501 14.04 27.66 42.32
CA LYS C 501 14.78 26.42 42.46
C LYS C 501 14.56 25.82 43.85
N GLY C 502 14.62 26.67 44.88
CA GLY C 502 14.34 26.18 46.23
C GLY C 502 12.93 25.65 46.37
N ILE C 503 11.97 26.35 45.77
CA ILE C 503 10.58 25.91 45.81
C ILE C 503 10.45 24.51 45.22
N LEU C 504 11.05 24.31 44.05
CA LEU C 504 10.87 23.04 43.35
C LEU C 504 11.63 21.91 44.04
N ASP C 505 12.84 22.18 44.54
CA ASP C 505 13.56 21.16 45.28
C ASP C 505 12.82 20.77 46.55
N SER C 506 12.27 21.76 47.26
CA SER C 506 11.52 21.44 48.48
C SER C 506 10.23 20.68 48.17
N PHE C 507 9.54 21.03 47.09
CA PHE C 507 8.32 20.30 46.74
C PHE C 507 8.62 18.87 46.31
N LYS C 508 9.72 18.68 45.56
CA LYS C 508 10.00 17.37 45.00
C LYS C 508 10.25 16.31 46.07
N ALA C 509 10.58 16.73 47.29
CA ALA C 509 10.69 15.77 48.39
C ALA C 509 9.33 15.19 48.76
N THR C 510 8.26 15.93 48.51
CA THR C 510 6.90 15.47 48.81
C THR C 510 6.25 14.88 47.56
N GLN C 511 5.03 14.39 47.74
CA GLN C 511 4.23 13.79 46.67
C GLN C 511 4.99 12.66 45.96
N THR D 3 -39.81 45.29 -49.10
CA THR D 3 -40.91 45.56 -48.18
C THR D 3 -40.43 45.73 -46.75
N GLY D 4 -39.43 44.94 -46.38
CA GLY D 4 -38.93 45.00 -45.01
C GLY D 4 -37.88 46.08 -44.83
N LYS D 5 -37.73 46.50 -43.58
CA LYS D 5 -36.72 47.46 -43.17
C LYS D 5 -35.91 46.90 -42.02
N ILE D 6 -34.59 46.97 -42.14
CA ILE D 6 -33.72 46.57 -41.04
C ILE D 6 -33.80 47.63 -39.94
N VAL D 7 -33.94 47.18 -38.70
CA VAL D 7 -34.01 48.09 -37.57
C VAL D 7 -32.93 47.86 -36.53
N GLN D 8 -32.32 46.68 -36.44
CA GLN D 8 -31.23 46.44 -35.52
C GLN D 8 -30.23 45.49 -36.16
N VAL D 9 -28.97 45.66 -35.81
CA VAL D 9 -27.90 44.76 -36.23
C VAL D 9 -27.03 44.50 -35.01
N ILE D 10 -27.08 43.28 -34.50
CA ILE D 10 -26.32 42.89 -33.31
C ILE D 10 -25.54 41.65 -33.69
N GLY D 11 -24.29 41.83 -34.09
CA GLY D 11 -23.49 40.70 -34.50
C GLY D 11 -24.13 39.99 -35.68
N ALA D 12 -24.37 38.69 -35.51
CA ALA D 12 -24.97 37.87 -36.56
C ALA D 12 -26.49 37.99 -36.63
N VAL D 13 -27.12 38.67 -35.69
CA VAL D 13 -28.58 38.75 -35.61
C VAL D 13 -29.05 40.08 -36.17
N VAL D 14 -30.03 40.03 -37.07
CA VAL D 14 -30.58 41.21 -37.71
C VAL D 14 -32.09 41.21 -37.53
N ASP D 15 -32.64 42.31 -37.04
CA ASP D 15 -34.07 42.47 -36.89
C ASP D 15 -34.64 43.25 -38.07
N VAL D 16 -35.75 42.77 -38.60
CA VAL D 16 -36.39 43.35 -39.78
C VAL D 16 -37.85 43.65 -39.45
N GLU D 17 -38.32 44.83 -39.83
CA GLU D 17 -39.71 45.22 -39.64
C GLU D 17 -40.48 45.09 -40.95
N PHE D 18 -41.66 44.48 -40.87
CA PHE D 18 -42.54 44.28 -42.00
C PHE D 18 -43.92 44.84 -41.70
N PRO D 19 -44.69 45.18 -42.74
CA PRO D 19 -46.10 45.50 -42.52
C PRO D 19 -46.81 44.34 -41.86
N GLN D 20 -47.72 44.66 -40.93
CA GLN D 20 -48.29 43.63 -40.07
C GLN D 20 -49.11 42.60 -40.83
N ASP D 21 -49.53 42.90 -42.05
CA ASP D 21 -50.28 41.93 -42.84
C ASP D 21 -49.39 40.98 -43.63
N ALA D 22 -48.07 41.20 -43.64
CA ALA D 22 -47.16 40.41 -44.46
C ALA D 22 -46.01 39.83 -43.66
N VAL D 23 -46.16 39.64 -42.35
CA VAL D 23 -45.04 39.16 -41.53
C VAL D 23 -44.62 37.79 -42.01
N PRO D 24 -43.34 37.57 -42.33
CA PRO D 24 -42.91 36.25 -42.80
C PRO D 24 -43.04 35.19 -41.71
N ARG D 25 -43.27 33.97 -42.15
CA ARG D 25 -43.37 32.84 -41.23
C ARG D 25 -41.99 32.52 -40.65
N VAL D 26 -42.01 31.69 -39.60
CA VAL D 26 -40.77 31.20 -39.03
C VAL D 26 -40.04 30.37 -40.08
N TYR D 27 -38.70 30.45 -40.06
CA TYR D 27 -37.80 29.71 -40.96
C TYR D 27 -37.92 30.14 -42.42
N ASP D 28 -38.56 31.27 -42.71
CA ASP D 28 -38.54 31.81 -44.06
C ASP D 28 -37.20 32.44 -44.36
N ALA D 29 -36.78 32.34 -45.63
CA ALA D 29 -35.53 32.95 -46.08
C ALA D 29 -35.80 34.36 -46.57
N LEU D 30 -34.97 35.29 -46.12
CA LEU D 30 -35.03 36.67 -46.57
C LEU D 30 -33.79 37.00 -47.40
N GLU D 31 -33.88 38.10 -48.13
CA GLU D 31 -32.79 38.53 -49.00
C GLU D 31 -32.59 40.04 -48.87
N VAL D 32 -31.34 40.45 -48.76
CA VAL D 32 -30.97 41.86 -48.65
C VAL D 32 -29.68 42.08 -49.39
N GLN D 33 -29.58 43.20 -50.10
CA GLN D 33 -28.36 43.57 -50.81
C GLN D 33 -27.40 44.20 -49.83
N ASN D 34 -26.22 43.60 -49.68
CA ASN D 34 -25.20 44.09 -48.75
C ASN D 34 -23.99 44.51 -49.58
N GLY D 35 -23.98 45.78 -50.01
CA GLY D 35 -22.86 46.30 -50.76
C GLY D 35 -22.89 45.85 -52.20
N ASN D 36 -21.98 44.95 -52.57
CA ASN D 36 -21.94 44.39 -53.92
C ASN D 36 -22.27 42.90 -53.91
N GLU D 37 -22.97 42.41 -52.90
CA GLU D 37 -23.29 41.01 -52.80
C GLU D 37 -24.64 40.85 -52.11
N ARG D 38 -25.26 39.71 -52.33
CA ARG D 38 -26.59 39.42 -51.83
C ARG D 38 -26.50 38.54 -50.58
N LEU D 39 -27.16 38.98 -49.52
CA LEU D 39 -27.09 38.31 -48.22
C LEU D 39 -28.44 37.70 -47.87
N VAL D 40 -28.43 36.43 -47.48
CA VAL D 40 -29.63 35.70 -47.11
C VAL D 40 -29.80 35.71 -45.60
N LEU D 41 -31.02 35.96 -45.14
CA LEU D 41 -31.35 35.94 -43.72
C LEU D 41 -32.43 34.89 -43.46
N GLU D 42 -32.29 34.16 -42.37
CA GLU D 42 -33.25 33.14 -41.99
C GLU D 42 -34.02 33.58 -40.75
N VAL D 43 -35.35 33.52 -40.83
CA VAL D 43 -36.20 33.97 -39.73
C VAL D 43 -36.14 32.98 -38.59
N GLN D 44 -35.89 33.47 -37.38
CA GLN D 44 -35.88 32.63 -36.19
C GLN D 44 -37.09 32.85 -35.29
N GLN D 45 -37.43 34.09 -34.98
CA GLN D 45 -38.49 34.38 -34.02
C GLN D 45 -39.38 35.49 -34.56
N GLN D 46 -40.67 35.42 -34.23
CA GLN D 46 -41.62 36.47 -34.56
C GLN D 46 -41.86 37.31 -33.32
N LEU D 47 -41.30 38.52 -33.31
CA LEU D 47 -41.56 39.45 -32.23
C LEU D 47 -42.86 40.21 -32.49
N GLY D 48 -43.24 41.05 -31.56
CA GLY D 48 -44.47 41.81 -31.70
C GLY D 48 -44.33 42.95 -32.68
N GLY D 49 -45.48 43.44 -33.13
CA GLY D 49 -45.52 44.61 -33.97
C GLY D 49 -44.85 44.46 -35.33
N GLY D 50 -44.90 43.27 -35.91
CA GLY D 50 -44.30 43.06 -37.21
C GLY D 50 -42.78 42.97 -37.22
N ILE D 51 -42.13 43.08 -36.06
CA ILE D 51 -40.69 42.88 -36.00
C ILE D 51 -40.39 41.39 -36.06
N VAL D 52 -39.39 41.03 -36.84
CA VAL D 52 -38.96 39.64 -36.96
C VAL D 52 -37.46 39.59 -36.74
N ARG D 53 -36.99 38.55 -36.06
CA ARG D 53 -35.59 38.40 -35.71
C ARG D 53 -34.97 37.31 -36.57
N THR D 54 -33.84 37.61 -37.19
CA THR D 54 -33.26 36.76 -38.21
C THR D 54 -31.77 36.57 -37.96
N ILE D 55 -31.23 35.49 -38.52
CA ILE D 55 -29.81 35.18 -38.45
C ILE D 55 -29.24 35.28 -39.86
N ALA D 56 -28.16 36.04 -40.00
CA ALA D 56 -27.56 36.27 -41.30
C ALA D 56 -26.74 35.08 -41.75
N MET D 57 -26.98 34.61 -42.97
CA MET D 57 -26.16 33.55 -43.57
C MET D 57 -24.94 34.14 -44.28
N GLY D 58 -24.14 34.88 -43.54
CA GLY D 58 -22.98 35.53 -44.11
C GLY D 58 -22.46 36.61 -43.18
N SER D 59 -21.45 37.32 -43.67
CA SER D 59 -20.86 38.40 -42.91
C SER D 59 -21.83 39.55 -42.79
N SER D 60 -22.15 39.97 -41.57
CA SER D 60 -23.13 41.01 -41.35
C SER D 60 -22.55 42.42 -41.34
N ASP D 61 -21.23 42.55 -41.38
CA ASP D 61 -20.64 43.88 -41.39
C ASP D 61 -20.99 44.62 -42.68
N GLY D 62 -21.10 45.94 -42.57
CA GLY D 62 -21.53 46.77 -43.68
C GLY D 62 -23.03 46.93 -43.80
N LEU D 63 -23.82 46.25 -43.00
CA LEU D 63 -25.26 46.44 -43.01
C LEU D 63 -25.64 47.72 -42.28
N ARG D 64 -26.39 48.58 -42.94
CA ARG D 64 -26.94 49.77 -42.32
C ARG D 64 -28.35 49.50 -41.80
N ARG D 65 -28.81 50.38 -40.93
CA ARG D 65 -30.23 50.38 -40.61
C ARG D 65 -31.02 50.92 -41.80
N GLY D 66 -32.27 50.50 -41.89
CA GLY D 66 -33.16 51.00 -42.92
C GLY D 66 -33.00 50.37 -44.29
N LEU D 67 -32.13 49.38 -44.44
CA LEU D 67 -31.99 48.72 -45.73
C LEU D 67 -33.26 47.98 -46.10
N ASP D 68 -33.59 47.98 -47.38
CA ASP D 68 -34.77 47.26 -47.85
C ASP D 68 -34.48 45.77 -47.93
N VAL D 69 -35.40 44.98 -47.36
CA VAL D 69 -35.27 43.53 -47.30
C VAL D 69 -36.39 42.92 -48.12
N LYS D 70 -36.04 41.94 -48.95
CA LYS D 70 -37.00 41.26 -49.80
C LYS D 70 -37.39 39.94 -49.16
N ASP D 71 -38.68 39.65 -49.15
CA ASP D 71 -39.21 38.46 -48.50
C ASP D 71 -39.39 37.35 -49.52
N LEU D 72 -38.57 36.30 -49.42
CA LEU D 72 -38.83 35.07 -50.16
C LEU D 72 -39.84 34.22 -49.40
N GLU D 73 -40.76 33.62 -50.14
CA GLU D 73 -41.90 32.92 -49.55
C GLU D 73 -41.61 31.47 -49.21
N HIS D 74 -40.35 31.04 -49.19
CA HIS D 74 -40.05 29.64 -48.94
C HIS D 74 -38.81 29.54 -48.07
N PRO D 75 -38.66 28.45 -47.32
CA PRO D 75 -37.45 28.26 -46.52
C PRO D 75 -36.22 28.02 -47.38
N ILE D 76 -35.05 27.91 -46.75
CA ILE D 76 -33.83 27.63 -47.48
C ILE D 76 -33.95 26.25 -48.12
N GLU D 77 -33.79 26.19 -49.44
CA GLU D 77 -33.93 24.96 -50.20
C GLU D 77 -32.63 24.67 -50.93
N VAL D 78 -32.17 23.43 -50.87
CA VAL D 78 -30.87 23.04 -51.40
C VAL D 78 -31.04 21.99 -52.49
N PRO D 79 -30.16 21.95 -53.48
CA PRO D 79 -30.23 20.88 -54.49
C PRO D 79 -30.03 19.52 -53.86
N VAL D 80 -30.70 18.51 -54.42
CA VAL D 80 -30.58 17.14 -53.96
C VAL D 80 -30.59 16.22 -55.17
N GLY D 81 -30.21 14.97 -54.94
CA GLY D 81 -30.18 13.97 -55.98
C GLY D 81 -28.79 13.68 -56.49
N LYS D 82 -28.74 12.93 -57.58
CA LYS D 82 -27.45 12.54 -58.15
C LYS D 82 -26.68 13.72 -58.71
N ALA D 83 -27.35 14.85 -58.97
CA ALA D 83 -26.65 16.03 -59.46
C ALA D 83 -25.67 16.57 -58.44
N THR D 84 -25.83 16.25 -57.17
CA THR D 84 -24.93 16.71 -56.13
C THR D 84 -23.72 15.79 -55.96
N LEU D 85 -23.67 14.69 -56.68
CA LEU D 85 -22.61 13.71 -56.50
C LEU D 85 -21.30 14.24 -57.06
N GLY D 86 -20.24 14.15 -56.24
CA GLY D 86 -18.93 14.55 -56.70
C GLY D 86 -18.67 16.03 -56.72
N ARG D 87 -19.46 16.82 -56.00
CA ARG D 87 -19.29 18.26 -56.00
C ARG D 87 -19.29 18.79 -54.57
N ILE D 88 -18.69 19.96 -54.40
CA ILE D 88 -18.61 20.64 -53.12
C ILE D 88 -19.65 21.75 -53.11
N MET D 89 -20.47 21.78 -52.08
CA MET D 89 -21.61 22.67 -52.03
C MET D 89 -21.60 23.50 -50.76
N ASN D 90 -22.09 24.73 -50.88
CA ASN D 90 -22.19 25.64 -49.76
C ASN D 90 -23.38 25.29 -48.89
N VAL D 91 -23.48 25.94 -47.74
CA VAL D 91 -24.63 25.74 -46.85
C VAL D 91 -25.92 26.10 -47.57
N LEU D 92 -25.90 27.17 -48.36
CA LEU D 92 -27.06 27.61 -49.13
C LEU D 92 -27.32 26.75 -50.35
N GLY D 93 -26.58 25.66 -50.53
CA GLY D 93 -26.72 24.83 -51.71
C GLY D 93 -26.07 25.38 -52.94
N GLU D 94 -25.29 26.44 -52.82
CA GLU D 94 -24.55 26.93 -53.97
C GLU D 94 -23.30 26.09 -54.19
N PRO D 95 -22.87 25.93 -55.44
CA PRO D 95 -21.61 25.25 -55.68
C PRO D 95 -20.43 26.09 -55.22
N VAL D 96 -19.45 25.42 -54.61
CA VAL D 96 -18.24 26.10 -54.15
C VAL D 96 -17.04 25.76 -55.01
N ASP D 97 -17.00 24.61 -55.67
CA ASP D 97 -15.96 24.33 -56.64
C ASP D 97 -16.13 25.25 -57.85
N MET D 98 -15.04 25.40 -58.60
CA MET D 98 -15.04 26.35 -59.71
C MET D 98 -15.85 25.84 -60.90
N LYS D 99 -16.33 24.60 -60.88
CA LYS D 99 -17.11 24.06 -61.97
C LYS D 99 -18.45 24.80 -62.09
N GLY D 100 -19.20 24.46 -63.13
CA GLY D 100 -20.42 25.15 -63.45
C GLY D 100 -21.53 24.90 -62.46
N GLU D 101 -22.72 25.36 -62.83
CA GLU D 101 -23.88 25.22 -61.96
C GLU D 101 -24.27 23.76 -61.80
N ILE D 102 -24.92 23.46 -60.68
CA ILE D 102 -25.39 22.12 -60.40
C ILE D 102 -26.62 21.83 -61.24
N GLY D 103 -26.62 20.69 -61.94
CA GLY D 103 -27.74 20.30 -62.75
C GLY D 103 -28.90 19.78 -61.94
N GLU D 104 -29.34 20.57 -60.97
CA GLU D 104 -30.41 20.14 -60.06
C GLU D 104 -31.68 19.83 -60.83
N GLU D 105 -32.43 18.85 -60.32
CA GLU D 105 -33.79 18.62 -60.77
C GLU D 105 -34.82 18.88 -59.69
N GLU D 106 -34.42 18.88 -58.42
CA GLU D 106 -35.35 19.07 -57.33
C GLU D 106 -34.60 19.69 -56.15
N ARG D 107 -35.30 20.57 -55.43
CA ARG D 107 -34.73 21.23 -54.27
C ARG D 107 -35.61 20.96 -53.06
N TRP D 108 -34.98 20.72 -51.91
CA TRP D 108 -35.68 20.34 -50.69
C TRP D 108 -35.42 21.36 -49.59
N ALA D 109 -36.45 21.61 -48.78
CA ALA D 109 -36.28 22.43 -47.59
C ALA D 109 -35.44 21.70 -46.56
N ILE D 110 -34.52 22.42 -45.92
CA ILE D 110 -33.61 21.77 -44.99
C ILE D 110 -34.25 21.43 -43.67
N HIS D 111 -35.31 22.12 -43.28
CA HIS D 111 -36.01 21.83 -42.03
C HIS D 111 -37.12 20.83 -42.31
N ARG D 112 -36.95 19.60 -41.82
CA ARG D 112 -37.89 18.53 -42.10
C ARG D 112 -38.18 17.77 -40.80
N ALA D 113 -39.30 17.05 -40.80
CA ALA D 113 -39.70 16.28 -39.64
C ALA D 113 -39.02 14.91 -39.65
N ALA D 114 -38.79 14.38 -38.46
CA ALA D 114 -38.20 13.06 -38.33
C ALA D 114 -39.17 11.99 -38.82
N PRO D 115 -38.65 10.85 -39.28
CA PRO D 115 -39.54 9.76 -39.69
C PRO D 115 -40.36 9.25 -38.52
N SER D 116 -41.57 8.80 -38.83
CA SER D 116 -42.48 8.37 -37.79
C SER D 116 -42.00 7.06 -37.15
N TYR D 117 -42.55 6.77 -35.97
CA TYR D 117 -42.15 5.59 -35.22
C TYR D 117 -42.42 4.30 -35.99
N GLU D 118 -43.46 4.29 -36.83
CA GLU D 118 -43.79 3.09 -37.60
C GLU D 118 -42.73 2.77 -38.64
N GLU D 119 -42.14 3.80 -39.26
CA GLU D 119 -41.26 3.58 -40.39
C GLU D 119 -39.93 2.94 -39.98
N LEU D 120 -39.55 3.05 -38.70
CA LEU D 120 -38.23 2.62 -38.28
C LEU D 120 -38.01 1.13 -38.52
N SER D 121 -36.75 0.77 -38.76
CA SER D 121 -36.36 -0.59 -39.07
C SER D 121 -35.18 -1.00 -38.20
N ASN D 122 -35.18 -2.24 -37.75
CA ASN D 122 -34.10 -2.79 -36.95
C ASN D 122 -33.20 -3.68 -37.79
N SER D 123 -31.90 -3.63 -37.50
CA SER D 123 -30.92 -4.40 -38.25
C SER D 123 -29.78 -4.80 -37.31
N GLN D 124 -29.23 -5.99 -37.53
CA GLN D 124 -28.16 -6.51 -36.70
C GLN D 124 -26.94 -6.96 -37.50
N GLU D 125 -26.87 -6.62 -38.78
CA GLU D 125 -25.76 -7.06 -39.63
C GLU D 125 -24.49 -6.35 -39.19
N LEU D 126 -23.61 -7.08 -38.52
CA LEU D 126 -22.35 -6.50 -38.06
C LEU D 126 -21.52 -6.01 -39.23
N LEU D 127 -20.98 -4.80 -39.09
CA LEU D 127 -20.13 -4.21 -40.10
C LEU D 127 -18.69 -4.33 -39.65
N GLU D 128 -17.87 -5.04 -40.42
CA GLU D 128 -16.50 -5.29 -40.03
C GLU D 128 -15.61 -4.11 -40.37
N THR D 129 -14.63 -3.86 -39.51
CA THR D 129 -13.63 -2.83 -39.72
C THR D 129 -12.25 -3.44 -39.56
N GLY D 130 -11.25 -2.75 -40.10
CA GLY D 130 -9.88 -3.20 -39.98
C GLY D 130 -9.23 -2.91 -38.64
N ILE D 131 -9.95 -2.32 -37.70
CA ILE D 131 -9.39 -1.80 -36.47
C ILE D 131 -9.72 -2.77 -35.34
N LYS D 132 -8.68 -3.33 -34.73
CA LYS D 132 -8.87 -4.36 -33.70
C LYS D 132 -9.73 -3.86 -32.55
N VAL D 133 -9.36 -2.71 -31.97
CA VAL D 133 -10.03 -2.27 -30.75
C VAL D 133 -11.48 -1.91 -31.02
N ILE D 134 -11.76 -1.28 -32.16
CA ILE D 134 -13.11 -0.80 -32.43
C ILE D 134 -14.07 -1.97 -32.59
N ASP D 135 -13.78 -2.89 -33.51
CA ASP D 135 -14.69 -3.99 -33.75
C ASP D 135 -14.65 -5.03 -32.64
N LEU D 136 -13.58 -5.06 -31.83
CA LEU D 136 -13.58 -5.95 -30.69
C LEU D 136 -14.45 -5.41 -29.57
N MET D 137 -14.11 -4.24 -29.04
CA MET D 137 -14.80 -3.72 -27.87
C MET D 137 -16.16 -3.13 -28.21
N ALA D 138 -16.27 -2.43 -29.33
CA ALA D 138 -17.49 -1.69 -29.67
C ALA D 138 -17.85 -1.90 -31.14
N PRO D 139 -18.23 -3.13 -31.51
CA PRO D 139 -18.66 -3.36 -32.90
C PRO D 139 -19.97 -2.65 -33.18
N PHE D 140 -20.20 -2.35 -34.45
CA PHE D 140 -21.40 -1.66 -34.84
C PHE D 140 -21.99 -2.28 -36.10
N ALA D 141 -23.29 -2.13 -36.23
CA ALA D 141 -24.05 -2.78 -37.29
C ALA D 141 -24.33 -1.81 -38.43
N LYS D 142 -24.58 -2.37 -39.60
CA LYS D 142 -24.94 -1.56 -40.76
C LYS D 142 -26.20 -0.77 -40.46
N GLY D 143 -26.18 0.52 -40.79
CA GLY D 143 -27.30 1.40 -40.52
C GLY D 143 -27.36 1.98 -39.13
N GLY D 144 -26.32 1.78 -38.30
CA GLY D 144 -26.30 2.30 -36.97
C GLY D 144 -25.55 3.62 -36.87
N LYS D 145 -25.47 4.13 -35.65
CA LYS D 145 -24.76 5.37 -35.32
C LYS D 145 -23.48 5.05 -34.58
N VAL D 146 -22.39 5.68 -35.00
CA VAL D 146 -21.09 5.54 -34.35
C VAL D 146 -20.62 6.94 -33.95
N GLY D 147 -20.17 7.08 -32.70
CA GLY D 147 -19.69 8.36 -32.24
C GLY D 147 -18.28 8.31 -31.70
N LEU D 148 -17.41 9.17 -32.21
CA LEU D 148 -16.03 9.25 -31.76
C LEU D 148 -15.89 10.44 -30.82
N PHE D 149 -15.71 10.16 -29.53
CA PHE D 149 -15.55 11.20 -28.52
C PHE D 149 -14.06 11.38 -28.23
N GLY D 150 -13.63 12.63 -28.13
CA GLY D 150 -12.25 12.90 -27.83
C GLY D 150 -12.03 14.38 -27.59
N GLY D 151 -10.89 14.67 -26.97
CA GLY D 151 -10.46 16.04 -26.76
C GLY D 151 -9.84 16.61 -28.01
N ALA D 152 -9.01 17.63 -27.81
CA ALA D 152 -8.31 18.27 -28.92
C ALA D 152 -7.02 17.51 -29.21
N GLY D 153 -6.88 17.00 -30.42
CA GLY D 153 -5.66 16.38 -30.87
C GLY D 153 -5.51 14.91 -30.61
N VAL D 154 -6.52 14.26 -30.02
CA VAL D 154 -6.40 12.84 -29.71
C VAL D 154 -6.54 11.94 -30.94
N GLY D 155 -7.07 12.45 -32.05
CA GLY D 155 -7.08 11.68 -33.27
C GLY D 155 -8.45 11.24 -33.77
N LYS D 156 -9.46 12.09 -33.59
CA LYS D 156 -10.79 11.76 -34.10
C LYS D 156 -10.80 11.69 -35.61
N THR D 157 -10.16 12.67 -36.26
CA THR D 157 -10.20 12.77 -37.71
C THR D 157 -9.46 11.62 -38.39
N VAL D 158 -8.31 11.22 -37.82
CA VAL D 158 -7.55 10.10 -38.38
C VAL D 158 -8.38 8.83 -38.31
N ASN D 159 -9.01 8.57 -37.16
CA ASN D 159 -9.87 7.41 -37.04
C ASN D 159 -11.02 7.46 -38.02
N MET D 160 -11.63 8.63 -38.21
CA MET D 160 -12.72 8.72 -39.15
C MET D 160 -12.25 8.45 -40.58
N MET D 161 -11.05 8.94 -40.94
CA MET D 161 -10.54 8.65 -42.27
C MET D 161 -10.24 7.17 -42.47
N GLU D 162 -9.73 6.52 -41.42
CA GLU D 162 -9.48 5.08 -41.53
C GLU D 162 -10.78 4.31 -41.65
N LEU D 163 -11.81 4.72 -40.89
CA LEU D 163 -13.12 4.11 -41.02
C LEU D 163 -13.67 4.30 -42.42
N ILE D 164 -13.48 5.49 -42.99
CA ILE D 164 -13.92 5.72 -44.37
C ILE D 164 -13.24 4.74 -45.30
N ARG D 165 -11.91 4.63 -45.19
CA ARG D 165 -11.16 3.77 -46.10
C ARG D 165 -11.61 2.33 -45.99
N ASN D 166 -11.76 1.82 -44.76
CA ASN D 166 -12.12 0.42 -44.57
C ASN D 166 -13.56 0.16 -44.99
N ILE D 167 -14.50 1.00 -44.54
CA ILE D 167 -15.91 0.72 -44.76
C ILE D 167 -16.27 0.88 -46.24
N ALA D 168 -15.64 1.82 -46.94
CA ALA D 168 -15.97 2.02 -48.35
C ALA D 168 -15.65 0.79 -49.20
N ILE D 169 -14.85 -0.14 -48.68
CA ILE D 169 -14.47 -1.32 -49.45
C ILE D 169 -15.69 -2.18 -49.78
N GLU D 170 -16.50 -2.49 -48.77
CA GLU D 170 -17.62 -3.40 -48.94
C GLU D 170 -18.95 -2.68 -49.13
N HIS D 171 -18.94 -1.36 -49.19
CA HIS D 171 -20.14 -0.57 -49.43
C HIS D 171 -20.00 0.10 -50.79
N SER D 172 -20.90 -0.23 -51.71
CA SER D 172 -20.87 0.31 -53.06
C SER D 172 -21.83 1.47 -53.28
N GLY D 173 -22.61 1.84 -52.27
CA GLY D 173 -23.60 2.90 -52.41
C GLY D 173 -22.96 4.28 -52.33
N TYR D 174 -23.84 5.28 -52.29
CA TYR D 174 -23.40 6.66 -52.22
C TYR D 174 -22.97 7.01 -50.81
N SER D 175 -22.25 8.13 -50.68
CA SER D 175 -21.77 8.60 -49.40
C SER D 175 -21.87 10.11 -49.34
N VAL D 176 -22.09 10.63 -48.13
CA VAL D 176 -22.19 12.07 -47.89
C VAL D 176 -21.23 12.44 -46.77
N PHE D 177 -20.39 13.44 -47.01
CA PHE D 177 -19.47 13.94 -46.00
C PHE D 177 -19.80 15.40 -45.74
N ALA D 178 -20.14 15.72 -44.49
CA ALA D 178 -20.52 17.07 -44.08
C ALA D 178 -19.49 17.62 -43.12
N GLY D 179 -18.70 18.58 -43.57
CA GLY D 179 -17.74 19.24 -42.72
C GLY D 179 -18.37 20.40 -41.97
N VAL D 180 -18.39 20.33 -40.64
CA VAL D 180 -19.02 21.36 -39.82
C VAL D 180 -17.94 21.98 -38.94
N GLY D 181 -17.56 23.21 -39.25
CA GLY D 181 -16.68 23.97 -38.38
C GLY D 181 -15.32 23.36 -38.15
N GLU D 182 -14.74 22.73 -39.16
CA GLU D 182 -13.40 22.17 -39.04
C GLU D 182 -12.43 22.91 -39.95
N ARG D 183 -11.21 22.39 -40.04
CA ARG D 183 -10.17 23.04 -40.82
C ARG D 183 -10.46 22.95 -42.31
N THR D 184 -10.30 24.08 -43.00
CA THR D 184 -10.47 24.08 -44.45
C THR D 184 -9.38 23.26 -45.13
N ARG D 185 -8.16 23.30 -44.57
CA ARG D 185 -7.06 22.53 -45.13
C ARG D 185 -7.39 21.05 -45.21
N GLU D 186 -8.00 20.51 -44.16
CA GLU D 186 -8.39 19.10 -44.19
C GLU D 186 -9.43 18.83 -45.25
N GLY D 187 -10.35 19.76 -45.48
CA GLY D 187 -11.32 19.59 -46.54
C GLY D 187 -10.68 19.57 -47.91
N ASN D 188 -9.74 20.48 -48.15
CA ASN D 188 -9.04 20.49 -49.44
C ASN D 188 -8.26 19.20 -49.65
N ASP D 189 -7.55 18.75 -48.62
CA ASP D 189 -6.77 17.51 -48.74
C ASP D 189 -7.69 16.33 -49.02
N PHE D 190 -8.81 16.25 -48.31
CA PHE D 190 -9.75 15.15 -48.54
C PHE D 190 -10.30 15.18 -49.96
N TYR D 191 -10.69 16.36 -50.43
CA TYR D 191 -11.22 16.46 -51.78
C TYR D 191 -10.19 16.04 -52.82
N HIS D 192 -8.95 16.50 -52.66
CA HIS D 192 -7.92 16.15 -53.64
C HIS D 192 -7.62 14.66 -53.61
N GLU D 193 -7.58 14.05 -52.43
CA GLU D 193 -7.29 12.63 -52.38
C GLU D 193 -8.47 11.80 -52.88
N MET D 194 -9.69 12.34 -52.77
CA MET D 194 -10.83 11.66 -53.40
C MET D 194 -10.73 11.74 -54.92
N THR D 195 -10.36 12.90 -55.45
CA THR D 195 -10.25 13.04 -56.90
C THR D 195 -9.13 12.18 -57.46
N ASP D 196 -8.01 12.09 -56.75
CA ASP D 196 -6.89 11.29 -57.23
C ASP D 196 -7.25 9.80 -57.30
N SER D 197 -8.08 9.33 -56.38
CA SER D 197 -8.50 7.93 -56.35
C SER D 197 -9.71 7.65 -57.24
N ASN D 198 -10.25 8.67 -57.91
CA ASN D 198 -11.39 8.51 -58.82
C ASN D 198 -12.61 7.91 -58.13
N VAL D 199 -12.73 8.13 -56.82
CA VAL D 199 -13.94 7.77 -56.08
C VAL D 199 -14.80 8.97 -55.78
N ILE D 200 -14.38 10.17 -56.17
CA ILE D 200 -15.11 11.40 -55.84
C ILE D 200 -16.55 11.33 -56.36
N ASP D 201 -16.74 10.72 -57.53
CA ASP D 201 -18.05 10.69 -58.18
C ASP D 201 -19.10 9.91 -57.41
N LYS D 202 -18.77 9.37 -56.25
CA LYS D 202 -19.74 8.69 -55.40
C LYS D 202 -20.05 9.44 -54.11
N VAL D 203 -19.43 10.60 -53.89
CA VAL D 203 -19.49 11.31 -52.62
C VAL D 203 -20.00 12.72 -52.86
N SER D 204 -20.96 13.15 -52.05
CA SER D 204 -21.41 14.53 -52.01
C SER D 204 -20.81 15.21 -50.78
N LEU D 205 -20.20 16.36 -50.99
CA LEU D 205 -19.46 17.05 -49.94
C LEU D 205 -20.11 18.40 -49.66
N VAL D 206 -20.59 18.59 -48.43
CA VAL D 206 -21.10 19.86 -47.96
C VAL D 206 -20.11 20.41 -46.94
N TYR D 207 -19.57 21.59 -47.20
CA TYR D 207 -18.51 22.16 -46.37
C TYR D 207 -18.90 23.55 -45.88
N GLY D 208 -19.12 23.66 -44.58
CA GLY D 208 -19.09 24.94 -43.90
C GLY D 208 -18.05 24.88 -42.79
N GLN D 209 -16.94 25.58 -42.96
CA GLN D 209 -15.82 25.41 -42.05
C GLN D 209 -15.82 26.49 -40.97
N MET D 210 -14.77 26.48 -40.14
CA MET D 210 -14.71 27.37 -38.98
C MET D 210 -14.61 28.83 -39.39
N ASN D 211 -14.00 29.11 -40.55
CA ASN D 211 -13.88 30.50 -41.00
C ASN D 211 -15.24 31.14 -41.24
N GLU D 212 -16.29 30.35 -41.45
CA GLU D 212 -17.61 30.87 -41.77
C GLU D 212 -18.24 31.55 -40.57
N PRO D 213 -19.10 32.54 -40.79
CA PRO D 213 -19.86 33.15 -39.70
C PRO D 213 -20.79 32.13 -39.06
N PRO D 214 -21.31 32.42 -37.86
CA PRO D 214 -22.05 31.39 -37.11
C PRO D 214 -23.24 30.78 -37.85
N GLY D 215 -23.93 31.55 -38.69
CA GLY D 215 -25.11 31.01 -39.35
C GLY D 215 -24.79 29.84 -40.26
N ASN D 216 -23.68 29.93 -41.01
CA ASN D 216 -23.30 28.85 -41.89
C ASN D 216 -22.97 27.58 -41.11
N ARG D 217 -22.22 27.72 -40.02
CA ARG D 217 -21.88 26.55 -39.21
C ARG D 217 -23.11 25.96 -38.54
N LEU D 218 -24.08 26.81 -38.19
CA LEU D 218 -25.29 26.33 -37.54
C LEU D 218 -26.17 25.54 -38.49
N ARG D 219 -26.36 26.05 -39.72
CA ARG D 219 -27.30 25.42 -40.64
C ARG D 219 -26.66 24.43 -41.60
N VAL D 220 -25.33 24.31 -41.62
CA VAL D 220 -24.68 23.51 -42.67
C VAL D 220 -25.02 22.03 -42.51
N ALA D 221 -25.12 21.55 -41.28
CA ALA D 221 -25.33 20.12 -41.06
C ALA D 221 -26.69 19.69 -41.62
N LEU D 222 -27.70 20.54 -41.51
CA LEU D 222 -29.02 20.19 -42.01
C LEU D 222 -29.02 19.98 -43.52
N THR D 223 -28.20 20.72 -44.25
CA THR D 223 -28.10 20.51 -45.69
C THR D 223 -27.54 19.13 -46.01
N GLY D 224 -26.48 18.72 -45.32
CA GLY D 224 -25.96 17.38 -45.51
C GLY D 224 -26.97 16.32 -45.15
N LEU D 225 -27.70 16.54 -44.05
CA LEU D 225 -28.75 15.61 -43.67
C LEU D 225 -29.83 15.52 -44.72
N THR D 226 -30.19 16.65 -45.33
CA THR D 226 -31.21 16.65 -46.37
C THR D 226 -30.75 15.89 -47.59
N MET D 227 -29.48 16.03 -47.97
CA MET D 227 -28.97 15.24 -49.09
C MET D 227 -28.98 13.75 -48.76
N ALA D 228 -28.57 13.41 -47.53
CA ALA D 228 -28.57 12.01 -47.13
C ALA D 228 -29.99 11.44 -47.10
N GLU D 229 -30.96 12.24 -46.66
CA GLU D 229 -32.34 11.79 -46.67
C GLU D 229 -32.87 11.62 -48.08
N LYS D 230 -32.46 12.49 -49.00
CA LYS D 230 -32.86 12.31 -50.39
C LYS D 230 -32.32 11.01 -50.93
N PHE D 231 -31.05 10.72 -50.66
CA PHE D 231 -30.48 9.45 -51.11
C PHE D 231 -31.14 8.26 -50.45
N ARG D 232 -31.54 8.41 -49.20
CA ARG D 232 -32.17 7.29 -48.48
C ARG D 232 -33.57 7.00 -49.01
N ASP D 233 -34.38 8.04 -49.19
CA ASP D 233 -35.77 7.84 -49.62
C ASP D 233 -35.83 7.24 -51.02
N GLU D 234 -34.79 7.41 -51.82
CA GLU D 234 -34.72 6.71 -53.10
C GLU D 234 -34.60 5.20 -52.91
N GLY D 235 -34.32 4.73 -51.71
CA GLY D 235 -34.19 3.31 -51.45
C GLY D 235 -32.78 2.77 -51.43
N ARG D 236 -31.78 3.63 -51.31
CA ARG D 236 -30.38 3.22 -51.32
C ARG D 236 -29.87 3.03 -49.90
N ASP D 237 -28.63 2.57 -49.80
CA ASP D 237 -27.90 2.48 -48.54
C ASP D 237 -26.82 3.54 -48.56
N VAL D 238 -26.92 4.51 -47.66
CA VAL D 238 -26.05 5.68 -47.69
C VAL D 238 -25.15 5.65 -46.47
N LEU D 239 -24.03 6.35 -46.59
CA LEU D 239 -23.09 6.55 -45.50
C LEU D 239 -22.95 8.04 -45.24
N LEU D 240 -23.15 8.45 -43.99
CA LEU D 240 -23.07 9.84 -43.59
C LEU D 240 -21.92 10.03 -42.61
N PHE D 241 -21.08 11.01 -42.86
CA PHE D 241 -19.97 11.35 -41.99
C PHE D 241 -20.05 12.82 -41.62
N VAL D 242 -20.07 13.11 -40.33
CA VAL D 242 -20.12 14.47 -39.81
C VAL D 242 -18.76 14.76 -39.19
N ASP D 243 -18.08 15.78 -39.73
CA ASP D 243 -16.70 16.03 -39.33
C ASP D 243 -16.61 16.47 -37.88
N ASN D 244 -17.53 17.32 -37.43
CA ASN D 244 -17.58 17.67 -36.02
C ASN D 244 -18.97 18.13 -35.61
N ILE D 245 -19.73 17.25 -34.94
CA ILE D 245 -21.08 17.59 -34.55
C ILE D 245 -21.10 18.65 -33.47
N TYR D 246 -20.00 18.79 -32.72
CA TYR D 246 -19.98 19.72 -31.60
C TYR D 246 -20.15 21.17 -32.05
N ARG D 247 -19.62 21.52 -33.23
CA ARG D 247 -19.65 22.91 -33.67
C ARG D 247 -21.08 23.41 -33.86
N TYR D 248 -22.00 22.52 -34.21
CA TYR D 248 -23.40 22.92 -34.39
C TYR D 248 -23.97 23.49 -33.10
N THR D 249 -23.77 22.78 -31.99
CA THR D 249 -24.21 23.28 -30.69
C THR D 249 -23.42 24.51 -30.29
N LEU D 250 -22.14 24.56 -30.66
CA LEU D 250 -21.34 25.75 -30.35
C LEU D 250 -21.87 26.97 -31.10
N ALA D 251 -22.24 26.81 -32.36
CA ALA D 251 -22.85 27.92 -33.09
C ALA D 251 -24.17 28.32 -32.45
N GLY D 252 -24.95 27.34 -31.99
CA GLY D 252 -26.17 27.66 -31.28
C GLY D 252 -25.91 28.46 -30.02
N THR D 253 -24.87 28.09 -29.28
CA THR D 253 -24.50 28.83 -28.09
C THR D 253 -24.08 30.26 -28.44
N GLU D 254 -23.30 30.42 -29.50
CA GLU D 254 -22.85 31.75 -29.88
C GLU D 254 -24.02 32.66 -30.24
N VAL D 255 -24.99 32.14 -30.99
CA VAL D 255 -26.11 32.97 -31.41
C VAL D 255 -27.20 33.09 -30.36
N SER D 256 -27.19 32.22 -29.34
CA SER D 256 -28.31 32.16 -28.40
C SER D 256 -28.48 33.45 -27.62
N ALA D 257 -27.37 34.04 -27.15
CA ALA D 257 -27.47 35.20 -26.29
C ALA D 257 -28.11 36.38 -27.02
N LEU D 258 -27.76 36.56 -28.29
CA LEU D 258 -28.29 37.69 -29.05
C LEU D 258 -29.77 37.50 -29.34
N LEU D 259 -30.25 36.26 -29.39
CA LEU D 259 -31.67 36.01 -29.58
C LEU D 259 -32.49 36.30 -28.35
N GLY D 260 -31.88 36.75 -27.26
CA GLY D 260 -32.62 37.12 -26.07
C GLY D 260 -33.05 35.98 -25.19
N ARG D 261 -32.28 34.89 -25.14
CA ARG D 261 -32.58 33.73 -24.32
C ARG D 261 -31.63 33.67 -23.14
N MET D 262 -32.17 33.46 -21.95
CA MET D 262 -31.35 33.42 -20.75
C MET D 262 -30.38 32.25 -20.81
N PRO D 263 -29.18 32.40 -20.27
CA PRO D 263 -28.21 31.30 -20.29
C PRO D 263 -28.61 30.18 -19.35
N SER D 264 -28.15 28.98 -19.65
CA SER D 264 -28.39 27.80 -18.85
C SER D 264 -27.09 27.09 -18.52
N ALA D 265 -27.11 26.33 -17.41
CA ALA D 265 -26.00 25.46 -17.05
C ALA D 265 -24.66 26.17 -17.07
N VAL D 266 -23.83 25.83 -18.05
CA VAL D 266 -22.47 26.34 -18.18
C VAL D 266 -22.48 27.47 -19.20
N GLY D 267 -23.62 28.13 -19.35
CA GLY D 267 -23.79 29.17 -20.34
C GLY D 267 -24.26 28.69 -21.68
N TYR D 268 -24.63 27.41 -21.82
CA TYR D 268 -25.21 26.93 -23.05
C TYR D 268 -26.63 27.46 -23.20
N GLN D 269 -27.14 27.38 -24.43
CA GLN D 269 -28.52 27.79 -24.68
C GLN D 269 -29.47 26.86 -23.94
N PRO D 270 -30.61 27.36 -23.50
CA PRO D 270 -31.59 26.49 -22.83
C PRO D 270 -32.12 25.40 -23.74
N THR D 271 -32.22 25.65 -25.04
CA THR D 271 -32.74 24.67 -25.98
C THR D 271 -31.68 23.69 -26.47
N LEU D 272 -30.59 23.51 -25.72
CA LEU D 272 -29.52 22.62 -26.16
C LEU D 272 -30.02 21.22 -26.49
N ALA D 273 -30.79 20.63 -25.58
CA ALA D 273 -31.23 19.26 -25.77
C ALA D 273 -32.17 19.12 -26.96
N GLU D 274 -33.10 20.07 -27.13
CA GLU D 274 -34.01 20.01 -28.25
C GLU D 274 -33.28 20.25 -29.57
N GLU D 275 -32.34 21.20 -29.58
CA GLU D 275 -31.58 21.47 -30.79
C GLU D 275 -30.75 20.26 -31.20
N MET D 276 -30.17 19.55 -30.24
CA MET D 276 -29.43 18.36 -30.59
C MET D 276 -30.35 17.23 -31.03
N GLY D 277 -31.47 17.05 -30.34
CA GLY D 277 -32.37 15.95 -30.66
C GLY D 277 -33.01 16.08 -32.03
N VAL D 278 -33.41 17.29 -32.41
CA VAL D 278 -34.09 17.45 -33.69
C VAL D 278 -33.15 17.11 -34.84
N LEU D 279 -31.87 17.43 -34.70
CA LEU D 279 -30.89 17.09 -35.72
C LEU D 279 -30.61 15.59 -35.73
N GLN D 280 -30.40 15.00 -34.54
CA GLN D 280 -29.98 13.61 -34.45
C GLN D 280 -31.08 12.65 -34.89
N GLU D 281 -32.34 12.99 -34.63
CA GLU D 281 -33.44 12.08 -34.92
C GLU D 281 -33.62 11.82 -36.40
N ARG D 282 -33.19 12.75 -37.26
CA ARG D 282 -33.35 12.55 -38.69
C ARG D 282 -32.34 11.57 -39.27
N ILE D 283 -31.23 11.31 -38.56
CA ILE D 283 -30.24 10.37 -39.05
C ILE D 283 -30.61 8.98 -38.57
N THR D 284 -31.51 8.31 -39.29
CA THR D 284 -31.97 6.99 -38.90
C THR D 284 -32.19 6.14 -40.13
N SER D 285 -31.90 4.85 -40.00
CA SER D 285 -32.27 3.90 -41.03
C SER D 285 -33.77 3.68 -41.02
N THR D 286 -34.33 3.40 -42.19
CA THR D 286 -35.76 3.28 -42.36
C THR D 286 -36.06 2.07 -43.23
N LYS D 287 -37.30 1.60 -43.17
CA LYS D 287 -37.69 0.45 -43.97
C LYS D 287 -37.52 0.70 -45.46
N THR D 288 -37.52 1.96 -45.89
CA THR D 288 -37.28 2.27 -47.29
C THR D 288 -35.80 2.34 -47.62
N GLY D 289 -34.96 2.66 -46.64
CA GLY D 289 -33.52 2.76 -46.89
C GLY D 289 -32.78 2.99 -45.60
N SER D 290 -31.48 2.73 -45.66
CA SER D 290 -30.64 2.71 -44.47
C SER D 290 -29.56 3.78 -44.56
N ILE D 291 -29.24 4.38 -43.42
CA ILE D 291 -28.18 5.37 -43.31
C ILE D 291 -27.19 4.91 -42.24
N THR D 292 -25.93 4.76 -42.62
CA THR D 292 -24.87 4.48 -41.68
C THR D 292 -24.15 5.79 -41.37
N SER D 293 -24.00 6.10 -40.09
CA SER D 293 -23.51 7.40 -39.66
C SER D 293 -22.31 7.27 -38.74
N VAL D 294 -21.27 8.05 -39.01
CA VAL D 294 -20.11 8.18 -38.14
C VAL D 294 -19.95 9.65 -37.80
N GLN D 295 -19.92 9.97 -36.51
CA GLN D 295 -19.87 11.35 -36.06
C GLN D 295 -18.73 11.53 -35.07
N ALA D 296 -17.90 12.53 -35.30
CA ALA D 296 -16.89 12.93 -34.33
C ALA D 296 -17.48 13.98 -33.39
N VAL D 297 -17.21 13.82 -32.10
CA VAL D 297 -17.80 14.66 -31.06
C VAL D 297 -16.66 15.26 -30.27
N TYR D 298 -16.42 16.55 -30.43
CA TYR D 298 -15.40 17.24 -29.66
C TYR D 298 -15.82 17.31 -28.20
N VAL D 299 -14.86 17.15 -27.29
CA VAL D 299 -15.08 17.22 -25.87
C VAL D 299 -14.36 18.45 -25.33
N PRO D 300 -15.07 19.49 -24.91
CA PRO D 300 -14.37 20.71 -24.47
C PRO D 300 -13.58 20.48 -23.19
N ALA D 301 -12.33 20.92 -23.21
CA ALA D 301 -11.44 20.86 -22.05
C ALA D 301 -11.35 19.45 -21.47
N ASP D 302 -11.55 18.44 -22.31
CA ASP D 302 -11.49 17.03 -21.93
C ASP D 302 -12.47 16.68 -20.82
N ASP D 303 -13.50 17.49 -20.62
CA ASP D 303 -14.51 17.25 -19.59
C ASP D 303 -15.65 16.45 -20.20
N LEU D 304 -15.61 15.13 -19.99
CA LEU D 304 -16.62 14.23 -20.52
C LEU D 304 -17.97 14.43 -19.85
N THR D 305 -18.00 15.25 -18.80
CA THR D 305 -19.22 15.55 -18.07
C THR D 305 -19.87 16.86 -18.52
N ASP D 306 -19.28 17.54 -19.48
CA ASP D 306 -19.88 18.76 -20.02
C ASP D 306 -21.24 18.42 -20.63
N PRO D 307 -22.21 19.33 -20.53
CA PRO D 307 -23.55 19.04 -21.08
C PRO D 307 -23.56 18.67 -22.54
N SER D 308 -22.69 19.27 -23.37
CA SER D 308 -22.72 18.96 -24.80
C SER D 308 -22.30 17.52 -25.07
N PRO D 309 -21.17 17.01 -24.56
CA PRO D 309 -20.93 15.56 -24.71
C PRO D 309 -21.96 14.71 -24.00
N ALA D 310 -22.42 15.13 -22.83
CA ALA D 310 -23.36 14.32 -22.06
C ALA D 310 -24.64 14.06 -22.83
N THR D 311 -25.17 15.08 -23.51
CA THR D 311 -26.41 14.91 -24.24
C THR D 311 -26.22 13.99 -25.44
N THR D 312 -25.05 14.06 -26.09
CA THR D 312 -24.82 13.28 -27.31
C THR D 312 -24.78 11.78 -27.01
N PHE D 313 -24.38 11.40 -25.80
CA PHE D 313 -24.18 9.98 -25.51
C PHE D 313 -25.45 9.16 -25.74
N ALA D 314 -26.61 9.71 -25.44
CA ALA D 314 -27.84 8.94 -25.52
C ALA D 314 -28.28 8.70 -26.96
N HIS D 315 -27.88 9.54 -27.91
CA HIS D 315 -28.36 9.42 -29.28
C HIS D 315 -27.60 8.39 -30.09
N LEU D 316 -26.47 7.89 -29.59
CA LEU D 316 -25.59 7.04 -30.40
C LEU D 316 -25.76 5.58 -30.02
N ASP D 317 -25.48 4.71 -30.99
CA ASP D 317 -25.56 3.27 -30.77
C ASP D 317 -24.23 2.71 -30.28
N ALA D 318 -23.13 3.13 -30.87
CA ALA D 318 -21.80 2.74 -30.44
C ALA D 318 -20.97 3.98 -30.19
N THR D 319 -20.27 4.01 -29.05
CA THR D 319 -19.50 5.18 -28.63
C THR D 319 -18.06 4.75 -28.41
N VAL D 320 -17.14 5.42 -29.08
CA VAL D 320 -15.71 5.18 -28.93
C VAL D 320 -15.10 6.42 -28.28
N VAL D 321 -14.50 6.25 -27.11
CA VAL D 321 -13.97 7.35 -26.33
C VAL D 321 -12.46 7.34 -26.47
N LEU D 322 -11.90 8.47 -26.91
CA LEU D 322 -10.46 8.62 -27.07
C LEU D 322 -9.92 9.40 -25.88
N SER D 323 -8.81 8.93 -25.32
CA SER D 323 -8.23 9.51 -24.11
C SER D 323 -6.89 10.14 -24.42
N ARG D 324 -6.68 11.37 -23.93
CA ARG D 324 -5.41 12.04 -24.13
C ARG D 324 -4.28 11.31 -23.42
N GLN D 325 -4.56 10.74 -22.25
CA GLN D 325 -3.52 10.07 -21.48
C GLN D 325 -2.94 8.89 -22.25
N ILE D 326 -3.79 8.12 -22.93
CA ILE D 326 -3.30 7.00 -23.72
C ILE D 326 -2.50 7.51 -24.92
N ALA D 327 -3.01 8.55 -25.58
CA ALA D 327 -2.30 9.12 -26.72
C ALA D 327 -0.90 9.59 -26.33
N SER D 328 -0.74 10.12 -25.12
CA SER D 328 0.57 10.56 -24.66
C SER D 328 1.54 9.41 -24.49
N LEU D 329 1.05 8.19 -24.27
CA LEU D 329 1.90 7.01 -24.30
C LEU D 329 2.38 6.68 -25.70
N GLY D 330 1.79 7.29 -26.72
CA GLY D 330 2.07 6.95 -28.09
C GLY D 330 1.29 5.77 -28.61
N ILE D 331 0.31 5.29 -27.85
CA ILE D 331 -0.54 4.20 -28.29
C ILE D 331 -1.65 4.76 -29.18
N TYR D 332 -1.72 4.29 -30.43
CA TYR D 332 -2.76 4.72 -31.33
C TYR D 332 -3.42 3.52 -31.97
N PRO D 333 -4.75 3.55 -32.18
CA PRO D 333 -5.66 4.62 -31.77
C PRO D 333 -5.84 4.68 -30.26
N ALA D 334 -5.96 5.88 -29.71
CA ALA D 334 -6.02 6.05 -28.27
C ALA D 334 -7.43 5.77 -27.76
N VAL D 335 -7.98 4.61 -28.10
CA VAL D 335 -9.30 4.23 -27.64
C VAL D 335 -9.22 3.79 -26.19
N ASP D 336 -10.10 4.34 -25.35
CA ASP D 336 -10.21 3.90 -23.97
C ASP D 336 -11.14 2.70 -23.92
N PRO D 337 -10.65 1.50 -23.64
CA PRO D 337 -11.53 0.31 -23.69
C PRO D 337 -12.46 0.18 -22.51
N LEU D 338 -12.25 0.92 -21.43
CA LEU D 338 -13.13 0.87 -20.27
C LEU D 338 -14.24 1.89 -20.34
N ASP D 339 -14.32 2.67 -21.42
CA ASP D 339 -15.41 3.63 -21.57
C ASP D 339 -16.10 3.41 -22.91
N SER D 340 -15.38 2.87 -23.88
CA SER D 340 -15.99 2.52 -25.15
C SER D 340 -17.01 1.40 -24.94
N THR D 341 -18.14 1.51 -25.63
CA THR D 341 -19.24 0.59 -25.45
C THR D 341 -20.10 0.63 -26.72
N SER D 342 -20.78 -0.48 -26.99
CA SER D 342 -21.64 -0.56 -28.15
C SER D 342 -22.89 -1.35 -27.81
N ARG D 343 -23.99 -0.98 -28.45
CA ARG D 343 -25.23 -1.74 -28.31
C ARG D 343 -25.07 -3.16 -28.82
N GLN D 344 -24.16 -3.38 -29.76
CA GLN D 344 -24.03 -4.66 -30.43
C GLN D 344 -23.24 -5.69 -29.61
N LEU D 345 -22.60 -5.28 -28.52
CA LEU D 345 -21.83 -6.23 -27.70
C LEU D 345 -22.82 -7.06 -26.89
N ASP D 346 -23.42 -8.03 -27.57
CA ASP D 346 -24.50 -8.83 -27.05
C ASP D 346 -24.28 -10.26 -27.53
N PRO D 347 -24.29 -11.24 -26.63
CA PRO D 347 -23.99 -12.62 -27.06
C PRO D 347 -24.87 -13.14 -28.18
N LEU D 348 -26.10 -12.65 -28.29
CA LEU D 348 -27.00 -13.12 -29.35
C LEU D 348 -26.44 -12.76 -30.72
N VAL D 349 -25.98 -11.52 -30.89
CA VAL D 349 -25.55 -11.08 -32.22
C VAL D 349 -24.10 -11.46 -32.48
N VAL D 350 -23.18 -11.09 -31.58
CA VAL D 350 -21.77 -11.31 -31.87
C VAL D 350 -21.37 -12.75 -31.63
N GLY D 351 -22.15 -13.50 -30.86
CA GLY D 351 -21.78 -14.84 -30.49
C GLY D 351 -20.97 -14.89 -29.21
N GLN D 352 -20.86 -16.10 -28.65
CA GLN D 352 -20.36 -16.23 -27.29
C GLN D 352 -18.86 -15.95 -27.19
N GLU D 353 -18.08 -16.41 -28.16
CA GLU D 353 -16.63 -16.29 -28.05
C GLU D 353 -16.18 -14.84 -28.05
N HIS D 354 -16.73 -14.03 -28.96
CA HIS D 354 -16.40 -12.62 -29.02
C HIS D 354 -16.79 -11.92 -27.72
N TYR D 355 -17.99 -12.24 -27.22
CA TYR D 355 -18.46 -11.63 -25.98
C TYR D 355 -17.55 -11.96 -24.81
N ASP D 356 -17.15 -13.23 -24.68
CA ASP D 356 -16.32 -13.64 -23.57
C ASP D 356 -14.94 -13.01 -23.65
N THR D 357 -14.37 -12.93 -24.86
CA THR D 357 -13.07 -12.29 -25.01
C THR D 357 -13.14 -10.82 -24.63
N ALA D 358 -14.18 -10.13 -25.10
CA ALA D 358 -14.31 -8.71 -24.78
C ALA D 358 -14.46 -8.48 -23.28
N ARG D 359 -15.29 -9.30 -22.62
CA ARG D 359 -15.48 -9.10 -21.19
C ARG D 359 -14.23 -9.48 -20.41
N GLY D 360 -13.48 -10.49 -20.86
CA GLY D 360 -12.23 -10.81 -20.19
C GLY D 360 -11.23 -9.67 -20.29
N VAL D 361 -11.08 -9.09 -21.48
CA VAL D 361 -10.19 -7.95 -21.64
C VAL D 361 -10.61 -6.81 -20.74
N GLN D 362 -11.92 -6.54 -20.71
CA GLN D 362 -12.43 -5.44 -19.89
C GLN D 362 -12.12 -5.67 -18.42
N SER D 363 -12.32 -6.90 -17.93
CA SER D 363 -12.06 -7.18 -16.52
C SER D 363 -10.57 -7.09 -16.20
N ILE D 364 -9.71 -7.60 -17.08
CA ILE D 364 -8.27 -7.52 -16.84
C ILE D 364 -7.83 -6.07 -16.74
N LEU D 365 -8.31 -5.23 -17.66
CA LEU D 365 -7.92 -3.83 -17.62
C LEU D 365 -8.47 -3.12 -16.40
N GLN D 366 -9.69 -3.48 -15.97
CA GLN D 366 -10.22 -2.89 -14.75
C GLN D 366 -9.36 -3.25 -13.54
N ARG D 367 -8.94 -4.51 -13.47
CA ARG D 367 -8.06 -4.91 -12.37
C ARG D 367 -6.73 -4.15 -12.42
N TYR D 368 -6.19 -3.93 -13.61
CA TYR D 368 -4.96 -3.15 -13.70
C TYR D 368 -5.18 -1.72 -13.22
N GLN D 369 -6.32 -1.12 -13.57
CA GLN D 369 -6.61 0.23 -13.09
C GLN D 369 -6.70 0.24 -11.58
N GLU D 370 -7.30 -0.79 -11.00
CA GLU D 370 -7.40 -0.88 -9.55
C GLU D 370 -6.02 -1.02 -8.90
N LEU D 371 -5.10 -1.73 -9.53
CA LEU D 371 -3.78 -1.94 -8.93
C LEU D 371 -2.87 -0.73 -9.11
N LYS D 372 -3.13 0.10 -10.12
CA LYS D 372 -2.20 1.17 -10.44
C LYS D 372 -1.99 2.15 -9.28
N ASP D 373 -3.00 2.37 -8.46
CA ASP D 373 -2.82 3.31 -7.35
C ASP D 373 -1.83 2.79 -6.32
N ILE D 374 -1.87 1.48 -6.04
CA ILE D 374 -0.87 0.87 -5.16
C ILE D 374 0.49 0.89 -5.83
N ILE D 375 0.54 0.59 -7.13
CA ILE D 375 1.81 0.55 -7.85
C ILE D 375 2.49 1.91 -7.80
N ALA D 376 1.69 2.99 -7.87
CA ALA D 376 2.28 4.33 -7.92
C ALA D 376 3.09 4.63 -6.67
N ILE D 377 2.60 4.21 -5.50
CA ILE D 377 3.28 4.54 -4.26
C ILE D 377 4.29 3.45 -3.91
N LEU D 378 3.82 2.22 -3.69
CA LEU D 378 4.70 1.19 -3.17
C LEU D 378 5.57 0.53 -4.23
N GLY D 379 5.27 0.73 -5.51
CA GLY D 379 5.97 0.02 -6.56
C GLY D 379 5.42 -1.38 -6.76
N MET D 380 5.84 -1.99 -7.86
CA MET D 380 5.26 -3.27 -8.26
C MET D 380 5.70 -4.41 -7.35
N ASP D 381 6.81 -4.24 -6.63
CA ASP D 381 7.36 -5.33 -5.85
C ASP D 381 6.42 -5.81 -4.75
N GLU D 382 5.59 -4.92 -4.21
CA GLU D 382 4.70 -5.30 -3.12
C GLU D 382 3.55 -6.21 -3.57
N LEU D 383 3.30 -6.29 -4.87
CA LEU D 383 2.14 -7.03 -5.37
C LEU D 383 2.29 -8.53 -5.13
N SER D 384 1.15 -9.21 -5.02
CA SER D 384 1.12 -10.66 -4.99
C SER D 384 1.49 -11.22 -6.36
N GLU D 385 1.92 -12.49 -6.37
CA GLU D 385 2.41 -13.09 -7.61
C GLU D 385 1.33 -13.22 -8.67
N GLU D 386 0.07 -13.32 -8.28
CA GLU D 386 -1.00 -13.30 -9.28
C GLU D 386 -1.26 -11.88 -9.76
N ASP D 387 -1.12 -10.89 -8.87
CA ASP D 387 -1.30 -9.51 -9.27
C ASP D 387 -0.23 -9.09 -10.27
N LYS D 388 1.00 -9.56 -10.08
CA LYS D 388 2.06 -9.24 -11.03
C LYS D 388 1.78 -9.86 -12.39
N LEU D 389 1.21 -11.05 -12.41
CA LEU D 389 0.84 -11.67 -13.68
C LEU D 389 -0.29 -10.90 -14.33
N VAL D 390 -1.24 -10.42 -13.54
CA VAL D 390 -2.32 -9.59 -14.07
C VAL D 390 -1.75 -8.33 -14.70
N VAL D 391 -0.81 -7.67 -14.02
CA VAL D 391 -0.21 -6.46 -14.57
C VAL D 391 0.53 -6.77 -15.86
N ALA D 392 1.29 -7.87 -15.87
CA ALA D 392 2.06 -8.21 -17.06
C ALA D 392 1.16 -8.50 -18.24
N ARG D 393 0.03 -9.16 -18.02
CA ARG D 393 -0.90 -9.45 -19.10
C ARG D 393 -1.64 -8.19 -19.54
N ALA D 394 -2.02 -7.33 -18.58
CA ALA D 394 -2.71 -6.11 -18.93
C ALA D 394 -1.86 -5.21 -19.80
N ARG D 395 -0.57 -5.10 -19.48
CA ARG D 395 0.32 -4.27 -20.31
C ARG D 395 0.43 -4.83 -21.71
N LYS D 396 0.53 -6.15 -21.85
CA LYS D 396 0.57 -6.75 -23.17
C LYS D 396 -0.73 -6.49 -23.93
N ILE D 397 -1.87 -6.57 -23.26
CA ILE D 397 -3.15 -6.27 -23.90
C ILE D 397 -3.17 -4.82 -24.36
N GLN D 398 -2.73 -3.90 -23.51
CA GLN D 398 -2.71 -2.49 -23.88
C GLN D 398 -1.84 -2.25 -25.10
N ARG D 399 -0.68 -2.92 -25.16
CA ARG D 399 0.20 -2.77 -26.32
C ARG D 399 -0.46 -3.35 -27.57
N PHE D 400 -1.13 -4.50 -27.44
CA PHE D 400 -1.67 -5.17 -28.61
C PHE D 400 -2.81 -4.38 -29.25
N LEU D 401 -3.52 -3.56 -28.47
CA LEU D 401 -4.60 -2.75 -29.02
C LEU D 401 -4.11 -1.74 -30.04
N SER D 402 -2.82 -1.42 -30.04
CA SER D 402 -2.28 -0.49 -31.02
C SER D 402 -2.31 -1.13 -32.40
N GLN D 403 -2.38 -0.27 -33.42
CA GLN D 403 -2.43 -0.79 -34.78
C GLN D 403 -1.93 0.27 -35.76
N PRO D 404 -1.08 -0.09 -36.72
CA PRO D 404 -0.62 0.88 -37.72
C PRO D 404 -1.70 1.14 -38.76
N PHE D 405 -2.01 2.41 -38.99
CA PHE D 405 -3.05 2.80 -39.93
C PHE D 405 -2.45 3.15 -41.28
N PHE D 406 -3.18 2.85 -42.34
CA PHE D 406 -2.72 3.20 -43.68
C PHE D 406 -2.67 4.71 -43.88
N VAL D 407 -3.61 5.44 -43.29
CA VAL D 407 -3.60 6.89 -43.41
C VAL D 407 -2.53 7.53 -42.54
N ALA D 408 -2.01 6.82 -41.55
CA ALA D 408 -1.01 7.35 -40.64
C ALA D 408 0.41 7.10 -41.11
N GLU D 409 0.59 6.47 -42.27
CA GLU D 409 1.94 6.20 -42.78
C GLU D 409 2.75 7.48 -42.92
N VAL D 410 2.09 8.61 -43.20
CA VAL D 410 2.79 9.88 -43.28
C VAL D 410 3.34 10.32 -41.93
N PHE D 411 2.86 9.72 -40.84
CA PHE D 411 3.34 10.03 -39.49
C PHE D 411 4.31 8.96 -38.99
N THR D 412 3.86 7.70 -38.94
CA THR D 412 4.71 6.64 -38.42
C THR D 412 5.75 6.16 -39.43
N GLY D 413 5.42 6.17 -40.71
CA GLY D 413 6.29 5.61 -41.74
C GLY D 413 6.03 4.14 -41.99
N SER D 414 5.75 3.38 -40.93
CA SER D 414 5.50 1.95 -41.07
C SER D 414 4.19 1.72 -41.84
N PRO D 415 4.11 0.65 -42.63
CA PRO D 415 2.91 0.41 -43.44
C PRO D 415 1.72 0.02 -42.59
N GLY D 416 0.54 0.40 -43.07
CA GLY D 416 -0.69 0.10 -42.36
C GLY D 416 -1.03 -1.37 -42.40
N LYS D 417 -1.93 -1.77 -41.50
CA LYS D 417 -2.37 -3.15 -41.40
C LYS D 417 -3.90 -3.23 -41.39
N TYR D 418 -4.43 -4.29 -41.99
CA TYR D 418 -5.84 -4.63 -41.88
C TYR D 418 -5.96 -5.92 -41.10
N VAL D 419 -6.78 -5.92 -40.04
CA VAL D 419 -6.90 -7.05 -39.14
C VAL D 419 -8.34 -7.56 -39.18
N SER D 420 -8.50 -8.85 -39.43
CA SER D 420 -9.82 -9.46 -39.40
C SER D 420 -10.32 -9.61 -37.97
N LEU D 421 -11.64 -9.73 -37.83
CA LEU D 421 -12.22 -9.99 -36.52
C LEU D 421 -11.77 -11.33 -35.96
N LYS D 422 -11.65 -12.35 -36.81
CA LYS D 422 -11.21 -13.65 -36.35
C LYS D 422 -9.81 -13.59 -35.76
N ASP D 423 -8.90 -12.87 -36.43
CA ASP D 423 -7.53 -12.78 -35.96
C ASP D 423 -7.44 -12.02 -34.64
N THR D 424 -8.20 -10.93 -34.49
CA THR D 424 -8.11 -10.16 -33.26
C THR D 424 -8.69 -10.96 -32.08
N ILE D 425 -9.82 -11.63 -32.30
CA ILE D 425 -10.38 -12.39 -31.18
C ILE D 425 -9.47 -13.55 -30.81
N ARG D 426 -8.89 -14.22 -31.82
CA ARG D 426 -7.98 -15.32 -31.51
C ARG D 426 -6.74 -14.82 -30.77
N GLY D 427 -6.18 -13.69 -31.20
CA GLY D 427 -4.99 -13.17 -30.56
C GLY D 427 -5.24 -12.74 -29.12
N PHE D 428 -6.35 -12.04 -28.89
CA PHE D 428 -6.65 -11.61 -27.53
C PHE D 428 -6.95 -12.78 -26.62
N LYS D 429 -7.68 -13.78 -27.13
CA LYS D 429 -7.94 -14.97 -26.32
C LYS D 429 -6.63 -15.69 -26.01
N GLY D 430 -5.71 -15.76 -26.97
CA GLY D 430 -4.42 -16.37 -26.70
C GLY D 430 -3.62 -15.60 -25.67
N ILE D 431 -3.66 -14.27 -25.72
CA ILE D 431 -2.92 -13.46 -24.76
C ILE D 431 -3.48 -13.67 -23.36
N MET D 432 -4.81 -13.68 -23.22
CA MET D 432 -5.40 -13.87 -21.90
C MET D 432 -5.16 -15.27 -21.37
N GLU D 433 -5.13 -16.27 -22.24
CA GLU D 433 -4.83 -17.63 -21.80
C GLU D 433 -3.38 -17.81 -21.37
N GLY D 434 -2.51 -16.84 -21.67
CA GLY D 434 -1.12 -16.92 -21.26
C GLY D 434 -0.19 -17.63 -22.21
N GLU D 435 -0.62 -17.89 -23.44
CA GLU D 435 0.26 -18.58 -24.39
C GLU D 435 1.51 -17.77 -24.71
N TYR D 436 1.41 -16.44 -24.64
CA TYR D 436 2.48 -15.56 -25.10
C TYR D 436 3.16 -14.83 -23.95
N ASP D 437 3.09 -15.39 -22.74
CA ASP D 437 3.67 -14.74 -21.57
C ASP D 437 5.19 -14.65 -21.63
N HIS D 438 5.84 -15.37 -22.55
CA HIS D 438 7.29 -15.32 -22.67
C HIS D 438 7.78 -14.16 -23.52
N LEU D 439 6.89 -13.49 -24.23
CA LEU D 439 7.27 -12.40 -25.10
C LEU D 439 7.38 -11.09 -24.34
N PRO D 440 8.22 -10.18 -24.79
CA PRO D 440 8.29 -8.85 -24.17
C PRO D 440 7.12 -7.97 -24.60
N GLU D 441 6.92 -6.89 -23.83
CA GLU D 441 5.83 -5.97 -24.13
C GLU D 441 5.99 -5.35 -25.51
N GLN D 442 7.21 -4.94 -25.86
CA GLN D 442 7.44 -4.25 -27.12
C GLN D 442 7.06 -5.10 -28.32
N ALA D 443 7.04 -6.42 -28.16
CA ALA D 443 6.67 -7.29 -29.27
C ALA D 443 5.28 -6.98 -29.80
N PHE D 444 4.36 -6.56 -28.91
CA PHE D 444 2.98 -6.31 -29.31
C PHE D 444 2.74 -4.90 -29.81
N TYR D 445 3.69 -3.99 -29.61
CA TYR D 445 3.46 -2.59 -29.96
C TYR D 445 3.43 -2.42 -31.47
N MET D 446 2.31 -1.89 -31.98
CA MET D 446 2.17 -1.53 -33.38
C MET D 446 2.36 -2.74 -34.31
N VAL D 447 1.71 -3.85 -33.97
CA VAL D 447 1.71 -5.04 -34.82
C VAL D 447 0.27 -5.30 -35.28
N GLY D 448 0.13 -5.69 -36.54
CA GLY D 448 -1.20 -5.96 -37.07
C GLY D 448 -1.85 -7.17 -36.43
N SER D 449 -1.14 -8.30 -36.41
CA SER D 449 -1.70 -9.56 -35.92
C SER D 449 -0.69 -10.24 -35.01
N ILE D 450 -1.15 -11.30 -34.34
CA ILE D 450 -0.33 -11.96 -33.32
C ILE D 450 0.87 -12.66 -33.96
N GLU D 451 0.73 -13.18 -35.18
CA GLU D 451 1.88 -13.76 -35.85
C GLU D 451 2.95 -12.71 -36.11
N GLU D 452 2.52 -11.50 -36.49
CA GLU D 452 3.48 -10.41 -36.62
C GLU D 452 4.09 -10.08 -35.27
N ALA D 453 3.32 -10.24 -34.19
CA ALA D 453 3.86 -10.00 -32.85
C ALA D 453 4.97 -10.99 -32.52
N VAL D 454 4.77 -12.27 -32.82
CA VAL D 454 5.81 -13.25 -32.53
C VAL D 454 7.01 -13.05 -33.46
N GLU D 455 6.77 -12.59 -34.70
CA GLU D 455 7.89 -12.32 -35.59
C GLU D 455 8.71 -11.14 -35.09
N LYS D 456 8.05 -10.11 -34.57
CA LYS D 456 8.77 -8.98 -33.99
C LYS D 456 9.56 -9.41 -32.76
N ALA D 457 9.04 -10.39 -32.02
CA ALA D 457 9.72 -10.84 -30.81
C ALA D 457 11.08 -11.44 -31.11
N LYS D 458 11.22 -12.12 -32.24
CA LYS D 458 12.49 -12.76 -32.58
C LYS D 458 13.62 -11.75 -32.69
N LYS D 459 13.32 -10.54 -33.17
CA LYS D 459 14.31 -9.47 -33.24
C LYS D 459 14.15 -8.46 -32.11
N LEU D 460 13.22 -8.71 -31.19
CA LEU D 460 12.96 -7.83 -30.05
C LEU D 460 12.68 -6.38 -30.48
N MET E 1 -68.13 41.46 2.19
CA MET E 1 -67.90 41.63 0.76
C MET E 1 -66.46 41.35 0.38
N ALA E 2 -66.25 40.98 -0.89
CA ALA E 2 -64.91 40.81 -1.44
C ALA E 2 -64.49 42.11 -2.12
N THR E 3 -63.27 42.56 -1.84
CA THR E 3 -62.83 43.88 -2.30
C THR E 3 -61.55 43.85 -3.12
N GLY E 4 -60.99 42.68 -3.40
CA GLY E 4 -59.76 42.59 -4.16
C GLY E 4 -59.94 41.71 -5.38
N LYS E 5 -59.01 41.86 -6.32
CA LYS E 5 -59.03 41.11 -7.57
C LYS E 5 -57.65 40.57 -7.88
N ILE E 6 -57.62 39.30 -8.30
CA ILE E 6 -56.35 38.70 -8.73
C ILE E 6 -55.88 39.35 -10.01
N VAL E 7 -54.61 39.75 -10.05
CA VAL E 7 -54.04 40.37 -11.23
C VAL E 7 -52.89 39.57 -11.83
N GLN E 8 -52.24 38.69 -11.07
CA GLN E 8 -51.19 37.85 -11.61
C GLN E 8 -51.24 36.48 -10.96
N VAL E 9 -50.96 35.44 -11.74
CA VAL E 9 -50.82 34.09 -11.25
C VAL E 9 -49.58 33.49 -11.91
N ILE E 10 -48.49 33.39 -11.16
CA ILE E 10 -47.27 32.75 -11.62
C ILE E 10 -46.88 31.70 -10.58
N GLY E 11 -46.88 30.44 -10.99
CA GLY E 11 -46.59 29.37 -10.05
C GLY E 11 -47.52 29.41 -8.86
N ALA E 12 -46.94 29.33 -7.66
CA ALA E 12 -47.69 29.35 -6.42
C ALA E 12 -47.91 30.76 -5.87
N VAL E 13 -47.49 31.80 -6.58
CA VAL E 13 -47.53 33.17 -6.09
C VAL E 13 -48.63 33.93 -6.83
N VAL E 14 -49.53 34.54 -6.07
CA VAL E 14 -50.68 35.24 -6.61
C VAL E 14 -50.66 36.68 -6.09
N ASP E 15 -50.84 37.63 -6.99
CA ASP E 15 -50.87 39.05 -6.64
C ASP E 15 -52.31 39.56 -6.72
N VAL E 16 -52.71 40.32 -5.71
CA VAL E 16 -54.08 40.81 -5.60
C VAL E 16 -54.03 42.33 -5.40
N GLU E 17 -54.92 43.04 -6.08
CA GLU E 17 -54.99 44.49 -6.00
C GLU E 17 -56.21 44.90 -5.19
N PHE E 18 -55.99 45.62 -4.11
CA PHE E 18 -57.02 46.10 -3.21
C PHE E 18 -57.17 47.61 -3.34
N PRO E 19 -58.27 48.17 -2.84
CA PRO E 19 -58.36 49.63 -2.75
C PRO E 19 -57.29 50.19 -1.83
N GLN E 20 -56.85 51.42 -2.14
CA GLN E 20 -55.68 51.99 -1.49
C GLN E 20 -55.87 52.24 0.00
N ASP E 21 -57.11 52.20 0.50
CA ASP E 21 -57.37 52.47 1.90
C ASP E 21 -57.68 51.20 2.69
N ALA E 22 -57.66 50.03 2.07
CA ALA E 22 -57.97 48.77 2.73
C ALA E 22 -56.96 47.70 2.36
N VAL E 23 -55.69 48.07 2.28
CA VAL E 23 -54.65 47.10 1.93
C VAL E 23 -54.52 46.10 3.08
N PRO E 24 -54.58 44.80 2.81
CA PRO E 24 -54.39 43.81 3.88
C PRO E 24 -53.02 43.93 4.51
N ARG E 25 -52.96 43.67 5.82
CA ARG E 25 -51.71 43.70 6.54
C ARG E 25 -50.85 42.50 6.15
N VAL E 26 -49.56 42.60 6.46
CA VAL E 26 -48.66 41.49 6.23
C VAL E 26 -49.11 40.28 7.03
N TYR E 27 -48.96 39.09 6.45
CA TYR E 27 -49.32 37.80 7.04
C TYR E 27 -50.81 37.63 7.24
N ASP E 28 -51.64 38.55 6.75
CA ASP E 28 -53.07 38.36 6.81
C ASP E 28 -53.51 37.25 5.86
N ALA E 29 -54.60 36.58 6.23
CA ALA E 29 -55.16 35.54 5.38
C ALA E 29 -56.16 36.13 4.39
N LEU E 30 -56.24 35.50 3.22
CA LEU E 30 -57.18 35.91 2.19
C LEU E 30 -57.94 34.69 1.70
N GLU E 31 -59.11 34.92 1.11
CA GLU E 31 -59.99 33.84 0.68
C GLU E 31 -60.50 34.12 -0.73
N VAL E 32 -60.50 33.08 -1.56
CA VAL E 32 -60.94 33.19 -2.95
C VAL E 32 -61.53 31.85 -3.37
N GLN E 33 -62.54 31.91 -4.23
CA GLN E 33 -63.21 30.70 -4.73
C GLN E 33 -62.49 30.23 -5.99
N ASN E 34 -61.79 29.11 -5.88
CA ASN E 34 -61.12 28.49 -7.03
C ASN E 34 -62.05 27.47 -7.65
N GLY E 35 -63.12 27.98 -8.26
CA GLY E 35 -64.18 27.13 -8.75
C GLY E 35 -65.07 26.66 -7.62
N ASN E 36 -65.10 25.36 -7.36
CA ASN E 36 -65.86 24.86 -6.22
C ASN E 36 -65.10 25.04 -4.91
N GLU E 37 -63.80 24.79 -4.92
CA GLU E 37 -63.02 24.76 -3.69
C GLU E 37 -62.67 26.18 -3.24
N ARG E 38 -62.82 26.42 -1.93
CA ARG E 38 -62.34 27.66 -1.34
C ARG E 38 -60.83 27.60 -1.16
N LEU E 39 -60.15 28.68 -1.53
CA LEU E 39 -58.69 28.75 -1.46
C LEU E 39 -58.27 29.88 -0.52
N VAL E 40 -57.22 29.63 0.25
CA VAL E 40 -56.70 30.59 1.21
C VAL E 40 -55.34 31.08 0.74
N LEU E 41 -55.14 32.39 0.82
CA LEU E 41 -53.88 33.03 0.44
C LEU E 41 -53.30 33.77 1.63
N GLU E 42 -51.97 33.73 1.75
CA GLU E 42 -51.27 34.42 2.82
C GLU E 42 -50.47 35.58 2.23
N VAL E 43 -50.70 36.78 2.76
CA VAL E 43 -50.02 37.97 2.25
C VAL E 43 -48.59 37.98 2.73
N GLN E 44 -47.64 38.09 1.81
CA GLN E 44 -46.22 38.14 2.14
C GLN E 44 -45.64 39.56 2.10
N GLN E 45 -46.01 40.35 1.09
CA GLN E 45 -45.42 41.67 0.91
C GLN E 45 -46.49 42.67 0.50
N GLN E 46 -46.31 43.91 0.92
CA GLN E 46 -47.06 45.04 0.38
C GLN E 46 -46.14 45.80 -0.56
N LEU E 47 -46.58 45.96 -1.81
CA LEU E 47 -45.74 46.62 -2.80
C LEU E 47 -46.61 47.49 -3.69
N GLY E 48 -46.01 48.54 -4.23
CA GLY E 48 -46.74 49.46 -5.07
C GLY E 48 -47.93 50.05 -4.33
N GLY E 49 -48.97 50.36 -5.10
CA GLY E 49 -50.18 50.90 -4.52
C GLY E 49 -51.32 49.89 -4.51
N GLY E 50 -51.64 49.38 -3.33
CA GLY E 50 -52.75 48.47 -3.17
C GLY E 50 -52.48 47.04 -3.58
N ILE E 51 -51.33 46.75 -4.15
CA ILE E 51 -51.00 45.41 -4.62
C ILE E 51 -50.27 44.67 -3.52
N VAL E 52 -50.63 43.41 -3.32
CA VAL E 52 -50.00 42.55 -2.34
C VAL E 52 -49.62 41.24 -3.00
N ARG E 53 -48.45 40.72 -2.66
CA ARG E 53 -47.98 39.44 -3.19
C ARG E 53 -48.27 38.36 -2.17
N THR E 54 -48.82 37.24 -2.61
CA THR E 54 -49.36 36.25 -1.71
C THR E 54 -48.90 34.86 -2.10
N ILE E 55 -48.86 33.96 -1.12
CA ILE E 55 -48.57 32.56 -1.33
C ILE E 55 -49.87 31.78 -1.16
N ALA E 56 -50.22 30.98 -2.16
CA ALA E 56 -51.46 30.23 -2.11
C ALA E 56 -51.28 28.98 -1.27
N MET E 57 -52.21 28.78 -0.32
CA MET E 57 -52.20 27.58 0.52
C MET E 57 -52.96 26.44 -0.15
N GLY E 58 -52.56 26.14 -1.38
CA GLY E 58 -53.25 25.16 -2.18
C GLY E 58 -52.85 25.29 -3.63
N SER E 59 -53.46 24.45 -4.45
CA SER E 59 -53.11 24.41 -5.87
C SER E 59 -53.58 25.68 -6.57
N SER E 60 -52.67 26.29 -7.33
CA SER E 60 -53.01 27.48 -8.10
C SER E 60 -53.82 27.19 -9.33
N ASP E 61 -53.90 25.91 -9.74
CA ASP E 61 -54.62 25.55 -10.95
C ASP E 61 -56.08 25.98 -10.90
N GLY E 62 -56.55 26.52 -12.01
CA GLY E 62 -57.93 26.97 -12.11
C GLY E 62 -58.18 28.41 -11.73
N LEU E 63 -57.17 29.11 -11.19
CA LEU E 63 -57.35 30.52 -10.89
C LEU E 63 -57.37 31.36 -12.16
N ARG E 64 -58.16 32.42 -12.14
CA ARG E 64 -58.26 33.36 -13.25
C ARG E 64 -57.91 34.75 -12.77
N ARG E 65 -57.36 35.55 -13.69
CA ARG E 65 -57.22 36.98 -13.41
C ARG E 65 -58.59 37.61 -13.30
N GLY E 66 -58.83 38.33 -12.20
CA GLY E 66 -60.07 39.04 -11.98
C GLY E 66 -60.93 38.47 -10.87
N LEU E 67 -60.62 37.28 -10.36
CA LEU E 67 -61.41 36.69 -9.30
C LEU E 67 -61.45 37.60 -8.07
N ASP E 68 -62.63 37.73 -7.49
CA ASP E 68 -62.78 38.54 -6.29
C ASP E 68 -62.15 37.83 -5.09
N VAL E 69 -61.40 38.58 -4.30
CA VAL E 69 -60.71 38.05 -3.12
C VAL E 69 -61.26 38.73 -1.89
N LYS E 70 -61.73 37.93 -0.93
CA LYS E 70 -62.25 38.46 0.31
C LYS E 70 -61.10 38.71 1.28
N ASP E 71 -61.23 39.77 2.08
CA ASP E 71 -60.19 40.18 3.02
C ASP E 71 -60.58 39.70 4.42
N LEU E 72 -59.90 38.67 4.91
CA LEU E 72 -60.03 38.22 6.28
C LEU E 72 -58.98 38.93 7.12
N GLU E 73 -59.43 39.80 8.02
CA GLU E 73 -58.50 40.65 8.76
C GLU E 73 -57.89 39.95 9.97
N HIS E 74 -57.31 38.78 9.78
CA HIS E 74 -56.53 38.11 10.82
C HIS E 74 -55.62 37.10 10.13
N PRO E 75 -54.48 36.80 10.73
CA PRO E 75 -53.61 35.76 10.15
C PRO E 75 -54.23 34.39 10.28
N ILE E 76 -53.56 33.36 9.75
CA ILE E 76 -54.11 32.01 9.83
C ILE E 76 -54.18 31.60 11.29
N GLU E 77 -55.37 31.23 11.74
CA GLU E 77 -55.62 30.81 13.12
C GLU E 77 -55.99 29.34 13.12
N VAL E 78 -55.41 28.59 14.06
CA VAL E 78 -55.61 27.15 14.10
C VAL E 78 -56.21 26.75 15.44
N PRO E 79 -56.99 25.68 15.50
CA PRO E 79 -57.50 25.20 16.79
C PRO E 79 -56.37 24.74 17.70
N VAL E 80 -56.56 24.94 19.00
CA VAL E 80 -55.57 24.58 20.00
C VAL E 80 -56.27 23.96 21.21
N GLY E 81 -55.49 23.33 22.07
CA GLY E 81 -56.02 22.73 23.27
C GLY E 81 -56.26 21.23 23.15
N LYS E 82 -56.94 20.71 24.17
CA LYS E 82 -57.15 19.27 24.26
C LYS E 82 -57.97 18.73 23.09
N ALA E 83 -58.78 19.58 22.46
CA ALA E 83 -59.59 19.12 21.33
C ALA E 83 -58.72 18.57 20.21
N THR E 84 -57.48 19.06 20.09
CA THR E 84 -56.59 18.62 19.02
C THR E 84 -56.10 17.20 19.22
N LEU E 85 -56.13 16.68 20.45
CA LEU E 85 -55.54 15.39 20.75
C LEU E 85 -56.19 14.28 19.93
N GLY E 86 -55.37 13.38 19.39
CA GLY E 86 -55.86 12.26 18.63
C GLY E 86 -56.37 12.60 17.26
N ARG E 87 -56.15 13.82 16.78
CA ARG E 87 -56.65 14.26 15.49
C ARG E 87 -55.50 14.60 14.55
N ILE E 88 -55.76 14.43 13.26
CA ILE E 88 -54.79 14.78 12.22
C ILE E 88 -55.32 16.01 11.50
N MET E 89 -54.50 17.06 11.46
CA MET E 89 -54.89 18.33 10.89
C MET E 89 -53.87 18.78 9.86
N ASN E 90 -54.33 19.53 8.86
CA ASN E 90 -53.46 20.10 7.86
C ASN E 90 -52.88 21.42 8.37
N VAL E 91 -52.20 22.14 7.48
CA VAL E 91 -51.59 23.41 7.83
C VAL E 91 -52.64 24.40 8.34
N LEU E 92 -53.84 24.36 7.77
CA LEU E 92 -54.89 25.29 8.13
C LEU E 92 -55.66 24.88 9.38
N GLY E 93 -55.29 23.77 10.02
CA GLY E 93 -56.04 23.31 11.17
C GLY E 93 -57.35 22.66 10.83
N GLU E 94 -57.49 22.14 9.62
CA GLU E 94 -58.69 21.41 9.24
C GLU E 94 -58.48 19.91 9.43
N PRO E 95 -59.47 19.21 9.98
CA PRO E 95 -59.33 17.76 10.15
C PRO E 95 -59.24 17.05 8.80
N VAL E 96 -58.34 16.06 8.74
CA VAL E 96 -58.16 15.28 7.52
C VAL E 96 -58.20 13.80 7.86
N ASP E 97 -58.69 13.47 9.05
CA ASP E 97 -58.79 12.08 9.48
C ASP E 97 -60.20 11.54 9.38
N MET E 98 -61.12 12.30 8.76
CA MET E 98 -62.50 11.88 8.54
C MET E 98 -63.26 11.67 9.84
N LYS E 99 -62.66 12.02 10.97
CA LYS E 99 -63.31 11.82 12.26
C LYS E 99 -64.33 12.90 12.61
N GLY E 100 -64.47 13.93 11.79
CA GLY E 100 -65.44 14.96 12.05
C GLY E 100 -64.80 16.25 12.55
N GLU E 101 -65.69 17.16 12.97
CA GLU E 101 -65.28 18.49 13.40
C GLU E 101 -64.33 18.41 14.58
N ILE E 102 -63.38 19.34 14.62
CA ILE E 102 -62.45 19.44 15.74
C ILE E 102 -63.20 19.80 17.02
N GLY E 103 -64.17 20.70 16.94
CA GLY E 103 -64.90 21.11 18.12
C GLY E 103 -64.05 21.87 19.12
N GLU E 104 -63.21 22.78 18.65
CA GLU E 104 -62.31 23.52 19.52
C GLU E 104 -63.06 24.56 20.34
N GLU E 105 -62.37 25.09 21.34
CA GLU E 105 -62.89 26.22 22.10
C GLU E 105 -62.09 27.50 21.88
N GLU E 106 -60.87 27.39 21.37
CA GLU E 106 -60.00 28.55 21.19
C GLU E 106 -59.18 28.35 19.92
N ARG E 107 -58.84 29.47 19.27
CA ARG E 107 -58.01 29.46 18.08
C ARG E 107 -56.89 30.47 18.23
N TRP E 108 -55.70 30.10 17.75
CA TRP E 108 -54.51 30.91 17.91
C TRP E 108 -53.86 31.19 16.56
N ALA E 109 -53.38 32.42 16.38
CA ALA E 109 -52.62 32.76 15.19
C ALA E 109 -51.28 32.04 15.20
N ILE E 110 -50.85 31.56 14.03
CA ILE E 110 -49.62 30.80 13.95
C ILE E 110 -48.39 31.70 14.07
N HIS E 111 -48.51 32.99 13.79
CA HIS E 111 -47.39 33.91 13.88
C HIS E 111 -47.43 34.63 15.22
N ARG E 112 -46.38 34.46 16.03
CA ARG E 112 -46.31 35.12 17.31
C ARG E 112 -44.86 35.30 17.72
N ALA E 113 -44.63 36.24 18.63
CA ALA E 113 -43.28 36.57 19.06
C ALA E 113 -42.72 35.50 19.99
N ALA E 114 -41.40 35.36 19.98
CA ALA E 114 -40.72 34.43 20.86
C ALA E 114 -40.77 34.92 22.30
N PRO E 115 -40.65 34.01 23.27
CA PRO E 115 -40.58 34.43 24.67
C PRO E 115 -39.43 35.39 24.93
N SER E 116 -39.67 36.35 25.83
CA SER E 116 -38.68 37.36 26.15
C SER E 116 -37.53 36.76 26.95
N TYR E 117 -36.46 37.54 27.07
CA TYR E 117 -35.24 37.06 27.72
C TYR E 117 -35.47 36.65 29.17
N GLU E 118 -36.37 37.34 29.87
CA GLU E 118 -36.54 37.12 31.29
C GLU E 118 -37.27 35.81 31.60
N GLU E 119 -37.98 35.24 30.64
CA GLU E 119 -38.85 34.11 30.90
C GLU E 119 -38.15 32.76 30.78
N LEU E 120 -36.91 32.73 30.31
CA LEU E 120 -36.23 31.48 30.02
C LEU E 120 -35.83 30.75 31.30
N SER E 121 -35.55 29.46 31.15
CA SER E 121 -35.15 28.60 32.25
C SER E 121 -33.95 27.76 31.85
N ASN E 122 -33.20 27.29 32.85
CA ASN E 122 -32.00 26.51 32.62
C ASN E 122 -32.03 25.17 33.37
N SER E 123 -33.21 24.58 33.51
CA SER E 123 -33.38 23.34 34.26
C SER E 123 -32.91 22.13 33.47
N GLN E 124 -31.60 21.91 33.41
CA GLN E 124 -31.02 20.80 32.64
C GLN E 124 -31.09 19.49 33.41
N GLU E 125 -32.32 19.02 33.64
CA GLU E 125 -32.54 17.70 34.22
C GLU E 125 -32.18 16.63 33.19
N LEU E 126 -31.27 15.73 33.55
CA LEU E 126 -30.82 14.71 32.61
C LEU E 126 -31.96 13.77 32.25
N LEU E 127 -31.98 13.34 30.99
CA LEU E 127 -33.02 12.45 30.47
C LEU E 127 -32.37 11.23 29.83
N GLU E 128 -32.85 10.05 30.20
CA GLU E 128 -32.32 8.79 29.67
C GLU E 128 -33.13 8.34 28.47
N THR E 129 -32.45 7.87 27.44
CA THR E 129 -33.11 7.42 26.22
C THR E 129 -33.05 5.91 26.01
N GLY E 130 -32.15 5.21 26.69
CA GLY E 130 -32.01 3.78 26.49
C GLY E 130 -31.18 3.39 25.28
N ILE E 131 -30.49 4.33 24.66
CA ILE E 131 -29.59 4.05 23.54
C ILE E 131 -28.17 4.31 24.02
N LYS E 132 -27.27 3.36 23.76
CA LYS E 132 -25.92 3.45 24.30
C LYS E 132 -25.21 4.71 23.85
N VAL E 133 -25.15 4.94 22.53
CA VAL E 133 -24.36 6.04 22.03
C VAL E 133 -24.99 7.39 22.37
N ILE E 134 -26.31 7.48 22.30
CA ILE E 134 -26.97 8.75 22.60
C ILE E 134 -26.83 9.09 24.08
N ASP E 135 -27.09 8.13 24.96
CA ASP E 135 -26.96 8.40 26.38
C ASP E 135 -25.50 8.66 26.78
N LEU E 136 -24.56 7.97 26.16
CA LEU E 136 -23.16 8.13 26.55
C LEU E 136 -22.57 9.43 25.99
N MET E 137 -22.52 9.56 24.67
CA MET E 137 -21.83 10.68 24.05
C MET E 137 -22.62 11.98 24.11
N ALA E 138 -23.94 11.92 23.98
CA ALA E 138 -24.76 13.12 23.80
C ALA E 138 -25.99 13.05 24.70
N PRO E 139 -25.80 13.14 26.01
CA PRO E 139 -26.94 12.99 26.95
C PRO E 139 -27.99 14.07 26.71
N PHE E 140 -29.25 13.66 26.78
CA PHE E 140 -30.35 14.60 26.65
C PHE E 140 -30.61 15.32 27.96
N ALA E 141 -31.27 16.46 27.85
CA ALA E 141 -31.76 17.19 29.01
C ALA E 141 -33.22 17.53 28.81
N LYS E 142 -33.99 17.49 29.89
CA LYS E 142 -35.38 17.89 29.80
C LYS E 142 -35.48 19.37 29.43
N GLY E 143 -36.36 19.66 28.49
CA GLY E 143 -36.51 21.02 28.00
C GLY E 143 -35.50 21.44 26.95
N GLY E 144 -34.57 20.56 26.57
CA GLY E 144 -33.58 20.90 25.56
C GLY E 144 -34.05 20.58 24.15
N LYS E 145 -33.23 20.97 23.19
CA LYS E 145 -33.48 20.72 21.78
C LYS E 145 -32.46 19.73 21.25
N VAL E 146 -32.92 18.72 20.53
CA VAL E 146 -32.08 17.67 19.98
C VAL E 146 -32.26 17.63 18.47
N GLY E 147 -31.15 17.57 17.75
CA GLY E 147 -31.16 17.47 16.29
C GLY E 147 -30.49 16.18 15.83
N LEU E 148 -31.17 15.47 14.93
CA LEU E 148 -30.64 14.25 14.31
C LEU E 148 -30.20 14.59 12.90
N PHE E 149 -28.91 14.87 12.73
CA PHE E 149 -28.38 15.21 11.41
C PHE E 149 -28.02 13.95 10.63
N GLY E 150 -28.25 13.99 9.33
CA GLY E 150 -27.86 12.88 8.49
C GLY E 150 -28.36 13.07 7.07
N GLY E 151 -27.74 12.36 6.16
CA GLY E 151 -28.17 12.32 4.79
C GLY E 151 -29.40 11.44 4.62
N ALA E 152 -29.81 11.28 3.37
CA ALA E 152 -30.94 10.41 3.06
C ALA E 152 -30.55 8.95 3.27
N GLY E 153 -31.39 8.23 4.02
CA GLY E 153 -31.17 6.80 4.19
C GLY E 153 -30.14 6.42 5.21
N VAL E 154 -29.99 7.20 6.28
CA VAL E 154 -29.02 6.89 7.32
C VAL E 154 -29.66 6.44 8.62
N GLY E 155 -30.96 6.67 8.82
CA GLY E 155 -31.62 6.14 9.98
C GLY E 155 -32.28 7.18 10.86
N LYS E 156 -32.51 8.39 10.33
CA LYS E 156 -33.12 9.43 11.13
C LYS E 156 -34.53 9.04 11.56
N THR E 157 -35.32 8.49 10.64
CA THR E 157 -36.71 8.18 10.94
C THR E 157 -36.81 7.06 11.96
N VAL E 158 -36.03 5.98 11.78
CA VAL E 158 -36.11 4.88 12.72
C VAL E 158 -35.56 5.29 14.09
N ASN E 159 -34.53 6.13 14.11
CA ASN E 159 -34.04 6.63 15.39
C ASN E 159 -35.10 7.47 16.10
N MET E 160 -35.80 8.32 15.34
CA MET E 160 -36.85 9.11 15.97
C MET E 160 -38.00 8.24 16.44
N MET E 161 -38.33 7.18 15.70
CA MET E 161 -39.38 6.26 16.14
C MET E 161 -38.97 5.55 17.43
N GLU E 162 -37.72 5.12 17.52
CA GLU E 162 -37.24 4.48 18.74
C GLU E 162 -37.27 5.46 19.91
N LEU E 163 -36.86 6.71 19.67
CA LEU E 163 -36.91 7.72 20.72
C LEU E 163 -38.33 7.95 21.18
N ILE E 164 -39.28 8.01 20.24
CA ILE E 164 -40.68 8.18 20.61
C ILE E 164 -41.13 7.01 21.48
N ARG E 165 -40.88 5.79 21.01
CA ARG E 165 -41.33 4.61 21.74
C ARG E 165 -40.76 4.58 23.15
N ASN E 166 -39.51 5.03 23.30
CA ASN E 166 -38.90 5.06 24.63
C ASN E 166 -39.51 6.16 25.50
N ILE E 167 -39.32 7.41 25.12
CA ILE E 167 -39.62 8.49 26.05
C ILE E 167 -41.11 8.85 26.04
N ALA E 168 -41.69 9.04 24.84
CA ALA E 168 -43.01 9.66 24.77
C ALA E 168 -44.09 8.78 25.41
N ILE E 169 -43.91 7.46 25.36
CA ILE E 169 -44.85 6.57 26.03
C ILE E 169 -44.73 6.71 27.54
N GLU E 170 -43.50 6.73 28.05
CA GLU E 170 -43.30 6.84 29.49
C GLU E 170 -43.45 8.28 29.98
N HIS E 171 -43.42 9.24 29.06
CA HIS E 171 -43.40 10.65 29.43
C HIS E 171 -44.59 11.03 30.30
N SER E 172 -45.76 10.43 30.07
CA SER E 172 -46.98 10.75 30.81
C SER E 172 -47.33 12.23 30.65
N GLY E 173 -47.52 12.63 29.40
CA GLY E 173 -47.85 14.00 29.07
C GLY E 173 -48.15 14.12 27.60
N TYR E 174 -48.62 15.30 27.21
CA TYR E 174 -49.04 15.53 25.83
C TYR E 174 -47.83 15.68 24.92
N SER E 175 -48.02 15.32 23.65
CA SER E 175 -46.97 15.41 22.66
C SER E 175 -47.56 15.86 21.33
N VAL E 176 -46.75 16.56 20.54
CA VAL E 176 -47.15 17.08 19.25
C VAL E 176 -46.17 16.57 18.20
N PHE E 177 -46.69 16.11 17.07
CA PHE E 177 -45.86 15.62 15.97
C PHE E 177 -46.13 16.49 14.75
N ALA E 178 -45.10 17.15 14.25
CA ALA E 178 -45.19 18.02 13.08
C ALA E 178 -44.55 17.31 11.90
N GLY E 179 -45.38 16.82 10.98
CA GLY E 179 -44.89 16.12 9.81
C GLY E 179 -44.54 17.02 8.64
N VAL E 180 -43.51 17.85 8.80
CA VAL E 180 -43.14 18.79 7.74
C VAL E 180 -42.52 18.04 6.58
N GLY E 181 -43.18 18.09 5.43
CA GLY E 181 -42.61 17.50 4.22
C GLY E 181 -42.37 16.02 4.30
N GLU E 182 -43.15 15.30 5.09
CA GLU E 182 -42.98 13.87 5.23
C GLU E 182 -43.60 13.11 4.07
N ARG E 183 -43.17 11.86 3.89
CA ARG E 183 -43.84 10.95 2.98
C ARG E 183 -45.18 10.54 3.55
N THR E 184 -46.21 10.51 2.68
CA THR E 184 -47.55 10.17 3.13
C THR E 184 -47.61 8.76 3.70
N ARG E 185 -46.91 7.82 3.07
CA ARG E 185 -46.90 6.44 3.56
C ARG E 185 -46.37 6.36 4.98
N GLU E 186 -45.27 7.06 5.25
CA GLU E 186 -44.69 7.01 6.59
C GLU E 186 -45.59 7.65 7.62
N GLY E 187 -46.27 8.75 7.27
CA GLY E 187 -47.21 9.35 8.19
C GLY E 187 -48.38 8.44 8.50
N ASN E 188 -48.90 7.76 7.48
CA ASN E 188 -49.99 6.81 7.70
C ASN E 188 -49.53 5.67 8.60
N ASP E 189 -48.33 5.14 8.33
CA ASP E 189 -47.80 4.05 9.15
C ASP E 189 -47.61 4.50 10.59
N PHE E 190 -47.12 5.72 10.80
CA PHE E 190 -46.95 6.21 12.16
C PHE E 190 -48.29 6.38 12.86
N TYR E 191 -49.29 6.90 12.16
CA TYR E 191 -50.61 7.05 12.77
C TYR E 191 -51.19 5.70 13.17
N HIS E 192 -51.08 4.71 12.28
CA HIS E 192 -51.59 3.38 12.62
C HIS E 192 -50.79 2.77 13.76
N GLU E 193 -49.48 3.03 13.81
CA GLU E 193 -48.66 2.53 14.90
C GLU E 193 -49.11 3.11 16.24
N MET E 194 -49.38 4.42 16.26
CA MET E 194 -49.86 5.05 17.48
C MET E 194 -51.24 4.55 17.87
N THR E 195 -52.09 4.27 16.88
CA THR E 195 -53.43 3.79 17.17
C THR E 195 -53.38 2.37 17.75
N ASP E 196 -52.62 1.48 17.12
CA ASP E 196 -52.56 0.10 17.57
C ASP E 196 -51.94 -0.01 18.95
N SER E 197 -50.90 0.77 19.23
CA SER E 197 -50.30 0.80 20.55
C SER E 197 -51.16 1.55 21.56
N ASN E 198 -52.25 2.16 21.11
CA ASN E 198 -53.23 2.81 21.98
C ASN E 198 -52.59 3.91 22.83
N VAL E 199 -51.84 4.80 22.16
CA VAL E 199 -51.36 6.02 22.78
C VAL E 199 -51.75 7.27 22.00
N ILE E 200 -52.50 7.11 20.90
CA ILE E 200 -52.87 8.23 20.05
C ILE E 200 -53.66 9.28 20.82
N ASP E 201 -54.34 8.87 21.88
CA ASP E 201 -55.17 9.80 22.65
C ASP E 201 -54.37 10.88 23.34
N LYS E 202 -53.05 10.69 23.51
CA LYS E 202 -52.20 11.68 24.17
C LYS E 202 -51.44 12.56 23.20
N VAL E 203 -51.53 12.32 21.89
CA VAL E 203 -50.70 12.98 20.90
C VAL E 203 -51.57 13.61 19.84
N SER E 204 -51.19 14.80 19.39
CA SER E 204 -51.86 15.51 18.30
C SER E 204 -50.92 15.59 17.10
N LEU E 205 -51.45 15.35 15.91
CA LEU E 205 -50.64 15.22 14.70
C LEU E 205 -50.98 16.32 13.72
N VAL E 206 -49.95 16.99 13.21
CA VAL E 206 -50.07 17.98 12.14
C VAL E 206 -49.24 17.51 10.96
N TYR E 207 -49.87 17.37 9.79
CA TYR E 207 -49.22 16.80 8.62
C TYR E 207 -49.28 17.77 7.45
N GLY E 208 -48.11 18.10 6.91
CA GLY E 208 -48.00 18.64 5.57
C GLY E 208 -47.10 17.78 4.72
N GLN E 209 -47.67 17.07 3.76
CA GLN E 209 -46.91 16.10 2.99
C GLN E 209 -46.19 16.76 1.82
N MET E 210 -45.31 16.00 1.18
CA MET E 210 -44.49 16.52 0.09
C MET E 210 -45.32 17.07 -1.06
N ASN E 211 -46.38 16.33 -1.45
CA ASN E 211 -47.17 16.72 -2.62
C ASN E 211 -47.86 18.06 -2.44
N GLU E 212 -47.99 18.55 -1.22
CA GLU E 212 -48.72 19.79 -0.99
C GLU E 212 -47.91 20.98 -1.50
N PRO E 213 -48.58 22.05 -1.92
CA PRO E 213 -47.88 23.21 -2.48
C PRO E 213 -46.93 23.83 -1.47
N PRO E 214 -45.97 24.63 -1.93
CA PRO E 214 -44.93 25.15 -1.02
C PRO E 214 -45.46 25.94 0.15
N GLY E 215 -46.63 26.58 0.04
CA GLY E 215 -47.16 27.30 1.18
C GLY E 215 -47.46 26.40 2.36
N ASN E 216 -48.06 25.24 2.10
CA ASN E 216 -48.41 24.33 3.18
C ASN E 216 -47.17 23.82 3.90
N ARG E 217 -46.14 23.43 3.14
CA ARG E 217 -44.91 22.96 3.76
C ARG E 217 -44.19 24.10 4.48
N LEU E 218 -44.31 25.32 3.96
CA LEU E 218 -43.67 26.46 4.58
C LEU E 218 -44.30 26.79 5.93
N ARG E 219 -45.62 26.66 6.03
CA ARG E 219 -46.32 27.10 7.24
C ARG E 219 -46.71 25.99 8.19
N VAL E 220 -46.57 24.72 7.79
CA VAL E 220 -47.10 23.63 8.60
C VAL E 220 -46.38 23.52 9.94
N ALA E 221 -45.08 23.81 9.98
CA ALA E 221 -44.34 23.68 11.23
C ALA E 221 -44.83 24.68 12.27
N LEU E 222 -45.22 25.88 11.84
CA LEU E 222 -45.67 26.89 12.77
C LEU E 222 -46.97 26.47 13.45
N THR E 223 -47.81 25.69 12.77
CA THR E 223 -49.02 25.19 13.41
C THR E 223 -48.69 24.26 14.57
N GLY E 224 -47.73 23.35 14.36
CA GLY E 224 -47.30 22.50 15.45
C GLY E 224 -46.68 23.30 16.58
N LEU E 225 -45.87 24.30 16.25
CA LEU E 225 -45.30 25.16 17.27
C LEU E 225 -46.39 25.88 18.06
N THR E 226 -47.43 26.35 17.38
CA THR E 226 -48.51 27.03 18.07
C THR E 226 -49.26 26.10 19.00
N MET E 227 -49.53 24.86 18.58
CA MET E 227 -50.19 23.92 19.47
C MET E 227 -49.32 23.60 20.67
N ALA E 228 -48.03 23.39 20.44
CA ALA E 228 -47.13 23.09 21.55
C ALA E 228 -47.02 24.28 22.51
N GLU E 229 -47.02 25.50 21.98
CA GLU E 229 -46.98 26.66 22.85
C GLU E 229 -48.27 26.83 23.64
N LYS E 230 -49.41 26.49 23.05
CA LYS E 230 -50.66 26.52 23.79
C LYS E 230 -50.62 25.53 24.95
N PHE E 231 -50.11 24.32 24.69
CA PHE E 231 -49.98 23.34 25.76
C PHE E 231 -48.99 23.81 26.82
N ARG E 232 -47.89 24.42 26.40
CA ARG E 232 -46.87 24.88 27.34
C ARG E 232 -47.40 25.97 28.24
N ASP E 233 -48.13 26.93 27.67
CA ASP E 233 -48.61 28.06 28.46
C ASP E 233 -49.60 27.63 29.53
N GLU E 234 -50.30 26.52 29.32
CA GLU E 234 -51.10 25.93 30.38
C GLU E 234 -50.24 25.50 31.56
N GLY E 235 -48.94 25.32 31.35
CA GLY E 235 -48.05 24.83 32.38
C GLY E 235 -47.68 23.38 32.28
N ARG E 236 -48.06 22.70 31.20
CA ARG E 236 -47.72 21.31 31.01
C ARG E 236 -46.32 21.16 30.42
N ASP E 237 -45.79 19.95 30.50
CA ASP E 237 -44.54 19.58 29.84
C ASP E 237 -44.87 18.74 28.62
N VAL E 238 -44.41 19.17 27.45
CA VAL E 238 -44.81 18.55 26.20
C VAL E 238 -43.58 18.15 25.40
N LEU E 239 -43.76 17.15 24.55
CA LEU E 239 -42.74 16.71 23.61
C LEU E 239 -43.14 17.15 22.21
N LEU E 240 -42.20 17.77 21.50
CA LEU E 240 -42.44 18.24 20.14
C LEU E 240 -41.50 17.48 19.20
N PHE E 241 -42.07 16.79 18.23
CA PHE E 241 -41.29 16.07 17.24
C PHE E 241 -41.50 16.71 15.87
N VAL E 242 -40.41 16.99 15.18
CA VAL E 242 -40.43 17.59 13.85
C VAL E 242 -39.90 16.56 12.88
N ASP E 243 -40.68 16.26 11.84
CA ASP E 243 -40.28 15.23 10.89
C ASP E 243 -39.01 15.60 10.16
N ASN E 244 -38.95 16.81 9.61
CA ASN E 244 -37.74 17.26 8.93
C ASN E 244 -37.77 18.78 8.88
N ILE E 245 -36.86 19.42 9.61
CA ILE E 245 -36.77 20.88 9.59
C ILE E 245 -36.34 21.38 8.21
N TYR E 246 -35.47 20.63 7.54
CA TYR E 246 -34.87 21.12 6.31
C TYR E 246 -35.91 21.47 5.26
N ARG E 247 -37.00 20.71 5.20
CA ARG E 247 -37.99 20.91 4.15
C ARG E 247 -38.67 22.27 4.28
N TYR E 248 -38.73 22.81 5.49
CA TYR E 248 -39.26 24.16 5.68
C TYR E 248 -38.42 25.20 4.94
N THR E 249 -37.11 25.13 5.10
CA THR E 249 -36.23 26.04 4.38
C THR E 249 -36.30 25.79 2.88
N LEU E 250 -36.51 24.53 2.48
CA LEU E 250 -36.65 24.24 1.06
C LEU E 250 -37.90 24.89 0.48
N ALA E 251 -39.01 24.87 1.22
CA ALA E 251 -40.21 25.57 0.77
C ALA E 251 -39.95 27.07 0.68
N GLY E 252 -39.23 27.62 1.66
CA GLY E 252 -38.87 29.02 1.58
C GLY E 252 -38.03 29.35 0.36
N THR E 253 -37.07 28.47 0.04
CA THR E 253 -36.25 28.66 -1.15
C THR E 253 -37.08 28.59 -2.41
N GLU E 254 -38.05 27.67 -2.46
CA GLU E 254 -38.93 27.59 -3.62
C GLU E 254 -39.69 28.88 -3.82
N VAL E 255 -40.28 29.42 -2.76
CA VAL E 255 -41.10 30.62 -2.93
C VAL E 255 -40.25 31.88 -3.13
N SER E 256 -39.01 31.89 -2.63
CA SER E 256 -38.23 33.13 -2.59
C SER E 256 -38.03 33.74 -3.97
N ALA E 257 -37.67 32.93 -4.96
CA ALA E 257 -37.31 33.48 -6.27
C ALA E 257 -38.47 34.26 -6.88
N LEU E 258 -39.69 33.71 -6.80
CA LEU E 258 -40.85 34.40 -7.33
C LEU E 258 -41.19 35.64 -6.52
N LEU E 259 -40.80 35.68 -5.26
CA LEU E 259 -41.07 36.83 -4.41
C LEU E 259 -40.15 38.01 -4.70
N GLY E 260 -39.35 37.95 -5.76
CA GLY E 260 -38.52 39.07 -6.16
C GLY E 260 -37.23 39.23 -5.39
N ARG E 261 -36.87 38.28 -4.54
CA ARG E 261 -35.60 38.36 -3.84
C ARG E 261 -34.47 37.84 -4.71
N MET E 262 -33.31 38.47 -4.56
CA MET E 262 -32.13 38.00 -5.28
C MET E 262 -31.51 36.79 -4.56
N PRO E 263 -30.82 35.92 -5.28
CA PRO E 263 -30.27 34.72 -4.67
C PRO E 263 -28.99 35.00 -3.88
N SER E 264 -28.64 34.04 -3.04
CA SER E 264 -27.43 34.12 -2.22
C SER E 264 -26.84 32.74 -2.05
N ALA E 265 -25.58 32.70 -1.62
CA ALA E 265 -24.90 31.46 -1.18
C ALA E 265 -25.09 30.40 -2.26
N VAL E 266 -25.65 29.24 -1.96
CA VAL E 266 -25.75 28.11 -2.88
C VAL E 266 -27.12 28.14 -3.52
N GLY E 267 -27.68 29.35 -3.64
CA GLY E 267 -29.02 29.53 -4.17
C GLY E 267 -30.10 29.50 -3.13
N TYR E 268 -29.75 29.64 -1.85
CA TYR E 268 -30.75 29.80 -0.82
C TYR E 268 -31.27 31.24 -0.82
N GLN E 269 -32.44 31.41 -0.21
CA GLN E 269 -32.99 32.74 -0.03
C GLN E 269 -32.08 33.55 0.89
N PRO E 270 -32.01 34.88 0.70
CA PRO E 270 -31.16 35.69 1.58
C PRO E 270 -31.59 35.64 3.04
N THR E 271 -32.88 35.51 3.31
CA THR E 271 -33.40 35.50 4.66
C THR E 271 -33.32 34.12 5.33
N LEU E 272 -32.44 33.24 4.88
CA LEU E 272 -32.36 31.90 5.42
C LEU E 272 -32.15 31.91 6.94
N ALA E 273 -31.13 32.64 7.39
CA ALA E 273 -30.82 32.65 8.82
C ALA E 273 -31.92 33.32 9.62
N GLU E 274 -32.54 34.36 9.07
CA GLU E 274 -33.62 35.05 9.79
C GLU E 274 -34.82 34.13 9.98
N GLU E 275 -35.24 33.43 8.93
CA GLU E 275 -36.35 32.50 9.05
C GLU E 275 -36.02 31.37 10.02
N MET E 276 -34.81 30.83 9.91
CA MET E 276 -34.42 29.74 10.80
C MET E 276 -34.45 30.19 12.25
N GLY E 277 -33.92 31.37 12.53
CA GLY E 277 -33.96 31.89 13.89
C GLY E 277 -35.37 32.16 14.38
N VAL E 278 -36.21 32.68 13.49
CA VAL E 278 -37.59 32.98 13.89
C VAL E 278 -38.33 31.72 14.27
N LEU E 279 -38.15 30.64 13.52
CA LEU E 279 -38.85 29.40 13.88
C LEU E 279 -38.25 28.78 15.13
N GLN E 280 -36.92 28.73 15.22
CA GLN E 280 -36.27 28.00 16.30
C GLN E 280 -36.45 28.67 17.64
N GLU E 281 -36.55 30.00 17.68
CA GLU E 281 -36.56 30.71 18.95
C GLU E 281 -37.89 30.57 19.68
N ARG E 282 -38.93 30.06 19.04
CA ARG E 282 -40.18 29.82 19.73
C ARG E 282 -40.20 28.47 20.43
N ILE E 283 -39.29 27.56 20.05
CA ILE E 283 -39.20 26.27 20.71
C ILE E 283 -38.25 26.38 21.89
N THR E 284 -38.77 26.81 23.04
CA THR E 284 -37.96 27.00 24.24
C THR E 284 -38.79 26.63 25.46
N SER E 285 -38.10 26.32 26.55
CA SER E 285 -38.73 25.98 27.80
C SER E 285 -38.70 27.19 28.73
N THR E 286 -39.87 27.77 28.97
CA THR E 286 -39.98 28.95 29.82
C THR E 286 -40.24 28.53 31.26
N LYS E 287 -40.35 29.51 32.14
CA LYS E 287 -40.58 29.24 33.55
C LYS E 287 -41.95 28.62 33.81
N THR E 288 -42.91 28.82 32.92
CA THR E 288 -44.24 28.26 33.12
C THR E 288 -44.31 26.81 32.68
N GLY E 289 -43.61 26.46 31.61
CA GLY E 289 -43.66 25.09 31.09
C GLY E 289 -42.47 24.81 30.20
N SER E 290 -42.23 23.53 29.99
CA SER E 290 -41.06 23.07 29.25
C SER E 290 -41.48 22.36 27.96
N ILE E 291 -40.75 22.63 26.88
CA ILE E 291 -40.93 21.93 25.61
C ILE E 291 -39.64 21.19 25.29
N THR E 292 -39.71 19.88 25.19
CA THR E 292 -38.59 19.05 24.76
C THR E 292 -38.81 18.65 23.31
N SER E 293 -37.82 18.90 22.46
CA SER E 293 -37.99 18.76 21.02
C SER E 293 -36.87 17.92 20.42
N VAL E 294 -37.25 17.03 19.50
CA VAL E 294 -36.32 16.24 18.72
C VAL E 294 -36.59 16.51 17.25
N GLN E 295 -35.58 17.01 16.54
CA GLN E 295 -35.73 17.45 15.17
C GLN E 295 -34.78 16.68 14.26
N ALA E 296 -35.33 16.09 13.20
CA ALA E 296 -34.49 15.51 12.16
C ALA E 296 -34.13 16.59 11.15
N VAL E 297 -32.85 16.64 10.78
CA VAL E 297 -32.34 17.67 9.89
C VAL E 297 -31.67 16.98 8.70
N TYR E 298 -32.26 17.14 7.52
CA TYR E 298 -31.69 16.56 6.31
C TYR E 298 -30.39 17.28 5.95
N VAL E 299 -29.37 16.51 5.60
CA VAL E 299 -28.09 17.06 5.18
C VAL E 299 -27.88 16.75 3.71
N PRO E 300 -28.02 17.73 2.82
CA PRO E 300 -27.89 17.47 1.39
C PRO E 300 -26.55 16.89 1.01
N ALA E 301 -26.56 15.69 0.41
CA ALA E 301 -25.35 14.99 -0.02
C ALA E 301 -24.37 14.77 1.12
N ASP E 302 -24.88 14.70 2.35
CA ASP E 302 -24.08 14.50 3.57
C ASP E 302 -23.02 15.57 3.77
N ASP E 303 -23.15 16.70 3.07
CA ASP E 303 -22.21 17.82 3.21
C ASP E 303 -22.66 18.70 4.35
N LEU E 304 -22.02 18.56 5.51
CA LEU E 304 -22.35 19.37 6.68
C LEU E 304 -21.97 20.83 6.47
N THR E 305 -21.23 21.12 5.41
CA THR E 305 -20.86 22.50 5.10
C THR E 305 -22.03 23.29 4.52
N ASP E 306 -23.07 22.62 4.06
CA ASP E 306 -24.17 23.31 3.41
C ASP E 306 -24.81 24.30 4.39
N PRO E 307 -25.17 25.51 3.93
CA PRO E 307 -25.69 26.53 4.85
C PRO E 307 -26.92 26.11 5.63
N SER E 308 -27.82 25.32 5.06
CA SER E 308 -29.02 24.94 5.80
C SER E 308 -28.69 24.06 7.00
N PRO E 309 -27.92 22.97 6.88
CA PRO E 309 -27.50 22.28 8.10
C PRO E 309 -26.53 23.08 8.95
N ALA E 310 -25.69 23.91 8.32
CA ALA E 310 -24.70 24.67 9.08
C ALA E 310 -25.36 25.66 10.03
N THR E 311 -26.44 26.31 9.60
CA THR E 311 -27.06 27.35 10.43
C THR E 311 -27.77 26.75 11.64
N THR E 312 -28.49 25.64 11.45
CA THR E 312 -29.29 25.08 12.53
C THR E 312 -28.42 24.52 13.65
N PHE E 313 -27.15 24.22 13.37
CA PHE E 313 -26.27 23.68 14.40
C PHE E 313 -26.23 24.55 15.65
N ALA E 314 -26.27 25.87 15.48
CA ALA E 314 -26.12 26.77 16.61
C ALA E 314 -27.36 26.82 17.50
N HIS E 315 -28.52 26.39 16.99
CA HIS E 315 -29.76 26.52 17.75
C HIS E 315 -30.03 25.34 18.67
N LEU E 316 -29.35 24.21 18.49
CA LEU E 316 -29.66 23.02 19.25
C LEU E 316 -28.82 22.95 20.53
N ASP E 317 -29.14 21.98 21.36
CA ASP E 317 -28.39 21.70 22.57
C ASP E 317 -27.61 20.40 22.49
N ALA E 318 -28.24 19.32 22.04
CA ALA E 318 -27.55 18.08 21.73
C ALA E 318 -27.68 17.81 20.25
N THR E 319 -26.57 17.47 19.61
CA THR E 319 -26.54 17.25 18.16
C THR E 319 -26.01 15.86 17.89
N VAL E 320 -26.83 15.03 17.27
CA VAL E 320 -26.47 13.66 16.91
C VAL E 320 -26.29 13.62 15.41
N VAL E 321 -25.10 13.23 14.96
CA VAL E 321 -24.76 13.23 13.54
C VAL E 321 -24.69 11.80 13.07
N LEU E 322 -25.54 11.45 12.11
CA LEU E 322 -25.51 10.15 11.47
C LEU E 322 -24.70 10.25 10.18
N SER E 323 -23.72 9.38 10.02
CA SER E 323 -22.81 9.43 8.89
C SER E 323 -23.03 8.22 7.98
N ARG E 324 -23.14 8.47 6.69
CA ARG E 324 -23.32 7.38 5.74
C ARG E 324 -22.09 6.48 5.70
N GLN E 325 -20.91 7.01 6.01
CA GLN E 325 -19.70 6.19 6.00
C GLN E 325 -19.80 5.04 6.98
N ILE E 326 -20.36 5.30 8.17
CA ILE E 326 -20.64 4.21 9.11
C ILE E 326 -21.80 3.37 8.60
N ALA E 327 -22.85 4.02 8.09
CA ALA E 327 -24.01 3.28 7.59
C ALA E 327 -23.65 2.37 6.42
N SER E 328 -22.61 2.74 5.65
CA SER E 328 -22.18 1.87 4.55
C SER E 328 -21.73 0.50 5.06
N LEU E 329 -21.25 0.43 6.29
CA LEU E 329 -20.86 -0.84 6.89
C LEU E 329 -22.03 -1.59 7.50
N GLY E 330 -23.24 -1.02 7.47
CA GLY E 330 -24.40 -1.68 8.02
C GLY E 330 -24.52 -1.65 9.53
N ILE E 331 -23.59 -0.99 10.22
CA ILE E 331 -23.61 -0.95 11.67
C ILE E 331 -24.45 0.23 12.16
N TYR E 332 -25.75 0.01 12.29
CA TYR E 332 -26.63 1.01 12.86
C TYR E 332 -26.52 0.99 14.39
N PRO E 333 -26.91 2.09 15.07
CA PRO E 333 -27.59 3.34 14.68
C PRO E 333 -26.75 4.29 13.83
N ALA E 334 -25.49 3.94 13.56
CA ALA E 334 -24.60 4.71 12.69
C ALA E 334 -24.33 6.10 13.24
N VAL E 335 -24.48 6.30 14.55
CA VAL E 335 -24.15 7.58 15.16
C VAL E 335 -22.64 7.75 15.19
N ASP E 336 -22.16 8.91 14.73
CA ASP E 336 -20.74 9.21 14.75
C ASP E 336 -20.36 9.76 16.12
N PRO E 337 -19.54 9.05 16.89
CA PRO E 337 -19.17 9.56 18.22
C PRO E 337 -18.23 10.73 18.17
N LEU E 338 -17.49 10.91 17.08
CA LEU E 338 -16.51 11.98 16.97
C LEU E 338 -17.10 13.27 16.42
N ASP E 339 -18.40 13.31 16.16
CA ASP E 339 -19.03 14.53 15.68
C ASP E 339 -20.20 14.89 16.59
N SER E 340 -20.88 13.89 17.12
CA SER E 340 -21.96 14.12 18.06
C SER E 340 -21.43 14.80 19.33
N THR E 341 -22.27 15.65 19.92
CA THR E 341 -21.91 16.34 21.14
C THR E 341 -23.18 16.82 21.82
N SER E 342 -23.06 17.14 23.11
CA SER E 342 -24.18 17.66 23.88
C SER E 342 -23.66 18.67 24.90
N ARG E 343 -24.49 19.68 25.15
CA ARG E 343 -24.14 20.68 26.15
C ARG E 343 -24.07 20.09 27.55
N GLN E 344 -24.83 19.03 27.81
CA GLN E 344 -24.88 18.44 29.14
C GLN E 344 -23.63 17.64 29.48
N LEU E 345 -22.80 17.31 28.50
CA LEU E 345 -21.64 16.46 28.73
C LEU E 345 -20.52 17.29 29.35
N ASP E 346 -20.67 17.59 30.63
CA ASP E 346 -19.63 18.18 31.45
C ASP E 346 -19.75 17.60 32.84
N PRO E 347 -18.66 17.56 33.61
CA PRO E 347 -18.69 16.85 34.90
C PRO E 347 -19.76 17.34 35.85
N LEU E 348 -20.09 18.64 35.82
CA LEU E 348 -21.05 19.17 36.80
C LEU E 348 -22.41 18.50 36.69
N VAL E 349 -22.79 18.06 35.50
CA VAL E 349 -24.08 17.40 35.31
C VAL E 349 -23.92 15.89 35.40
N VAL E 350 -23.15 15.31 34.48
CA VAL E 350 -23.09 13.87 34.35
C VAL E 350 -22.29 13.18 35.45
N GLY E 351 -21.55 13.95 36.27
CA GLY E 351 -20.64 13.33 37.21
C GLY E 351 -19.33 12.94 36.55
N GLN E 352 -18.28 12.76 37.35
CA GLN E 352 -16.96 12.55 36.77
C GLN E 352 -16.85 11.21 36.03
N GLU E 353 -17.56 10.19 36.49
CA GLU E 353 -17.46 8.87 35.85
C GLU E 353 -17.89 8.93 34.39
N HIS E 354 -19.06 9.48 34.13
CA HIS E 354 -19.58 9.53 32.77
C HIS E 354 -18.70 10.37 31.88
N TYR E 355 -18.25 11.53 32.39
CA TYR E 355 -17.40 12.41 31.61
C TYR E 355 -16.09 11.73 31.24
N ASP E 356 -15.47 11.07 32.22
CA ASP E 356 -14.21 10.37 31.94
C ASP E 356 -14.40 9.25 30.93
N THR E 357 -15.49 8.50 31.06
CA THR E 357 -15.73 7.42 30.11
C THR E 357 -15.90 7.97 28.70
N ALA E 358 -16.69 9.04 28.56
CA ALA E 358 -16.93 9.62 27.24
C ALA E 358 -15.65 10.17 26.63
N ARG E 359 -14.84 10.86 27.44
CA ARG E 359 -13.58 11.40 26.94
C ARG E 359 -12.63 10.28 26.52
N GLY E 360 -12.57 9.20 27.31
CA GLY E 360 -11.74 8.08 26.93
C GLY E 360 -12.16 7.47 25.61
N VAL E 361 -13.46 7.25 25.44
CA VAL E 361 -13.94 6.68 24.18
C VAL E 361 -13.60 7.61 23.02
N GLN E 362 -13.81 8.91 23.19
CA GLN E 362 -13.50 9.85 22.13
C GLN E 362 -12.03 9.81 21.76
N SER E 363 -11.15 9.81 22.75
CA SER E 363 -9.71 9.80 22.47
C SER E 363 -9.29 8.51 21.78
N ILE E 364 -9.83 7.37 22.22
CA ILE E 364 -9.46 6.10 21.62
C ILE E 364 -9.90 6.04 20.16
N LEU E 365 -11.14 6.48 19.88
CA LEU E 365 -11.60 6.48 18.51
C LEU E 365 -10.81 7.46 17.65
N GLN E 366 -10.41 8.60 18.21
CA GLN E 366 -9.60 9.56 17.47
C GLN E 366 -8.25 8.97 17.10
N ARG E 367 -7.61 8.30 18.05
CA ARG E 367 -6.33 7.65 17.77
C ARG E 367 -6.49 6.57 16.69
N TYR E 368 -7.56 5.77 16.78
CA TYR E 368 -7.77 4.74 15.79
C TYR E 368 -7.97 5.33 14.40
N GLN E 369 -8.65 6.47 14.32
CA GLN E 369 -8.87 7.10 13.02
C GLN E 369 -7.56 7.46 12.35
N GLU E 370 -6.55 7.84 13.14
CA GLU E 370 -5.22 8.12 12.57
C GLU E 370 -4.50 6.82 12.21
N LEU E 371 -4.56 5.82 13.09
CA LEU E 371 -3.82 4.58 12.86
C LEU E 371 -4.33 3.84 11.62
N LYS E 372 -5.62 3.97 11.33
CA LYS E 372 -6.20 3.25 10.19
C LYS E 372 -5.56 3.69 8.88
N ASP E 373 -5.10 4.94 8.81
CA ASP E 373 -4.45 5.40 7.59
C ASP E 373 -3.13 4.69 7.34
N ILE E 374 -2.34 4.48 8.40
CA ILE E 374 -1.12 3.70 8.27
C ILE E 374 -1.45 2.27 7.88
N ILE E 375 -2.45 1.69 8.55
CA ILE E 375 -2.81 0.30 8.31
C ILE E 375 -3.20 0.09 6.85
N ALA E 376 -3.96 1.03 6.29
CA ALA E 376 -4.56 0.81 4.96
C ALA E 376 -3.50 0.55 3.90
N ILE E 377 -2.39 1.28 3.92
CA ILE E 377 -1.35 1.11 2.92
C ILE E 377 -0.22 0.22 3.44
N LEU E 378 0.39 0.59 4.56
CA LEU E 378 1.60 -0.11 5.00
C LEU E 378 1.31 -1.48 5.61
N GLY E 379 0.11 -1.67 6.15
CA GLY E 379 -0.22 -2.92 6.83
C GLY E 379 0.00 -2.83 8.33
N MET E 380 -0.66 -3.74 9.05
CA MET E 380 -0.73 -3.62 10.50
C MET E 380 0.57 -3.97 11.20
N ASP E 381 1.48 -4.69 10.54
CA ASP E 381 2.72 -5.10 11.18
C ASP E 381 3.65 -3.91 11.44
N GLU E 382 3.46 -2.79 10.75
CA GLU E 382 4.31 -1.62 10.94
C GLU E 382 3.99 -0.83 12.19
N LEU E 383 2.91 -1.15 12.88
CA LEU E 383 2.53 -0.42 14.09
C LEU E 383 3.29 -0.94 15.31
N SER E 384 3.41 -0.06 16.30
CA SER E 384 3.85 -0.51 17.62
C SER E 384 2.82 -1.46 18.22
N GLU E 385 3.28 -2.36 19.07
CA GLU E 385 2.37 -3.31 19.70
C GLU E 385 1.31 -2.62 20.53
N GLU E 386 1.65 -1.48 21.15
CA GLU E 386 0.64 -0.69 21.85
C GLU E 386 -0.34 -0.06 20.88
N ASP E 387 0.15 0.40 19.72
CA ASP E 387 -0.77 0.89 18.69
C ASP E 387 -1.64 -0.23 18.14
N LYS E 388 -1.09 -1.44 18.02
CA LYS E 388 -1.90 -2.58 17.61
C LYS E 388 -3.00 -2.87 18.64
N LEU E 389 -2.65 -2.82 19.92
CA LEU E 389 -3.65 -3.03 20.97
C LEU E 389 -4.73 -1.94 20.92
N VAL E 390 -4.31 -0.70 20.69
CA VAL E 390 -5.27 0.41 20.60
C VAL E 390 -6.20 0.20 19.41
N VAL E 391 -5.65 -0.21 18.26
CA VAL E 391 -6.47 -0.48 17.10
C VAL E 391 -7.49 -1.57 17.42
N ALA E 392 -7.05 -2.64 18.08
CA ALA E 392 -7.95 -3.74 18.39
C ALA E 392 -9.09 -3.27 19.31
N ARG E 393 -8.74 -2.61 20.42
CA ARG E 393 -9.78 -2.22 21.38
C ARG E 393 -10.70 -1.15 20.81
N ALA E 394 -10.17 -0.26 19.97
CA ALA E 394 -11.02 0.74 19.32
C ALA E 394 -11.98 0.09 18.33
N ARG E 395 -11.49 -0.88 17.56
CA ARG E 395 -12.36 -1.59 16.63
C ARG E 395 -13.42 -2.39 17.38
N LYS E 396 -13.12 -2.81 18.61
CA LYS E 396 -14.14 -3.43 19.44
C LYS E 396 -15.18 -2.40 19.89
N ILE E 397 -14.74 -1.26 20.41
CA ILE E 397 -15.65 -0.23 20.88
C ILE E 397 -16.57 0.22 19.75
N GLN E 398 -16.01 0.40 18.55
CA GLN E 398 -16.80 0.85 17.41
C GLN E 398 -18.00 -0.04 17.18
N ARG E 399 -17.81 -1.36 17.26
CA ARG E 399 -18.93 -2.28 17.08
C ARG E 399 -19.83 -2.31 18.30
N PHE E 400 -19.26 -2.15 19.49
CA PHE E 400 -20.08 -2.20 20.69
C PHE E 400 -21.10 -1.07 20.75
N LEU E 401 -20.84 0.05 20.09
CA LEU E 401 -21.80 1.15 20.08
C LEU E 401 -23.08 0.79 19.34
N SER E 402 -23.08 -0.27 18.55
CA SER E 402 -24.27 -0.68 17.83
C SER E 402 -25.26 -1.31 18.78
N GLN E 403 -26.53 -1.22 18.42
CA GLN E 403 -27.60 -1.73 19.27
C GLN E 403 -28.86 -1.98 18.46
N PRO E 404 -29.46 -3.15 18.56
CA PRO E 404 -30.72 -3.40 17.84
C PRO E 404 -31.88 -2.68 18.50
N PHE E 405 -32.69 -2.03 17.68
CA PHE E 405 -33.90 -1.36 18.13
C PHE E 405 -35.09 -2.24 17.80
N PHE E 406 -35.97 -2.44 18.78
CA PHE E 406 -37.22 -3.14 18.47
C PHE E 406 -38.27 -2.20 17.90
N VAL E 407 -37.87 -1.42 16.89
CA VAL E 407 -38.77 -0.74 15.97
C VAL E 407 -38.20 -1.02 14.58
N ALA E 408 -37.16 -1.84 14.54
CA ALA E 408 -36.48 -2.21 13.30
C ALA E 408 -36.40 -3.71 13.10
N GLU E 409 -37.16 -4.49 13.87
CA GLU E 409 -37.15 -5.95 13.69
C GLU E 409 -37.54 -6.33 12.27
N VAL E 410 -38.37 -5.53 11.61
CA VAL E 410 -38.74 -5.82 10.23
C VAL E 410 -37.50 -5.85 9.34
N PHE E 411 -36.56 -4.94 9.59
CA PHE E 411 -35.33 -4.92 8.81
C PHE E 411 -34.39 -6.04 9.24
N THR E 412 -33.99 -6.04 10.51
CA THR E 412 -32.98 -6.98 10.97
C THR E 412 -33.52 -8.39 11.12
N GLY E 413 -34.73 -8.54 11.65
CA GLY E 413 -35.22 -9.85 12.01
C GLY E 413 -34.77 -10.32 13.38
N SER E 414 -34.32 -9.42 14.24
CA SER E 414 -33.75 -9.76 15.54
C SER E 414 -34.44 -8.96 16.63
N PRO E 415 -34.47 -9.46 17.86
CA PRO E 415 -35.16 -8.74 18.94
C PRO E 415 -34.39 -7.49 19.34
N GLY E 416 -35.15 -6.45 19.69
CA GLY E 416 -34.53 -5.21 20.13
C GLY E 416 -34.06 -5.28 21.57
N LYS E 417 -33.12 -4.40 21.91
CA LYS E 417 -32.52 -4.36 23.23
C LYS E 417 -32.64 -2.96 23.82
N TYR E 418 -32.86 -2.92 25.14
CA TYR E 418 -32.88 -1.67 25.90
C TYR E 418 -31.78 -1.72 26.95
N VAL E 419 -31.05 -0.63 27.09
CA VAL E 419 -29.88 -0.58 27.98
C VAL E 419 -30.00 0.62 28.91
N SER E 420 -29.66 0.41 30.18
CA SER E 420 -29.57 1.50 31.14
C SER E 420 -28.25 2.24 30.99
N LEU E 421 -28.21 3.46 31.53
CA LEU E 421 -26.99 4.27 31.47
C LEU E 421 -25.84 3.61 32.22
N LYS E 422 -26.12 3.09 33.42
CA LYS E 422 -25.07 2.50 34.24
C LYS E 422 -24.42 1.31 33.54
N ASP E 423 -25.24 0.45 32.92
CA ASP E 423 -24.69 -0.70 32.24
C ASP E 423 -23.87 -0.28 31.02
N THR E 424 -24.29 0.78 30.33
CA THR E 424 -23.50 1.30 29.22
C THR E 424 -22.14 1.79 29.69
N ILE E 425 -22.13 2.54 30.80
CA ILE E 425 -20.88 3.05 31.35
C ILE E 425 -19.96 1.88 31.73
N ARG E 426 -20.50 0.90 32.45
CA ARG E 426 -19.69 -0.24 32.88
C ARG E 426 -19.16 -1.02 31.68
N GLY E 427 -19.98 -1.19 30.64
CA GLY E 427 -19.52 -1.93 29.48
C GLY E 427 -18.41 -1.21 28.74
N PHE E 428 -18.55 0.09 28.55
CA PHE E 428 -17.49 0.82 27.85
C PHE E 428 -16.23 0.90 28.70
N LYS E 429 -16.36 1.02 30.02
CA LYS E 429 -15.20 0.93 30.89
C LYS E 429 -14.49 -0.41 30.74
N GLY E 430 -15.27 -1.50 30.72
CA GLY E 430 -14.67 -2.82 30.58
C GLY E 430 -13.97 -3.01 29.26
N ILE E 431 -14.55 -2.47 28.18
CA ILE E 431 -13.89 -2.60 26.88
C ILE E 431 -12.65 -1.72 26.81
N MET E 432 -12.68 -0.54 27.43
CA MET E 432 -11.49 0.30 27.45
C MET E 432 -10.34 -0.36 28.20
N GLU E 433 -10.66 -1.18 29.20
CA GLU E 433 -9.64 -1.92 29.92
C GLU E 433 -9.48 -3.32 29.31
N GLY E 434 -8.69 -4.17 29.98
CA GLY E 434 -8.32 -5.45 29.40
C GLY E 434 -9.34 -6.56 29.55
N GLU E 435 -10.49 -6.26 30.17
CA GLU E 435 -11.45 -7.32 30.50
C GLU E 435 -11.90 -8.12 29.29
N TYR E 436 -11.93 -7.51 28.10
CA TYR E 436 -12.50 -8.15 26.93
C TYR E 436 -11.58 -8.11 25.72
N ASP E 437 -10.26 -8.04 25.92
CA ASP E 437 -9.34 -8.06 24.79
C ASP E 437 -9.44 -9.35 23.98
N HIS E 438 -9.85 -10.44 24.61
CA HIS E 438 -9.85 -11.75 23.99
C HIS E 438 -11.06 -12.01 23.10
N LEU E 439 -12.11 -11.20 23.20
CA LEU E 439 -13.28 -11.42 22.37
C LEU E 439 -13.05 -10.90 20.95
N PRO E 440 -13.58 -11.60 19.94
CA PRO E 440 -13.44 -11.12 18.56
C PRO E 440 -14.24 -9.85 18.32
N GLU E 441 -13.95 -9.23 17.17
CA GLU E 441 -14.65 -8.01 16.79
C GLU E 441 -16.13 -8.27 16.52
N GLN E 442 -16.44 -9.35 15.81
CA GLN E 442 -17.82 -9.68 15.49
C GLN E 442 -18.64 -10.04 16.73
N ALA E 443 -17.97 -10.35 17.84
CA ALA E 443 -18.68 -10.73 19.06
C ALA E 443 -19.49 -9.60 19.64
N PHE E 444 -19.22 -8.36 19.24
CA PHE E 444 -19.92 -7.19 19.77
C PHE E 444 -21.00 -6.66 18.84
N TYR E 445 -20.98 -7.06 17.57
CA TYR E 445 -21.81 -6.41 16.55
C TYR E 445 -23.29 -6.64 16.83
N MET E 446 -24.03 -5.54 17.02
CA MET E 446 -25.47 -5.55 17.22
C MET E 446 -25.89 -6.52 18.33
N VAL E 447 -25.16 -6.45 19.44
CA VAL E 447 -25.39 -7.37 20.56
C VAL E 447 -26.35 -6.75 21.56
N GLY E 448 -26.00 -5.58 22.07
CA GLY E 448 -26.67 -5.05 23.24
C GLY E 448 -25.71 -4.87 24.38
N SER E 449 -26.14 -5.23 25.60
CA SER E 449 -25.28 -5.06 26.76
C SER E 449 -23.99 -5.88 26.61
N ILE E 450 -22.96 -5.48 27.34
CA ILE E 450 -21.69 -6.21 27.34
C ILE E 450 -21.88 -7.60 27.89
N GLU E 451 -22.85 -7.78 28.79
CA GLU E 451 -23.08 -9.04 29.47
C GLU E 451 -23.49 -10.16 28.51
N GLU E 452 -23.87 -9.84 27.28
CA GLU E 452 -24.26 -10.84 26.29
C GLU E 452 -23.34 -10.86 25.08
N ALA E 453 -22.34 -9.98 25.01
CA ALA E 453 -21.35 -10.08 23.93
C ALA E 453 -20.51 -11.35 24.07
N VAL E 454 -20.23 -11.75 25.31
CA VAL E 454 -19.50 -13.01 25.54
C VAL E 454 -20.31 -14.18 25.01
N GLU E 455 -21.64 -14.10 25.12
CA GLU E 455 -22.49 -15.18 24.62
C GLU E 455 -22.38 -15.30 23.11
N LYS E 456 -22.39 -14.16 22.40
CA LYS E 456 -22.21 -14.21 20.96
C LYS E 456 -20.83 -14.69 20.58
N ALA E 457 -19.81 -14.29 21.35
CA ALA E 457 -18.46 -14.78 21.11
C ALA E 457 -18.40 -16.30 21.22
N LYS E 458 -19.04 -16.86 22.24
CA LYS E 458 -19.16 -18.32 22.34
C LYS E 458 -19.94 -18.90 21.17
N LYS E 459 -20.97 -18.19 20.71
CA LYS E 459 -21.78 -18.66 19.59
C LYS E 459 -21.08 -18.48 18.24
N LEU E 460 -20.26 -17.44 18.11
CA LEU E 460 -19.58 -17.13 16.85
C LEU E 460 -18.77 -18.30 16.32
N MET F 1 -18.50 78.66 -7.95
CA MET F 1 -19.93 78.36 -7.97
C MET F 1 -20.18 76.87 -8.23
N ALA F 2 -20.89 76.23 -7.31
CA ALA F 2 -21.29 74.85 -7.50
C ALA F 2 -22.36 74.76 -8.57
N THR F 3 -22.25 73.75 -9.44
CA THR F 3 -23.15 73.59 -10.56
C THR F 3 -23.96 72.31 -10.56
N GLY F 4 -23.50 71.27 -9.86
CA GLY F 4 -24.21 70.01 -9.82
C GLY F 4 -24.96 69.81 -8.50
N LYS F 5 -25.85 68.83 -8.53
CA LYS F 5 -26.62 68.44 -7.35
C LYS F 5 -26.63 66.93 -7.22
N ILE F 6 -26.54 66.45 -5.98
CA ILE F 6 -26.59 65.02 -5.71
C ILE F 6 -28.00 64.51 -5.93
N VAL F 7 -28.12 63.35 -6.57
CA VAL F 7 -29.43 62.74 -6.79
C VAL F 7 -29.55 61.35 -6.17
N GLN F 8 -28.47 60.61 -6.00
CA GLN F 8 -28.52 59.30 -5.36
C GLN F 8 -27.32 59.14 -4.45
N VAL F 9 -27.53 58.43 -3.34
CA VAL F 9 -26.46 58.05 -2.42
C VAL F 9 -26.74 56.62 -2.00
N ILE F 10 -25.92 55.69 -2.50
CA ILE F 10 -26.06 54.27 -2.18
C ILE F 10 -24.69 53.80 -1.72
N GLY F 11 -24.47 53.79 -0.40
CA GLY F 11 -23.17 53.45 0.12
C GLY F 11 -22.13 54.46 -0.32
N ALA F 12 -21.02 53.97 -0.86
CA ALA F 12 -19.96 54.85 -1.33
C ALA F 12 -20.24 55.44 -2.71
N VAL F 13 -21.20 54.89 -3.44
CA VAL F 13 -21.50 55.33 -4.79
C VAL F 13 -22.46 56.52 -4.74
N VAL F 14 -22.03 57.64 -5.31
CA VAL F 14 -22.80 58.87 -5.29
C VAL F 14 -23.05 59.31 -6.72
N ASP F 15 -24.30 59.59 -7.04
CA ASP F 15 -24.68 60.08 -8.37
C ASP F 15 -24.98 61.56 -8.30
N VAL F 16 -24.44 62.31 -9.25
CA VAL F 16 -24.57 63.76 -9.30
C VAL F 16 -25.05 64.16 -10.69
N GLU F 17 -26.04 65.05 -10.75
CA GLU F 17 -26.56 65.54 -12.01
C GLU F 17 -26.05 66.95 -12.29
N PHE F 18 -25.48 67.14 -13.47
CA PHE F 18 -24.93 68.39 -13.94
C PHE F 18 -25.72 68.92 -15.13
N PRO F 19 -25.67 70.23 -15.39
CA PRO F 19 -26.22 70.76 -16.63
C PRO F 19 -25.57 70.09 -17.84
N GLN F 20 -26.38 69.90 -18.90
CA GLN F 20 -25.97 69.03 -20.00
C GLN F 20 -24.71 69.53 -20.71
N ASP F 21 -24.42 70.83 -20.61
CA ASP F 21 -23.27 71.41 -21.29
C ASP F 21 -22.04 71.51 -20.39
N ALA F 22 -22.10 70.91 -19.19
CA ALA F 22 -21.00 71.03 -18.24
C ALA F 22 -20.67 69.72 -17.56
N VAL F 23 -21.01 68.58 -18.15
CA VAL F 23 -20.80 67.28 -17.53
C VAL F 23 -19.30 67.04 -17.37
N PRO F 24 -18.81 66.80 -16.16
CA PRO F 24 -17.38 66.57 -15.97
C PRO F 24 -16.94 65.29 -16.68
N ARG F 25 -15.68 65.30 -17.11
CA ARG F 25 -15.12 64.12 -17.77
C ARG F 25 -14.82 63.04 -16.74
N VAL F 26 -14.41 61.88 -17.24
CA VAL F 26 -14.07 60.77 -16.37
C VAL F 26 -12.79 61.09 -15.60
N TYR F 27 -12.69 60.56 -14.39
CA TYR F 27 -11.54 60.69 -13.49
C TYR F 27 -11.39 62.10 -12.93
N ASP F 28 -12.32 63.00 -13.19
CA ASP F 28 -12.25 64.31 -12.57
C ASP F 28 -12.66 64.23 -11.11
N ALA F 29 -12.36 65.29 -10.36
CA ALA F 29 -12.60 65.34 -8.93
C ALA F 29 -13.69 66.35 -8.62
N LEU F 30 -14.67 65.93 -7.83
CA LEU F 30 -15.71 66.82 -7.31
C LEU F 30 -15.52 66.99 -5.81
N GLU F 31 -16.16 68.01 -5.25
CA GLU F 31 -16.16 68.19 -3.81
C GLU F 31 -17.49 68.71 -3.34
N VAL F 32 -17.87 68.31 -2.13
CA VAL F 32 -19.16 68.65 -1.52
C VAL F 32 -18.96 68.94 -0.05
N GLN F 33 -19.88 69.70 0.52
CA GLN F 33 -19.88 69.99 1.95
C GLN F 33 -20.63 68.88 2.69
N ASN F 34 -19.88 67.96 3.28
CA ASN F 34 -20.47 66.92 4.13
C ASN F 34 -20.51 67.40 5.57
N GLY F 35 -21.44 68.31 5.83
CA GLY F 35 -21.50 68.93 7.14
C GLY F 35 -20.46 70.01 7.31
N ASN F 36 -19.41 69.74 8.08
CA ASN F 36 -18.37 70.72 8.34
C ASN F 36 -17.04 70.34 7.70
N GLU F 37 -17.06 69.51 6.66
CA GLU F 37 -15.83 69.09 5.99
C GLU F 37 -16.09 68.91 4.50
N ARG F 38 -15.06 69.18 3.70
CA ARG F 38 -15.15 68.98 2.26
C ARG F 38 -14.89 67.52 1.92
N LEU F 39 -15.77 66.92 1.14
CA LEU F 39 -15.67 65.53 0.72
C LEU F 39 -15.43 65.46 -0.78
N VAL F 40 -14.38 64.76 -1.17
CA VAL F 40 -13.96 64.67 -2.57
C VAL F 40 -14.57 63.42 -3.20
N LEU F 41 -15.09 63.57 -4.42
CA LEU F 41 -15.68 62.47 -5.18
C LEU F 41 -14.94 62.32 -6.49
N GLU F 42 -14.66 61.08 -6.88
CA GLU F 42 -13.97 60.79 -8.12
C GLU F 42 -14.97 60.28 -9.15
N VAL F 43 -14.98 60.89 -10.33
CA VAL F 43 -15.91 60.50 -11.38
C VAL F 43 -15.49 59.18 -11.99
N GLN F 44 -16.43 58.23 -12.06
CA GLN F 44 -16.17 56.91 -12.64
C GLN F 44 -16.88 56.68 -13.97
N GLN F 45 -18.14 57.07 -14.08
CA GLN F 45 -18.92 56.81 -15.28
C GLN F 45 -19.78 58.02 -15.61
N GLN F 46 -19.89 58.33 -16.90
CA GLN F 46 -20.82 59.35 -17.39
C GLN F 46 -22.07 58.66 -17.89
N LEU F 47 -23.15 58.78 -17.13
CA LEU F 47 -24.43 58.23 -17.57
C LEU F 47 -25.17 59.24 -18.43
N GLY F 48 -26.19 58.76 -19.13
CA GLY F 48 -26.95 59.63 -20.00
C GLY F 48 -27.75 60.66 -19.22
N GLY F 49 -27.96 61.81 -19.84
CA GLY F 49 -28.78 62.85 -19.26
C GLY F 49 -28.08 63.76 -18.29
N GLY F 50 -26.75 63.80 -18.32
CA GLY F 50 -26.00 64.68 -17.44
C GLY F 50 -25.71 64.11 -16.08
N ILE F 51 -26.27 62.95 -15.76
CA ILE F 51 -26.00 62.29 -14.49
C ILE F 51 -24.61 61.67 -14.55
N VAL F 52 -23.81 61.89 -13.51
CA VAL F 52 -22.50 61.28 -13.39
C VAL F 52 -22.51 60.39 -12.17
N ARG F 53 -21.69 59.36 -12.19
CA ARG F 53 -21.61 58.40 -11.10
C ARG F 53 -20.20 58.42 -10.54
N THR F 54 -20.09 58.58 -9.22
CA THR F 54 -18.82 58.86 -8.59
C THR F 54 -18.61 57.95 -7.39
N ILE F 55 -17.35 57.76 -7.03
CA ILE F 55 -16.96 57.02 -5.83
C ILE F 55 -16.47 58.02 -4.80
N ALA F 56 -17.05 57.98 -3.61
CA ALA F 56 -16.68 58.93 -2.57
C ALA F 56 -15.33 58.57 -1.98
N MET F 57 -14.43 59.56 -1.94
CA MET F 57 -13.12 59.39 -1.29
C MET F 57 -13.19 59.74 0.19
N GLY F 58 -14.08 59.09 0.93
CA GLY F 58 -14.25 59.40 2.33
C GLY F 58 -15.53 58.79 2.85
N SER F 59 -15.90 59.19 4.06
CA SER F 59 -17.13 58.70 4.67
C SER F 59 -18.33 59.31 3.97
N SER F 60 -19.23 58.45 3.49
CA SER F 60 -20.41 58.91 2.77
C SER F 60 -21.56 59.29 3.68
N ASP F 61 -21.46 59.01 4.97
CA ASP F 61 -22.58 59.26 5.87
C ASP F 61 -22.86 60.75 6.01
N GLY F 62 -24.13 61.08 6.14
CA GLY F 62 -24.56 62.46 6.30
C GLY F 62 -24.83 63.21 5.02
N LEU F 63 -24.63 62.59 3.86
CA LEU F 63 -24.92 63.25 2.60
C LEU F 63 -26.43 63.29 2.36
N ARG F 64 -26.94 64.46 2.03
CA ARG F 64 -28.34 64.62 1.65
C ARG F 64 -28.46 64.69 0.13
N ARG F 65 -29.64 64.31 -0.35
CA ARG F 65 -29.95 64.53 -1.75
C ARG F 65 -30.13 66.03 -2.00
N GLY F 66 -29.65 66.48 -3.16
CA GLY F 66 -29.77 67.87 -3.53
C GLY F 66 -28.63 68.77 -3.08
N LEU F 67 -27.63 68.24 -2.38
CA LEU F 67 -26.48 69.04 -1.99
C LEU F 67 -25.75 69.56 -3.22
N ASP F 68 -25.24 70.79 -3.11
CA ASP F 68 -24.47 71.38 -4.20
C ASP F 68 -23.13 70.69 -4.34
N VAL F 69 -22.65 70.58 -5.58
CA VAL F 69 -21.40 69.91 -5.90
C VAL F 69 -20.55 70.85 -6.73
N LYS F 70 -19.30 71.05 -6.32
CA LYS F 70 -18.36 71.88 -7.04
C LYS F 70 -17.50 71.01 -7.95
N ASP F 71 -17.49 71.33 -9.24
CA ASP F 71 -16.78 70.53 -10.24
C ASP F 71 -15.38 71.08 -10.43
N LEU F 72 -14.43 70.54 -9.67
CA LEU F 72 -13.03 70.80 -9.97
C LEU F 72 -12.67 70.16 -11.30
N GLU F 73 -12.17 70.96 -12.24
CA GLU F 73 -12.03 70.49 -13.61
C GLU F 73 -10.78 69.65 -13.84
N HIS F 74 -9.89 69.56 -12.87
CA HIS F 74 -8.71 68.72 -12.98
C HIS F 74 -8.89 67.44 -12.19
N PRO F 75 -8.17 66.38 -12.55
CA PRO F 75 -8.20 65.15 -11.74
C PRO F 75 -7.59 65.38 -10.36
N ILE F 76 -7.59 64.36 -9.51
CA ILE F 76 -7.00 64.50 -8.19
C ILE F 76 -5.54 64.89 -8.32
N GLU F 77 -5.18 66.00 -7.69
CA GLU F 77 -3.83 66.55 -7.77
C GLU F 77 -3.18 66.50 -6.40
N VAL F 78 -1.92 66.08 -6.36
CA VAL F 78 -1.20 65.90 -5.11
C VAL F 78 0.09 66.71 -5.14
N PRO F 79 0.57 67.19 -4.00
CA PRO F 79 1.87 67.88 -4.00
C PRO F 79 3.00 66.91 -4.28
N VAL F 80 4.06 67.43 -4.89
CA VAL F 80 5.20 66.63 -5.32
C VAL F 80 6.48 67.40 -5.05
N GLY F 81 7.59 66.69 -5.12
CA GLY F 81 8.90 67.31 -4.98
C GLY F 81 9.53 67.07 -3.63
N LYS F 82 10.61 67.82 -3.40
CA LYS F 82 11.41 67.66 -2.19
C LYS F 82 10.61 67.91 -0.92
N ALA F 83 9.58 68.76 -0.99
CA ALA F 83 8.82 69.10 0.20
C ALA F 83 8.11 67.89 0.80
N THR F 84 7.83 66.86 -0.01
CA THR F 84 7.09 65.70 0.49
C THR F 84 7.95 64.79 1.35
N LEU F 85 9.27 64.91 1.30
CA LEU F 85 10.14 63.98 2.00
C LEU F 85 9.95 64.08 3.50
N GLY F 86 9.86 62.92 4.16
CA GLY F 86 9.66 62.88 5.59
C GLY F 86 8.25 63.18 6.04
N ARG F 87 7.29 63.25 5.13
CA ARG F 87 5.92 63.59 5.45
C ARG F 87 5.00 62.41 5.15
N ILE F 88 3.94 62.28 5.96
CA ILE F 88 2.93 61.25 5.79
C ILE F 88 1.70 61.89 5.17
N MET F 89 1.21 61.30 4.08
CA MET F 89 0.07 61.85 3.37
C MET F 89 -0.93 60.75 3.07
N ASN F 90 -2.19 61.15 2.92
CA ASN F 90 -3.23 60.23 2.46
C ASN F 90 -3.27 60.26 0.93
N VAL F 91 -4.27 59.56 0.36
CA VAL F 91 -4.42 59.48 -1.08
C VAL F 91 -4.62 60.86 -1.69
N LEU F 92 -5.25 61.78 -0.96
CA LEU F 92 -5.52 63.11 -1.47
C LEU F 92 -4.34 64.06 -1.32
N GLY F 93 -3.22 63.60 -0.78
CA GLY F 93 -2.09 64.47 -0.56
C GLY F 93 -2.24 65.42 0.60
N GLU F 94 -3.18 65.15 1.49
CA GLU F 94 -3.27 65.93 2.72
C GLU F 94 -2.37 65.32 3.79
N PRO F 95 -1.71 66.14 4.60
CA PRO F 95 -0.79 65.59 5.60
C PRO F 95 -1.56 64.85 6.69
N VAL F 96 -1.13 63.62 6.97
CA VAL F 96 -1.74 62.84 8.04
C VAL F 96 -1.02 63.07 9.36
N ASP F 97 0.27 63.37 9.34
CA ASP F 97 0.96 63.77 10.55
C ASP F 97 0.50 65.17 10.98
N MET F 98 0.81 65.52 12.22
CA MET F 98 0.46 66.81 12.78
C MET F 98 1.51 67.87 12.50
N LYS F 99 2.34 67.68 11.47
CA LYS F 99 3.50 68.54 11.21
C LYS F 99 3.19 69.69 10.26
N GLY F 100 1.92 70.10 10.17
CA GLY F 100 1.57 71.29 9.43
C GLY F 100 1.57 71.12 7.91
N GLU F 101 1.32 72.24 7.24
CA GLU F 101 1.14 72.26 5.80
C GLU F 101 2.43 71.89 5.07
N ILE F 102 2.27 71.24 3.93
CA ILE F 102 3.40 70.88 3.08
C ILE F 102 3.76 72.06 2.19
N GLY F 103 5.03 72.44 2.18
CA GLY F 103 5.50 73.54 1.37
C GLY F 103 5.57 73.19 -0.10
N GLU F 104 4.42 72.84 -0.68
CA GLU F 104 4.37 72.38 -2.07
C GLU F 104 4.83 73.46 -3.02
N GLU F 105 5.48 73.03 -4.10
CA GLU F 105 5.77 73.91 -5.23
C GLU F 105 4.93 73.58 -6.46
N GLU F 106 4.59 72.31 -6.65
CA GLU F 106 3.74 71.89 -7.75
C GLU F 106 2.70 70.91 -7.23
N ARG F 107 1.59 70.81 -7.96
CA ARG F 107 0.62 69.75 -7.75
C ARG F 107 0.39 69.06 -9.09
N TRP F 108 0.52 67.74 -9.09
CA TRP F 108 0.39 66.94 -10.30
C TRP F 108 -0.86 66.07 -10.24
N ALA F 109 -1.49 65.89 -11.40
CA ALA F 109 -2.59 64.94 -11.51
C ALA F 109 -2.07 63.51 -11.42
N ILE F 110 -2.83 62.65 -10.75
CA ILE F 110 -2.35 61.30 -10.52
C ILE F 110 -2.53 60.41 -11.74
N HIS F 111 -3.48 60.73 -12.62
CA HIS F 111 -3.76 59.91 -13.80
C HIS F 111 -3.02 60.48 -14.99
N ARG F 112 -1.97 59.79 -15.42
CA ARG F 112 -1.18 60.21 -16.57
C ARG F 112 -0.77 58.99 -17.38
N ALA F 113 -0.45 59.24 -18.65
CA ALA F 113 -0.11 58.16 -19.57
C ALA F 113 1.30 57.63 -19.31
N ALA F 114 1.53 56.40 -19.76
CA ALA F 114 2.85 55.78 -19.64
C ALA F 114 3.84 56.41 -20.62
N PRO F 115 5.13 56.29 -20.33
CA PRO F 115 6.14 56.80 -21.27
C PRO F 115 6.02 56.16 -22.64
N SER F 116 6.24 56.96 -23.68
CA SER F 116 6.09 56.50 -25.05
C SER F 116 7.23 55.55 -25.43
N TYR F 117 7.06 54.90 -26.59
CA TYR F 117 8.09 54.02 -27.12
C TYR F 117 9.41 54.75 -27.35
N GLU F 118 9.35 56.02 -27.75
CA GLU F 118 10.56 56.79 -28.05
C GLU F 118 11.24 57.35 -26.82
N GLU F 119 10.57 57.35 -25.67
CA GLU F 119 11.14 57.90 -24.45
C GLU F 119 11.86 56.85 -23.61
N LEU F 120 11.57 55.57 -23.83
CA LEU F 120 12.19 54.51 -23.04
C LEU F 120 13.70 54.50 -23.24
N SER F 121 14.41 54.06 -22.20
CA SER F 121 15.86 54.00 -22.25
C SER F 121 16.32 52.96 -23.27
N ASN F 122 17.45 53.23 -23.90
CA ASN F 122 17.98 52.37 -24.95
C ASN F 122 19.01 51.37 -24.45
N SER F 123 18.92 50.94 -23.19
CA SER F 123 19.91 50.03 -22.64
C SER F 123 19.30 49.30 -21.45
N GLN F 124 19.96 48.22 -21.05
CA GLN F 124 19.62 47.48 -19.84
C GLN F 124 20.76 47.66 -18.86
N GLU F 125 20.46 48.15 -17.67
CA GLU F 125 21.48 48.47 -16.69
C GLU F 125 21.09 47.92 -15.33
N LEU F 126 22.09 47.46 -14.59
CA LEU F 126 21.85 46.91 -13.26
C LEU F 126 21.86 48.03 -12.22
N LEU F 127 20.98 47.90 -11.22
CA LEU F 127 20.92 48.81 -10.09
C LEU F 127 21.63 48.14 -8.92
N GLU F 128 22.89 48.51 -8.72
CA GLU F 128 23.66 47.91 -7.63
C GLU F 128 23.11 48.36 -6.29
N THR F 129 22.63 47.40 -5.51
CA THR F 129 22.05 47.69 -4.20
C THR F 129 23.06 47.70 -3.07
N GLY F 130 24.21 47.04 -3.25
CA GLY F 130 25.19 46.93 -2.19
C GLY F 130 24.98 45.78 -1.23
N ILE F 131 23.99 44.94 -1.48
CA ILE F 131 23.74 43.75 -0.67
C ILE F 131 24.24 42.54 -1.46
N LYS F 132 25.11 41.75 -0.84
CA LYS F 132 25.77 40.65 -1.55
C LYS F 132 24.76 39.68 -2.15
N VAL F 133 23.83 39.19 -1.33
CA VAL F 133 22.90 38.16 -1.80
C VAL F 133 22.06 38.69 -2.96
N ILE F 134 21.48 39.87 -2.80
CA ILE F 134 20.59 40.41 -3.81
C ILE F 134 21.37 40.72 -5.09
N ASP F 135 22.51 41.42 -4.96
CA ASP F 135 23.25 41.82 -6.14
C ASP F 135 23.84 40.62 -6.86
N LEU F 136 24.09 39.52 -6.15
CA LEU F 136 24.67 38.35 -6.81
C LEU F 136 23.60 37.45 -7.42
N MET F 137 22.67 36.95 -6.60
CA MET F 137 21.75 35.92 -7.04
C MET F 137 20.51 36.49 -7.74
N ALA F 138 20.09 37.70 -7.41
CA ALA F 138 18.87 38.29 -7.96
C ALA F 138 19.12 39.75 -8.32
N PRO F 139 19.99 40.01 -9.29
CA PRO F 139 20.36 41.39 -9.62
C PRO F 139 19.16 42.22 -10.06
N PHE F 140 19.13 43.47 -9.60
CA PHE F 140 18.07 44.41 -9.97
C PHE F 140 18.46 45.15 -11.23
N ALA F 141 17.55 45.21 -12.19
CA ALA F 141 17.71 46.11 -13.33
C ALA F 141 17.02 47.43 -13.03
N LYS F 142 17.56 48.51 -13.56
CA LYS F 142 16.91 49.80 -13.40
C LYS F 142 15.57 49.80 -14.10
N GLY F 143 14.53 50.23 -13.40
CA GLY F 143 13.18 50.14 -13.91
C GLY F 143 12.53 48.79 -13.76
N GLY F 144 13.22 47.82 -13.17
CA GLY F 144 12.63 46.50 -12.98
C GLY F 144 11.69 46.45 -11.78
N LYS F 145 10.78 45.48 -11.82
CA LYS F 145 9.87 45.21 -10.71
C LYS F 145 10.39 44.02 -9.92
N VAL F 146 10.42 44.16 -8.60
CA VAL F 146 10.95 43.14 -7.70
C VAL F 146 9.87 42.76 -6.69
N GLY F 147 9.64 41.45 -6.56
CA GLY F 147 8.66 40.96 -5.61
C GLY F 147 9.31 40.38 -4.37
N LEU F 148 8.73 40.70 -3.21
CA LEU F 148 9.15 40.11 -1.94
C LEU F 148 8.12 39.07 -1.51
N PHE F 149 8.56 37.82 -1.35
CA PHE F 149 7.66 36.74 -0.97
C PHE F 149 7.83 36.28 0.47
N GLY F 150 8.72 36.88 1.24
CA GLY F 150 8.93 36.45 2.61
C GLY F 150 7.73 36.73 3.49
N GLY F 151 7.66 35.99 4.59
CA GLY F 151 6.59 36.14 5.56
C GLY F 151 6.83 37.24 6.56
N ALA F 152 6.63 36.95 7.83
CA ALA F 152 6.84 37.91 8.91
C ALA F 152 7.92 37.41 9.85
N GLY F 153 8.64 38.34 10.45
CA GLY F 153 9.79 38.01 11.28
C GLY F 153 11.07 37.76 10.52
N VAL F 154 11.03 37.85 9.19
CA VAL F 154 12.17 37.48 8.36
C VAL F 154 13.03 38.69 8.02
N GLY F 155 12.72 39.84 8.61
CA GLY F 155 13.53 41.03 8.38
C GLY F 155 13.14 41.86 7.18
N LYS F 156 11.91 41.75 6.70
CA LYS F 156 11.49 42.47 5.49
C LYS F 156 11.68 43.97 5.63
N THR F 157 11.21 44.54 6.75
CA THR F 157 11.25 45.98 6.91
C THR F 157 12.67 46.50 7.05
N VAL F 158 13.54 45.70 7.68
CA VAL F 158 14.95 46.11 7.78
C VAL F 158 15.60 46.10 6.41
N ASN F 159 15.23 45.13 5.56
CA ASN F 159 15.73 45.12 4.19
C ASN F 159 15.24 46.35 3.44
N MET F 160 13.97 46.73 3.63
CA MET F 160 13.45 47.92 2.98
C MET F 160 14.21 49.16 3.43
N MET F 161 14.44 49.30 4.74
CA MET F 161 15.17 50.46 5.24
C MET F 161 16.60 50.47 4.73
N GLU F 162 17.25 49.31 4.66
CA GLU F 162 18.61 49.25 4.15
C GLU F 162 18.65 49.67 2.68
N LEU F 163 17.69 49.21 1.88
CA LEU F 163 17.65 49.61 0.48
C LEU F 163 17.44 51.11 0.36
N ILE F 164 16.53 51.66 1.17
CA ILE F 164 16.29 53.10 1.15
C ILE F 164 17.57 53.86 1.46
N ARG F 165 18.26 53.46 2.52
CA ARG F 165 19.48 54.14 2.91
C ARG F 165 20.54 54.05 1.84
N ASN F 166 20.74 52.85 1.28
CA ASN F 166 21.79 52.67 0.28
C ASN F 166 21.50 53.47 -0.98
N ILE F 167 20.24 53.53 -1.40
CA ILE F 167 19.93 54.32 -2.58
C ILE F 167 20.09 55.80 -2.30
N ALA F 168 19.70 56.25 -1.11
CA ALA F 168 19.79 57.68 -0.81
C ALA F 168 21.23 58.14 -0.64
N ILE F 169 22.09 57.28 -0.11
CA ILE F 169 23.45 57.66 0.28
C ILE F 169 24.47 57.28 -0.78
N GLU F 170 24.54 56.00 -1.15
CA GLU F 170 25.54 55.57 -2.11
C GLU F 170 25.20 56.05 -3.51
N HIS F 171 23.92 56.02 -3.87
CA HIS F 171 23.43 56.73 -5.04
C HIS F 171 22.90 58.09 -4.59
N SER F 172 22.26 58.81 -5.49
CA SER F 172 21.74 60.14 -5.20
C SER F 172 20.26 60.22 -5.51
N GLY F 173 19.52 59.16 -5.17
CA GLY F 173 18.10 59.10 -5.42
C GLY F 173 17.27 59.30 -4.17
N TYR F 174 15.97 59.10 -4.33
CA TYR F 174 15.01 59.18 -3.23
C TYR F 174 14.07 57.99 -3.33
N SER F 175 13.34 57.75 -2.24
CA SER F 175 12.45 56.61 -2.16
C SER F 175 11.04 57.07 -1.80
N VAL F 176 10.05 56.31 -2.27
CA VAL F 176 8.64 56.56 -1.97
C VAL F 176 8.03 55.27 -1.43
N PHE F 177 7.22 55.39 -0.39
CA PHE F 177 6.56 54.24 0.22
C PHE F 177 5.06 54.41 0.09
N ALA F 178 4.40 53.45 -0.54
CA ALA F 178 2.96 53.47 -0.75
C ALA F 178 2.31 52.40 0.12
N GLY F 179 1.67 52.83 1.19
CA GLY F 179 1.02 51.92 2.12
C GLY F 179 -0.36 51.50 1.69
N VAL F 180 -0.45 50.63 0.69
CA VAL F 180 -1.73 50.20 0.14
C VAL F 180 -2.36 49.20 1.11
N GLY F 181 -3.41 49.63 1.81
CA GLY F 181 -4.09 48.79 2.76
C GLY F 181 -3.25 48.45 3.97
N GLU F 182 -2.58 49.47 4.51
CA GLU F 182 -1.74 49.28 5.68
C GLU F 182 -2.57 49.12 6.95
N ARG F 183 -1.98 48.44 7.93
CA ARG F 183 -2.52 48.44 9.28
C ARG F 183 -1.99 49.65 10.03
N THR F 184 -2.88 50.36 10.73
CA THR F 184 -2.49 51.63 11.35
C THR F 184 -1.38 51.44 12.38
N ARG F 185 -1.48 50.40 13.20
CA ARG F 185 -0.43 50.14 14.18
C ARG F 185 0.91 49.88 13.49
N GLU F 186 0.88 49.09 12.43
CA GLU F 186 2.12 48.80 11.71
C GLU F 186 2.66 50.03 11.00
N GLY F 187 1.77 50.90 10.51
CA GLY F 187 2.23 52.14 9.92
C GLY F 187 2.90 53.04 10.93
N ASN F 188 2.35 53.13 12.14
CA ASN F 188 2.99 53.93 13.19
C ASN F 188 4.34 53.35 13.56
N ASP F 189 4.41 52.02 13.71
CA ASP F 189 5.68 51.38 14.04
C ASP F 189 6.72 51.63 12.97
N PHE F 190 6.32 51.52 11.70
CA PHE F 190 7.25 51.76 10.60
C PHE F 190 7.74 53.20 10.60
N TYR F 191 6.84 54.16 10.86
CA TYR F 191 7.25 55.55 10.92
C TYR F 191 8.25 55.79 12.04
N HIS F 192 7.96 55.25 13.23
CA HIS F 192 8.87 55.46 14.36
C HIS F 192 10.22 54.80 14.13
N GLU F 193 10.21 53.60 13.55
CA GLU F 193 11.49 52.93 13.28
C GLU F 193 12.30 53.67 12.23
N MET F 194 11.64 54.22 11.21
CA MET F 194 12.39 55.00 10.23
C MET F 194 12.91 56.30 10.83
N THR F 195 12.18 56.88 11.78
CA THR F 195 12.69 58.04 12.49
C THR F 195 13.93 57.68 13.30
N ASP F 196 13.89 56.55 13.99
CA ASP F 196 15.04 56.12 14.80
C ASP F 196 16.25 55.85 13.92
N SER F 197 16.05 55.15 12.80
CA SER F 197 17.16 54.81 11.93
C SER F 197 17.71 56.01 11.17
N ASN F 198 17.03 57.15 11.26
CA ASN F 198 17.45 58.41 10.62
C ASN F 198 17.42 58.31 9.10
N VAL F 199 16.54 57.47 8.57
CA VAL F 199 16.29 57.39 7.15
C VAL F 199 15.00 58.08 6.74
N ILE F 200 14.27 58.65 7.69
CA ILE F 200 12.94 59.20 7.40
C ILE F 200 13.03 60.33 6.40
N ASP F 201 14.05 61.19 6.53
CA ASP F 201 14.17 62.33 5.63
C ASP F 201 14.38 61.90 4.19
N LYS F 202 14.93 60.70 3.97
CA LYS F 202 15.29 60.26 2.63
C LYS F 202 14.10 59.69 1.86
N VAL F 203 12.98 59.42 2.52
CA VAL F 203 11.86 58.70 1.91
C VAL F 203 10.58 59.49 2.15
N SER F 204 9.64 59.40 1.21
CA SER F 204 8.33 60.02 1.33
C SER F 204 7.27 58.93 1.52
N LEU F 205 6.40 59.12 2.50
CA LEU F 205 5.42 58.12 2.90
C LEU F 205 4.01 58.61 2.58
N VAL F 206 3.27 57.80 1.81
CA VAL F 206 1.85 58.00 1.60
C VAL F 206 1.11 56.76 2.11
N TYR F 207 0.15 56.96 3.00
CA TYR F 207 -0.53 55.86 3.69
C TYR F 207 -2.00 55.81 3.32
N GLY F 208 -2.45 54.66 2.84
CA GLY F 208 -3.87 54.38 2.78
C GLY F 208 -4.23 53.25 3.72
N GLN F 209 -4.91 53.55 4.82
CA GLN F 209 -5.19 52.52 5.80
C GLN F 209 -6.35 51.64 5.34
N MET F 210 -6.50 50.49 6.02
CA MET F 210 -7.57 49.58 5.68
C MET F 210 -8.94 50.15 6.02
N ASN F 211 -9.01 51.05 6.99
CA ASN F 211 -10.30 51.62 7.39
C ASN F 211 -10.85 52.60 6.37
N GLU F 212 -10.06 52.98 5.37
CA GLU F 212 -10.53 53.91 4.36
C GLU F 212 -11.47 53.21 3.39
N PRO F 213 -12.36 53.95 2.73
CA PRO F 213 -13.23 53.36 1.72
C PRO F 213 -12.41 52.82 0.56
N PRO F 214 -12.98 51.93 -0.26
CA PRO F 214 -12.20 51.25 -1.29
C PRO F 214 -11.51 52.17 -2.27
N GLY F 215 -12.12 53.32 -2.58
CA GLY F 215 -11.49 54.23 -3.53
C GLY F 215 -10.12 54.70 -3.09
N ASN F 216 -9.99 55.04 -1.81
CA ASN F 216 -8.68 55.47 -1.30
C ASN F 216 -7.65 54.37 -1.40
N ARG F 217 -8.00 53.15 -0.98
CA ARG F 217 -7.06 52.05 -1.04
C ARG F 217 -6.69 51.73 -2.48
N LEU F 218 -7.60 51.96 -3.42
CA LEU F 218 -7.31 51.67 -4.82
C LEU F 218 -6.43 52.74 -5.46
N ARG F 219 -6.65 54.00 -5.10
CA ARG F 219 -5.91 55.10 -5.72
C ARG F 219 -4.62 55.45 -5.00
N VAL F 220 -4.42 54.96 -3.78
CA VAL F 220 -3.27 55.40 -2.98
C VAL F 220 -1.96 55.03 -3.65
N ALA F 221 -1.93 53.93 -4.40
CA ALA F 221 -0.71 53.58 -5.12
C ALA F 221 -0.37 54.61 -6.18
N LEU F 222 -1.39 55.16 -6.84
CA LEU F 222 -1.15 56.11 -7.92
C LEU F 222 -0.54 57.41 -7.41
N THR F 223 -0.87 57.81 -6.19
CA THR F 223 -0.26 59.01 -5.62
C THR F 223 1.24 58.81 -5.41
N GLY F 224 1.62 57.68 -4.82
CA GLY F 224 3.03 57.38 -4.66
C GLY F 224 3.74 57.29 -5.99
N LEU F 225 3.09 56.66 -6.97
CA LEU F 225 3.67 56.58 -8.30
C LEU F 225 3.86 57.96 -8.91
N THR F 226 2.93 58.88 -8.67
CA THR F 226 3.04 60.22 -9.21
C THR F 226 4.20 60.97 -8.57
N MET F 227 4.36 60.84 -7.26
CA MET F 227 5.49 61.49 -6.60
C MET F 227 6.80 60.91 -7.10
N ALA F 228 6.85 59.59 -7.30
CA ALA F 228 8.05 58.99 -7.85
C ALA F 228 8.33 59.49 -9.25
N GLU F 229 7.29 59.67 -10.07
CA GLU F 229 7.48 60.20 -11.41
C GLU F 229 8.00 61.63 -11.36
N LYS F 230 7.57 62.40 -10.38
CA LYS F 230 8.12 63.73 -10.18
C LYS F 230 9.61 63.65 -9.88
N PHE F 231 9.99 62.76 -8.97
CA PHE F 231 11.39 62.62 -8.62
C PHE F 231 12.21 62.17 -9.82
N ARG F 232 11.65 61.29 -10.65
CA ARG F 232 12.38 60.82 -11.82
C ARG F 232 12.66 61.95 -12.80
N ASP F 233 11.68 62.82 -13.03
CA ASP F 233 11.86 63.90 -14.00
C ASP F 233 13.01 64.82 -13.63
N GLU F 234 13.34 64.91 -12.35
CA GLU F 234 14.53 65.65 -11.94
C GLU F 234 15.82 64.97 -12.38
N GLY F 235 15.75 63.73 -12.86
CA GLY F 235 16.91 63.02 -13.34
C GLY F 235 17.48 61.98 -12.41
N ARG F 236 16.87 61.78 -11.24
CA ARG F 236 17.39 60.83 -10.28
C ARG F 236 16.93 59.41 -10.61
N ASP F 237 17.40 58.46 -9.79
CA ASP F 237 16.88 57.10 -9.76
C ASP F 237 16.07 56.93 -8.49
N VAL F 238 14.89 56.33 -8.62
CA VAL F 238 13.92 56.34 -7.54
C VAL F 238 13.52 54.90 -7.19
N LEU F 239 13.29 54.67 -5.91
CA LEU F 239 12.74 53.41 -5.43
C LEU F 239 11.29 53.62 -5.01
N LEU F 240 10.40 52.77 -5.52
CA LEU F 240 8.99 52.83 -5.18
C LEU F 240 8.62 51.55 -4.45
N PHE F 241 8.23 51.69 -3.18
CA PHE F 241 7.81 50.55 -2.36
C PHE F 241 6.30 50.47 -2.36
N VAL F 242 5.76 49.33 -2.78
CA VAL F 242 4.34 49.04 -2.69
C VAL F 242 4.18 47.99 -1.60
N ASP F 243 3.41 48.29 -0.57
CA ASP F 243 3.37 47.40 0.58
C ASP F 243 2.53 46.16 0.34
N ASN F 244 1.52 46.21 -0.53
CA ASN F 244 0.85 44.98 -0.96
C ASN F 244 0.12 45.28 -2.27
N ILE F 245 0.64 44.72 -3.36
CA ILE F 245 -0.07 44.80 -4.63
C ILE F 245 -1.38 44.02 -4.59
N TYR F 246 -1.43 42.96 -3.78
CA TYR F 246 -2.63 42.16 -3.68
C TYR F 246 -3.79 42.99 -3.14
N ARG F 247 -3.51 43.87 -2.18
CA ARG F 247 -4.57 44.73 -1.68
C ARG F 247 -5.01 45.75 -2.72
N TYR F 248 -4.10 46.17 -3.60
CA TYR F 248 -4.50 47.00 -4.74
C TYR F 248 -5.47 46.26 -5.64
N THR F 249 -5.18 44.99 -5.93
CA THR F 249 -6.09 44.19 -6.74
C THR F 249 -7.44 44.03 -6.05
N LEU F 250 -7.43 43.74 -4.75
CA LEU F 250 -8.69 43.57 -4.03
C LEU F 250 -9.49 44.87 -3.98
N ALA F 251 -8.82 46.00 -3.81
CA ALA F 251 -9.53 47.27 -3.83
C ALA F 251 -10.16 47.53 -5.18
N GLY F 252 -9.46 47.20 -6.26
CA GLY F 252 -10.06 47.33 -7.58
C GLY F 252 -11.27 46.43 -7.75
N THR F 253 -11.18 45.20 -7.22
CA THR F 253 -12.31 44.29 -7.27
C THR F 253 -13.51 44.85 -6.52
N GLU F 254 -13.27 45.40 -5.33
CA GLU F 254 -14.36 45.96 -4.53
C GLU F 254 -15.00 47.14 -5.25
N VAL F 255 -14.17 48.01 -5.83
CA VAL F 255 -14.72 49.17 -6.54
C VAL F 255 -15.57 48.71 -7.71
N SER F 256 -15.08 47.74 -8.49
CA SER F 256 -15.85 47.28 -9.64
C SER F 256 -17.14 46.60 -9.20
N ALA F 257 -17.10 45.86 -8.09
CA ALA F 257 -18.32 45.24 -7.59
C ALA F 257 -19.32 46.30 -7.15
N LEU F 258 -18.84 47.38 -6.51
CA LEU F 258 -19.73 48.47 -6.13
C LEU F 258 -20.35 49.12 -7.35
N LEU F 259 -19.57 49.32 -8.40
CA LEU F 259 -20.11 49.88 -9.63
C LEU F 259 -21.08 48.93 -10.32
N GLY F 260 -21.05 47.65 -9.97
CA GLY F 260 -22.00 46.70 -10.51
C GLY F 260 -21.62 46.12 -11.86
N ARG F 261 -20.35 46.16 -12.22
CA ARG F 261 -19.91 45.49 -13.43
C ARG F 261 -19.93 43.97 -13.25
N MET F 262 -20.00 43.27 -14.36
CA MET F 262 -20.06 41.81 -14.31
C MET F 262 -18.72 41.26 -13.85
N PRO F 263 -18.71 40.30 -12.93
CA PRO F 263 -17.43 39.75 -12.45
C PRO F 263 -16.80 38.86 -13.51
N SER F 264 -15.54 38.50 -13.24
CA SER F 264 -14.75 37.66 -14.14
C SER F 264 -14.38 36.37 -13.43
N ALA F 265 -13.49 35.58 -14.03
CA ALA F 265 -13.13 34.30 -13.44
C ALA F 265 -12.61 34.49 -12.02
N VAL F 266 -12.94 33.52 -11.16
CA VAL F 266 -12.64 33.55 -9.73
C VAL F 266 -13.13 34.86 -9.10
N GLY F 267 -14.04 35.54 -9.76
CA GLY F 267 -14.71 36.67 -9.17
C GLY F 267 -13.97 37.99 -9.24
N TYR F 268 -12.83 38.05 -9.93
CA TYR F 268 -12.12 39.30 -10.05
C TYR F 268 -12.82 40.23 -11.04
N GLN F 269 -12.44 41.51 -11.01
CA GLN F 269 -13.01 42.47 -11.93
C GLN F 269 -12.61 42.13 -13.36
N PRO F 270 -13.45 42.44 -14.35
CA PRO F 270 -13.07 42.15 -15.74
C PRO F 270 -11.89 42.98 -16.22
N THR F 271 -11.60 44.10 -15.58
CA THR F 271 -10.50 44.97 -15.98
C THR F 271 -9.22 44.68 -15.20
N LEU F 272 -9.08 43.48 -14.62
CA LEU F 272 -7.93 43.18 -13.78
C LEU F 272 -6.61 43.39 -14.51
N ALA F 273 -6.48 42.82 -15.71
CA ALA F 273 -5.22 42.90 -16.42
C ALA F 273 -4.87 44.34 -16.79
N GLU F 274 -5.85 45.12 -17.23
CA GLU F 274 -5.56 46.50 -17.62
C GLU F 274 -5.27 47.37 -16.40
N GLU F 275 -5.97 47.11 -15.29
CA GLU F 275 -5.69 47.87 -14.08
C GLU F 275 -4.29 47.58 -13.55
N MET F 276 -3.85 46.33 -13.68
CA MET F 276 -2.47 46.01 -13.31
C MET F 276 -1.48 46.67 -14.26
N GLY F 277 -1.75 46.61 -15.57
CA GLY F 277 -0.82 47.17 -16.54
C GLY F 277 -0.67 48.68 -16.40
N VAL F 278 -1.76 49.36 -16.05
CA VAL F 278 -1.71 50.81 -15.92
C VAL F 278 -0.71 51.21 -14.84
N LEU F 279 -0.75 50.53 -13.69
CA LEU F 279 0.21 50.83 -12.63
C LEU F 279 1.61 50.39 -13.03
N GLN F 280 1.75 49.16 -13.52
CA GLN F 280 3.09 48.60 -13.72
C GLN F 280 3.82 49.26 -14.88
N GLU F 281 3.12 49.69 -15.91
CA GLU F 281 3.80 50.21 -17.08
C GLU F 281 4.42 51.58 -16.86
N ARG F 282 3.97 52.31 -15.84
CA ARG F 282 4.57 53.60 -15.55
C ARG F 282 5.91 53.46 -14.83
N ILE F 283 6.17 52.29 -14.25
CA ILE F 283 7.45 52.02 -13.61
C ILE F 283 8.44 51.50 -14.64
N THR F 284 9.18 52.40 -15.27
CA THR F 284 10.12 52.03 -16.32
C THR F 284 11.32 52.96 -16.25
N SER F 285 12.30 52.70 -17.12
CA SER F 285 13.52 53.50 -17.19
C SER F 285 13.39 54.46 -18.38
N THR F 286 13.26 55.74 -18.08
CA THR F 286 13.21 56.78 -19.10
C THR F 286 14.61 57.34 -19.33
N LYS F 287 14.79 57.99 -20.48
CA LYS F 287 16.08 58.63 -20.77
C LYS F 287 16.48 59.61 -19.68
N THR F 288 15.51 60.29 -19.07
CA THR F 288 15.82 61.22 -17.99
C THR F 288 16.16 60.49 -16.69
N GLY F 289 15.51 59.36 -16.43
CA GLY F 289 15.73 58.64 -15.19
C GLY F 289 14.86 57.41 -15.14
N SER F 290 14.97 56.71 -14.01
CA SER F 290 14.28 55.43 -13.86
C SER F 290 13.61 55.36 -12.50
N ILE F 291 12.53 54.59 -12.44
CA ILE F 291 11.86 54.24 -11.20
C ILE F 291 11.97 52.73 -11.02
N THR F 292 12.45 52.30 -9.87
CA THR F 292 12.58 50.89 -9.54
C THR F 292 11.62 50.56 -8.42
N SER F 293 11.00 49.38 -8.47
CA SER F 293 9.93 49.04 -7.57
C SER F 293 10.21 47.74 -6.84
N VAL F 294 9.93 47.73 -5.55
CA VAL F 294 9.94 46.52 -4.73
C VAL F 294 8.56 46.36 -4.14
N GLN F 295 7.89 45.25 -4.48
CA GLN F 295 6.49 45.06 -4.15
C GLN F 295 6.32 43.77 -3.36
N ALA F 296 5.70 43.86 -2.19
CA ALA F 296 5.36 42.67 -1.44
C ALA F 296 4.19 41.96 -2.12
N VAL F 297 4.30 40.64 -2.27
CA VAL F 297 3.31 39.84 -2.97
C VAL F 297 2.71 38.84 -2.00
N TYR F 298 1.40 38.63 -2.12
CA TYR F 298 0.69 37.65 -1.31
C TYR F 298 -0.07 36.72 -2.24
N VAL F 299 -0.06 35.43 -1.90
CA VAL F 299 -0.68 34.38 -2.70
C VAL F 299 -1.96 33.96 -1.98
N PRO F 300 -3.13 34.12 -2.60
CA PRO F 300 -4.40 34.04 -1.85
C PRO F 300 -4.62 32.72 -1.13
N ALA F 301 -4.20 31.61 -1.74
CA ALA F 301 -4.39 30.30 -1.13
C ALA F 301 -3.16 29.43 -1.31
N ASP F 302 -1.98 30.05 -1.41
CA ASP F 302 -0.76 29.39 -1.86
C ASP F 302 -0.93 28.83 -3.28
N ASP F 303 -1.95 29.33 -3.99
CA ASP F 303 -2.25 28.92 -5.35
C ASP F 303 -1.57 29.88 -6.31
N LEU F 304 -0.52 29.41 -6.98
CA LEU F 304 0.21 30.24 -7.92
C LEU F 304 -0.51 30.42 -9.24
N THR F 305 -1.62 29.70 -9.47
CA THR F 305 -2.41 29.84 -10.68
C THR F 305 -3.57 30.82 -10.52
N ASP F 306 -3.78 31.34 -9.33
CA ASP F 306 -4.85 32.29 -9.11
C ASP F 306 -4.66 33.51 -10.00
N PRO F 307 -5.73 34.11 -10.52
CA PRO F 307 -5.57 35.22 -11.47
C PRO F 307 -4.74 36.38 -10.96
N SER F 308 -4.79 36.68 -9.66
CA SER F 308 -3.99 37.79 -9.16
C SER F 308 -2.49 37.48 -9.21
N PRO F 309 -2.00 36.38 -8.64
CA PRO F 309 -0.58 36.03 -8.86
C PRO F 309 -0.22 35.84 -10.32
N ALA F 310 -1.11 35.24 -11.11
CA ALA F 310 -0.82 35.01 -12.51
C ALA F 310 -0.62 36.34 -13.25
N THR F 311 -1.42 37.34 -12.92
CA THR F 311 -1.25 38.65 -13.54
C THR F 311 0.00 39.35 -13.01
N THR F 312 0.24 39.26 -11.70
CA THR F 312 1.38 39.97 -11.12
C THR F 312 2.70 39.44 -11.65
N PHE F 313 2.85 38.12 -11.69
CA PHE F 313 4.14 37.54 -12.08
C PHE F 313 4.54 37.93 -13.49
N ALA F 314 3.56 38.24 -14.35
CA ALA F 314 3.89 38.60 -15.72
C ALA F 314 4.69 39.89 -15.80
N HIS F 315 4.67 40.72 -14.76
CA HIS F 315 5.41 41.96 -14.75
C HIS F 315 6.67 41.91 -13.90
N LEU F 316 6.79 40.96 -12.98
CA LEU F 316 7.94 40.92 -12.10
C LEU F 316 9.19 40.51 -12.86
N ASP F 317 10.27 41.25 -12.65
CA ASP F 317 11.56 40.91 -13.24
C ASP F 317 12.40 40.00 -12.35
N ALA F 318 12.30 40.15 -11.04
CA ALA F 318 13.06 39.32 -10.12
C ALA F 318 12.20 39.00 -8.91
N THR F 319 12.54 37.92 -8.23
CA THR F 319 11.83 37.47 -7.04
C THR F 319 12.82 37.26 -5.92
N VAL F 320 12.52 37.82 -4.75
CA VAL F 320 13.35 37.67 -3.56
C VAL F 320 12.52 36.97 -2.51
N VAL F 321 13.01 35.85 -2.02
CA VAL F 321 12.28 35.01 -1.06
C VAL F 321 12.99 35.09 0.28
N LEU F 322 12.25 35.45 1.32
CA LEU F 322 12.76 35.43 2.69
C LEU F 322 12.21 34.23 3.42
N SER F 323 13.08 33.55 4.18
CA SER F 323 12.70 32.34 4.89
C SER F 323 13.12 32.45 6.35
N ARG F 324 12.24 31.98 7.24
CA ARG F 324 12.59 31.95 8.66
C ARG F 324 13.66 30.91 8.95
N GLN F 325 13.77 29.88 8.09
CA GLN F 325 14.74 28.82 8.31
C GLN F 325 16.16 29.37 8.30
N ILE F 326 16.47 30.28 7.38
CA ILE F 326 17.82 30.85 7.33
C ILE F 326 18.04 31.79 8.51
N ALA F 327 17.02 32.55 8.90
CA ALA F 327 17.14 33.42 10.07
C ALA F 327 17.40 32.62 11.33
N SER F 328 16.97 31.35 11.37
CA SER F 328 17.27 30.50 12.51
C SER F 328 18.76 30.25 12.64
N LEU F 329 19.49 30.25 11.53
CA LEU F 329 20.94 30.13 11.54
C LEU F 329 21.64 31.42 11.92
N GLY F 330 20.90 32.50 12.17
CA GLY F 330 21.50 33.78 12.46
C GLY F 330 22.03 34.51 11.25
N ILE F 331 21.78 34.00 10.05
CA ILE F 331 22.25 34.64 8.82
C ILE F 331 21.28 35.75 8.45
N TYR F 332 21.81 36.95 8.25
CA TYR F 332 21.02 38.09 7.81
C TYR F 332 21.78 38.87 6.75
N PRO F 333 21.11 39.31 5.68
CA PRO F 333 19.67 39.17 5.43
C PRO F 333 19.24 37.75 5.14
N ALA F 334 18.06 37.38 5.62
CA ALA F 334 17.55 36.01 5.49
C ALA F 334 16.90 35.83 4.11
N VAL F 335 17.75 35.83 3.09
CA VAL F 335 17.33 35.66 1.71
C VAL F 335 17.67 34.25 1.26
N ASP F 336 16.68 33.54 0.73
CA ASP F 336 16.90 32.19 0.23
C ASP F 336 17.63 32.25 -1.10
N PRO F 337 18.84 31.71 -1.21
CA PRO F 337 19.58 31.79 -2.47
C PRO F 337 19.11 30.80 -3.52
N LEU F 338 18.36 29.76 -3.13
CA LEU F 338 17.95 28.74 -4.08
C LEU F 338 16.63 29.06 -4.76
N ASP F 339 15.74 29.78 -4.09
CA ASP F 339 14.45 30.13 -4.67
C ASP F 339 14.39 31.54 -5.23
N SER F 340 15.25 32.44 -4.77
CA SER F 340 15.28 33.77 -5.34
C SER F 340 15.81 33.72 -6.76
N THR F 341 15.13 34.41 -7.67
CA THR F 341 15.46 34.35 -9.07
C THR F 341 15.38 35.74 -9.68
N SER F 342 16.11 35.93 -10.76
CA SER F 342 16.05 37.15 -11.54
C SER F 342 16.24 36.79 -13.00
N ARG F 343 15.40 37.33 -13.87
CA ARG F 343 15.56 37.07 -15.28
C ARG F 343 16.62 37.95 -15.93
N GLN F 344 17.23 38.85 -15.15
CA GLN F 344 18.42 39.54 -15.62
C GLN F 344 19.66 38.68 -15.53
N LEU F 345 19.60 37.57 -14.78
CA LEU F 345 20.72 36.66 -14.62
C LEU F 345 20.89 35.87 -15.91
N ASP F 346 21.55 36.50 -16.88
CA ASP F 346 21.76 35.92 -18.18
C ASP F 346 23.10 36.43 -18.69
N PRO F 347 23.87 35.61 -19.40
CA PRO F 347 25.19 36.04 -19.88
C PRO F 347 25.14 37.28 -20.76
N LEU F 348 24.07 37.45 -21.52
CA LEU F 348 23.93 38.62 -22.38
C LEU F 348 23.56 39.88 -21.64
N VAL F 349 23.25 39.78 -20.34
CA VAL F 349 22.84 40.93 -19.54
C VAL F 349 23.89 41.27 -18.48
N VAL F 350 24.23 40.31 -17.62
CA VAL F 350 25.19 40.56 -16.55
C VAL F 350 26.61 40.17 -16.92
N GLY F 351 26.82 39.59 -18.09
CA GLY F 351 28.15 39.14 -18.48
C GLY F 351 28.43 37.71 -18.05
N GLN F 352 29.44 37.12 -18.68
CA GLN F 352 29.70 35.70 -18.49
C GLN F 352 30.23 35.39 -17.09
N GLU F 353 31.08 36.29 -16.55
CA GLU F 353 31.69 36.02 -15.25
C GLU F 353 30.65 35.97 -14.15
N HIS F 354 29.76 36.96 -14.12
CA HIS F 354 28.71 37.00 -13.10
C HIS F 354 27.80 35.79 -13.23
N TYR F 355 27.41 35.46 -14.46
CA TYR F 355 26.54 34.31 -14.70
C TYR F 355 27.19 33.03 -14.18
N ASP F 356 28.45 32.81 -14.53
CA ASP F 356 29.14 31.60 -14.10
C ASP F 356 29.29 31.55 -12.59
N THR F 357 29.60 32.68 -11.95
CA THR F 357 29.73 32.68 -10.50
C THR F 357 28.41 32.34 -9.83
N ALA F 358 27.32 32.96 -10.30
CA ALA F 358 26.02 32.71 -9.69
C ALA F 358 25.58 31.26 -9.89
N ARG F 359 25.77 30.73 -11.10
CA ARG F 359 25.39 29.35 -11.36
C ARG F 359 26.23 28.39 -10.53
N GLY F 360 27.53 28.67 -10.39
CA GLY F 360 28.37 27.83 -9.54
C GLY F 360 27.91 27.83 -8.10
N VAL F 361 27.63 29.02 -7.56
CA VAL F 361 27.16 29.11 -6.18
C VAL F 361 25.88 28.32 -6.01
N GLN F 362 24.95 28.47 -6.96
CA GLN F 362 23.67 27.79 -6.84
C GLN F 362 23.83 26.28 -6.89
N SER F 363 24.68 25.79 -7.81
CA SER F 363 24.89 24.34 -7.89
C SER F 363 25.56 23.80 -6.64
N ILE F 364 26.51 24.56 -6.07
CA ILE F 364 27.16 24.11 -4.85
C ILE F 364 26.16 24.04 -3.71
N LEU F 365 25.28 25.05 -3.59
CA LEU F 365 24.30 25.03 -2.52
C LEU F 365 23.28 23.91 -2.70
N GLN F 366 22.87 23.64 -3.94
CA GLN F 366 21.96 22.51 -4.19
C GLN F 366 22.62 21.20 -3.83
N ARG F 367 23.89 21.03 -4.20
CA ARG F 367 24.61 19.81 -3.85
C ARG F 367 24.73 19.67 -2.34
N TYR F 368 24.97 20.77 -1.64
CA TYR F 368 25.02 20.71 -0.19
C TYR F 368 23.68 20.30 0.40
N GLN F 369 22.59 20.84 -0.14
CA GLN F 369 21.27 20.45 0.34
C GLN F 369 21.00 18.98 0.07
N GLU F 370 21.57 18.43 -1.00
CA GLU F 370 21.45 16.99 -1.22
C GLU F 370 22.26 16.21 -0.20
N LEU F 371 23.51 16.62 0.02
CA LEU F 371 24.40 15.89 0.92
C LEU F 371 23.99 16.00 2.37
N LYS F 372 23.22 17.03 2.75
CA LYS F 372 22.75 17.11 4.12
C LYS F 372 21.85 15.93 4.46
N ASP F 373 21.06 15.47 3.49
CA ASP F 373 20.23 14.30 3.72
C ASP F 373 21.09 13.07 3.99
N ILE F 374 22.15 12.89 3.20
CA ILE F 374 23.06 11.77 3.43
C ILE F 374 23.71 11.88 4.80
N ILE F 375 24.16 13.09 5.16
CA ILE F 375 24.83 13.28 6.44
C ILE F 375 23.89 12.95 7.59
N ALA F 376 22.63 13.36 7.48
CA ALA F 376 21.67 13.09 8.55
C ALA F 376 21.33 11.61 8.62
N ILE F 377 21.01 10.99 7.48
CA ILE F 377 20.53 9.61 7.49
C ILE F 377 21.64 8.62 7.83
N LEU F 378 22.85 8.83 7.32
CA LEU F 378 23.91 7.83 7.44
C LEU F 378 25.15 8.31 8.17
N GLY F 379 25.37 9.61 8.31
CA GLY F 379 26.54 10.13 8.99
C GLY F 379 27.64 10.58 8.04
N MET F 380 28.59 11.33 8.61
CA MET F 380 29.68 11.93 7.84
C MET F 380 30.62 10.91 7.22
N ASP F 381 30.75 9.72 7.82
CA ASP F 381 31.68 8.71 7.32
C ASP F 381 31.39 8.34 5.87
N GLU F 382 30.10 8.30 5.50
CA GLU F 382 29.72 7.98 4.13
C GLU F 382 30.31 8.97 3.13
N LEU F 383 30.63 10.18 3.57
CA LEU F 383 31.01 11.26 2.66
C LEU F 383 32.44 11.06 2.17
N SER F 384 32.61 11.10 0.84
CA SER F 384 33.94 11.04 0.26
C SER F 384 34.71 12.32 0.54
N GLU F 385 36.02 12.29 0.25
CA GLU F 385 36.84 13.47 0.50
C GLU F 385 36.53 14.61 -0.46
N GLU F 386 35.97 14.31 -1.64
CA GLU F 386 35.55 15.37 -2.54
C GLU F 386 34.26 16.01 -2.06
N ASP F 387 33.35 15.20 -1.53
CA ASP F 387 32.09 15.72 -1.03
C ASP F 387 32.28 16.49 0.28
N LYS F 388 33.27 16.09 1.08
CA LYS F 388 33.61 16.90 2.25
C LYS F 388 34.09 18.29 1.84
N LEU F 389 34.84 18.37 0.75
CA LEU F 389 35.31 19.67 0.27
C LEU F 389 34.13 20.54 -0.16
N VAL F 390 33.18 19.97 -0.89
CA VAL F 390 32.04 20.77 -1.32
C VAL F 390 31.17 21.14 -0.12
N VAL F 391 31.10 20.28 0.89
CA VAL F 391 30.33 20.62 2.10
C VAL F 391 30.98 21.80 2.81
N ALA F 392 32.30 21.77 2.99
CA ALA F 392 32.99 22.88 3.64
C ALA F 392 32.87 24.16 2.84
N ARG F 393 33.01 24.06 1.52
CA ARG F 393 32.88 25.25 0.67
C ARG F 393 31.46 25.79 0.72
N ALA F 394 30.46 24.91 0.73
CA ALA F 394 29.08 25.36 0.80
C ALA F 394 28.78 26.04 2.13
N ARG F 395 29.33 25.51 3.22
CA ARG F 395 29.15 26.19 4.51
C ARG F 395 29.81 27.56 4.50
N LYS F 396 31.00 27.66 3.92
CA LYS F 396 31.67 28.96 3.88
C LYS F 396 30.91 29.95 3.00
N ILE F 397 30.38 29.47 1.87
CA ILE F 397 29.56 30.33 1.01
C ILE F 397 28.30 30.78 1.74
N GLN F 398 27.60 29.83 2.36
CA GLN F 398 26.36 30.12 3.06
C GLN F 398 26.57 31.08 4.22
N ARG F 399 27.78 31.12 4.78
CA ARG F 399 28.06 32.11 5.82
C ARG F 399 28.62 33.41 5.27
N PHE F 400 29.20 33.39 4.07
CA PHE F 400 29.70 34.62 3.47
C PHE F 400 28.56 35.53 3.04
N LEU F 401 27.39 34.97 2.72
CA LEU F 401 26.24 35.76 2.30
C LEU F 401 25.74 36.71 3.37
N SER F 402 26.11 36.48 4.63
CA SER F 402 25.71 37.38 5.70
C SER F 402 26.37 38.74 5.52
N GLN F 403 25.71 39.79 6.03
CA GLN F 403 26.23 41.13 5.85
C GLN F 403 25.65 42.04 6.92
N PRO F 404 26.45 42.90 7.54
CA PRO F 404 25.90 43.86 8.52
C PRO F 404 25.36 45.11 7.83
N PHE F 405 24.15 45.49 8.19
CA PHE F 405 23.47 46.64 7.61
C PHE F 405 23.69 47.87 8.48
N PHE F 406 23.80 49.03 7.81
CA PHE F 406 23.98 50.28 8.54
C PHE F 406 22.80 50.58 9.46
N VAL F 407 21.59 50.16 9.07
CA VAL F 407 20.41 50.39 9.89
C VAL F 407 20.23 49.33 10.97
N ALA F 408 21.00 48.25 10.93
CA ALA F 408 20.93 47.19 11.93
C ALA F 408 22.06 47.27 12.95
N GLU F 409 22.84 48.36 12.95
CA GLU F 409 23.94 48.51 13.89
C GLU F 409 23.49 48.37 15.33
N VAL F 410 22.26 48.77 15.64
CA VAL F 410 21.76 48.64 17.01
C VAL F 410 21.61 47.19 17.41
N PHE F 411 21.48 46.27 16.45
CA PHE F 411 21.35 44.85 16.74
C PHE F 411 22.73 44.18 16.86
N THR F 412 23.50 44.18 15.77
CA THR F 412 24.79 43.51 15.75
C THR F 412 25.85 44.27 16.52
N GLY F 413 25.72 45.58 16.66
CA GLY F 413 26.79 46.35 17.25
C GLY F 413 28.03 46.45 16.39
N SER F 414 27.88 46.22 15.08
CA SER F 414 28.99 46.30 14.15
C SER F 414 28.66 47.27 13.04
N PRO F 415 29.64 48.03 12.54
CA PRO F 415 29.35 49.01 11.48
C PRO F 415 28.90 48.33 10.21
N GLY F 416 27.93 48.97 9.53
CA GLY F 416 27.45 48.42 8.28
C GLY F 416 28.51 48.46 7.20
N LYS F 417 28.32 47.62 6.17
CA LYS F 417 29.26 47.54 5.07
C LYS F 417 28.50 47.64 3.75
N TYR F 418 29.12 48.28 2.76
CA TYR F 418 28.61 48.35 1.40
C TYR F 418 29.54 47.57 0.49
N VAL F 419 29.00 46.62 -0.25
CA VAL F 419 29.80 45.73 -1.10
C VAL F 419 29.41 45.98 -2.54
N SER F 420 30.38 46.37 -3.37
CA SER F 420 30.12 46.54 -4.79
C SER F 420 29.97 45.18 -5.46
N LEU F 421 29.36 45.19 -6.65
CA LEU F 421 29.11 43.96 -7.37
C LEU F 421 30.41 43.22 -7.70
N LYS F 422 31.43 43.95 -8.15
CA LYS F 422 32.69 43.31 -8.52
C LYS F 422 33.36 42.67 -7.30
N ASP F 423 33.24 43.30 -6.14
CA ASP F 423 33.87 42.76 -4.94
C ASP F 423 33.25 41.42 -4.55
N THR F 424 31.91 41.36 -4.49
CA THR F 424 31.27 40.10 -4.12
C THR F 424 31.49 39.04 -5.20
N ILE F 425 31.46 39.45 -6.47
CA ILE F 425 31.72 38.51 -7.55
C ILE F 425 33.11 37.89 -7.39
N ARG F 426 34.11 38.73 -7.16
CA ARG F 426 35.47 38.25 -6.98
C ARG F 426 35.59 37.35 -5.75
N GLY F 427 34.93 37.73 -4.66
CA GLY F 427 35.01 36.92 -3.45
C GLY F 427 34.42 35.53 -3.64
N PHE F 428 33.23 35.44 -4.23
CA PHE F 428 32.63 34.13 -4.44
C PHE F 428 33.40 33.33 -5.48
N LYS F 429 33.90 34.00 -6.53
CA LYS F 429 34.75 33.32 -7.49
C LYS F 429 35.97 32.73 -6.82
N GLY F 430 36.59 33.48 -5.91
CA GLY F 430 37.72 32.98 -5.16
C GLY F 430 37.38 31.79 -4.31
N ILE F 431 36.28 31.87 -3.55
CA ILE F 431 35.88 30.77 -2.68
C ILE F 431 35.65 29.50 -3.50
N MET F 432 34.96 29.63 -4.65
CA MET F 432 34.70 28.47 -5.49
C MET F 432 35.98 27.91 -6.10
N GLU F 433 36.88 28.79 -6.55
CA GLU F 433 38.09 28.36 -7.23
C GLU F 433 39.12 27.75 -6.28
N GLY F 434 38.87 27.75 -4.98
CA GLY F 434 39.71 27.09 -4.03
C GLY F 434 40.74 27.93 -3.32
N GLU F 435 40.92 29.19 -3.69
CA GLU F 435 41.67 30.10 -2.84
C GLU F 435 40.81 30.51 -1.65
N TYR F 436 41.47 30.94 -0.57
CA TYR F 436 40.85 31.22 0.72
C TYR F 436 40.25 29.98 1.38
N ASP F 437 40.51 28.79 0.84
CA ASP F 437 39.98 27.56 1.42
C ASP F 437 40.50 27.33 2.84
N HIS F 438 41.70 27.81 3.15
CA HIS F 438 42.33 27.53 4.43
C HIS F 438 41.77 28.34 5.59
N LEU F 439 40.92 29.32 5.32
CA LEU F 439 40.43 30.15 6.41
C LEU F 439 39.34 29.43 7.20
N PRO F 440 39.21 29.72 8.49
CA PRO F 440 38.09 29.18 9.26
C PRO F 440 36.77 29.68 8.72
N GLU F 441 35.72 28.85 8.86
CA GLU F 441 34.42 29.22 8.32
C GLU F 441 33.87 30.47 8.98
N GLN F 442 34.20 30.71 10.25
CA GLN F 442 33.69 31.88 10.96
C GLN F 442 34.34 33.17 10.48
N ALA F 443 35.38 33.09 9.67
CA ALA F 443 36.00 34.30 9.14
C ALA F 443 35.15 34.96 8.06
N PHE F 444 34.19 34.22 7.49
CA PHE F 444 33.31 34.74 6.45
C PHE F 444 32.02 35.33 7.03
N TYR F 445 31.65 34.93 8.22
CA TYR F 445 30.36 35.32 8.79
C TYR F 445 30.32 36.82 9.07
N MET F 446 29.34 37.51 8.49
CA MET F 446 29.08 38.93 8.75
C MET F 446 30.30 39.81 8.49
N VAL F 447 31.19 39.40 7.59
CA VAL F 447 32.47 40.10 7.48
C VAL F 447 32.38 41.27 6.51
N GLY F 448 31.72 41.09 5.36
CA GLY F 448 31.76 42.12 4.33
C GLY F 448 32.41 41.58 3.07
N SER F 449 33.43 42.26 2.57
CA SER F 449 34.15 41.75 1.42
C SER F 449 35.20 40.73 1.85
N ILE F 450 35.78 40.05 0.86
CA ILE F 450 36.80 39.04 1.14
C ILE F 450 38.07 39.67 1.71
N GLU F 451 38.40 40.88 1.27
CA GLU F 451 39.57 41.56 1.80
C GLU F 451 39.41 41.85 3.29
N GLU F 452 38.17 41.96 3.78
CA GLU F 452 37.94 42.00 5.21
C GLU F 452 37.92 40.62 5.83
N ALA F 453 37.59 39.59 5.04
CA ALA F 453 37.58 38.23 5.58
C ALA F 453 38.99 37.76 5.93
N VAL F 454 39.95 38.06 5.04
CA VAL F 454 41.34 37.69 5.34
C VAL F 454 41.85 38.44 6.55
N GLU F 455 41.42 39.69 6.73
CA GLU F 455 41.82 40.44 7.92
C GLU F 455 41.20 39.86 9.18
N LYS F 456 39.93 39.45 9.11
CA LYS F 456 39.28 38.86 10.27
C LYS F 456 39.94 37.54 10.65
N ALA F 457 40.33 36.74 9.65
CA ALA F 457 41.00 35.47 9.94
C ALA F 457 42.31 35.68 10.68
N LYS F 458 43.00 36.80 10.43
CA LYS F 458 44.30 37.03 11.05
C LYS F 458 44.24 37.16 12.56
N LYS F 459 43.06 37.49 13.11
CA LYS F 459 42.90 37.61 14.55
C LYS F 459 41.84 36.67 15.12
N LEU F 460 41.04 36.03 14.28
CA LEU F 460 40.00 35.11 14.74
C LEU F 460 40.60 33.90 15.45
N ALA G 1 -15.61 14.88 -4.86
CA ALA G 1 -15.96 16.16 -4.27
C ALA G 1 -14.71 16.95 -3.92
N GLY G 2 -14.22 17.74 -4.88
CA GLY G 2 -12.96 18.45 -4.69
C GLY G 2 -12.98 19.36 -3.49
N ALA G 3 -14.11 20.03 -3.26
CA ALA G 3 -14.24 20.87 -2.08
C ALA G 3 -14.40 20.07 -0.79
N LYS G 4 -14.63 18.76 -0.87
CA LYS G 4 -14.98 18.02 0.33
C LYS G 4 -13.95 16.94 0.68
N ASP G 5 -13.55 16.13 -0.29
CA ASP G 5 -12.75 14.94 -0.01
C ASP G 5 -11.31 15.03 -0.48
N ILE G 6 -11.06 15.70 -1.60
CA ILE G 6 -9.69 15.82 -2.11
C ILE G 6 -8.79 16.46 -1.07
N ARG G 7 -9.32 17.41 -0.30
CA ARG G 7 -8.55 18.03 0.76
C ARG G 7 -8.18 17.00 1.84
N SER G 8 -9.03 15.99 2.04
CA SER G 8 -8.71 14.93 3.00
C SER G 8 -7.69 13.96 2.42
N LYS G 9 -7.81 13.65 1.13
CA LYS G 9 -6.86 12.75 0.48
C LYS G 9 -5.45 13.34 0.51
N ILE G 10 -5.34 14.64 0.26
CA ILE G 10 -4.04 15.30 0.31
C ILE G 10 -3.41 15.13 1.68
N ALA G 11 -4.21 15.33 2.75
CA ALA G 11 -3.68 15.19 4.09
C ALA G 11 -3.26 13.76 4.37
N SER G 12 -4.03 12.79 3.90
CA SER G 12 -3.67 11.39 4.13
C SER G 12 -2.34 11.06 3.44
N VAL G 13 -2.16 11.55 2.21
CA VAL G 13 -0.91 11.29 1.50
C VAL G 13 0.26 11.99 2.21
N GLN G 14 0.03 13.19 2.72
CA GLN G 14 1.07 13.88 3.48
C GLN G 14 1.50 13.06 4.70
N ASN G 15 0.52 12.53 5.43
CA ASN G 15 0.82 11.76 6.63
C ASN G 15 1.60 10.50 6.28
N THR G 16 1.15 9.80 5.24
CA THR G 16 1.87 8.60 4.80
C THR G 16 3.30 8.94 4.38
N GLN G 17 3.49 10.06 3.71
CA GLN G 17 4.83 10.47 3.29
C GLN G 17 5.73 10.70 4.49
N LYS G 18 5.21 11.40 5.52
CA LYS G 18 6.01 11.63 6.71
C LYS G 18 6.36 10.32 7.41
N ILE G 19 5.42 9.37 7.43
CA ILE G 19 5.68 8.09 8.09
C ILE G 19 6.79 7.34 7.36
N THR G 20 6.72 7.31 6.03
CA THR G 20 7.79 6.65 5.27
C THR G 20 9.12 7.37 5.46
N LYS G 21 9.11 8.69 5.56
CA LYS G 21 10.34 9.43 5.81
C LYS G 21 10.96 9.02 7.14
N ALA G 22 10.12 8.76 8.14
CA ALA G 22 10.65 8.27 9.43
C ALA G 22 11.18 6.85 9.30
N MET G 23 10.46 6.00 8.56
CA MET G 23 10.89 4.61 8.41
C MET G 23 12.23 4.50 7.72
N GLU G 24 12.52 5.39 6.79
CA GLU G 24 13.82 5.33 6.11
C GLU G 24 14.96 5.51 7.11
N MET G 25 14.83 6.46 8.03
CA MET G 25 15.89 6.68 9.01
C MET G 25 15.97 5.52 10.01
N VAL G 26 14.82 4.97 10.40
CA VAL G 26 14.84 3.82 11.30
C VAL G 26 15.60 2.67 10.65
N ALA G 27 15.31 2.39 9.38
CA ALA G 27 16.02 1.34 8.66
C ALA G 27 17.51 1.65 8.55
N ALA G 28 17.86 2.92 8.33
CA ALA G 28 19.26 3.27 8.22
C ALA G 28 20.03 3.03 9.51
N SER G 29 19.38 3.23 10.67
CA SER G 29 20.06 2.96 11.93
C SER G 29 20.17 1.47 12.19
N LYS G 30 19.10 0.72 11.89
CA LYS G 30 19.14 -0.72 12.07
C LYS G 30 20.19 -1.34 11.16
N MET G 31 20.41 -0.76 9.97
CA MET G 31 21.47 -1.24 9.09
C MET G 31 22.83 -1.09 9.75
N ARG G 32 23.08 0.03 10.42
CA ARG G 32 24.36 0.21 11.10
C ARG G 32 24.54 -0.81 12.21
N LYS G 33 23.48 -1.06 12.98
CA LYS G 33 23.61 -2.06 14.05
C LYS G 33 23.87 -3.45 13.48
N SER G 34 23.18 -3.80 12.39
CA SER G 34 23.42 -5.09 11.77
C SER G 34 24.83 -5.16 11.19
N GLN G 35 25.35 -4.05 10.68
CA GLN G 35 26.73 -4.04 10.21
C GLN G 35 27.70 -4.30 11.35
N ASP G 36 27.45 -3.71 12.51
CA ASP G 36 28.32 -3.97 13.66
C ASP G 36 28.28 -5.45 14.04
N ARG G 37 27.09 -6.04 14.09
CA ARG G 37 26.99 -7.47 14.41
C ARG G 37 27.72 -8.32 13.37
N MET G 38 27.52 -7.99 12.10
CA MET G 38 28.18 -8.73 11.02
C MET G 38 29.70 -8.65 11.14
N ALA G 39 30.24 -7.47 11.42
CA ALA G 39 31.67 -7.34 11.56
C ALA G 39 32.18 -8.07 12.80
N ALA G 40 31.37 -8.12 13.86
CA ALA G 40 31.76 -8.88 15.04
C ALA G 40 31.83 -10.37 14.74
N SER G 41 30.96 -10.86 13.85
CA SER G 41 30.84 -12.30 13.64
C SER G 41 32.09 -12.93 13.02
N ARG G 42 32.80 -12.22 12.16
CA ARG G 42 33.80 -12.83 11.29
C ARG G 42 34.98 -13.51 12.02
N PRO G 43 35.64 -12.89 13.00
CA PRO G 43 36.91 -13.46 13.48
C PRO G 43 36.79 -14.87 14.06
N TYR G 44 35.67 -15.19 14.69
CA TYR G 44 35.47 -16.55 15.20
C TYR G 44 35.49 -17.54 14.05
N ALA G 45 34.79 -17.22 12.96
CA ALA G 45 34.75 -18.08 11.80
C ALA G 45 36.13 -18.22 11.16
N GLU G 46 36.87 -17.12 11.04
CA GLU G 46 38.19 -17.21 10.40
C GLU G 46 39.19 -17.98 11.26
N THR G 47 39.10 -17.86 12.59
CA THR G 47 39.97 -18.63 13.47
C THR G 47 39.66 -20.12 13.37
N MET G 48 38.38 -20.48 13.38
CA MET G 48 38.01 -21.88 13.23
C MET G 48 38.44 -22.41 11.86
N ARG G 49 38.36 -21.57 10.83
CA ARG G 49 38.87 -21.95 9.51
C ARG G 49 40.37 -22.21 9.55
N LYS G 50 41.12 -21.38 10.28
CA LYS G 50 42.55 -21.61 10.41
C LYS G 50 42.84 -22.94 11.09
N VAL G 51 42.10 -23.26 12.15
CA VAL G 51 42.33 -24.51 12.86
C VAL G 51 41.98 -25.70 11.99
N ILE G 52 40.84 -25.65 11.28
CA ILE G 52 40.47 -26.78 10.41
C ILE G 52 41.46 -26.92 9.27
N GLY G 53 42.00 -25.81 8.77
CA GLY G 53 43.03 -25.91 7.74
C GLY G 53 44.29 -26.57 8.25
N HIS G 54 44.70 -26.22 9.47
CA HIS G 54 45.84 -26.88 10.07
C HIS G 54 45.60 -28.38 10.23
N LEU G 55 44.39 -28.76 10.68
CA LEU G 55 44.12 -30.18 10.91
C LEU G 55 44.04 -30.95 9.59
N ALA G 56 43.45 -30.34 8.57
CA ALA G 56 43.26 -31.03 7.30
C ALA G 56 44.56 -31.14 6.51
N HIS G 57 45.27 -30.02 6.36
CA HIS G 57 46.44 -29.95 5.49
C HIS G 57 47.74 -30.12 6.24
N GLY G 58 47.71 -30.70 7.44
CA GLY G 58 48.93 -30.99 8.16
C GLY G 58 49.74 -32.06 7.48
N ASN G 59 50.95 -32.29 8.02
CA ASN G 59 51.84 -33.32 7.49
C ASN G 59 51.12 -34.67 7.41
N LEU G 60 50.41 -35.03 8.48
CA LEU G 60 49.53 -36.20 8.46
C LEU G 60 48.14 -35.73 8.07
N GLU G 61 47.60 -36.29 6.99
CA GLU G 61 46.37 -35.82 6.40
C GLU G 61 45.23 -36.77 6.75
N TYR G 62 44.20 -36.24 7.40
CA TYR G 62 43.03 -37.01 7.77
C TYR G 62 41.97 -36.93 6.67
N LYS G 63 40.98 -37.83 6.77
CA LYS G 63 39.88 -37.91 5.81
C LYS G 63 38.57 -37.96 6.59
N HIS G 64 37.59 -37.14 6.16
CA HIS G 64 36.33 -37.07 6.86
C HIS G 64 35.20 -36.92 5.84
N PRO G 65 34.03 -37.52 6.10
CA PRO G 65 32.92 -37.38 5.16
C PRO G 65 32.55 -35.94 4.84
N TYR G 66 32.58 -35.05 5.84
CA TYR G 66 32.29 -33.64 5.58
C TYR G 66 33.37 -32.99 4.73
N LEU G 67 34.55 -33.60 4.62
CA LEU G 67 35.68 -33.03 3.91
C LEU G 67 35.92 -33.68 2.55
N GLU G 68 35.77 -35.00 2.45
CA GLU G 68 36.11 -35.68 1.21
C GLU G 68 35.08 -35.42 0.13
N ASP G 69 35.55 -35.44 -1.11
CA ASP G 69 34.66 -35.27 -2.25
C ASP G 69 33.82 -36.51 -2.44
N ARG G 70 32.54 -36.30 -2.78
CA ARG G 70 31.61 -37.40 -3.02
C ARG G 70 30.84 -37.11 -4.29
N ASP G 71 30.53 -38.15 -5.05
CA ASP G 71 29.75 -37.97 -6.25
C ASP G 71 28.34 -37.50 -5.90
N VAL G 72 27.69 -36.85 -6.86
CA VAL G 72 26.42 -36.17 -6.65
C VAL G 72 25.28 -37.07 -7.11
N LYS G 73 24.32 -37.31 -6.22
CA LYS G 73 23.05 -37.93 -6.58
C LYS G 73 21.85 -37.17 -6.03
N ARG G 74 22.00 -36.42 -4.93
CA ARG G 74 21.00 -35.51 -4.44
C ARG G 74 21.70 -34.22 -4.06
N VAL G 75 21.03 -33.09 -4.29
CA VAL G 75 21.58 -31.77 -4.01
C VAL G 75 20.65 -31.05 -3.05
N GLY G 76 21.23 -30.35 -2.08
CA GLY G 76 20.46 -29.70 -1.06
C GLY G 76 20.79 -28.22 -0.95
N TYR G 77 19.80 -27.46 -0.51
CA TYR G 77 19.97 -26.03 -0.24
C TYR G 77 19.29 -25.68 1.08
N LEU G 78 19.83 -24.66 1.74
CA LEU G 78 19.11 -23.97 2.78
C LEU G 78 19.08 -22.49 2.43
N VAL G 79 17.93 -21.87 2.62
CA VAL G 79 17.65 -20.53 2.10
C VAL G 79 17.18 -19.65 3.25
N VAL G 80 17.71 -18.43 3.29
CA VAL G 80 17.32 -17.43 4.27
C VAL G 80 16.38 -16.44 3.58
N SER G 81 15.40 -15.94 4.34
CA SER G 81 14.44 -15.00 3.80
C SER G 81 13.94 -14.10 4.91
N THR G 82 13.39 -12.96 4.52
CA THR G 82 12.87 -12.00 5.48
C THR G 82 11.54 -12.48 6.04
N ASP G 83 11.24 -12.02 7.25
CA ASP G 83 9.94 -12.28 7.87
C ASP G 83 9.00 -11.10 7.77
N ARG G 84 9.44 -10.00 7.18
CA ARG G 84 8.65 -8.79 7.03
C ARG G 84 8.68 -8.35 5.57
N GLY G 85 7.63 -7.63 5.17
CA GLY G 85 7.48 -7.19 3.79
C GLY G 85 8.39 -6.03 3.45
N LEU G 86 7.95 -5.22 2.50
CA LEU G 86 8.74 -4.09 1.96
C LEU G 86 10.06 -4.67 1.44
N ALA G 87 11.19 -3.99 1.68
CA ALA G 87 12.51 -4.51 1.33
C ALA G 87 12.64 -4.82 -0.17
N GLY G 88 11.79 -4.21 -0.98
CA GLY G 88 11.89 -4.35 -2.42
C GLY G 88 11.82 -5.78 -2.89
N GLY G 89 12.53 -6.07 -3.98
CA GLY G 89 12.53 -7.37 -4.63
C GLY G 89 13.61 -8.33 -4.19
N LEU G 90 14.22 -8.10 -3.03
CA LEU G 90 15.32 -8.95 -2.57
C LEU G 90 14.93 -10.41 -2.57
N ASN G 91 13.82 -10.73 -1.89
CA ASN G 91 13.40 -12.11 -1.75
C ASN G 91 13.13 -12.75 -3.10
N ILE G 92 12.43 -12.04 -3.98
CA ILE G 92 12.05 -12.62 -5.26
C ILE G 92 13.28 -12.86 -6.13
N ASN G 93 14.24 -11.93 -6.12
CA ASN G 93 15.47 -12.14 -6.86
C ASN G 93 16.21 -13.37 -6.35
N LEU G 94 16.34 -13.49 -5.03
CA LEU G 94 17.02 -14.66 -4.47
C LEU G 94 16.30 -15.94 -4.84
N PHE G 95 14.97 -15.92 -4.75
CA PHE G 95 14.18 -17.13 -5.02
C PHE G 95 14.29 -17.53 -6.48
N LYS G 96 14.29 -16.58 -7.40
CA LYS G 96 14.38 -16.94 -8.81
C LYS G 96 15.78 -17.41 -9.18
N LYS G 97 16.83 -16.86 -8.55
CA LYS G 97 18.17 -17.42 -8.78
C LYS G 97 18.26 -18.85 -8.26
N LEU G 98 17.69 -19.09 -7.08
CA LEU G 98 17.67 -20.44 -6.51
C LEU G 98 16.87 -21.39 -7.41
N LEU G 99 15.75 -20.91 -7.94
CA LEU G 99 14.95 -21.73 -8.86
C LEU G 99 15.70 -22.03 -10.14
N ALA G 100 16.48 -21.06 -10.65
CA ALA G 100 17.28 -21.32 -11.84
C ALA G 100 18.28 -22.44 -11.58
N GLU G 101 18.98 -22.37 -10.45
CA GLU G 101 19.96 -23.42 -10.16
C GLU G 101 19.29 -24.75 -9.87
N MET G 102 18.13 -24.72 -9.20
CA MET G 102 17.39 -25.93 -8.92
C MET G 102 16.89 -26.59 -10.20
N LYS G 103 16.45 -25.78 -11.17
CA LYS G 103 16.03 -26.32 -12.46
C LYS G 103 17.21 -26.90 -13.21
N THR G 104 18.37 -26.25 -13.13
CA THR G 104 19.58 -26.78 -13.75
C THR G 104 19.92 -28.16 -13.18
N TRP G 105 19.81 -28.31 -11.86
CA TRP G 105 20.10 -29.62 -11.26
C TRP G 105 19.00 -30.63 -11.52
N THR G 106 17.75 -30.18 -11.65
CA THR G 106 16.67 -31.09 -12.02
C THR G 106 16.87 -31.65 -13.41
N ASP G 107 17.35 -30.82 -14.35
CA ASP G 107 17.57 -31.27 -15.71
C ASP G 107 18.58 -32.41 -15.78
N LYS G 108 19.54 -32.45 -14.85
CA LYS G 108 20.45 -33.58 -14.74
C LYS G 108 19.84 -34.74 -13.97
N GLY G 109 18.56 -34.69 -13.65
CA GLY G 109 17.94 -35.78 -12.92
C GLY G 109 18.33 -35.88 -11.47
N VAL G 110 18.77 -34.78 -10.85
CA VAL G 110 19.21 -34.77 -9.47
C VAL G 110 18.05 -34.26 -8.60
N GLN G 111 17.58 -35.10 -7.69
CA GLN G 111 16.54 -34.67 -6.76
C GLN G 111 17.08 -33.63 -5.80
N ALA G 112 16.25 -32.63 -5.48
CA ALA G 112 16.63 -31.53 -4.61
C ALA G 112 15.59 -31.29 -3.53
N ASP G 113 16.03 -30.76 -2.40
CA ASP G 113 15.16 -30.39 -1.30
C ASP G 113 15.75 -29.16 -0.62
N LEU G 114 14.90 -28.46 0.14
CA LEU G 114 15.25 -27.16 0.68
C LEU G 114 15.02 -27.11 2.18
N ALA G 115 15.92 -26.41 2.88
CA ALA G 115 15.71 -25.97 4.25
C ALA G 115 15.43 -24.47 4.23
N MET G 116 14.52 -24.03 5.09
CA MET G 116 13.97 -22.69 4.95
C MET G 116 14.14 -21.87 6.21
N ILE G 117 14.60 -20.63 6.06
CA ILE G 117 14.67 -19.65 7.13
C ILE G 117 13.82 -18.46 6.69
N GLY G 118 12.88 -18.07 7.54
CA GLY G 118 12.01 -16.97 7.19
C GLY G 118 10.73 -17.41 6.51
N SER G 119 9.62 -16.72 6.81
CA SER G 119 8.32 -17.15 6.31
C SER G 119 8.12 -16.84 4.84
N LYS G 120 8.79 -15.82 4.30
CA LYS G 120 8.62 -15.47 2.90
C LYS G 120 9.06 -16.62 1.99
N GLY G 121 10.22 -17.21 2.30
CA GLY G 121 10.64 -18.38 1.54
C GLY G 121 9.69 -19.55 1.71
N VAL G 122 9.19 -19.74 2.93
CA VAL G 122 8.23 -20.81 3.18
C VAL G 122 7.03 -20.66 2.24
N SER G 123 6.48 -19.45 2.17
CA SER G 123 5.28 -19.23 1.37
C SER G 123 5.59 -19.38 -0.11
N PHE G 124 6.68 -18.77 -0.57
CA PHE G 124 6.99 -18.81 -1.99
C PHE G 124 7.22 -20.25 -2.46
N PHE G 125 8.00 -21.02 -1.69
CA PHE G 125 8.32 -22.38 -2.12
C PHE G 125 7.19 -23.36 -1.83
N ASN G 126 6.27 -23.04 -0.93
CA ASN G 126 5.03 -23.81 -0.87
C ASN G 126 4.16 -23.56 -2.10
N SER G 127 4.14 -22.31 -2.58
CA SER G 127 3.41 -22.03 -3.82
C SER G 127 4.07 -22.72 -5.01
N VAL G 128 5.40 -22.73 -5.06
CA VAL G 128 6.11 -23.47 -6.10
C VAL G 128 5.91 -24.96 -5.91
N GLY G 129 5.82 -25.42 -4.67
CA GLY G 129 5.69 -26.84 -4.41
C GLY G 129 7.00 -27.59 -4.34
N GLY G 130 8.09 -26.91 -4.00
CA GLY G 130 9.36 -27.60 -3.78
C GLY G 130 9.38 -28.26 -2.42
N ASN G 131 10.16 -29.34 -2.32
CA ASN G 131 10.26 -30.08 -1.07
C ASN G 131 11.00 -29.25 -0.02
N VAL G 132 10.31 -28.91 1.06
CA VAL G 132 10.89 -28.19 2.18
C VAL G 132 10.94 -29.14 3.37
N VAL G 133 12.14 -29.36 3.91
CA VAL G 133 12.33 -30.36 4.96
C VAL G 133 12.34 -29.70 6.33
N ALA G 134 12.74 -28.44 6.41
CA ALA G 134 12.87 -27.76 7.69
C ALA G 134 12.57 -26.28 7.54
N GLN G 135 12.05 -25.69 8.61
CA GLN G 135 11.67 -24.29 8.62
C GLN G 135 11.95 -23.70 10.00
N VAL G 136 12.35 -22.43 10.02
CA VAL G 136 12.44 -21.65 11.25
C VAL G 136 12.08 -20.20 10.91
N THR G 137 11.26 -19.59 11.76
CA THR G 137 10.76 -18.24 11.52
C THR G 137 10.71 -17.47 12.83
N GLY G 138 10.58 -16.16 12.71
CA GLY G 138 10.35 -15.31 13.86
C GLY G 138 11.57 -14.87 14.62
N MET G 139 12.74 -14.81 13.97
CA MET G 139 13.91 -14.24 14.64
C MET G 139 13.76 -12.73 14.80
N GLY G 140 13.29 -12.05 13.76
CA GLY G 140 13.28 -10.60 13.78
C GLY G 140 14.69 -10.06 13.88
N ASP G 141 14.86 -8.98 14.63
CA ASP G 141 16.19 -8.49 14.92
C ASP G 141 16.84 -9.36 15.99
N ASN G 142 18.17 -9.27 16.06
CA ASN G 142 18.98 -10.10 16.96
C ASN G 142 18.67 -11.59 16.79
N PRO G 143 18.95 -12.17 15.62
CA PRO G 143 18.76 -13.61 15.44
C PRO G 143 19.78 -14.38 16.25
N SER G 144 19.41 -15.59 16.64
CA SER G 144 20.24 -16.41 17.51
C SER G 144 20.65 -17.70 16.80
N LEU G 145 21.89 -18.11 17.04
CA LEU G 145 22.39 -19.38 16.52
C LEU G 145 21.65 -20.56 17.12
N SER G 146 21.17 -20.40 18.36
CA SER G 146 20.46 -21.48 19.05
C SER G 146 19.27 -21.99 18.24
N GLU G 147 18.54 -21.08 17.62
CA GLU G 147 17.45 -21.51 16.74
C GLU G 147 17.99 -22.21 15.51
N LEU G 148 19.13 -21.73 15.00
CA LEU G 148 19.69 -22.27 13.78
C LEU G 148 20.20 -23.70 13.94
N ILE G 149 20.51 -24.11 15.18
CA ILE G 149 21.12 -25.42 15.40
C ILE G 149 20.29 -26.54 14.80
N GLY G 150 18.97 -26.38 14.78
CA GLY G 150 18.07 -27.41 14.32
C GLY G 150 18.18 -27.77 12.85
N PRO G 151 17.80 -26.84 11.96
CA PRO G 151 17.86 -27.13 10.52
C PRO G 151 19.22 -27.59 10.06
N VAL G 152 20.30 -27.00 10.58
CA VAL G 152 21.62 -27.46 10.19
C VAL G 152 21.87 -28.87 10.70
N LYS G 153 21.34 -29.20 11.88
CA LYS G 153 21.48 -30.56 12.39
C LYS G 153 20.79 -31.57 11.47
N VAL G 154 19.58 -31.25 11.02
CA VAL G 154 18.86 -32.21 10.18
C VAL G 154 19.47 -32.26 8.78
N MET G 155 19.98 -31.14 8.27
CA MET G 155 20.65 -31.18 6.98
C MET G 155 21.95 -31.97 7.05
N LEU G 156 22.68 -31.82 8.15
CA LEU G 156 23.87 -32.66 8.37
C LEU G 156 23.49 -34.12 8.42
N GLN G 157 22.42 -34.46 9.15
CA GLN G 157 21.99 -35.85 9.23
C GLN G 157 21.67 -36.39 7.84
N ALA G 158 21.02 -35.58 7.00
CA ALA G 158 20.74 -36.01 5.64
C ALA G 158 22.04 -36.20 4.84
N TYR G 159 23.00 -35.29 5.03
CA TYR G 159 24.21 -35.33 4.21
C TYR G 159 25.08 -36.53 4.55
N ASP G 160 25.34 -36.75 5.84
CA ASP G 160 26.29 -37.80 6.21
C ASP G 160 25.72 -39.21 6.04
N GLU G 161 24.39 -39.37 6.05
CA GLU G 161 23.80 -40.68 5.85
C GLU G 161 23.64 -41.04 4.38
N GLY G 162 24.11 -40.19 3.47
CA GLY G 162 24.01 -40.43 2.05
C GLY G 162 22.81 -39.79 1.37
N ARG G 163 21.82 -39.33 2.14
CA ARG G 163 20.66 -38.69 1.54
C ARG G 163 21.02 -37.45 0.75
N LEU G 164 22.05 -36.72 1.17
CA LEU G 164 22.51 -35.53 0.48
C LEU G 164 23.99 -35.65 0.15
N ASP G 165 24.37 -35.20 -1.05
CA ASP G 165 25.74 -35.26 -1.50
C ASP G 165 26.43 -33.90 -1.58
N LYS G 166 25.68 -32.80 -1.67
CA LYS G 166 26.26 -31.47 -1.65
C LYS G 166 25.27 -30.52 -0.99
N LEU G 167 25.80 -29.50 -0.33
CA LEU G 167 24.97 -28.55 0.41
C LEU G 167 25.38 -27.13 0.07
N TYR G 168 24.40 -26.27 -0.17
CA TYR G 168 24.63 -24.87 -0.50
C TYR G 168 23.85 -23.98 0.46
N ILE G 169 24.43 -22.83 0.78
CA ILE G 169 23.75 -21.78 1.52
C ILE G 169 23.36 -20.69 0.54
N VAL G 170 22.10 -20.26 0.57
CA VAL G 170 21.57 -19.27 -0.36
C VAL G 170 21.23 -18.01 0.44
N SER G 171 21.93 -16.92 0.14
CA SER G 171 21.73 -15.68 0.89
C SER G 171 22.21 -14.50 0.08
N ASN G 172 21.74 -13.31 0.46
CA ASN G 172 22.24 -12.08 -0.10
C ASN G 172 23.45 -11.58 0.68
N LYS G 173 24.35 -10.89 -0.02
CA LYS G 173 25.60 -10.43 0.56
C LYS G 173 25.58 -8.91 0.67
N PHE G 174 25.96 -8.40 1.84
CA PHE G 174 26.08 -6.96 2.06
C PHE G 174 27.44 -6.52 1.56
N ILE G 175 27.50 -6.22 0.26
CA ILE G 175 28.72 -5.67 -0.32
C ILE G 175 29.04 -4.33 0.35
N ASN G 176 28.05 -3.48 0.47
CA ASN G 176 28.20 -2.15 1.04
C ASN G 176 26.80 -1.61 1.34
N THR G 177 26.72 -0.34 1.72
CA THR G 177 25.43 0.27 1.97
C THR G 177 24.59 0.35 0.70
N MET G 178 25.22 0.69 -0.42
CA MET G 178 24.46 0.97 -1.64
C MET G 178 24.12 -0.28 -2.45
N SER G 179 24.86 -1.37 -2.30
CA SER G 179 24.68 -2.50 -3.19
C SER G 179 24.65 -3.80 -2.40
N GLN G 180 23.77 -4.71 -2.83
CA GLN G 180 23.69 -6.06 -2.29
C GLN G 180 23.51 -7.04 -3.44
N VAL G 181 24.00 -8.26 -3.25
CA VAL G 181 23.94 -9.27 -4.30
C VAL G 181 23.42 -10.59 -3.75
N PRO G 182 22.49 -11.24 -4.43
CA PRO G 182 22.12 -12.61 -4.08
C PRO G 182 23.22 -13.58 -4.50
N THR G 183 23.59 -14.49 -3.61
CA THR G 183 24.66 -15.43 -3.88
C THR G 183 24.31 -16.82 -3.35
N ILE G 184 24.95 -17.82 -3.93
CA ILE G 184 24.87 -19.19 -3.47
C ILE G 184 26.30 -19.72 -3.32
N SER G 185 26.59 -20.32 -2.18
CA SER G 185 27.93 -20.85 -1.91
C SER G 185 27.80 -22.21 -1.24
N GLN G 186 28.80 -23.05 -1.48
CA GLN G 186 28.79 -24.43 -0.99
C GLN G 186 29.24 -24.51 0.46
N LEU G 187 28.60 -25.40 1.21
CA LEU G 187 29.00 -25.72 2.57
C LEU G 187 29.59 -27.12 2.69
N LEU G 188 28.87 -28.13 2.22
CA LEU G 188 29.33 -29.51 2.25
C LEU G 188 29.38 -30.06 0.84
N PRO G 189 30.48 -30.73 0.44
CA PRO G 189 31.70 -30.90 1.22
C PRO G 189 32.49 -29.60 1.34
N LEU G 190 33.48 -29.58 2.24
CA LEU G 190 34.29 -28.40 2.49
C LEU G 190 34.96 -27.93 1.20
N PRO G 191 34.55 -26.79 0.65
CA PRO G 191 35.11 -26.34 -0.63
C PRO G 191 36.42 -25.60 -0.50
N ALA G 192 36.80 -25.20 0.71
CA ALA G 192 37.93 -24.29 0.89
C ALA G 192 39.20 -24.83 0.23
N SER G 193 39.90 -23.95 -0.48
CA SER G 193 41.15 -24.33 -1.12
C SER G 193 42.19 -24.71 -0.07
N ASP G 194 43.09 -25.59 -0.45
CA ASP G 194 44.13 -26.05 0.45
C ASP G 194 45.11 -24.92 0.78
N ASP G 195 45.81 -25.10 1.90
CA ASP G 195 46.82 -24.17 2.35
C ASP G 195 47.99 -24.98 2.91
N ASP G 196 49.12 -24.31 3.07
CA ASP G 196 50.35 -24.97 3.51
C ASP G 196 50.99 -24.15 4.62
N ASP G 197 51.66 -24.87 5.53
CA ASP G 197 52.31 -24.22 6.66
C ASP G 197 53.39 -25.16 7.18
N LEU G 198 54.31 -24.58 7.96
CA LEU G 198 55.37 -25.35 8.60
C LEU G 198 55.23 -25.33 10.11
N LYS G 199 55.10 -24.16 10.72
CA LYS G 199 54.98 -24.04 12.17
C LYS G 199 53.89 -24.96 12.71
N HIS G 200 52.70 -24.88 12.13
CA HIS G 200 51.61 -25.78 12.50
C HIS G 200 51.92 -27.21 12.07
N LYS G 201 51.57 -28.16 12.95
CA LYS G 201 51.71 -29.60 12.74
C LYS G 201 53.17 -30.04 12.85
N SER G 202 54.08 -29.07 12.96
CA SER G 202 55.43 -29.36 13.42
C SER G 202 55.51 -29.25 14.93
N TRP G 203 55.13 -28.09 15.47
CA TRP G 203 54.86 -27.95 16.89
C TRP G 203 53.39 -28.26 17.15
N ASP G 204 53.06 -29.52 16.87
CA ASP G 204 51.67 -29.95 16.73
C ASP G 204 50.92 -29.87 18.07
N TYR G 205 49.60 -29.76 17.96
CA TYR G 205 48.73 -29.72 19.13
C TYR G 205 48.68 -31.09 19.79
N LEU G 206 48.78 -31.09 21.12
CA LEU G 206 48.41 -32.27 21.87
C LEU G 206 46.90 -32.46 21.77
N TYR G 207 46.46 -33.67 21.44
CA TYR G 207 45.05 -33.95 21.18
C TYR G 207 44.44 -34.72 22.34
N GLU G 208 43.36 -34.17 22.90
CA GLU G 208 42.60 -34.84 23.95
C GLU G 208 41.12 -34.78 23.58
N PRO G 209 40.42 -35.93 23.54
CA PRO G 209 40.98 -37.27 23.73
C PRO G 209 41.77 -37.77 22.54
N ASP G 210 41.31 -37.45 21.33
CA ASP G 210 41.94 -37.91 20.11
C ASP G 210 41.61 -36.92 19.00
N PRO G 211 42.45 -36.82 17.97
CA PRO G 211 42.25 -35.77 16.96
C PRO G 211 40.97 -35.91 16.15
N LYS G 212 40.36 -37.10 16.08
CA LYS G 212 39.26 -37.26 15.14
C LYS G 212 37.95 -36.67 15.66
N ALA G 213 37.57 -36.99 16.90
CA ALA G 213 36.33 -36.45 17.45
C ALA G 213 36.36 -34.92 17.49
N LEU G 214 37.53 -34.35 17.81
CA LEU G 214 37.70 -32.92 17.77
C LEU G 214 37.49 -32.37 16.37
N LEU G 215 37.91 -33.10 15.34
CA LEU G 215 37.69 -32.66 13.97
C LEU G 215 36.22 -32.67 13.61
N ASP G 216 35.48 -33.69 14.06
CA ASP G 216 34.04 -33.74 13.78
C ASP G 216 33.32 -32.57 14.42
N THR G 217 33.55 -32.37 15.73
CA THR G 217 32.92 -31.24 16.40
C THR G 217 33.33 -29.92 15.76
N LEU G 218 34.60 -29.80 15.38
CA LEU G 218 35.10 -28.56 14.78
C LEU G 218 34.40 -28.27 13.46
N LEU G 219 34.25 -29.29 12.62
CA LEU G 219 33.58 -29.09 11.33
C LEU G 219 32.11 -28.71 11.53
N ARG G 220 31.43 -29.38 12.46
CA ARG G 220 30.03 -29.05 12.72
C ARG G 220 29.89 -27.61 13.20
N ARG G 221 30.74 -27.21 14.15
CA ARG G 221 30.70 -25.82 14.62
C ARG G 221 31.03 -24.84 13.50
N TYR G 222 31.92 -25.22 12.58
CA TYR G 222 32.29 -24.33 11.49
C TYR G 222 31.12 -24.10 10.54
N VAL G 223 30.43 -25.17 10.13
CA VAL G 223 29.30 -24.97 9.22
C VAL G 223 28.18 -24.21 9.93
N GLU G 224 28.00 -24.45 11.23
CA GLU G 224 27.00 -23.68 11.97
C GLU G 224 27.35 -22.18 11.97
N SER G 225 28.62 -21.86 12.20
CA SER G 225 29.04 -20.47 12.16
C SER G 225 28.85 -19.87 10.77
N GLN G 226 29.11 -20.66 9.72
CA GLN G 226 28.93 -20.16 8.37
C GLN G 226 27.47 -19.77 8.12
N VAL G 227 26.54 -20.61 8.54
CA VAL G 227 25.14 -20.29 8.28
C VAL G 227 24.65 -19.14 9.17
N TYR G 228 25.16 -19.04 10.40
CA TYR G 228 24.82 -17.88 11.23
C TYR G 228 25.31 -16.59 10.60
N GLN G 229 26.54 -16.58 10.10
CA GLN G 229 27.07 -15.38 9.48
C GLN G 229 26.26 -15.01 8.24
N GLY G 230 25.88 -16.01 7.45
CA GLY G 230 25.03 -15.74 6.30
C GLY G 230 23.70 -15.12 6.69
N VAL G 231 23.09 -15.63 7.76
CA VAL G 231 21.82 -15.08 8.23
C VAL G 231 21.98 -13.61 8.61
N VAL G 232 23.04 -13.30 9.36
CA VAL G 232 23.23 -11.92 9.80
C VAL G 232 23.43 -10.99 8.61
N GLU G 233 24.24 -11.44 7.64
CA GLU G 233 24.47 -10.59 6.46
C GLU G 233 23.20 -10.39 5.67
N ASN G 234 22.35 -11.41 5.57
CA ASN G 234 21.08 -11.24 4.87
C ASN G 234 20.18 -10.25 5.60
N LEU G 235 20.21 -10.27 6.94
CA LEU G 235 19.41 -9.29 7.69
C LEU G 235 19.88 -7.87 7.40
N ALA G 236 21.20 -7.67 7.34
CA ALA G 236 21.71 -6.34 7.02
C ALA G 236 21.30 -5.90 5.62
N SER G 237 21.35 -6.84 4.65
CA SER G 237 20.91 -6.52 3.30
C SER G 237 19.43 -6.16 3.27
N GLU G 238 18.62 -6.85 4.08
CA GLU G 238 17.20 -6.53 4.16
C GLU G 238 17.00 -5.11 4.65
N GLN G 239 17.74 -4.72 5.69
CA GLN G 239 17.61 -3.36 6.20
C GLN G 239 17.99 -2.33 5.15
N ALA G 240 19.06 -2.57 4.41
CA ALA G 240 19.45 -1.63 3.35
C ALA G 240 18.36 -1.53 2.28
N ALA G 241 17.80 -2.67 1.87
CA ALA G 241 16.78 -2.65 0.85
C ALA G 241 15.54 -1.90 1.33
N ARG G 242 15.18 -2.07 2.60
CA ARG G 242 14.03 -1.34 3.13
C ARG G 242 14.29 0.16 3.14
N MET G 243 15.50 0.57 3.52
CA MET G 243 15.81 1.99 3.48
C MET G 243 15.60 2.55 2.08
N VAL G 244 16.11 1.84 1.07
CA VAL G 244 15.98 2.33 -0.30
C VAL G 244 14.51 2.39 -0.71
N ALA G 245 13.75 1.34 -0.39
CA ALA G 245 12.34 1.32 -0.77
C ALA G 245 11.57 2.45 -0.11
N MET G 246 11.90 2.78 1.14
CA MET G 246 11.21 3.86 1.81
C MET G 246 11.57 5.21 1.22
N LYS G 247 12.81 5.39 0.78
CA LYS G 247 13.15 6.62 0.06
C LYS G 247 12.31 6.76 -1.19
N ALA G 248 12.21 5.66 -1.97
CA ALA G 248 11.44 5.71 -3.20
C ALA G 248 9.97 6.02 -2.91
N ALA G 249 9.43 5.40 -1.87
CA ALA G 249 8.04 5.62 -1.50
C ALA G 249 7.78 7.06 -1.08
N THR G 250 8.70 7.65 -0.32
CA THR G 250 8.54 9.05 0.07
C THR G 250 8.57 9.97 -1.14
N ASP G 251 9.47 9.71 -2.08
CA ASP G 251 9.52 10.53 -3.30
C ASP G 251 8.24 10.38 -4.10
N ASN G 252 7.69 9.15 -4.18
CA ASN G 252 6.45 8.95 -4.92
C ASN G 252 5.29 9.71 -4.29
N GLY G 253 5.19 9.67 -2.95
CA GLY G 253 4.16 10.43 -2.28
C GLY G 253 4.30 11.92 -2.51
N GLY G 254 5.54 12.43 -2.44
CA GLY G 254 5.77 13.83 -2.71
C GLY G 254 5.41 14.22 -4.13
N SER G 255 5.57 13.30 -5.08
CA SER G 255 5.18 13.58 -6.46
C SER G 255 3.67 13.55 -6.63
N LEU G 256 2.99 12.67 -5.89
CA LEU G 256 1.53 12.58 -6.00
C LEU G 256 0.86 13.81 -5.40
N ILE G 257 1.40 14.32 -4.30
CA ILE G 257 0.77 15.42 -3.58
C ILE G 257 0.59 16.64 -4.48
N LYS G 258 1.62 16.99 -5.26
CA LYS G 258 1.52 18.21 -6.05
C LYS G 258 0.48 18.11 -7.16
N GLU G 259 0.36 16.93 -7.79
CA GLU G 259 -0.68 16.77 -8.80
C GLU G 259 -2.07 16.83 -8.17
N LEU G 260 -2.23 16.23 -7.00
CA LEU G 260 -3.52 16.36 -6.31
C LEU G 260 -3.82 17.82 -5.98
N GLN G 261 -2.80 18.59 -5.59
CA GLN G 261 -3.02 19.99 -5.27
C GLN G 261 -3.39 20.79 -6.51
N LEU G 262 -2.78 20.49 -7.65
CA LEU G 262 -3.15 21.20 -8.88
C LEU G 262 -4.60 20.92 -9.25
N VAL G 263 -5.02 19.65 -9.16
CA VAL G 263 -6.41 19.33 -9.47
C VAL G 263 -7.35 20.03 -8.49
N TYR G 264 -6.98 20.05 -7.22
CA TYR G 264 -7.83 20.70 -6.22
C TYR G 264 -7.94 22.19 -6.49
N ASN G 265 -6.85 22.83 -6.89
CA ASN G 265 -6.92 24.26 -7.19
C ASN G 265 -7.78 24.54 -8.41
N LYS G 266 -7.69 23.69 -9.44
CA LYS G 266 -8.55 23.87 -10.61
C LYS G 266 -10.03 23.78 -10.20
N ALA G 267 -10.36 22.77 -9.40
CA ALA G 267 -11.74 22.62 -8.94
C ALA G 267 -12.17 23.80 -8.08
N ARG G 268 -11.27 24.31 -7.23
CA ARG G 268 -11.59 25.43 -6.36
C ARG G 268 -11.94 26.67 -7.18
N GLN G 269 -11.14 26.97 -8.19
CA GLN G 269 -11.43 28.13 -9.02
C GLN G 269 -12.73 27.93 -9.81
N ALA G 270 -12.93 26.72 -10.35
CA ALA G 270 -14.12 26.46 -11.14
C ALA G 270 -15.40 26.63 -10.32
N SER G 271 -15.39 26.16 -9.07
CA SER G 271 -16.59 26.26 -8.24
C SER G 271 -16.95 27.72 -7.97
N ILE G 272 -15.96 28.55 -7.64
CA ILE G 272 -16.22 29.96 -7.39
C ILE G 272 -16.80 30.61 -8.63
N THR G 273 -16.20 30.34 -9.80
CA THR G 273 -16.67 30.98 -11.01
C THR G 273 -18.10 30.55 -11.35
N GLN G 274 -18.40 29.25 -11.21
CA GLN G 274 -19.75 28.79 -11.53
C GLN G 274 -20.77 29.41 -10.59
N GLU G 275 -20.48 29.41 -9.29
CA GLU G 275 -21.45 29.94 -8.35
C GLU G 275 -21.66 31.44 -8.52
N LEU G 276 -20.62 32.18 -8.92
CA LEU G 276 -20.82 33.61 -9.13
C LEU G 276 -21.57 33.89 -10.42
N THR G 277 -21.35 33.07 -11.46
CA THR G 277 -22.19 33.19 -12.65
C THR G 277 -23.64 32.92 -12.33
N GLU G 278 -23.91 31.92 -11.48
CA GLU G 278 -25.27 31.63 -11.07
C GLU G 278 -25.88 32.81 -10.32
N ILE G 279 -25.13 33.39 -9.38
CA ILE G 279 -25.66 34.49 -8.60
C ILE G 279 -25.97 35.69 -9.49
N VAL G 280 -25.08 36.01 -10.43
CA VAL G 280 -25.31 37.15 -11.31
C VAL G 280 -26.49 36.88 -12.22
N SER G 281 -26.60 35.66 -12.76
CA SER G 281 -27.73 35.35 -13.63
C SER G 281 -29.05 35.40 -12.87
N GLY G 282 -29.04 35.02 -11.60
CA GLY G 282 -30.27 35.03 -10.83
C GLY G 282 -30.80 36.42 -10.55
N ALA G 283 -29.95 37.45 -10.67
CA ALA G 283 -30.38 38.83 -10.55
C ALA G 283 -30.84 39.36 -11.90
N ALA G 284 -31.93 38.77 -12.40
CA ALA G 284 -32.47 39.13 -13.70
C ALA G 284 -32.95 40.58 -13.72
N THR H 1 52.80 -12.05 29.47
CA THR H 1 52.11 -13.33 29.51
C THR H 1 51.33 -13.58 28.22
N TYR H 2 50.55 -14.66 28.20
CA TYR H 2 49.80 -15.00 27.01
C TYR H 2 48.53 -14.14 26.91
N HIS H 3 47.97 -14.09 25.70
CA HIS H 3 46.80 -13.27 25.40
C HIS H 3 45.59 -14.18 25.25
N LEU H 4 44.68 -14.11 26.22
CA LEU H 4 43.50 -14.97 26.25
C LEU H 4 42.35 -14.33 25.47
N ASP H 5 41.74 -15.11 24.58
CA ASP H 5 40.53 -14.73 23.88
C ASP H 5 39.38 -15.65 24.29
N VAL H 6 38.23 -15.05 24.60
CA VAL H 6 36.99 -15.77 24.79
C VAL H 6 36.00 -15.23 23.78
N VAL H 7 35.54 -16.09 22.86
CA VAL H 7 34.72 -15.67 21.74
C VAL H 7 33.65 -16.72 21.46
N SER H 8 32.60 -16.26 20.75
CA SER H 8 31.56 -17.14 20.25
C SER H 8 31.22 -16.69 18.84
N ALA H 9 30.44 -17.50 18.14
CA ALA H 9 30.02 -17.13 16.78
C ALA H 9 29.25 -15.82 16.77
N GLU H 10 28.56 -15.48 17.87
CA GLU H 10 27.76 -14.26 17.92
C GLU H 10 28.53 -13.05 18.44
N GLN H 11 29.56 -13.25 19.26
CA GLN H 11 30.10 -12.13 20.01
C GLN H 11 31.49 -12.49 20.52
N GLN H 12 32.29 -11.45 20.76
CA GLN H 12 33.53 -11.60 21.50
C GLN H 12 33.25 -11.45 22.98
N MET H 13 33.54 -12.49 23.77
CA MET H 13 33.19 -12.46 25.18
C MET H 13 34.26 -11.78 26.03
N PHE H 14 35.54 -12.07 25.77
CA PHE H 14 36.61 -11.44 26.52
C PHE H 14 37.90 -11.50 25.72
N SER H 15 38.74 -10.48 25.90
CA SER H 15 40.06 -10.45 25.30
C SER H 15 41.00 -9.69 26.24
N GLY H 16 42.17 -10.26 26.50
CA GLY H 16 43.15 -9.61 27.35
C GLY H 16 44.28 -10.55 27.70
N LEU H 17 45.36 -9.96 28.20
CA LEU H 17 46.53 -10.73 28.61
C LEU H 17 46.26 -11.36 29.97
N VAL H 18 46.66 -12.62 30.12
CA VAL H 18 46.30 -13.41 31.28
C VAL H 18 47.52 -14.19 31.78
N GLU H 19 47.71 -14.20 33.10
CA GLU H 19 48.84 -14.90 33.70
C GLU H 19 48.59 -16.39 33.84
N LYS H 20 47.40 -16.78 34.31
CA LYS H 20 47.05 -18.19 34.36
C LYS H 20 45.53 -18.31 34.37
N ILE H 21 45.06 -19.48 33.96
CA ILE H 21 43.62 -19.77 33.91
C ILE H 21 43.38 -21.15 34.49
N GLN H 22 42.15 -21.37 34.94
CA GLN H 22 41.65 -22.69 35.28
C GLN H 22 40.49 -23.00 34.36
N VAL H 23 40.54 -24.17 33.72
CA VAL H 23 39.54 -24.54 32.73
C VAL H 23 39.30 -26.04 32.82
N THR H 24 38.04 -26.45 32.64
CA THR H 24 37.66 -27.86 32.70
C THR H 24 37.84 -28.47 31.32
N GLY H 25 38.88 -29.28 31.17
CA GLY H 25 39.13 -29.96 29.92
C GLY H 25 38.13 -31.08 29.68
N SER H 26 38.29 -31.73 28.52
CA SER H 26 37.35 -32.80 28.14
C SER H 26 37.46 -33.97 29.10
N GLU H 27 38.67 -34.36 29.49
CA GLU H 27 38.87 -35.50 30.37
C GLU H 27 39.13 -35.12 31.81
N GLY H 28 39.32 -33.83 32.11
CA GLY H 28 39.53 -33.43 33.49
C GLY H 28 39.93 -31.98 33.56
N GLU H 29 39.93 -31.48 34.79
CA GLU H 29 40.28 -30.09 35.05
C GLU H 29 41.72 -29.82 34.60
N LEU H 30 41.93 -28.65 34.01
CA LEU H 30 43.21 -28.32 33.42
C LEU H 30 43.60 -26.89 33.77
N GLY H 31 44.88 -26.69 34.00
CA GLY H 31 45.42 -25.37 34.23
C GLY H 31 46.43 -25.00 33.17
N ILE H 32 46.40 -23.75 32.70
CA ILE H 32 47.25 -23.30 31.61
C ILE H 32 48.19 -22.21 32.14
N TYR H 33 49.46 -22.30 31.76
CA TYR H 33 50.49 -21.36 32.16
C TYR H 33 51.19 -20.83 30.92
N PRO H 34 51.81 -19.66 31.02
CA PRO H 34 52.51 -19.08 29.84
C PRO H 34 53.57 -20.03 29.31
N GLY H 35 53.69 -20.06 27.98
CA GLY H 35 54.62 -20.98 27.35
C GLY H 35 54.14 -22.42 27.27
N HIS H 36 52.87 -22.66 27.56
CA HIS H 36 52.32 -24.01 27.48
C HIS H 36 52.40 -24.54 26.05
N ALA H 37 52.70 -25.83 25.93
CA ALA H 37 52.79 -26.44 24.61
C ALA H 37 51.42 -26.39 23.91
N PRO H 38 51.42 -26.39 22.57
CA PRO H 38 50.15 -26.40 21.85
C PRO H 38 49.25 -27.55 22.29
N LEU H 39 47.98 -27.23 22.51
CA LEU H 39 47.03 -28.18 23.08
C LEU H 39 45.66 -27.90 22.48
N LEU H 40 44.90 -28.97 22.26
CA LEU H 40 43.56 -28.86 21.69
C LEU H 40 42.63 -29.78 22.45
N THR H 41 41.51 -29.24 22.94
CA THR H 41 40.55 -30.06 23.68
C THR H 41 39.20 -29.36 23.72
N ALA H 42 38.15 -30.15 23.74
CA ALA H 42 36.82 -29.62 24.05
C ALA H 42 36.72 -29.35 25.55
N ILE H 43 35.78 -28.48 25.91
CA ILE H 43 35.57 -28.14 27.31
C ILE H 43 34.12 -28.41 27.67
N LYS H 44 33.91 -29.08 28.80
CA LYS H 44 32.58 -29.36 29.29
C LYS H 44 31.97 -28.12 29.93
N PRO H 45 30.64 -28.05 30.00
CA PRO H 45 29.99 -26.88 30.59
C PRO H 45 30.43 -26.66 32.04
N GLY H 46 30.62 -25.40 32.39
CA GLY H 46 31.04 -25.04 33.73
C GLY H 46 31.81 -23.74 33.71
N MET H 47 32.37 -23.41 34.87
CA MET H 47 33.11 -22.17 35.03
C MET H 47 34.53 -22.29 34.51
N ILE H 48 34.96 -21.29 33.77
CA ILE H 48 36.38 -21.04 33.52
C ILE H 48 36.77 -19.77 34.26
N ARG H 49 37.85 -19.84 35.04
CA ARG H 49 38.22 -18.72 35.89
C ARG H 49 39.61 -18.24 35.52
N ILE H 50 39.79 -16.93 35.64
CA ILE H 50 40.90 -16.22 35.02
C ILE H 50 41.52 -15.27 36.01
N VAL H 51 42.83 -15.12 35.93
CA VAL H 51 43.53 -14.01 36.57
C VAL H 51 44.20 -13.19 35.47
N LYS H 52 43.77 -11.94 35.33
CA LYS H 52 44.41 -11.05 34.37
C LYS H 52 45.75 -10.58 34.92
N GLN H 53 46.43 -9.74 34.13
CA GLN H 53 47.66 -9.13 34.59
C GLN H 53 47.44 -8.45 35.94
N HIS H 54 48.44 -8.58 36.82
CA HIS H 54 48.38 -8.19 38.22
C HIS H 54 47.47 -9.11 39.03
N GLY H 55 47.18 -10.29 38.51
CA GLY H 55 46.45 -11.31 39.25
C GLY H 55 45.05 -10.93 39.67
N HIS H 56 44.33 -10.19 38.83
CA HIS H 56 42.93 -9.87 39.11
C HIS H 56 42.04 -11.03 38.68
N GLU H 57 41.16 -11.44 39.59
CA GLU H 57 40.37 -12.66 39.42
C GLU H 57 39.14 -12.39 38.57
N GLU H 58 38.88 -13.27 37.60
CA GLU H 58 37.70 -13.17 36.76
C GLU H 58 37.12 -14.54 36.51
N PHE H 59 35.81 -14.67 36.64
CA PHE H 59 35.09 -15.92 36.45
C PHE H 59 34.13 -15.79 35.28
N ILE H 60 34.12 -16.78 34.39
CA ILE H 60 33.22 -16.81 33.25
C ILE H 60 32.58 -18.18 33.17
N TYR H 61 31.25 -18.23 33.08
CA TYR H 61 30.55 -19.49 32.87
C TYR H 61 30.39 -19.76 31.38
N LEU H 62 30.61 -21.01 30.99
CA LEU H 62 30.49 -21.44 29.60
C LEU H 62 29.57 -22.65 29.49
N SER H 63 28.69 -22.63 28.49
CA SER H 63 27.89 -23.81 28.18
C SER H 63 28.73 -24.91 27.56
N GLY H 64 29.86 -24.56 26.97
CA GLY H 64 30.75 -25.54 26.37
C GLY H 64 31.71 -24.85 25.41
N GLY H 65 32.26 -25.64 24.51
CA GLY H 65 33.09 -25.10 23.45
C GLY H 65 34.36 -25.90 23.29
N ILE H 66 35.32 -25.31 22.57
CA ILE H 66 36.61 -25.90 22.31
C ILE H 66 37.69 -24.96 22.82
N LEU H 67 38.61 -25.49 23.62
CA LEU H 67 39.77 -24.75 24.08
C LEU H 67 41.01 -25.19 23.29
N GLU H 68 41.82 -24.22 22.89
CA GLU H 68 43.08 -24.53 22.25
C GLU H 68 44.14 -23.53 22.72
N VAL H 69 45.40 -23.93 22.58
CA VAL H 69 46.54 -23.17 23.07
C VAL H 69 47.55 -23.01 21.95
N GLN H 70 48.13 -21.83 21.85
CA GLN H 70 49.17 -21.51 20.88
C GLN H 70 50.26 -20.72 21.59
N PRO H 71 51.46 -20.66 21.01
CA PRO H 71 52.53 -19.88 21.65
C PRO H 71 52.10 -18.44 21.87
N GLY H 72 51.87 -18.10 23.15
CA GLY H 72 51.45 -16.77 23.53
C GLY H 72 49.97 -16.47 23.36
N ASN H 73 49.18 -17.43 22.88
CA ASN H 73 47.76 -17.20 22.63
C ASN H 73 46.94 -18.36 23.18
N VAL H 74 45.86 -18.02 23.88
CA VAL H 74 44.87 -18.97 24.32
C VAL H 74 43.50 -18.48 23.85
N THR H 75 42.78 -19.32 23.13
CA THR H 75 41.52 -18.94 22.52
C THR H 75 40.46 -19.98 22.87
N VAL H 76 39.32 -19.50 23.38
CA VAL H 76 38.21 -20.36 23.76
C VAL H 76 37.09 -20.11 22.79
N LEU H 77 36.73 -21.14 22.02
CA LEU H 77 35.64 -21.05 21.04
C LEU H 77 34.38 -21.63 21.68
N ALA H 78 33.78 -20.83 22.55
CA ALA H 78 32.59 -21.26 23.26
C ALA H 78 31.37 -21.23 22.34
N ASP H 79 30.37 -22.02 22.71
CA ASP H 79 29.13 -22.11 21.97
C ASP H 79 27.96 -21.87 22.93
N THR H 80 26.77 -21.71 22.34
CA THR H 80 25.62 -21.27 23.10
C THR H 80 25.09 -22.33 24.05
N ALA H 81 25.10 -23.61 23.63
CA ALA H 81 24.44 -24.65 24.42
C ALA H 81 25.12 -25.99 24.16
N ILE H 82 24.70 -26.98 24.95
CA ILE H 82 25.28 -28.32 24.85
C ILE H 82 24.98 -28.94 23.50
N ARG H 83 23.72 -28.85 23.06
CA ARG H 83 23.28 -29.29 21.74
C ARG H 83 23.24 -30.81 21.64
N GLY H 84 23.64 -31.51 22.70
CA GLY H 84 23.71 -32.97 22.66
C GLY H 84 22.38 -33.67 22.67
N GLN H 85 21.31 -32.99 23.09
CA GLN H 85 19.99 -33.63 23.13
C GLN H 85 19.34 -33.72 21.76
N ASP H 86 19.58 -32.75 20.88
CA ASP H 86 19.03 -32.74 19.52
C ASP H 86 17.51 -32.87 19.54
N LEU H 87 16.88 -32.01 20.34
CA LEU H 87 15.42 -31.96 20.38
C LEU H 87 14.83 -31.31 19.14
N ASP H 88 15.63 -30.54 18.40
CA ASP H 88 15.14 -29.79 17.25
C ASP H 88 14.77 -30.67 16.06
N GLU H 89 15.14 -31.95 16.08
CA GLU H 89 14.62 -32.87 15.09
C GLU H 89 13.09 -32.92 15.16
N ALA H 90 12.53 -32.79 16.36
CA ALA H 90 11.10 -32.64 16.50
C ALA H 90 10.63 -31.33 15.88
N ARG H 91 11.40 -30.25 16.05
CA ARG H 91 11.06 -28.98 15.42
C ARG H 91 10.99 -29.10 13.91
N ALA H 92 11.79 -30.00 13.33
CA ALA H 92 11.78 -30.16 11.87
C ALA H 92 10.54 -30.89 11.37
N MET H 93 9.85 -31.64 12.23
CA MET H 93 8.69 -32.41 11.79
C MET H 93 7.51 -31.50 11.44
N GLU H 94 7.24 -30.49 12.30
CA GLU H 94 6.11 -29.61 12.07
C GLU H 94 6.29 -28.79 10.80
N ALA H 95 7.53 -28.44 10.46
CA ALA H 95 7.79 -27.77 9.19
C ALA H 95 7.32 -28.62 8.02
N LYS H 96 7.42 -29.95 8.14
CA LYS H 96 6.97 -30.84 7.09
C LYS H 96 5.45 -31.02 7.10
N ARG H 97 4.87 -31.28 8.27
CA ARG H 97 3.43 -31.50 8.32
C ARG H 97 2.66 -30.26 7.90
N LYS H 98 3.10 -29.07 8.33
CA LYS H 98 2.42 -27.85 7.92
C LYS H 98 2.56 -27.60 6.43
N ALA H 99 3.63 -28.10 5.81
CA ALA H 99 3.74 -28.03 4.35
C ALA H 99 2.82 -29.03 3.68
N GLU H 100 2.55 -30.16 4.34
CA GLU H 100 1.64 -31.15 3.75
C GLU H 100 0.19 -30.79 3.97
N GLU H 101 -0.15 -30.22 5.11
CA GLU H 101 -1.52 -29.81 5.40
C GLU H 101 -1.90 -28.57 4.59
N ASN I 1 70.35 -93.56 37.87
CA ASN I 1 71.70 -93.00 37.91
C ASN I 1 71.67 -91.53 37.48
N LEU I 2 72.63 -90.75 37.97
CA LEU I 2 72.62 -89.31 37.79
C LEU I 2 72.59 -88.90 36.32
N ASN I 3 73.24 -89.69 35.45
CA ASN I 3 73.39 -89.30 34.05
C ASN I 3 72.05 -89.05 33.38
N MET I 4 71.13 -90.00 33.48
CA MET I 4 69.79 -89.80 32.91
C MET I 4 68.94 -88.90 33.77
N ASP I 5 69.17 -88.90 35.08
CA ASP I 5 68.34 -88.10 35.98
C ASP I 5 68.45 -86.61 35.68
N LEU I 6 69.67 -86.14 35.36
CA LEU I 6 69.84 -84.72 35.09
C LEU I 6 69.20 -84.29 33.76
N LEU I 7 69.04 -85.24 32.84
CA LEU I 7 68.38 -84.94 31.57
C LEU I 7 66.97 -84.39 31.79
N TYR I 8 66.27 -84.90 32.80
CA TYR I 8 64.96 -84.38 33.12
C TYR I 8 65.02 -82.90 33.50
N MET I 9 66.05 -82.52 34.27
CA MET I 9 66.23 -81.11 34.61
C MET I 9 66.58 -80.26 33.40
N ALA I 10 67.38 -80.81 32.49
CA ALA I 10 67.73 -80.07 31.28
C ALA I 10 66.49 -79.80 30.44
N ALA I 11 65.66 -80.84 30.25
CA ALA I 11 64.42 -80.68 29.50
C ALA I 11 63.48 -79.71 30.22
N ALA I 12 63.45 -79.76 31.55
CA ALA I 12 62.64 -78.84 32.33
C ALA I 12 63.04 -77.40 32.06
N VAL I 13 64.34 -77.11 32.13
CA VAL I 13 64.81 -75.76 31.85
C VAL I 13 64.42 -75.34 30.44
N MET I 14 64.69 -76.21 29.46
CA MET I 14 64.45 -75.84 28.07
C MET I 14 62.98 -75.51 27.83
N MET I 15 62.08 -76.39 28.28
CA MET I 15 60.67 -76.18 27.99
C MET I 15 60.04 -75.10 28.85
N GLY I 16 60.56 -74.85 30.05
CA GLY I 16 60.08 -73.72 30.82
C GLY I 16 60.42 -72.40 30.16
N LEU I 17 61.67 -72.26 29.70
CA LEU I 17 62.05 -71.05 28.97
C LEU I 17 61.20 -70.88 27.71
N ALA I 18 60.99 -71.98 26.98
CA ALA I 18 60.17 -71.91 25.77
C ALA I 18 58.76 -71.45 26.11
N ALA I 19 58.20 -71.98 27.19
CA ALA I 19 56.82 -71.63 27.56
C ALA I 19 56.71 -70.17 27.98
N ILE I 20 57.67 -69.67 28.74
CA ILE I 20 57.59 -68.27 29.17
C ILE I 20 57.70 -67.33 27.96
N GLY I 21 58.64 -67.62 27.06
CA GLY I 21 58.79 -66.77 25.89
C GLY I 21 57.54 -66.77 25.02
N ALA I 22 57.02 -67.96 24.74
CA ALA I 22 55.83 -68.06 23.89
C ALA I 22 54.63 -67.38 24.54
N ALA I 23 54.41 -67.63 25.84
CA ALA I 23 53.26 -67.07 26.52
C ALA I 23 53.30 -65.55 26.50
N ILE I 24 54.47 -64.97 26.80
CA ILE I 24 54.56 -63.52 26.84
C ILE I 24 54.38 -62.91 25.45
N GLY I 25 55.04 -63.49 24.44
CA GLY I 25 54.91 -62.95 23.10
C GLY I 25 53.49 -63.02 22.58
N ILE I 26 52.82 -64.17 22.78
CA ILE I 26 51.46 -64.32 22.31
C ILE I 26 50.52 -63.40 23.09
N GLY I 27 50.79 -63.19 24.39
CA GLY I 27 49.97 -62.25 25.15
C GLY I 27 50.07 -60.84 24.62
N ILE I 28 51.28 -60.38 24.30
CA ILE I 28 51.44 -59.04 23.75
C ILE I 28 50.73 -58.92 22.41
N LEU I 29 50.93 -59.91 21.54
CA LEU I 29 50.31 -59.89 20.22
C LEU I 29 48.79 -59.85 20.34
N GLY I 30 48.23 -60.70 21.20
CA GLY I 30 46.79 -60.73 21.38
C GLY I 30 46.24 -59.46 21.99
N GLY I 31 47.01 -58.84 22.89
CA GLY I 31 46.59 -57.55 23.42
C GLY I 31 46.49 -56.49 22.35
N LYS I 32 47.49 -56.42 21.48
CA LYS I 32 47.41 -55.48 20.36
C LYS I 32 46.24 -55.80 19.44
N PHE I 33 45.99 -57.10 19.20
CA PHE I 33 44.87 -57.49 18.36
C PHE I 33 43.53 -57.08 18.98
N LEU I 34 43.38 -57.29 20.30
CA LEU I 34 42.15 -56.90 20.97
C LEU I 34 41.94 -55.40 20.90
N GLU I 35 42.99 -54.63 21.11
CA GLU I 35 42.84 -53.18 21.03
C GLU I 35 42.46 -52.75 19.62
N GLY I 36 43.07 -53.37 18.61
CA GLY I 36 42.72 -53.04 17.24
C GLY I 36 41.27 -53.38 16.92
N ALA I 37 40.81 -54.54 17.37
CA ALA I 37 39.42 -54.94 17.15
C ALA I 37 38.46 -54.07 17.95
N ALA I 38 38.91 -53.46 19.04
CA ALA I 38 38.09 -52.53 19.80
C ALA I 38 38.02 -51.16 19.14
N ARG I 39 39.05 -50.75 18.40
CA ARG I 39 38.97 -49.50 17.67
C ARG I 39 38.06 -49.63 16.44
N GLN I 40 38.17 -50.74 15.73
CA GLN I 40 37.42 -50.97 14.49
C GLN I 40 36.69 -52.30 14.57
N PRO I 41 35.50 -52.32 15.20
CA PRO I 41 34.80 -53.60 15.37
C PRO I 41 34.41 -54.28 14.06
N ASP I 42 34.10 -53.52 13.01
CA ASP I 42 33.75 -54.13 11.73
C ASP I 42 34.90 -54.87 11.06
N LEU I 43 36.13 -54.68 11.54
CA LEU I 43 37.32 -55.20 10.88
C LEU I 43 37.83 -56.51 11.46
N ILE I 44 37.20 -57.02 12.50
CA ILE I 44 37.69 -58.13 13.32
C ILE I 44 38.15 -59.35 12.51
N PRO I 45 37.39 -59.84 11.51
CA PRO I 45 37.86 -61.05 10.81
C PRO I 45 39.17 -60.87 10.06
N LEU I 46 39.48 -59.65 9.59
CA LEU I 46 40.76 -59.40 8.94
C LEU I 46 41.90 -59.40 9.96
N LEU I 47 41.74 -58.65 11.04
CA LEU I 47 42.76 -58.61 12.08
C LEU I 47 42.99 -59.99 12.68
N ARG I 48 41.92 -60.79 12.83
CA ARG I 48 42.08 -62.14 13.36
C ARG I 48 42.91 -63.00 12.43
N THR I 49 42.67 -62.88 11.12
CA THR I 49 43.48 -63.58 10.13
C THR I 49 44.95 -63.17 10.24
N GLN I 50 45.20 -61.86 10.27
CA GLN I 50 46.56 -61.36 10.44
C GLN I 50 47.21 -61.88 11.71
N PHE I 51 46.43 -61.91 12.81
CA PHE I 51 46.92 -62.40 14.08
C PHE I 51 47.31 -63.87 13.99
N PHE I 52 46.51 -64.68 13.30
CA PHE I 52 46.88 -66.08 13.10
C PHE I 52 48.15 -66.18 12.26
N ILE I 53 48.26 -65.34 11.24
CA ILE I 53 49.44 -65.34 10.37
C ILE I 53 50.70 -65.10 11.20
N VAL I 54 50.67 -64.08 12.05
CA VAL I 54 51.86 -63.76 12.83
C VAL I 54 52.07 -64.76 13.98
N MET I 55 50.99 -65.30 14.54
CA MET I 55 51.13 -66.29 15.61
C MET I 55 51.76 -67.57 15.11
N GLY I 56 51.48 -67.95 13.86
CA GLY I 56 52.18 -69.10 13.28
C GLY I 56 53.67 -68.88 13.19
N LEU I 57 54.09 -67.64 13.02
CA LEU I 57 55.51 -67.29 13.03
C LEU I 57 56.08 -67.29 14.44
N VAL I 58 55.33 -66.76 15.41
CA VAL I 58 55.84 -66.64 16.78
C VAL I 58 56.16 -68.01 17.37
N ASP I 59 55.18 -68.92 17.31
CA ASP I 59 55.26 -70.15 18.10
C ASP I 59 56.26 -71.16 17.56
N ALA I 60 56.73 -70.99 16.33
CA ALA I 60 57.52 -72.05 15.69
C ALA I 60 58.74 -72.42 16.53
N ILE I 61 59.47 -71.42 17.03
CA ILE I 61 60.70 -71.68 17.78
C ILE I 61 60.35 -72.21 19.17
N PRO I 62 59.40 -71.63 19.90
CA PRO I 62 58.96 -72.29 21.15
C PRO I 62 58.39 -73.68 20.93
N MET I 63 57.67 -73.89 19.83
CA MET I 63 57.11 -75.22 19.57
C MET I 63 58.20 -76.25 19.34
N ILE I 64 59.21 -75.92 18.53
CA ILE I 64 60.29 -76.87 18.30
C ILE I 64 61.12 -77.05 19.56
N ALA I 65 61.31 -75.99 20.36
CA ALA I 65 62.05 -76.15 21.60
C ALA I 65 61.33 -77.08 22.56
N VAL I 66 60.01 -76.94 22.69
CA VAL I 66 59.24 -77.84 23.56
C VAL I 66 59.27 -79.25 23.00
N GLY I 67 59.18 -79.40 21.67
CA GLY I 67 59.25 -80.72 21.08
C GLY I 67 60.57 -81.42 21.34
N LEU I 68 61.67 -80.66 21.26
CA LEU I 68 62.99 -81.23 21.54
C LEU I 68 63.15 -81.55 23.03
N GLY I 69 62.58 -80.73 23.92
CA GLY I 69 62.57 -81.08 25.33
C GLY I 69 61.81 -82.36 25.60
N LEU I 70 60.65 -82.51 24.96
CA LEU I 70 59.89 -83.75 25.05
C LEU I 70 60.70 -84.92 24.51
N TYR I 71 61.42 -84.70 23.41
CA TYR I 71 62.32 -85.73 22.88
C TYR I 71 63.34 -86.15 23.93
N VAL I 72 64.01 -85.19 24.56
CA VAL I 72 65.04 -85.50 25.54
C VAL I 72 64.47 -86.17 26.77
N MET I 73 63.21 -85.88 27.12
CA MET I 73 62.63 -86.47 28.32
C MET I 73 61.90 -87.76 28.07
N PHE I 74 61.62 -88.12 26.81
CA PHE I 74 60.93 -89.37 26.52
C PHE I 74 61.79 -90.35 25.74
N ALA I 75 62.28 -89.94 24.56
CA ALA I 75 63.10 -90.83 23.76
C ALA I 75 64.45 -91.07 24.41
N VAL I 76 65.13 -89.98 24.81
CA VAL I 76 66.37 -90.10 25.56
C VAL I 76 66.09 -90.57 26.99
N ALA I 77 65.02 -90.07 27.60
CA ALA I 77 64.66 -90.46 28.95
C ALA I 77 63.25 -91.04 29.00
N ASN J 1 94.60 -76.76 32.92
CA ASN J 1 94.13 -77.21 34.23
C ASN J 1 92.81 -76.56 34.62
N LEU J 2 92.66 -76.27 35.91
CA LEU J 2 91.42 -75.70 36.42
C LEU J 2 91.20 -74.26 35.98
N ASN J 3 92.27 -73.55 35.59
CA ASN J 3 92.16 -72.11 35.38
C ASN J 3 91.25 -71.78 34.20
N MET J 4 91.48 -72.41 33.05
CA MET J 4 90.82 -71.98 31.82
C MET J 4 89.33 -72.26 31.85
N ASP J 5 88.91 -73.36 32.49
CA ASP J 5 87.48 -73.69 32.55
C ASP J 5 86.68 -72.56 33.18
N LEU J 6 87.14 -72.07 34.33
CA LEU J 6 86.44 -70.99 35.01
C LEU J 6 86.69 -69.64 34.35
N LEU J 7 87.87 -69.42 33.77
CA LEU J 7 88.14 -68.12 33.14
C LEU J 7 87.31 -67.90 31.89
N TYR J 8 87.13 -68.94 31.07
CA TYR J 8 86.28 -68.82 29.90
C TYR J 8 84.83 -68.56 30.30
N MET J 9 84.37 -69.24 31.36
CA MET J 9 83.01 -69.01 31.84
C MET J 9 82.82 -67.59 32.36
N ALA J 10 83.81 -67.05 33.07
CA ALA J 10 83.70 -65.68 33.55
C ALA J 10 83.65 -64.68 32.40
N ALA J 11 84.53 -64.87 31.40
CA ALA J 11 84.52 -63.98 30.24
C ALA J 11 83.20 -64.10 29.47
N ALA J 12 82.67 -65.32 29.34
CA ALA J 12 81.40 -65.52 28.67
C ALA J 12 80.27 -64.80 29.39
N VAL J 13 80.22 -64.91 30.71
CA VAL J 13 79.17 -64.22 31.47
C VAL J 13 79.28 -62.72 31.30
N MET J 14 80.50 -62.18 31.36
CA MET J 14 80.69 -60.74 31.23
C MET J 14 80.23 -60.25 29.86
N MET J 15 80.69 -60.92 28.80
CA MET J 15 80.31 -60.49 27.46
C MET J 15 78.83 -60.69 27.17
N GLY J 16 78.20 -61.72 27.74
CA GLY J 16 76.78 -61.92 27.54
C GLY J 16 75.95 -60.84 28.21
N LEU J 17 76.29 -60.48 29.45
CA LEU J 17 75.59 -59.39 30.10
C LEU J 17 75.78 -58.08 29.35
N ALA J 18 77.01 -57.83 28.87
CA ALA J 18 77.25 -56.64 28.06
C ALA J 18 76.38 -56.62 26.80
N ALA J 19 76.30 -57.75 26.10
CA ALA J 19 75.50 -57.82 24.88
C ALA J 19 74.02 -57.66 25.17
N ILE J 20 73.56 -58.14 26.32
CA ILE J 20 72.17 -57.93 26.72
C ILE J 20 71.91 -56.44 26.90
N GLY J 21 72.68 -55.80 27.79
CA GLY J 21 72.39 -54.43 28.16
C GLY J 21 72.55 -53.46 27.01
N ALA J 22 73.64 -53.58 26.25
CA ALA J 22 73.86 -52.67 25.13
C ALA J 22 72.76 -52.80 24.09
N ALA J 23 72.37 -54.03 23.77
CA ALA J 23 71.34 -54.25 22.75
C ALA J 23 70.01 -53.67 23.22
N ILE J 24 69.63 -53.89 24.48
CA ILE J 24 68.36 -53.38 24.97
C ILE J 24 68.35 -51.85 24.95
N GLY J 25 69.41 -51.22 25.47
CA GLY J 25 69.43 -49.77 25.51
C GLY J 25 69.44 -49.14 24.14
N ILE J 26 70.23 -49.70 23.21
CA ILE J 26 70.26 -49.16 21.86
C ILE J 26 68.94 -49.39 21.16
N GLY J 27 68.26 -50.51 21.45
CA GLY J 27 66.96 -50.73 20.87
C GLY J 27 65.94 -49.70 21.30
N ILE J 28 65.91 -49.39 22.61
CA ILE J 28 64.96 -48.39 23.10
C ILE J 28 65.26 -47.02 22.52
N LEU J 29 66.53 -46.62 22.56
CA LEU J 29 66.91 -45.32 22.03
C LEU J 29 66.60 -45.21 20.54
N GLY J 30 66.93 -46.25 19.77
CA GLY J 30 66.65 -46.24 18.35
C GLY J 30 65.16 -46.24 18.06
N GLY J 31 64.37 -46.94 18.87
CA GLY J 31 62.93 -46.87 18.70
C GLY J 31 62.37 -45.48 18.90
N LYS J 32 62.85 -44.77 19.93
CA LYS J 32 62.39 -43.40 20.10
C LYS J 32 62.88 -42.50 18.97
N PHE J 33 64.11 -42.72 18.51
CA PHE J 33 64.64 -41.93 17.40
C PHE J 33 63.84 -42.14 16.12
N LEU J 34 63.50 -43.41 15.82
CA LEU J 34 62.69 -43.71 14.66
C LEU J 34 61.29 -43.14 14.76
N GLU J 35 60.69 -43.17 15.96
CA GLU J 35 59.37 -42.59 16.11
C GLU J 35 59.41 -41.07 15.91
N GLY J 36 60.47 -40.42 16.38
CA GLY J 36 60.61 -38.99 16.15
C GLY J 36 60.86 -38.65 14.69
N ALA J 37 61.70 -39.45 14.03
CA ALA J 37 61.98 -39.23 12.60
C ALA J 37 60.73 -39.43 11.76
N ALA J 38 59.90 -40.42 12.11
CA ALA J 38 58.62 -40.58 11.44
C ALA J 38 57.70 -39.40 11.74
N ARG J 39 57.77 -38.86 12.96
CA ARG J 39 56.94 -37.72 13.34
C ARG J 39 57.31 -36.49 12.52
N GLN J 40 58.60 -36.15 12.45
CA GLN J 40 59.07 -34.93 11.82
C GLN J 40 60.23 -35.22 10.88
N PRO J 41 59.95 -35.62 9.64
CA PRO J 41 61.02 -35.67 8.63
C PRO J 41 61.62 -34.29 8.42
N ASP J 42 62.77 -34.27 7.75
CA ASP J 42 63.61 -33.10 7.47
C ASP J 42 64.37 -32.63 8.70
N LEU J 43 64.13 -33.21 9.87
CA LEU J 43 64.97 -33.01 11.04
C LEU J 43 65.83 -34.22 11.33
N ILE J 44 65.84 -35.18 10.40
CA ILE J 44 66.59 -36.43 10.63
C ILE J 44 68.06 -36.21 10.97
N PRO J 45 68.81 -35.33 10.29
CA PRO J 45 70.21 -35.13 10.70
C PRO J 45 70.37 -34.62 12.12
N LEU J 46 69.51 -33.72 12.58
CA LEU J 46 69.60 -33.20 13.93
C LEU J 46 69.32 -34.30 14.96
N LEU J 47 68.24 -35.05 14.72
CA LEU J 47 67.90 -36.14 15.62
C LEU J 47 68.95 -37.24 15.60
N ARG J 48 69.56 -37.51 14.45
CA ARG J 48 70.63 -38.49 14.36
C ARG J 48 71.86 -38.03 15.14
N THR J 49 72.19 -36.74 15.04
CA THR J 49 73.27 -36.19 15.85
C THR J 49 73.01 -36.39 17.33
N GLN J 50 71.80 -36.04 17.80
CA GLN J 50 71.48 -36.22 19.20
C GLN J 50 71.49 -37.69 19.60
N PHE J 51 70.98 -38.56 18.73
CA PHE J 51 70.96 -40.00 19.00
C PHE J 51 72.38 -40.55 19.11
N PHE J 52 73.29 -40.09 18.26
CA PHE J 52 74.68 -40.49 18.35
C PHE J 52 75.30 -40.00 19.65
N ILE J 53 74.96 -38.76 20.04
CA ILE J 53 75.45 -38.21 21.30
C ILE J 53 75.05 -39.12 22.45
N VAL J 54 73.78 -39.50 22.50
CA VAL J 54 73.29 -40.37 23.58
C VAL J 54 73.93 -41.75 23.49
N MET J 55 74.02 -42.29 22.27
CA MET J 55 74.55 -43.63 22.07
C MET J 55 76.00 -43.73 22.55
N GLY J 56 76.77 -42.66 22.36
CA GLY J 56 78.13 -42.66 22.89
C GLY J 56 78.17 -42.85 24.39
N LEU J 57 77.21 -42.25 25.10
CA LEU J 57 77.12 -42.46 26.53
C LEU J 57 76.64 -43.87 26.87
N VAL J 58 75.71 -44.41 26.07
CA VAL J 58 75.06 -45.67 26.40
C VAL J 58 76.08 -46.81 26.41
N ASP J 59 76.86 -46.95 25.35
CA ASP J 59 77.71 -48.12 25.15
C ASP J 59 78.91 -48.18 26.08
N ALA J 60 79.16 -47.15 26.89
CA ALA J 60 80.44 -46.99 27.57
C ALA J 60 80.77 -48.18 28.48
N ILE J 61 79.94 -48.43 29.48
CA ILE J 61 80.15 -49.55 30.39
C ILE J 61 80.05 -50.88 29.63
N PRO J 62 79.10 -51.05 28.70
CA PRO J 62 79.16 -52.25 27.85
C PRO J 62 80.47 -52.41 27.09
N MET J 63 81.06 -51.30 26.61
CA MET J 63 82.34 -51.41 25.91
C MET J 63 83.47 -51.76 26.86
N ILE J 64 83.43 -51.24 28.09
CA ILE J 64 84.43 -51.61 29.09
C ILE J 64 84.33 -53.09 29.40
N ALA J 65 83.11 -53.60 29.56
CA ALA J 65 82.91 -55.01 29.84
C ALA J 65 83.39 -55.88 28.67
N VAL J 66 83.09 -55.46 27.44
CA VAL J 66 83.53 -56.20 26.26
C VAL J 66 85.06 -56.24 26.20
N GLY J 67 85.70 -55.09 26.40
CA GLY J 67 87.14 -55.04 26.38
C GLY J 67 87.79 -55.88 27.47
N LEU J 68 87.20 -55.89 28.66
CA LEU J 68 87.78 -56.68 29.75
C LEU J 68 87.54 -58.17 29.58
N GLY J 69 86.41 -58.57 28.98
CA GLY J 69 86.22 -59.97 28.65
C GLY J 69 87.16 -60.44 27.57
N LEU J 70 87.41 -59.60 26.56
CA LEU J 70 88.43 -59.92 25.56
C LEU J 70 89.80 -60.04 26.23
N TYR J 71 90.11 -59.12 27.15
CA TYR J 71 91.37 -59.18 27.86
C TYR J 71 91.52 -60.48 28.63
N VAL J 72 90.49 -60.86 29.39
CA VAL J 72 90.54 -62.11 30.14
C VAL J 72 90.76 -63.28 29.19
N MET J 73 89.97 -63.34 28.11
CA MET J 73 90.00 -64.51 27.25
C MET J 73 91.35 -64.67 26.57
N PHE J 74 91.90 -63.58 26.02
CA PHE J 74 93.07 -63.68 25.16
C PHE J 74 94.37 -63.26 25.84
N ALA J 75 94.34 -62.91 27.13
CA ALA J 75 95.57 -62.67 27.86
C ALA J 75 95.66 -63.60 29.06
N VAL J 76 94.58 -63.68 29.84
CA VAL J 76 94.62 -64.46 31.08
C VAL J 76 94.41 -65.93 30.80
N ALA J 77 93.55 -66.29 29.85
CA ALA J 77 93.29 -67.68 29.53
C ALA J 77 93.59 -67.97 28.06
N ASN K 1 89.60 -86.27 29.84
CA ASN K 1 89.89 -84.84 30.00
C ASN K 1 88.62 -84.00 30.06
N LEU K 2 88.26 -83.59 31.27
CA LEU K 2 87.01 -82.88 31.50
C LEU K 2 87.00 -81.49 30.88
N ASN K 3 88.16 -80.99 30.43
CA ASN K 3 88.25 -79.62 29.93
C ASN K 3 87.23 -79.34 28.82
N MET K 4 86.97 -80.33 27.96
CA MET K 4 86.15 -80.09 26.77
C MET K 4 84.71 -79.72 27.11
N ASP K 5 84.13 -80.35 28.14
CA ASP K 5 82.69 -80.23 28.34
C ASP K 5 82.29 -78.82 28.78
N LEU K 6 83.09 -78.19 29.64
CA LEU K 6 82.75 -76.85 30.14
C LEU K 6 82.80 -75.80 29.02
N LEU K 7 83.66 -76.01 28.01
CA LEU K 7 83.75 -75.06 26.92
C LEU K 7 82.46 -74.99 26.10
N TYR K 8 81.78 -76.13 25.91
CA TYR K 8 80.51 -76.11 25.21
C TYR K 8 79.46 -75.31 25.96
N MET K 9 79.42 -75.46 27.29
CA MET K 9 78.49 -74.66 28.08
C MET K 9 78.83 -73.18 28.02
N ALA K 10 80.14 -72.87 28.03
CA ALA K 10 80.57 -71.48 27.94
C ALA K 10 80.21 -70.86 26.60
N ALA K 11 80.30 -71.63 25.52
CA ALA K 11 79.86 -71.13 24.22
C ALA K 11 78.33 -70.99 24.19
N ALA K 12 77.63 -71.95 24.79
CA ALA K 12 76.16 -71.95 24.73
C ALA K 12 75.57 -70.75 25.45
N VAL K 13 76.08 -70.43 26.64
CA VAL K 13 75.54 -69.29 27.39
C VAL K 13 75.79 -68.00 26.62
N MET K 14 77.00 -67.85 26.07
CA MET K 14 77.34 -66.66 25.31
C MET K 14 76.40 -66.48 24.12
N MET K 15 76.22 -67.55 23.34
CA MET K 15 75.39 -67.44 22.15
C MET K 15 73.92 -67.25 22.49
N GLY K 16 73.44 -67.83 23.59
CA GLY K 16 72.06 -67.61 23.99
C GLY K 16 71.79 -66.19 24.45
N LEU K 17 72.71 -65.63 25.24
CA LEU K 17 72.56 -64.24 25.65
C LEU K 17 72.65 -63.30 24.46
N ALA K 18 73.55 -63.59 23.52
CA ALA K 18 73.65 -62.78 22.31
C ALA K 18 72.36 -62.84 21.51
N ALA K 19 71.78 -64.05 21.38
CA ALA K 19 70.53 -64.18 20.64
C ALA K 19 69.39 -63.43 21.32
N ILE K 20 69.29 -63.51 22.65
CA ILE K 20 68.24 -62.78 23.34
C ILE K 20 68.39 -61.29 23.11
N GLY K 21 69.59 -60.76 23.33
CA GLY K 21 69.78 -59.33 23.22
C GLY K 21 69.53 -58.83 21.81
N ALA K 22 70.09 -59.51 20.81
CA ALA K 22 69.91 -59.06 19.44
C ALA K 22 68.47 -59.19 18.96
N ALA K 23 67.76 -60.25 19.35
CA ALA K 23 66.40 -60.41 18.86
C ALA K 23 65.46 -59.40 19.50
N ILE K 24 65.63 -59.14 20.80
CA ILE K 24 64.75 -58.16 21.44
C ILE K 24 65.07 -56.74 20.95
N GLY K 25 66.35 -56.40 20.78
CA GLY K 25 66.68 -55.07 20.28
C GLY K 25 66.17 -54.84 18.87
N ILE K 26 66.36 -55.83 18.00
CA ILE K 26 65.91 -55.68 16.63
C ILE K 26 64.39 -55.65 16.55
N GLY K 27 63.69 -56.39 17.41
CA GLY K 27 62.24 -56.30 17.42
C GLY K 27 61.76 -54.92 17.88
N ILE K 28 62.40 -54.36 18.89
CA ILE K 28 62.01 -53.03 19.38
C ILE K 28 62.24 -51.99 18.29
N LEU K 29 63.39 -52.03 17.63
CA LEU K 29 63.67 -51.07 16.56
C LEU K 29 62.67 -51.23 15.41
N GLY K 30 62.45 -52.47 14.97
CA GLY K 30 61.58 -52.71 13.85
C GLY K 30 60.13 -52.37 14.12
N GLY K 31 59.71 -52.44 15.39
CA GLY K 31 58.33 -52.08 15.70
C GLY K 31 58.06 -50.60 15.48
N LYS K 32 58.98 -49.74 15.92
CA LYS K 32 58.85 -48.31 15.63
C LYS K 32 59.02 -48.03 14.15
N PHE K 33 59.91 -48.78 13.49
CA PHE K 33 60.06 -48.61 12.04
C PHE K 33 58.75 -48.92 11.32
N LEU K 34 58.08 -50.00 11.70
CA LEU K 34 56.82 -50.37 11.07
C LEU K 34 55.71 -49.38 11.41
N GLU K 35 55.65 -48.88 12.65
CA GLU K 35 54.64 -47.88 12.96
C GLU K 35 54.87 -46.60 12.16
N GLY K 36 56.14 -46.21 11.98
CA GLY K 36 56.44 -45.02 11.19
C GLY K 36 56.10 -45.21 9.73
N ALA K 37 56.31 -46.42 9.21
CA ALA K 37 55.91 -46.71 7.83
C ALA K 37 54.40 -46.71 7.70
N ALA K 38 53.69 -47.15 8.75
CA ALA K 38 52.24 -47.07 8.76
C ALA K 38 51.77 -45.62 8.69
N ARG K 39 52.44 -44.73 9.41
CA ARG K 39 51.99 -43.33 9.44
C ARG K 39 52.26 -42.62 8.12
N GLN K 40 53.46 -42.79 7.55
CA GLN K 40 53.87 -42.09 6.33
C GLN K 40 54.38 -43.11 5.32
N PRO K 41 53.47 -43.79 4.63
CA PRO K 41 53.89 -44.90 3.76
C PRO K 41 54.80 -44.50 2.60
N ASP K 42 54.81 -43.22 2.20
CA ASP K 42 55.66 -42.81 1.10
C ASP K 42 57.13 -42.71 1.50
N LEU K 43 57.42 -42.57 2.80
CA LEU K 43 58.78 -42.39 3.29
C LEU K 43 59.52 -43.69 3.56
N ILE K 44 58.89 -44.83 3.31
CA ILE K 44 59.42 -46.15 3.66
C ILE K 44 60.85 -46.38 3.17
N PRO K 45 61.23 -46.05 1.93
CA PRO K 45 62.63 -46.30 1.52
C PRO K 45 63.66 -45.48 2.29
N LEU K 46 63.28 -44.31 2.82
CA LEU K 46 64.19 -43.53 3.66
C LEU K 46 64.29 -44.14 5.06
N LEU K 47 63.14 -44.50 5.63
CA LEU K 47 63.14 -45.11 6.94
C LEU K 47 63.84 -46.46 6.93
N ARG K 48 63.83 -47.15 5.80
CA ARG K 48 64.57 -48.41 5.69
C ARG K 48 66.08 -48.18 5.76
N THR K 49 66.57 -47.14 5.09
CA THR K 49 67.99 -46.80 5.19
C THR K 49 68.35 -46.42 6.62
N GLN K 50 67.52 -45.59 7.26
CA GLN K 50 67.79 -45.20 8.65
C GLN K 50 67.74 -46.42 9.57
N PHE K 51 66.79 -47.32 9.34
CA PHE K 51 66.67 -48.53 10.13
C PHE K 51 67.90 -49.42 9.96
N PHE K 52 68.41 -49.52 8.74
CA PHE K 52 69.63 -50.30 8.52
C PHE K 52 70.82 -49.67 9.21
N ILE K 53 70.92 -48.34 9.16
CA ILE K 53 72.01 -47.65 9.84
C ILE K 53 71.96 -47.94 11.34
N VAL K 54 70.77 -47.87 11.94
CA VAL K 54 70.65 -48.12 13.37
C VAL K 54 70.89 -49.59 13.68
N MET K 55 70.35 -50.48 12.86
CA MET K 55 70.51 -51.92 13.09
C MET K 55 71.98 -52.33 13.01
N GLY K 56 72.78 -51.65 12.18
CA GLY K 56 74.19 -51.93 12.15
C GLY K 56 74.89 -51.72 13.49
N LEU K 57 74.30 -50.89 14.36
CA LEU K 57 74.83 -50.65 15.69
C LEU K 57 74.31 -51.65 16.72
N VAL K 58 73.04 -52.02 16.62
CA VAL K 58 72.43 -52.94 17.59
C VAL K 58 73.19 -54.25 17.64
N ASP K 59 73.59 -54.76 16.47
CA ASP K 59 74.22 -56.06 16.35
C ASP K 59 75.72 -56.02 16.54
N ALA K 60 76.28 -54.88 16.98
CA ALA K 60 77.71 -54.76 17.16
C ALA K 60 78.23 -55.79 18.16
N ILE K 61 77.80 -55.67 19.42
CA ILE K 61 78.16 -56.59 20.49
C ILE K 61 77.61 -57.99 20.27
N PRO K 62 76.35 -58.16 19.85
CA PRO K 62 75.84 -59.53 19.65
C PRO K 62 76.62 -60.33 18.60
N MET K 63 77.05 -59.72 17.50
CA MET K 63 77.81 -60.48 16.52
C MET K 63 79.22 -60.82 17.01
N ILE K 64 79.83 -59.96 17.83
CA ILE K 64 81.10 -60.30 18.43
C ILE K 64 80.93 -61.47 19.40
N ALA K 65 79.87 -61.44 20.19
CA ALA K 65 79.60 -62.53 21.12
C ALA K 65 79.37 -63.84 20.37
N VAL K 66 78.61 -63.79 19.28
CA VAL K 66 78.33 -65.01 18.52
C VAL K 66 79.59 -65.55 17.87
N GLY K 67 80.42 -64.68 17.29
CA GLY K 67 81.67 -65.11 16.71
C GLY K 67 82.60 -65.73 17.73
N LEU K 68 82.72 -65.09 18.90
CA LEU K 68 83.62 -65.62 19.93
C LEU K 68 83.12 -66.94 20.48
N GLY K 69 81.79 -67.08 20.66
CA GLY K 69 81.26 -68.36 21.10
C GLY K 69 81.46 -69.46 20.09
N LEU K 70 81.32 -69.13 18.79
CA LEU K 70 81.56 -70.12 17.75
C LEU K 70 83.03 -70.51 17.70
N TYR K 71 83.94 -69.55 17.88
CA TYR K 71 85.37 -69.79 17.99
C TYR K 71 85.68 -70.74 19.13
N VAL K 72 85.19 -70.41 20.33
CA VAL K 72 85.40 -71.26 21.50
C VAL K 72 84.88 -72.67 21.22
N MET K 73 83.70 -72.76 20.60
CA MET K 73 83.06 -74.06 20.42
C MET K 73 83.87 -74.98 19.52
N PHE K 74 84.50 -74.47 18.47
CA PHE K 74 85.18 -75.30 17.49
C PHE K 74 86.69 -75.26 17.61
N ALA K 75 87.29 -74.07 17.54
CA ALA K 75 88.75 -73.98 17.49
C ALA K 75 89.37 -74.37 18.83
N VAL K 76 88.82 -73.86 19.93
CA VAL K 76 89.42 -74.09 21.24
C VAL K 76 89.08 -75.50 21.74
N ALA K 77 87.80 -75.87 21.72
CA ALA K 77 87.38 -77.18 22.20
C ALA K 77 87.83 -78.28 21.25
N ASN L 1 95.81 -70.69 42.13
CA ASN L 1 94.89 -71.67 42.68
C ASN L 1 93.43 -71.28 42.39
N LEU L 2 92.51 -71.86 43.16
CA LEU L 2 91.10 -71.56 42.99
C LEU L 2 90.78 -70.09 43.24
N ASN L 3 91.62 -69.41 44.04
CA ASN L 3 91.32 -68.04 44.45
C ASN L 3 91.12 -67.12 43.25
N MET L 4 92.10 -67.10 42.34
CA MET L 4 91.98 -66.24 41.16
C MET L 4 90.86 -66.69 40.26
N ASP L 5 90.64 -68.00 40.16
CA ASP L 5 89.58 -68.52 39.29
C ASP L 5 88.22 -68.03 39.75
N LEU L 6 87.99 -67.96 41.06
CA LEU L 6 86.72 -67.45 41.57
C LEU L 6 86.67 -65.93 41.54
N LEU L 7 87.81 -65.26 41.74
CA LEU L 7 87.80 -63.80 41.77
C LEU L 7 87.53 -63.20 40.39
N TYR L 8 88.05 -63.82 39.33
CA TYR L 8 87.73 -63.36 37.99
C TYR L 8 86.24 -63.51 37.71
N MET L 9 85.63 -64.60 38.17
CA MET L 9 84.19 -64.78 38.01
C MET L 9 83.40 -63.72 38.77
N ALA L 10 83.84 -63.39 39.98
CA ALA L 10 83.13 -62.39 40.78
C ALA L 10 83.20 -61.01 40.11
N ALA L 11 84.40 -60.64 39.63
CA ALA L 11 84.52 -59.36 38.93
C ALA L 11 83.68 -59.36 37.66
N ALA L 12 83.64 -60.48 36.94
CA ALA L 12 82.86 -60.54 35.70
C ALA L 12 81.37 -60.35 35.97
N VAL L 13 80.82 -61.06 36.97
CA VAL L 13 79.40 -60.92 37.23
C VAL L 13 79.07 -59.51 37.74
N MET L 14 79.90 -58.94 38.59
CA MET L 14 79.59 -57.61 39.11
C MET L 14 79.60 -56.58 37.99
N MET L 15 80.64 -56.58 37.16
CA MET L 15 80.73 -55.58 36.10
C MET L 15 79.65 -55.81 35.05
N GLY L 16 79.27 -57.06 34.79
CA GLY L 16 78.18 -57.31 33.86
C GLY L 16 76.86 -56.74 34.34
N LEU L 17 76.53 -56.96 35.62
CA LEU L 17 75.31 -56.40 36.16
C LEU L 17 75.34 -54.88 36.09
N ALA L 18 76.49 -54.27 36.44
CA ALA L 18 76.60 -52.83 36.41
C ALA L 18 76.39 -52.30 35.00
N ALA L 19 76.97 -52.97 34.00
CA ALA L 19 76.84 -52.53 32.62
C ALA L 19 75.39 -52.63 32.15
N ILE L 20 74.72 -53.74 32.48
CA ILE L 20 73.32 -53.91 32.09
C ILE L 20 72.48 -52.76 32.65
N GLY L 21 72.60 -52.52 33.96
CA GLY L 21 71.77 -51.49 34.58
C GLY L 21 72.05 -50.11 34.02
N ALA L 22 73.33 -49.75 33.90
CA ALA L 22 73.68 -48.43 33.41
C ALA L 22 73.20 -48.24 31.98
N ALA L 23 73.37 -49.25 31.12
CA ALA L 23 72.99 -49.09 29.72
C ALA L 23 71.48 -48.95 29.58
N ILE L 24 70.70 -49.75 30.30
CA ILE L 24 69.26 -49.66 30.15
C ILE L 24 68.74 -48.34 30.70
N GLY L 25 69.25 -47.91 31.86
CA GLY L 25 68.79 -46.64 32.40
C GLY L 25 69.12 -45.46 31.53
N ILE L 26 70.34 -45.42 31.00
CA ILE L 26 70.72 -44.32 30.11
C ILE L 26 69.90 -44.37 28.82
N GLY L 27 69.58 -45.57 28.31
CA GLY L 27 68.76 -45.64 27.12
C GLY L 27 67.36 -45.11 27.32
N ILE L 28 66.75 -45.40 28.47
CA ILE L 28 65.41 -44.87 28.75
C ILE L 28 65.47 -43.35 28.88
N LEU L 29 66.44 -42.85 29.66
CA LEU L 29 66.60 -41.41 29.82
C LEU L 29 66.79 -40.73 28.47
N GLY L 30 67.60 -41.31 27.59
CA GLY L 30 67.79 -40.74 26.28
C GLY L 30 66.56 -40.80 25.40
N GLY L 31 65.79 -41.88 25.49
CA GLY L 31 64.59 -42.00 24.69
C GLY L 31 63.55 -40.95 25.03
N LYS L 32 63.38 -40.67 26.32
CA LYS L 32 62.45 -39.61 26.69
C LYS L 32 62.91 -38.24 26.18
N PHE L 33 64.20 -37.97 26.26
CA PHE L 33 64.73 -36.72 25.70
C PHE L 33 64.50 -36.67 24.19
N LEU L 34 64.67 -37.80 23.51
CA LEU L 34 64.43 -37.83 22.07
C LEU L 34 62.99 -37.52 21.73
N GLU L 35 62.04 -38.05 22.50
CA GLU L 35 60.65 -37.73 22.21
C GLU L 35 60.35 -36.26 22.51
N GLY L 36 60.94 -35.73 23.59
CA GLY L 36 60.72 -34.33 23.92
C GLY L 36 61.33 -33.37 22.93
N ALA L 37 62.45 -33.77 22.32
CA ALA L 37 63.06 -32.95 21.27
C ALA L 37 62.30 -33.08 19.96
N ALA L 38 61.74 -34.25 19.69
CA ALA L 38 60.89 -34.41 18.50
C ALA L 38 59.64 -33.54 18.61
N ARG L 39 59.10 -33.39 19.81
CA ARG L 39 57.88 -32.59 19.96
C ARG L 39 58.13 -31.12 19.66
N GLN L 40 59.18 -30.54 20.22
CA GLN L 40 59.44 -29.11 20.02
C GLN L 40 60.92 -28.79 20.13
N PRO L 41 61.59 -28.52 19.01
CA PRO L 41 63.05 -28.33 19.02
C PRO L 41 63.51 -27.08 19.76
N ASP L 42 62.64 -26.12 20.02
CA ASP L 42 63.08 -24.88 20.67
C ASP L 42 63.54 -25.09 22.09
N LEU L 43 63.24 -26.24 22.69
CA LEU L 43 63.68 -26.56 24.04
C LEU L 43 64.81 -27.61 24.05
N ILE L 44 65.41 -27.89 22.90
CA ILE L 44 66.41 -28.95 22.84
C ILE L 44 67.56 -28.73 23.80
N PRO L 45 68.22 -27.56 23.86
CA PRO L 45 69.36 -27.42 24.78
C PRO L 45 68.99 -27.53 26.24
N LEU L 46 67.78 -27.10 26.61
CA LEU L 46 67.36 -27.16 28.00
C LEU L 46 67.15 -28.61 28.44
N LEU L 47 66.43 -29.37 27.62
CA LEU L 47 66.25 -30.79 27.90
C LEU L 47 67.58 -31.53 27.84
N ARG L 48 68.47 -31.13 26.93
CA ARG L 48 69.78 -31.77 26.81
C ARG L 48 70.66 -31.49 28.03
N THR L 49 70.51 -30.34 28.67
CA THR L 49 71.27 -30.04 29.88
C THR L 49 70.67 -30.77 31.09
N GLN L 50 69.35 -30.81 31.19
CA GLN L 50 68.74 -31.61 32.25
C GLN L 50 69.06 -33.10 32.05
N PHE L 51 69.22 -33.52 30.80
CA PHE L 51 69.64 -34.89 30.50
C PHE L 51 71.02 -35.17 31.07
N PHE L 52 71.94 -34.21 30.91
CA PHE L 52 73.26 -34.36 31.54
C PHE L 52 73.14 -34.40 33.05
N ILE L 53 72.30 -33.52 33.62
CA ILE L 53 72.10 -33.48 35.06
C ILE L 53 71.65 -34.85 35.58
N VAL L 54 70.63 -35.42 34.96
CA VAL L 54 70.09 -36.70 35.42
C VAL L 54 71.07 -37.82 35.15
N MET L 55 71.67 -37.85 33.96
CA MET L 55 72.64 -38.88 33.63
C MET L 55 73.81 -38.89 34.60
N GLY L 56 74.17 -37.72 35.14
CA GLY L 56 75.18 -37.70 36.18
C GLY L 56 74.81 -38.55 37.37
N LEU L 57 73.54 -38.50 37.80
CA LEU L 57 73.10 -39.34 38.89
C LEU L 57 72.94 -40.80 38.46
N VAL L 58 72.60 -41.03 37.18
CA VAL L 58 72.36 -42.39 36.70
C VAL L 58 73.58 -43.27 36.92
N ASP L 59 74.75 -42.78 36.52
CA ASP L 59 75.98 -43.57 36.57
C ASP L 59 76.58 -43.69 37.97
N ALA L 60 75.89 -43.23 39.02
CA ALA L 60 76.50 -43.17 40.35
C ALA L 60 76.95 -44.55 40.82
N ILE L 61 76.00 -45.47 41.02
CA ILE L 61 76.26 -46.81 41.54
C ILE L 61 76.95 -47.71 40.52
N PRO L 62 76.57 -47.66 39.21
CA PRO L 62 77.26 -48.51 38.24
C PRO L 62 78.76 -48.28 38.19
N MET L 63 79.21 -47.05 38.38
CA MET L 63 80.64 -46.79 38.37
C MET L 63 81.34 -47.24 39.64
N ILE L 64 80.62 -47.27 40.77
CA ILE L 64 81.17 -47.89 41.97
C ILE L 64 81.37 -49.39 41.73
N ALA L 65 80.37 -50.02 41.12
CA ALA L 65 80.49 -51.44 40.80
C ALA L 65 81.64 -51.69 39.83
N VAL L 66 81.78 -50.85 38.82
CA VAL L 66 82.86 -51.00 37.85
C VAL L 66 84.22 -50.85 38.52
N GLY L 67 84.36 -49.84 39.38
CA GLY L 67 85.63 -49.65 40.07
C GLY L 67 85.99 -50.79 40.99
N LEU L 68 84.99 -51.35 41.69
CA LEU L 68 85.30 -52.45 42.60
C LEU L 68 85.57 -53.74 41.85
N GLY L 69 84.91 -53.95 40.71
CA GLY L 69 85.28 -55.08 39.85
C GLY L 69 86.70 -54.95 39.33
N LEU L 70 87.08 -53.74 38.89
CA LEU L 70 88.45 -53.50 38.45
C LEU L 70 89.43 -53.78 39.57
N TYR L 71 89.11 -53.33 40.78
CA TYR L 71 89.98 -53.60 41.93
C TYR L 71 90.14 -55.09 42.16
N VAL L 72 89.02 -55.82 42.19
CA VAL L 72 89.07 -57.27 42.40
C VAL L 72 89.94 -57.92 41.33
N MET L 73 89.79 -57.50 40.08
CA MET L 73 90.50 -58.18 38.99
C MET L 73 91.98 -57.82 38.97
N PHE L 74 92.34 -56.60 39.36
CA PHE L 74 93.70 -56.11 39.10
C PHE L 74 94.58 -56.00 40.34
N ALA L 75 94.02 -56.02 41.56
CA ALA L 75 94.86 -55.85 42.74
C ALA L 75 94.70 -57.04 43.68
N VAL L 76 93.51 -57.64 43.69
CA VAL L 76 93.28 -58.86 44.46
C VAL L 76 93.70 -60.09 43.66
N ALA L 77 93.41 -60.09 42.36
CA ALA L 77 93.79 -61.15 41.44
C ALA L 77 93.28 -62.52 41.89
N ASN M 1 74.04 -81.81 59.03
CA ASN M 1 74.16 -80.38 59.31
C ASN M 1 73.52 -79.56 58.21
N LEU M 2 73.63 -80.06 56.96
CA LEU M 2 73.00 -79.39 55.83
C LEU M 2 71.49 -79.33 55.97
N ASN M 3 70.88 -80.24 56.74
CA ASN M 3 69.45 -80.18 56.96
C ASN M 3 69.03 -78.89 57.66
N MET M 4 69.89 -78.34 58.52
CA MET M 4 69.61 -77.07 59.17
C MET M 4 69.97 -75.88 58.29
N ASP M 5 71.13 -75.95 57.63
CA ASP M 5 71.66 -74.78 56.94
C ASP M 5 70.85 -74.44 55.70
N LEU M 6 70.53 -75.44 54.88
CA LEU M 6 69.90 -75.18 53.58
C LEU M 6 68.51 -74.57 53.73
N LEU M 7 67.84 -74.81 54.85
CA LEU M 7 66.48 -74.31 55.01
C LEU M 7 66.44 -72.79 55.03
N TYR M 8 67.52 -72.13 55.47
CA TYR M 8 67.52 -70.67 55.48
C TYR M 8 67.60 -70.11 54.07
N MET M 9 68.31 -70.77 53.16
CA MET M 9 68.31 -70.33 51.77
C MET M 9 66.97 -70.57 51.10
N ALA M 10 66.33 -71.70 51.42
CA ALA M 10 65.01 -71.98 50.87
C ALA M 10 63.97 -70.97 51.32
N ALA M 11 64.12 -70.44 52.54
CA ALA M 11 63.23 -69.37 52.98
C ALA M 11 63.65 -68.02 52.40
N ALA M 12 64.95 -67.80 52.21
CA ALA M 12 65.43 -66.55 51.66
C ALA M 12 64.94 -66.35 50.23
N VAL M 13 64.97 -67.40 49.41
CA VAL M 13 64.48 -67.26 48.04
C VAL M 13 62.98 -67.00 48.04
N MET M 14 62.23 -67.66 48.94
CA MET M 14 60.79 -67.45 48.99
C MET M 14 60.44 -66.03 49.40
N MET M 15 61.14 -65.49 50.39
CA MET M 15 60.85 -64.17 50.90
C MET M 15 61.47 -63.07 50.06
N GLY M 16 62.36 -63.41 49.13
CA GLY M 16 62.75 -62.45 48.11
C GLY M 16 61.76 -62.40 46.96
N LEU M 17 61.36 -63.57 46.44
CA LEU M 17 60.42 -63.61 45.32
C LEU M 17 59.07 -63.05 45.70
N ALA M 18 58.55 -63.39 46.89
CA ALA M 18 57.27 -62.84 47.32
C ALA M 18 57.32 -61.34 47.44
N ALA M 19 58.42 -60.80 47.97
CA ALA M 19 58.56 -59.36 48.09
C ALA M 19 58.67 -58.67 46.75
N ILE M 20 59.40 -59.26 45.80
CA ILE M 20 59.49 -58.66 44.47
C ILE M 20 58.14 -58.66 43.79
N GLY M 21 57.40 -59.76 43.87
CA GLY M 21 56.11 -59.82 43.21
C GLY M 21 55.10 -58.86 43.81
N ALA M 22 55.01 -58.84 45.15
CA ALA M 22 54.08 -57.94 45.80
C ALA M 22 54.44 -56.48 45.55
N ALA M 23 55.74 -56.16 45.57
CA ALA M 23 56.14 -54.77 45.36
C ALA M 23 55.82 -54.31 43.95
N ILE M 24 56.10 -55.15 42.94
CA ILE M 24 55.84 -54.73 41.56
C ILE M 24 54.34 -54.61 41.30
N GLY M 25 53.55 -55.59 41.76
CA GLY M 25 52.11 -55.53 41.52
C GLY M 25 51.45 -54.37 42.23
N ILE M 26 51.82 -54.14 43.50
CA ILE M 26 51.24 -53.03 44.23
C ILE M 26 51.72 -51.70 43.65
N GLY M 27 52.95 -51.63 43.17
CA GLY M 27 53.41 -50.40 42.54
C GLY M 27 52.63 -50.06 41.28
N ILE M 28 52.39 -51.05 40.43
CA ILE M 28 51.62 -50.79 39.21
C ILE M 28 50.19 -50.38 39.55
N LEU M 29 49.55 -51.12 40.46
CA LEU M 29 48.17 -50.79 40.82
C LEU M 29 48.08 -49.41 41.46
N GLY M 30 49.03 -49.08 42.35
CA GLY M 30 49.01 -47.78 42.99
C GLY M 30 49.29 -46.66 42.02
N GLY M 31 50.16 -46.91 41.04
CA GLY M 31 50.38 -45.90 40.02
C GLY M 31 49.14 -45.61 39.21
N LYS M 32 48.42 -46.66 38.79
CA LYS M 32 47.17 -46.42 38.08
C LYS M 32 46.16 -45.69 38.95
N PHE M 33 46.07 -46.08 40.23
CA PHE M 33 45.15 -45.40 41.14
C PHE M 33 45.51 -43.93 41.31
N LEU M 34 46.82 -43.64 41.43
CA LEU M 34 47.26 -42.27 41.60
C LEU M 34 46.96 -41.44 40.36
N GLU M 35 47.15 -42.02 39.17
CA GLU M 35 46.83 -41.27 37.96
C GLU M 35 45.33 -40.99 37.87
N GLY M 36 44.51 -41.99 38.21
CA GLY M 36 43.07 -41.80 38.21
C GLY M 36 42.60 -40.76 39.22
N ALA M 37 43.22 -40.76 40.41
CA ALA M 37 42.88 -39.76 41.42
C ALA M 37 43.33 -38.37 40.97
N ALA M 38 44.47 -38.29 40.29
CA ALA M 38 44.95 -37.00 39.81
C ALA M 38 44.01 -36.44 38.75
N ARG M 39 43.53 -37.29 37.83
CA ARG M 39 42.63 -36.79 36.80
C ARG M 39 41.26 -36.43 37.36
N GLN M 40 40.75 -37.23 38.29
CA GLN M 40 39.39 -37.08 38.80
C GLN M 40 39.38 -36.96 40.32
N PRO M 41 39.78 -35.80 40.86
CA PRO M 41 39.91 -35.69 42.33
C PRO M 41 38.61 -35.90 43.09
N ASP M 42 37.46 -35.74 42.44
CA ASP M 42 36.19 -35.96 43.13
C ASP M 42 35.96 -37.43 43.47
N LEU M 43 36.45 -38.33 42.60
CA LEU M 43 36.19 -39.76 42.74
C LEU M 43 37.17 -40.45 43.67
N ILE M 44 38.05 -39.70 44.35
CA ILE M 44 39.07 -40.32 45.19
C ILE M 44 38.50 -41.30 46.22
N PRO M 45 37.44 -40.99 46.96
CA PRO M 45 36.89 -41.99 47.90
C PRO M 45 36.39 -43.26 47.23
N LEU M 46 35.93 -43.18 45.97
CA LEU M 46 35.46 -44.36 45.26
C LEU M 46 36.64 -45.17 44.70
N LEU M 47 37.58 -44.48 44.06
CA LEU M 47 38.75 -45.15 43.52
C LEU M 47 39.58 -45.78 44.62
N ARG M 48 39.65 -45.15 45.79
CA ARG M 48 40.36 -45.75 46.91
C ARG M 48 39.68 -47.02 47.39
N THR M 49 38.34 -47.01 47.45
CA THR M 49 37.60 -48.21 47.83
C THR M 49 37.86 -49.34 46.84
N GLN M 50 37.79 -49.05 45.54
CA GLN M 50 38.05 -50.08 44.54
C GLN M 50 39.50 -50.54 44.57
N PHE M 51 40.44 -49.64 44.85
CA PHE M 51 41.84 -50.00 44.98
C PHE M 51 42.05 -50.96 46.14
N PHE M 52 41.42 -50.69 47.28
CA PHE M 52 41.54 -51.60 48.41
C PHE M 52 40.82 -52.92 48.17
N ILE M 53 39.76 -52.90 47.36
CA ILE M 53 39.09 -54.13 46.96
C ILE M 53 40.06 -55.00 46.14
N VAL M 54 40.70 -54.39 45.14
CA VAL M 54 41.58 -55.16 44.25
C VAL M 54 42.87 -55.58 44.94
N MET M 55 43.43 -54.74 45.80
CA MET M 55 44.74 -55.00 46.37
C MET M 55 44.76 -56.25 47.24
N GLY M 56 43.64 -56.60 47.84
CA GLY M 56 43.57 -57.81 48.64
C GLY M 56 43.71 -59.10 47.83
N LEU M 57 43.55 -59.01 46.52
CA LEU M 57 43.77 -60.15 45.63
C LEU M 57 45.23 -60.30 45.26
N VAL M 58 45.94 -59.19 45.09
CA VAL M 58 47.36 -59.23 44.78
C VAL M 58 48.14 -59.92 45.90
N ASP M 59 47.83 -59.57 47.14
CA ASP M 59 48.59 -60.06 48.28
C ASP M 59 48.29 -61.51 48.65
N ALA M 60 47.29 -62.13 48.01
CA ALA M 60 46.82 -63.45 48.44
C ALA M 60 47.94 -64.48 48.43
N ILE M 61 48.64 -64.61 47.32
CA ILE M 61 49.70 -65.61 47.16
C ILE M 61 51.02 -65.18 47.80
N PRO M 62 51.47 -63.94 47.60
CA PRO M 62 52.73 -63.51 48.28
C PRO M 62 52.65 -63.59 49.79
N MET M 63 51.47 -63.46 50.40
CA MET M 63 51.37 -63.59 51.84
C MET M 63 51.43 -65.05 52.29
N ILE M 64 50.91 -65.97 51.47
CA ILE M 64 51.16 -67.40 51.71
C ILE M 64 52.66 -67.68 51.64
N ALA M 65 53.32 -67.10 50.64
CA ALA M 65 54.75 -67.31 50.48
C ALA M 65 55.53 -66.79 51.69
N VAL M 66 55.20 -65.59 52.16
CA VAL M 66 55.95 -65.01 53.28
C VAL M 66 55.65 -65.77 54.57
N GLY M 67 54.40 -66.22 54.77
CA GLY M 67 54.11 -67.00 55.96
C GLY M 67 54.82 -68.35 55.95
N LEU M 68 54.88 -69.00 54.80
CA LEU M 68 55.61 -70.26 54.72
C LEU M 68 57.11 -70.06 54.85
N GLY M 69 57.62 -68.92 54.38
CA GLY M 69 59.02 -68.61 54.59
C GLY M 69 59.34 -68.41 56.07
N LEU M 70 58.48 -67.71 56.79
CA LEU M 70 58.66 -67.58 58.23
C LEU M 70 58.60 -68.94 58.92
N TYR M 71 57.66 -69.79 58.50
CA TYR M 71 57.54 -71.13 59.07
C TYR M 71 58.83 -71.91 58.85
N VAL M 72 59.33 -71.91 57.61
CA VAL M 72 60.54 -72.66 57.28
C VAL M 72 61.74 -72.12 58.05
N MET M 73 61.79 -70.80 58.24
CA MET M 73 62.93 -70.22 58.95
C MET M 73 62.89 -70.56 60.43
N PHE M 74 61.71 -70.56 61.05
CA PHE M 74 61.63 -70.63 62.51
C PHE M 74 61.21 -71.99 63.05
N ALA M 75 60.09 -72.55 62.57
CA ALA M 75 59.57 -73.78 63.17
C ALA M 75 60.48 -74.96 62.87
N VAL M 76 60.64 -75.30 61.60
CA VAL M 76 61.51 -76.42 61.24
C VAL M 76 62.98 -76.02 61.37
N ALA M 77 63.31 -74.78 61.05
CA ALA M 77 64.67 -74.25 61.17
C ALA M 77 65.69 -75.09 60.41
N ASN N 1 69.20 -89.56 56.12
CA ASN N 1 69.89 -89.14 54.90
C ASN N 1 69.59 -87.67 54.58
N LEU N 2 70.43 -87.09 53.72
CA LEU N 2 70.39 -85.66 53.43
C LEU N 2 69.34 -85.28 52.39
N ASN N 3 68.74 -86.27 51.72
CA ASN N 3 67.90 -85.99 50.55
C ASN N 3 66.74 -85.04 50.85
N MET N 4 66.27 -85.02 52.11
CA MET N 4 65.06 -84.28 52.43
C MET N 4 65.19 -82.78 52.20
N ASP N 5 66.42 -82.24 52.26
CA ASP N 5 66.59 -80.79 52.20
C ASP N 5 66.23 -80.22 50.82
N LEU N 6 66.52 -80.96 49.74
CA LEU N 6 66.30 -80.42 48.41
C LEU N 6 64.82 -80.27 48.07
N LEU N 7 63.96 -81.09 48.67
CA LEU N 7 62.52 -80.97 48.41
C LEU N 7 62.00 -79.62 48.87
N TYR N 8 62.48 -79.13 50.01
CA TYR N 8 62.11 -77.80 50.47
C TYR N 8 62.54 -76.73 49.49
N MET N 9 63.75 -76.84 48.94
CA MET N 9 64.23 -75.86 47.98
C MET N 9 63.40 -75.86 46.71
N ALA N 10 63.05 -77.06 46.21
CA ALA N 10 62.24 -77.14 44.98
C ALA N 10 60.86 -76.55 45.22
N ALA N 11 60.23 -76.87 46.36
CA ALA N 11 58.94 -76.28 46.67
C ALA N 11 59.05 -74.77 46.83
N ALA N 12 60.16 -74.30 47.40
CA ALA N 12 60.39 -72.88 47.56
C ALA N 12 60.44 -72.17 46.21
N VAL N 13 61.22 -72.72 45.28
CA VAL N 13 61.31 -72.10 43.96
C VAL N 13 59.96 -72.10 43.26
N MET N 14 59.25 -73.24 43.29
CA MET N 14 57.99 -73.33 42.59
C MET N 14 56.97 -72.33 43.15
N MET N 15 56.88 -72.23 44.48
CA MET N 15 55.89 -71.34 45.07
C MET N 15 56.29 -69.87 44.91
N GLY N 16 57.58 -69.57 44.97
CA GLY N 16 58.01 -68.20 44.76
C GLY N 16 57.70 -67.71 43.35
N LEU N 17 57.99 -68.54 42.35
CA LEU N 17 57.63 -68.17 40.98
C LEU N 17 56.13 -68.05 40.82
N ALA N 18 55.37 -68.99 41.40
CA ALA N 18 53.92 -68.90 41.33
C ALA N 18 53.40 -67.60 41.95
N ALA N 19 53.98 -67.15 43.05
CA ALA N 19 53.57 -65.92 43.69
C ALA N 19 53.99 -64.70 42.88
N ILE N 20 55.16 -64.75 42.24
CA ILE N 20 55.60 -63.65 41.40
C ILE N 20 54.60 -63.44 40.26
N GLY N 21 54.25 -64.53 39.56
CA GLY N 21 53.30 -64.40 38.46
C GLY N 21 51.91 -64.01 38.91
N ALA N 22 51.42 -64.64 39.99
CA ALA N 22 50.09 -64.35 40.50
C ALA N 22 49.97 -62.92 40.99
N ALA N 23 51.06 -62.33 41.48
CA ALA N 23 51.00 -60.95 41.91
C ALA N 23 51.07 -60.00 40.72
N ILE N 24 52.01 -60.23 39.80
CA ILE N 24 52.26 -59.25 38.75
C ILE N 24 51.10 -59.21 37.75
N GLY N 25 50.61 -60.37 37.32
CA GLY N 25 49.51 -60.37 36.35
C GLY N 25 48.26 -59.76 36.92
N ILE N 26 47.94 -60.09 38.17
CA ILE N 26 46.77 -59.53 38.84
C ILE N 26 46.95 -58.03 39.04
N GLY N 27 48.17 -57.58 39.31
CA GLY N 27 48.41 -56.15 39.45
C GLY N 27 48.16 -55.40 38.16
N ILE N 28 48.65 -55.94 37.04
CA ILE N 28 48.42 -55.29 35.74
C ILE N 28 46.92 -55.24 35.44
N LEU N 29 46.23 -56.37 35.65
CA LEU N 29 44.80 -56.44 35.38
C LEU N 29 44.02 -55.45 36.24
N GLY N 30 44.36 -55.38 37.54
CA GLY N 30 43.67 -54.46 38.42
C GLY N 30 43.97 -53.01 38.09
N GLY N 31 45.19 -52.72 37.65
CA GLY N 31 45.50 -51.36 37.21
C GLY N 31 44.68 -50.95 36.01
N LYS N 32 44.54 -51.84 35.02
CA LYS N 32 43.66 -51.54 33.90
C LYS N 32 42.21 -51.38 34.32
N PHE N 33 41.75 -52.24 35.25
CA PHE N 33 40.39 -52.14 35.76
C PHE N 33 40.15 -50.79 36.43
N LEU N 34 41.08 -50.35 37.27
CA LEU N 34 40.94 -49.05 37.94
C LEU N 34 40.97 -47.92 36.93
N GLU N 35 41.86 -48.00 35.93
CA GLU N 35 41.91 -46.97 34.91
C GLU N 35 40.58 -46.88 34.16
N GLY N 36 39.95 -48.02 33.88
CA GLY N 36 38.68 -48.01 33.20
C GLY N 36 37.52 -47.59 34.07
N ALA N 37 37.61 -47.86 35.38
CA ALA N 37 36.57 -47.44 36.31
C ALA N 37 36.64 -45.96 36.61
N ALA N 38 37.82 -45.35 36.51
CA ALA N 38 37.94 -43.91 36.71
C ALA N 38 37.17 -43.15 35.63
N ARG N 39 37.31 -43.58 34.37
CA ARG N 39 36.61 -42.96 33.25
C ARG N 39 35.10 -43.02 33.42
N GLN N 40 34.56 -44.24 33.56
CA GLN N 40 33.12 -44.49 33.57
C GLN N 40 32.70 -45.00 34.94
N PRO N 41 32.54 -44.12 35.93
CA PRO N 41 32.26 -44.58 37.30
C PRO N 41 30.92 -45.29 37.45
N ASP N 42 30.02 -45.17 36.47
CA ASP N 42 28.73 -45.85 36.54
C ASP N 42 28.80 -47.29 36.06
N LEU N 43 29.90 -47.71 35.44
CA LEU N 43 30.04 -49.05 34.88
C LEU N 43 30.80 -50.00 35.78
N ILE N 44 31.10 -49.59 37.01
CA ILE N 44 31.86 -50.40 37.97
C ILE N 44 31.29 -51.80 38.18
N PRO N 45 29.97 -52.02 38.30
CA PRO N 45 29.51 -53.39 38.54
C PRO N 45 29.77 -54.34 37.36
N LEU N 46 29.83 -53.82 36.14
CA LEU N 46 30.06 -54.64 34.97
C LEU N 46 31.55 -54.90 34.76
N LEU N 47 32.35 -53.83 34.81
CA LEU N 47 33.79 -53.98 34.76
C LEU N 47 34.30 -54.88 35.89
N ARG N 48 33.68 -54.77 37.07
CA ARG N 48 34.08 -55.59 38.19
C ARG N 48 33.76 -57.07 37.96
N THR N 49 32.66 -57.35 37.26
CA THR N 49 32.34 -58.73 36.91
C THR N 49 33.32 -59.28 35.89
N GLN N 50 33.61 -58.50 34.85
CA GLN N 50 34.54 -58.95 33.82
C GLN N 50 35.95 -59.10 34.39
N PHE N 51 36.34 -58.22 35.30
CA PHE N 51 37.63 -58.33 35.97
C PHE N 51 37.75 -59.66 36.70
N PHE N 52 36.69 -60.06 37.41
CA PHE N 52 36.69 -61.36 38.05
C PHE N 52 36.75 -62.48 37.03
N ILE N 53 36.06 -62.30 35.91
CA ILE N 53 36.02 -63.32 34.87
C ILE N 53 37.43 -63.61 34.35
N VAL N 54 38.19 -62.54 34.05
CA VAL N 54 39.54 -62.73 33.53
C VAL N 54 40.51 -63.12 34.66
N MET N 55 40.32 -62.55 35.86
CA MET N 55 41.20 -62.84 36.98
C MET N 55 41.16 -64.31 37.36
N GLY N 56 39.99 -64.95 37.22
CA GLY N 56 39.95 -66.39 37.41
C GLY N 56 40.88 -67.11 36.45
N LEU N 57 40.96 -66.65 35.20
CA LEU N 57 41.86 -67.25 34.22
C LEU N 57 43.31 -67.01 34.58
N VAL N 58 43.61 -65.81 35.13
CA VAL N 58 44.98 -65.41 35.42
C VAL N 58 45.67 -66.40 36.34
N ASP N 59 45.15 -66.54 37.56
CA ASP N 59 45.88 -67.17 38.65
C ASP N 59 45.82 -68.70 38.65
N ALA N 60 45.12 -69.32 37.71
CA ALA N 60 44.89 -70.76 37.77
C ALA N 60 46.21 -71.54 37.88
N ILE N 61 47.12 -71.31 36.94
CA ILE N 61 48.41 -72.02 36.97
C ILE N 61 49.19 -71.68 38.23
N PRO N 62 49.28 -70.43 38.68
CA PRO N 62 49.84 -70.18 40.01
C PRO N 62 49.17 -70.95 41.13
N MET N 63 47.84 -71.14 41.08
CA MET N 63 47.17 -71.94 42.09
C MET N 63 47.63 -73.40 42.04
N ILE N 64 47.77 -73.94 40.83
CA ILE N 64 48.30 -75.30 40.69
C ILE N 64 49.69 -75.39 41.30
N ALA N 65 50.55 -74.44 40.95
CA ALA N 65 51.93 -74.45 41.45
C ALA N 65 51.96 -74.36 42.97
N VAL N 66 51.13 -73.48 43.54
CA VAL N 66 51.11 -73.31 44.99
C VAL N 66 50.63 -74.59 45.68
N GLY N 67 49.59 -75.23 45.13
CA GLY N 67 49.11 -76.46 45.71
C GLY N 67 50.14 -77.56 45.65
N LEU N 68 50.84 -77.67 44.53
CA LEU N 68 51.89 -78.69 44.41
C LEU N 68 53.04 -78.40 45.37
N GLY N 69 53.39 -77.12 45.55
CA GLY N 69 54.43 -76.78 46.50
C GLY N 69 54.04 -77.12 47.93
N LEU N 70 52.77 -76.87 48.30
CA LEU N 70 52.29 -77.28 49.61
C LEU N 70 52.37 -78.79 49.77
N TYR N 71 51.97 -79.53 48.75
CA TYR N 71 52.05 -80.99 48.79
C TYR N 71 53.48 -81.45 48.98
N VAL N 72 54.40 -80.93 48.17
CA VAL N 72 55.80 -81.32 48.25
C VAL N 72 56.36 -81.01 49.64
N MET N 73 56.07 -79.81 50.15
CA MET N 73 56.59 -79.41 51.45
C MET N 73 56.09 -80.32 52.56
N PHE N 74 54.77 -80.52 52.66
CA PHE N 74 54.22 -81.18 53.84
C PHE N 74 54.12 -82.69 53.65
N ALA N 75 53.42 -83.13 52.60
CA ALA N 75 53.10 -84.55 52.50
C ALA N 75 54.33 -85.38 52.16
N VAL N 76 55.13 -84.92 51.19
CA VAL N 76 56.28 -85.69 50.73
C VAL N 76 57.42 -85.59 51.73
N ALA N 77 57.88 -84.38 52.01
CA ALA N 77 59.02 -84.17 52.89
C ALA N 77 58.70 -84.57 54.34
N ASN O 1 69.39 -90.71 46.68
CA ASN O 1 69.03 -89.30 46.88
C ASN O 1 68.95 -88.56 45.55
N LEU O 2 70.00 -88.69 44.73
CA LEU O 2 70.10 -87.94 43.48
C LEU O 2 68.95 -88.20 42.54
N ASN O 3 68.24 -89.31 42.69
CA ASN O 3 67.19 -89.66 41.75
C ASN O 3 65.95 -88.78 41.95
N MET O 4 65.34 -88.85 43.14
CA MET O 4 64.02 -88.25 43.33
C MET O 4 64.07 -86.73 43.38
N ASP O 5 65.02 -86.18 44.15
CA ASP O 5 64.99 -84.73 44.42
C ASP O 5 65.31 -83.92 43.17
N LEU O 6 66.18 -84.42 42.29
CA LEU O 6 66.42 -83.71 41.05
C LEU O 6 65.18 -83.70 40.16
N LEU O 7 64.41 -84.79 40.15
CA LEU O 7 63.14 -84.80 39.44
C LEU O 7 62.17 -83.79 40.03
N TYR O 8 62.11 -83.70 41.36
CA TYR O 8 61.23 -82.72 42.00
C TYR O 8 61.65 -81.30 41.63
N MET O 9 62.95 -81.04 41.62
CA MET O 9 63.44 -79.71 41.26
C MET O 9 63.15 -79.39 39.80
N ALA O 10 63.25 -80.38 38.92
CA ALA O 10 62.91 -80.19 37.52
C ALA O 10 61.43 -79.85 37.35
N ALA O 11 60.56 -80.59 38.04
CA ALA O 11 59.13 -80.30 37.99
C ALA O 11 58.84 -78.91 38.52
N ALA O 12 59.51 -78.53 39.61
CA ALA O 12 59.33 -77.19 40.16
C ALA O 12 59.75 -76.12 39.17
N VAL O 13 60.84 -76.34 38.44
CA VAL O 13 61.26 -75.39 37.42
C VAL O 13 60.22 -75.29 36.32
N MET O 14 59.72 -76.43 35.86
CA MET O 14 58.72 -76.44 34.80
C MET O 14 57.49 -75.65 35.22
N MET O 15 56.96 -75.93 36.39
CA MET O 15 55.68 -75.37 36.81
C MET O 15 55.83 -74.05 37.55
N GLY O 16 57.04 -73.53 37.69
CA GLY O 16 57.20 -72.13 38.05
C GLY O 16 57.31 -71.27 36.79
N LEU O 17 58.09 -71.75 35.82
CA LEU O 17 58.20 -70.99 34.57
C LEU O 17 56.87 -70.95 33.83
N ALA O 18 56.13 -72.06 33.81
CA ALA O 18 54.84 -72.06 33.14
C ALA O 18 53.86 -71.13 33.82
N ALA O 19 53.87 -71.08 35.15
CA ALA O 19 53.00 -70.16 35.86
C ALA O 19 53.38 -68.72 35.58
N ILE O 20 54.67 -68.42 35.58
CA ILE O 20 55.14 -67.06 35.26
C ILE O 20 54.63 -66.63 33.90
N GLY O 21 54.90 -67.46 32.89
CA GLY O 21 54.55 -67.08 31.53
C GLY O 21 53.05 -66.95 31.33
N ALA O 22 52.29 -67.93 31.81
CA ALA O 22 50.84 -67.89 31.62
C ALA O 22 50.22 -66.72 32.36
N ALA O 23 50.64 -66.47 33.61
CA ALA O 23 50.06 -65.38 34.37
C ALA O 23 50.36 -64.04 33.72
N ILE O 24 51.63 -63.80 33.34
CA ILE O 24 51.97 -62.52 32.74
C ILE O 24 51.26 -62.32 31.41
N GLY O 25 51.23 -63.36 30.56
CA GLY O 25 50.59 -63.21 29.26
C GLY O 25 49.10 -63.00 29.36
N ILE O 26 48.43 -63.71 30.28
CA ILE O 26 47.00 -63.54 30.44
C ILE O 26 46.69 -62.19 31.06
N GLY O 27 47.53 -61.70 31.97
CA GLY O 27 47.34 -60.35 32.49
C GLY O 27 47.48 -59.30 31.41
N ILE O 28 48.48 -59.46 30.54
CA ILE O 28 48.66 -58.52 29.43
C ILE O 28 47.43 -58.53 28.52
N LEU O 29 46.94 -59.72 28.18
CA LEU O 29 45.78 -59.81 27.30
C LEU O 29 44.54 -59.20 27.97
N GLY O 30 44.33 -59.52 29.24
CA GLY O 30 43.16 -59.02 29.94
C GLY O 30 43.18 -57.52 30.14
N GLY O 31 44.37 -56.93 30.21
CA GLY O 31 44.44 -55.48 30.30
C GLY O 31 43.89 -54.80 29.06
N LYS O 32 44.27 -55.30 27.88
CA LYS O 32 43.76 -54.73 26.64
C LYS O 32 42.28 -55.04 26.46
N PHE O 33 41.85 -56.23 26.90
CA PHE O 33 40.43 -56.55 26.83
C PHE O 33 39.61 -55.58 27.67
N LEU O 34 40.02 -55.38 28.94
CA LEU O 34 39.30 -54.47 29.80
C LEU O 34 39.37 -53.03 29.33
N GLU O 35 40.46 -52.64 28.65
CA GLU O 35 40.54 -51.31 28.10
C GLU O 35 39.57 -51.14 26.95
N GLY O 36 39.45 -52.16 26.10
CA GLY O 36 38.50 -52.08 25.00
C GLY O 36 37.06 -52.02 25.48
N ALA O 37 36.73 -52.80 26.50
CA ALA O 37 35.36 -52.83 27.02
C ALA O 37 34.93 -51.49 27.61
N ALA O 38 35.87 -50.68 28.10
CA ALA O 38 35.51 -49.36 28.60
C ALA O 38 35.26 -48.36 27.49
N ARG O 39 35.91 -48.56 26.33
CA ARG O 39 35.69 -47.67 25.20
C ARG O 39 34.37 -47.95 24.50
N GLN O 40 34.00 -49.23 24.36
CA GLN O 40 32.81 -49.65 23.65
C GLN O 40 32.03 -50.63 24.52
N PRO O 41 31.28 -50.12 25.50
CA PRO O 41 30.63 -51.02 26.47
C PRO O 41 29.55 -51.91 25.88
N ASP O 42 29.23 -51.71 24.60
CA ASP O 42 28.19 -52.51 23.95
C ASP O 42 28.77 -53.74 23.25
N LEU O 43 29.96 -53.59 22.67
CA LEU O 43 30.60 -54.64 21.88
C LEU O 43 31.21 -55.75 22.71
N ILE O 44 30.99 -55.75 24.02
CA ILE O 44 31.65 -56.64 24.98
C ILE O 44 31.61 -58.11 24.58
N PRO O 45 30.48 -58.68 24.12
CA PRO O 45 30.51 -60.11 23.75
C PRO O 45 31.49 -60.42 22.63
N LEU O 46 31.57 -59.55 21.63
CA LEU O 46 32.47 -59.81 20.50
C LEU O 46 33.92 -59.73 20.94
N LEU O 47 34.27 -58.71 21.71
CA LEU O 47 35.63 -58.55 22.19
C LEU O 47 36.01 -59.67 23.14
N ARG O 48 35.08 -60.11 23.98
CA ARG O 48 35.38 -61.20 24.90
C ARG O 48 35.51 -62.53 24.15
N THR O 49 34.77 -62.71 23.05
CA THR O 49 35.00 -63.90 22.23
C THR O 49 36.39 -63.88 21.62
N GLN O 50 36.82 -62.73 21.08
CA GLN O 50 38.17 -62.65 20.55
C GLN O 50 39.20 -62.87 21.65
N PHE O 51 38.92 -62.33 22.84
CA PHE O 51 39.76 -62.57 23.99
C PHE O 51 39.82 -64.04 24.35
N PHE O 52 38.71 -64.76 24.19
CA PHE O 52 38.71 -66.20 24.44
C PHE O 52 39.59 -66.93 23.45
N ILE O 53 39.54 -66.51 22.18
CA ILE O 53 40.44 -67.09 21.18
C ILE O 53 41.89 -66.91 21.60
N VAL O 54 42.25 -65.68 21.94
CA VAL O 54 43.65 -65.39 22.28
C VAL O 54 44.04 -66.05 23.59
N MET O 55 43.10 -66.10 24.54
CA MET O 55 43.37 -66.73 25.83
C MET O 55 43.64 -68.22 25.66
N GLY O 56 42.87 -68.89 24.79
CA GLY O 56 43.17 -70.27 24.48
C GLY O 56 44.53 -70.44 23.83
N LEU O 57 44.86 -69.55 22.88
CA LEU O 57 46.15 -69.63 22.22
C LEU O 57 47.30 -69.46 23.22
N VAL O 58 47.16 -68.50 24.14
CA VAL O 58 48.18 -68.29 25.17
C VAL O 58 48.27 -69.51 26.08
N ASP O 59 47.13 -69.97 26.60
CA ASP O 59 47.12 -71.01 27.63
C ASP O 59 47.57 -72.36 27.10
N ALA O 60 47.47 -72.57 25.78
CA ALA O 60 47.76 -73.90 25.22
C ALA O 60 49.15 -74.39 25.62
N ILE O 61 50.18 -73.58 25.44
CA ILE O 61 51.56 -74.07 25.58
C ILE O 61 52.04 -74.16 27.03
N PRO O 62 51.71 -73.25 27.95
CA PRO O 62 52.11 -73.48 29.35
C PRO O 62 51.51 -74.74 29.95
N MET O 63 50.30 -75.12 29.54
CA MET O 63 49.69 -76.34 30.05
C MET O 63 50.49 -77.57 29.67
N ILE O 64 51.23 -77.53 28.56
CA ILE O 64 52.15 -78.63 28.25
C ILE O 64 53.14 -78.81 29.39
N ALA O 65 53.76 -77.71 29.82
CA ALA O 65 54.71 -77.78 30.93
C ALA O 65 54.03 -78.21 32.21
N VAL O 66 52.80 -77.73 32.45
CA VAL O 66 52.10 -78.08 33.68
C VAL O 66 51.83 -79.58 33.74
N GLY O 67 51.27 -80.14 32.66
CA GLY O 67 50.99 -81.56 32.63
C GLY O 67 52.25 -82.39 32.70
N LEU O 68 53.29 -81.98 31.98
CA LEU O 68 54.53 -82.75 32.01
C LEU O 68 55.17 -82.70 33.39
N GLY O 69 55.07 -81.57 34.08
CA GLY O 69 55.56 -81.49 35.45
C GLY O 69 54.79 -82.40 36.40
N LEU O 70 53.46 -82.44 36.25
CA LEU O 70 52.67 -83.38 37.05
C LEU O 70 53.09 -84.82 36.78
N TYR O 71 53.31 -85.14 35.51
CA TYR O 71 53.80 -86.46 35.12
C TYR O 71 55.14 -86.76 35.78
N VAL O 72 56.10 -85.84 35.64
CA VAL O 72 57.42 -86.04 36.22
C VAL O 72 57.32 -86.27 37.72
N MET O 73 56.47 -85.48 38.39
CA MET O 73 56.33 -85.62 39.84
C MET O 73 55.79 -87.00 40.22
N PHE O 74 54.66 -87.39 39.62
CA PHE O 74 53.93 -88.53 40.17
C PHE O 74 54.28 -89.84 39.45
N ALA O 75 54.23 -89.86 38.12
CA ALA O 75 54.51 -91.10 37.40
C ALA O 75 55.99 -91.46 37.49
N VAL O 76 56.86 -90.49 37.26
CA VAL O 76 58.31 -90.75 37.28
C VAL O 76 58.81 -90.83 38.71
N ALA O 77 58.62 -89.76 39.47
CA ALA O 77 59.11 -89.71 40.85
C ALA O 77 58.05 -90.22 41.82
N ASN P 1 80.04 -90.81 32.55
CA ASN P 1 78.59 -90.72 32.65
C ASN P 1 78.09 -89.32 32.32
N LEU P 2 78.74 -88.33 32.92
CA LEU P 2 78.24 -86.96 32.96
C LEU P 2 78.72 -86.10 31.80
N ASN P 3 79.42 -86.67 30.82
CA ASN P 3 79.85 -85.88 29.67
C ASN P 3 78.69 -85.64 28.71
N MET P 4 78.03 -86.71 28.27
CA MET P 4 76.88 -86.56 27.39
C MET P 4 75.74 -85.82 28.08
N ASP P 5 75.54 -86.11 29.36
CA ASP P 5 74.51 -85.43 30.14
C ASP P 5 74.73 -83.91 30.14
N LEU P 6 75.97 -83.49 30.37
CA LEU P 6 76.26 -82.06 30.34
C LEU P 6 76.17 -81.49 28.93
N LEU P 7 76.47 -82.29 27.91
CA LEU P 7 76.24 -81.87 26.54
C LEU P 7 74.76 -81.55 26.31
N TYR P 8 73.88 -82.43 26.78
CA TYR P 8 72.44 -82.19 26.69
C TYR P 8 72.04 -80.96 27.48
N MET P 9 72.64 -80.78 28.66
CA MET P 9 72.34 -79.59 29.46
C MET P 9 72.70 -78.30 28.72
N ALA P 10 73.88 -78.28 28.09
CA ALA P 10 74.30 -77.10 27.34
C ALA P 10 73.38 -76.84 26.15
N ALA P 11 73.00 -77.91 25.45
CA ALA P 11 72.04 -77.75 24.35
C ALA P 11 70.71 -77.21 24.85
N ALA P 12 70.25 -77.69 26.01
CA ALA P 12 68.99 -77.25 26.57
C ALA P 12 69.01 -75.76 26.88
N VAL P 13 70.04 -75.30 27.59
CA VAL P 13 70.10 -73.88 27.94
C VAL P 13 70.23 -73.03 26.69
N MET P 14 71.02 -73.48 25.71
CA MET P 14 71.18 -72.73 24.47
C MET P 14 69.84 -72.55 23.76
N MET P 15 69.12 -73.65 23.57
CA MET P 15 67.87 -73.58 22.82
C MET P 15 66.79 -72.82 23.58
N GLY P 16 66.78 -72.92 24.91
CA GLY P 16 65.83 -72.14 25.69
C GLY P 16 66.05 -70.64 25.54
N LEU P 17 67.31 -70.20 25.62
CA LEU P 17 67.59 -68.79 25.43
C LEU P 17 67.22 -68.35 24.01
N ALA P 18 67.52 -69.18 23.01
CA ALA P 18 67.16 -68.83 21.65
C ALA P 18 65.64 -68.70 21.46
N ALA P 19 64.87 -69.61 22.07
CA ALA P 19 63.43 -69.56 21.94
C ALA P 19 62.86 -68.33 22.65
N ILE P 20 63.41 -68.00 23.82
CA ILE P 20 62.98 -66.79 24.53
C ILE P 20 63.18 -65.56 23.65
N GLY P 21 64.39 -65.41 23.10
CA GLY P 21 64.69 -64.23 22.31
C GLY P 21 63.81 -64.12 21.08
N ALA P 22 63.67 -65.23 20.35
CA ALA P 22 62.86 -65.21 19.14
C ALA P 22 61.40 -64.87 19.45
N ALA P 23 60.85 -65.49 20.50
CA ALA P 23 59.44 -65.27 20.82
C ALA P 23 59.20 -63.81 21.21
N ILE P 24 60.07 -63.24 22.03
CA ILE P 24 59.85 -61.88 22.48
C ILE P 24 59.99 -60.89 21.32
N GLY P 25 61.03 -61.06 20.49
CA GLY P 25 61.22 -60.14 19.38
C GLY P 25 60.11 -60.19 18.37
N ILE P 26 59.66 -61.40 18.02
CA ILE P 26 58.56 -61.49 17.06
C ILE P 26 57.26 -60.99 17.68
N GLY P 27 57.07 -61.17 18.98
CA GLY P 27 55.88 -60.63 19.61
C GLY P 27 55.82 -59.11 19.51
N ILE P 28 56.93 -58.44 19.82
CA ILE P 28 56.95 -56.98 19.73
C ILE P 28 56.72 -56.53 18.29
N LEU P 29 57.43 -57.16 17.35
CA LEU P 29 57.31 -56.75 15.95
C LEU P 29 55.90 -56.96 15.43
N GLY P 30 55.29 -58.11 15.75
CA GLY P 30 53.93 -58.38 15.32
C GLY P 30 52.91 -57.48 15.98
N GLY P 31 53.13 -57.11 17.24
CA GLY P 31 52.21 -56.18 17.87
C GLY P 31 52.22 -54.81 17.20
N LYS P 32 53.41 -54.31 16.88
CA LYS P 32 53.46 -53.03 16.17
C LYS P 32 52.90 -53.14 14.76
N PHE P 33 53.14 -54.27 14.08
CA PHE P 33 52.55 -54.48 12.76
C PHE P 33 51.03 -54.53 12.84
N LEU P 34 50.50 -55.20 13.85
CA LEU P 34 49.06 -55.25 14.05
C LEU P 34 48.49 -53.86 14.27
N GLU P 35 49.18 -53.04 15.07
CA GLU P 35 48.70 -51.68 15.27
C GLU P 35 48.70 -50.87 13.98
N GLY P 36 49.75 -51.02 13.17
CA GLY P 36 49.81 -50.30 11.92
C GLY P 36 48.78 -50.79 10.92
N ALA P 37 48.47 -52.09 10.95
CA ALA P 37 47.37 -52.63 10.17
C ALA P 37 46.04 -52.05 10.63
N ALA P 38 45.86 -51.95 11.94
CA ALA P 38 44.62 -51.41 12.50
C ALA P 38 44.41 -49.97 12.08
N ARG P 39 45.49 -49.17 12.03
CA ARG P 39 45.31 -47.76 11.67
C ARG P 39 44.81 -47.59 10.24
N GLN P 40 45.38 -48.33 9.30
CA GLN P 40 45.03 -48.22 7.87
C GLN P 40 44.86 -49.61 7.28
N PRO P 41 43.66 -50.19 7.40
CA PRO P 41 43.47 -51.57 6.94
C PRO P 41 43.79 -51.79 5.47
N ASP P 42 43.54 -50.81 4.61
CA ASP P 42 43.80 -51.00 3.19
C ASP P 42 45.28 -51.06 2.86
N LEU P 43 46.16 -50.67 3.79
CA LEU P 43 47.60 -50.70 3.55
C LEU P 43 48.25 -52.01 3.99
N ILE P 44 47.47 -52.92 4.58
CA ILE P 44 47.95 -54.19 5.11
C ILE P 44 48.81 -54.98 4.12
N PRO P 45 48.46 -55.08 2.84
CA PRO P 45 49.33 -55.87 1.93
C PRO P 45 50.76 -55.36 1.85
N LEU P 46 50.99 -54.07 2.06
CA LEU P 46 52.36 -53.53 2.05
C LEU P 46 53.03 -53.69 3.40
N LEU P 47 52.31 -53.36 4.47
CA LEU P 47 52.90 -53.45 5.81
C LEU P 47 53.23 -54.90 6.16
N ARG P 48 52.40 -55.85 5.72
CA ARG P 48 52.69 -57.26 5.95
C ARG P 48 53.96 -57.67 5.21
N THR P 49 54.15 -57.17 3.99
CA THR P 49 55.34 -57.52 3.22
C THR P 49 56.60 -56.92 3.85
N GLN P 50 56.49 -55.74 4.46
CA GLN P 50 57.65 -55.18 5.16
C GLN P 50 57.90 -55.89 6.48
N PHE P 51 56.83 -56.27 7.17
CA PHE P 51 56.95 -57.02 8.41
C PHE P 51 57.64 -58.36 8.16
N PHE P 52 57.35 -59.00 7.03
CA PHE P 52 58.02 -60.26 6.71
C PHE P 52 59.53 -60.05 6.54
N ILE P 53 59.94 -58.97 5.89
CA ILE P 53 61.36 -58.71 5.72
C ILE P 53 62.02 -58.48 7.07
N VAL P 54 61.40 -57.65 7.91
CA VAL P 54 61.99 -57.36 9.23
C VAL P 54 62.01 -58.62 10.10
N MET P 55 60.95 -59.42 10.03
CA MET P 55 60.89 -60.64 10.82
C MET P 55 61.93 -61.66 10.36
N GLY P 56 62.34 -61.61 9.08
CA GLY P 56 63.46 -62.42 8.66
C GLY P 56 64.75 -62.06 9.38
N LEU P 57 65.01 -60.76 9.54
CA LEU P 57 66.17 -60.32 10.32
C LEU P 57 66.03 -60.75 11.77
N VAL P 58 64.82 -60.67 12.30
CA VAL P 58 64.55 -61.14 13.66
C VAL P 58 64.91 -62.62 13.80
N ASP P 59 64.46 -63.44 12.83
CA ASP P 59 64.64 -64.89 12.89
C ASP P 59 66.06 -65.33 12.59
N ALA P 60 66.87 -64.47 11.97
CA ALA P 60 68.20 -64.88 11.50
C ALA P 60 69.04 -65.54 12.59
N ILE P 61 69.14 -64.92 13.76
CA ILE P 61 70.08 -65.40 14.78
C ILE P 61 69.54 -66.54 15.64
N PRO P 62 68.27 -66.54 16.08
CA PRO P 62 67.78 -67.70 16.84
C PRO P 62 67.83 -68.99 16.04
N MET P 63 67.88 -68.92 14.71
CA MET P 63 67.97 -70.13 13.91
C MET P 63 69.37 -70.73 13.88
N ILE P 64 70.41 -69.90 13.88
CA ILE P 64 71.75 -70.48 14.01
C ILE P 64 71.95 -70.99 15.43
N ALA P 65 71.38 -70.31 16.43
CA ALA P 65 71.47 -70.83 17.79
C ALA P 65 70.79 -72.19 17.90
N VAL P 66 69.60 -72.33 17.34
CA VAL P 66 68.87 -73.59 17.41
C VAL P 66 69.57 -74.66 16.59
N GLY P 67 70.12 -74.30 15.43
CA GLY P 67 70.86 -75.27 14.64
C GLY P 67 72.08 -75.82 15.36
N LEU P 68 72.81 -74.94 16.06
CA LEU P 68 73.95 -75.42 16.82
C LEU P 68 73.51 -76.25 18.01
N GLY P 69 72.36 -75.94 18.61
CA GLY P 69 71.85 -76.77 19.69
C GLY P 69 71.46 -78.16 19.20
N LEU P 70 70.82 -78.23 18.04
CA LEU P 70 70.50 -79.52 17.44
C LEU P 70 71.76 -80.30 17.08
N TYR P 71 72.77 -79.60 16.56
CA TYR P 71 74.05 -80.24 16.28
C TYR P 71 74.65 -80.85 17.55
N VAL P 72 74.65 -80.08 18.64
CA VAL P 72 75.18 -80.57 19.91
C VAL P 72 74.40 -81.79 20.38
N MET P 73 73.07 -81.74 20.27
CA MET P 73 72.26 -82.86 20.75
C MET P 73 72.47 -84.12 19.92
N PHE P 74 72.36 -84.01 18.60
CA PHE P 74 72.30 -85.20 17.74
C PHE P 74 73.68 -85.66 17.31
N ALA P 75 74.50 -84.75 16.77
CA ALA P 75 75.75 -85.16 16.14
C ALA P 75 76.82 -85.44 17.19
N VAL P 76 77.10 -84.47 18.06
CA VAL P 76 78.11 -84.66 19.09
C VAL P 76 77.66 -85.72 20.09
N ALA P 77 76.36 -85.76 20.39
CA ALA P 77 75.77 -86.75 21.28
C ALA P 77 76.45 -86.74 22.65
N ASN Q 1 90.67 -67.18 54.24
CA ASN Q 1 91.39 -67.38 52.96
C ASN Q 1 90.51 -68.20 52.01
N LEU Q 2 90.17 -69.44 52.39
CA LEU Q 2 89.37 -70.32 51.52
C LEU Q 2 87.98 -69.71 51.31
N ASN Q 3 87.38 -69.13 52.36
CA ASN Q 3 86.02 -68.53 52.26
C ASN Q 3 86.10 -67.10 51.75
N MET Q 4 87.30 -66.54 51.59
CA MET Q 4 87.45 -65.11 51.20
C MET Q 4 86.87 -64.90 49.79
N ASP Q 5 87.30 -65.69 48.82
CA ASP Q 5 86.73 -65.58 47.48
C ASP Q 5 85.20 -65.66 47.53
N LEU Q 6 84.65 -66.46 48.45
CA LEU Q 6 83.20 -66.50 48.59
C LEU Q 6 82.66 -65.20 49.21
N LEU Q 7 83.43 -64.59 50.11
CA LEU Q 7 83.06 -63.28 50.63
C LEU Q 7 83.00 -62.25 49.50
N TYR Q 8 84.03 -62.26 48.64
CA TYR Q 8 84.05 -61.37 47.49
C TYR Q 8 82.89 -61.64 46.55
N MET Q 9 82.53 -62.92 46.37
CA MET Q 9 81.42 -63.25 45.48
C MET Q 9 80.09 -62.71 46.03
N ALA Q 10 79.87 -62.87 47.34
CA ALA Q 10 78.65 -62.34 47.93
C ALA Q 10 78.61 -60.81 47.84
N ALA Q 11 79.76 -60.16 48.08
CA ALA Q 11 79.81 -58.70 47.94
C ALA Q 11 79.52 -58.27 46.51
N ALA Q 12 80.04 -59.01 45.53
CA ALA Q 12 79.77 -58.72 44.13
C ALA Q 12 78.30 -58.90 43.77
N VAL Q 13 77.66 -59.93 44.33
CA VAL Q 13 76.23 -60.12 44.08
C VAL Q 13 75.43 -58.95 44.65
N MET Q 14 75.76 -58.54 45.88
CA MET Q 14 75.03 -57.44 46.50
C MET Q 14 75.20 -56.16 45.70
N MET Q 15 76.44 -55.87 45.29
CA MET Q 15 76.75 -54.64 44.58
C MET Q 15 76.25 -54.65 43.14
N GLY Q 16 76.00 -55.82 42.57
CA GLY Q 16 75.38 -55.89 41.26
C GLY Q 16 73.88 -55.67 41.33
N LEU Q 17 73.22 -56.33 42.27
CA LEU Q 17 71.78 -56.11 42.40
C LEU Q 17 71.44 -54.68 42.81
N ALA Q 18 72.25 -54.10 43.70
CA ALA Q 18 72.02 -52.72 44.11
C ALA Q 18 72.17 -51.78 42.93
N ALA Q 19 73.17 -52.00 42.08
CA ALA Q 19 73.35 -51.14 40.91
C ALA Q 19 72.21 -51.33 39.93
N ILE Q 20 71.74 -52.57 39.77
CA ILE Q 20 70.61 -52.83 38.87
C ILE Q 20 69.39 -52.04 39.31
N GLY Q 21 69.04 -52.13 40.59
CA GLY Q 21 67.87 -51.41 41.07
C GLY Q 21 68.04 -49.90 41.04
N ALA Q 22 69.20 -49.40 41.48
CA ALA Q 22 69.43 -47.96 41.51
C ALA Q 22 69.52 -47.37 40.12
N ALA Q 23 69.87 -48.16 39.12
CA ALA Q 23 69.83 -47.65 37.75
C ALA Q 23 68.42 -47.64 37.21
N ILE Q 24 67.69 -48.76 37.35
CA ILE Q 24 66.41 -48.86 36.67
C ILE Q 24 65.36 -47.95 37.29
N GLY Q 25 65.29 -47.88 38.62
CA GLY Q 25 64.27 -47.01 39.21
C GLY Q 25 64.50 -45.54 38.95
N ILE Q 26 65.75 -45.10 38.96
CA ILE Q 26 66.05 -43.71 38.65
C ILE Q 26 65.89 -43.41 37.17
N GLY Q 27 66.11 -44.38 36.28
CA GLY Q 27 65.80 -44.18 34.89
C GLY Q 27 64.31 -44.00 34.66
N ILE Q 28 63.50 -44.85 35.29
CA ILE Q 28 62.05 -44.72 35.17
C ILE Q 28 61.60 -43.36 35.67
N LEU Q 29 62.12 -42.93 36.82
CA LEU Q 29 61.75 -41.64 37.37
C LEU Q 29 62.17 -40.49 36.45
N GLY Q 30 63.40 -40.55 35.93
CA GLY Q 30 63.90 -39.47 35.11
C GLY Q 30 63.20 -39.35 33.78
N GLY Q 31 62.64 -40.46 33.27
CA GLY Q 31 61.83 -40.35 32.07
C GLY Q 31 60.60 -39.49 32.27
N LYS Q 32 59.86 -39.72 33.36
CA LYS Q 32 58.71 -38.88 33.67
C LYS Q 32 59.13 -37.45 33.98
N PHE Q 33 60.25 -37.29 34.66
CA PHE Q 33 60.74 -35.94 34.95
C PHE Q 33 61.03 -35.18 33.65
N LEU Q 34 61.68 -35.85 32.69
CA LEU Q 34 61.98 -35.22 31.41
C LEU Q 34 60.70 -34.88 30.66
N GLU Q 35 59.72 -35.77 30.67
CA GLU Q 35 58.48 -35.45 29.95
C GLU Q 35 57.72 -34.30 30.62
N GLY Q 36 57.70 -34.25 31.95
CA GLY Q 36 57.04 -33.16 32.64
C GLY Q 36 57.73 -31.83 32.42
N ALA Q 37 59.07 -31.84 32.34
CA ALA Q 37 59.80 -30.64 31.98
C ALA Q 37 59.51 -30.24 30.53
N ALA Q 38 59.40 -31.23 29.64
CA ALA Q 38 59.08 -30.94 28.25
C ALA Q 38 57.67 -30.41 28.07
N ARG Q 39 56.79 -30.61 29.05
CA ARG Q 39 55.47 -30.01 28.95
C ARG Q 39 55.41 -28.62 29.59
N GLN Q 40 55.99 -28.48 30.77
CA GLN Q 40 55.89 -27.28 31.58
C GLN Q 40 57.26 -26.62 31.75
N PRO Q 41 57.82 -26.03 30.70
CA PRO Q 41 59.24 -25.62 30.76
C PRO Q 41 59.56 -24.61 31.85
N ASP Q 42 58.58 -23.86 32.35
CA ASP Q 42 58.86 -22.93 33.44
C ASP Q 42 58.97 -23.65 34.78
N LEU Q 43 58.15 -24.68 35.00
CA LEU Q 43 58.11 -25.37 36.28
C LEU Q 43 59.31 -26.27 36.54
N ILE Q 44 60.29 -26.29 35.64
CA ILE Q 44 61.44 -27.20 35.78
C ILE Q 44 62.11 -27.08 37.15
N PRO Q 45 62.42 -25.89 37.68
CA PRO Q 45 62.97 -25.83 39.05
C PRO Q 45 62.01 -26.39 40.10
N LEU Q 46 60.70 -26.22 39.91
CA LEU Q 46 59.74 -26.77 40.83
C LEU Q 46 59.73 -28.30 40.78
N LEU Q 47 59.73 -28.86 39.57
CA LEU Q 47 59.70 -30.31 39.41
C LEU Q 47 60.99 -30.96 39.88
N ARG Q 48 62.12 -30.27 39.70
CA ARG Q 48 63.40 -30.82 40.12
C ARG Q 48 63.42 -31.06 41.62
N THR Q 49 62.78 -30.17 42.38
CA THR Q 49 62.71 -30.35 43.82
C THR Q 49 62.02 -31.66 44.18
N GLN Q 50 60.84 -31.92 43.62
CA GLN Q 50 60.13 -33.16 43.87
C GLN Q 50 60.93 -34.36 43.38
N PHE Q 51 61.60 -34.20 42.24
CA PHE Q 51 62.44 -35.27 41.72
C PHE Q 51 63.52 -35.65 42.71
N PHE Q 52 64.17 -34.65 43.31
CA PHE Q 52 65.19 -34.92 44.32
C PHE Q 52 64.58 -35.53 45.57
N ILE Q 53 63.38 -35.07 45.93
CA ILE Q 53 62.68 -35.62 47.10
C ILE Q 53 62.46 -37.12 46.94
N VAL Q 54 61.92 -37.53 45.78
CA VAL Q 54 61.66 -38.95 45.57
C VAL Q 54 62.96 -39.72 45.30
N MET Q 55 63.94 -39.08 44.67
CA MET Q 55 65.24 -39.73 44.49
C MET Q 55 65.89 -40.07 45.82
N GLY Q 56 65.66 -39.23 46.84
CA GLY Q 56 66.13 -39.57 48.17
C GLY Q 56 65.53 -40.87 48.69
N LEU Q 57 64.27 -41.14 48.35
CA LEU Q 57 63.65 -42.40 48.74
C LEU Q 57 64.15 -43.57 47.90
N VAL Q 58 64.39 -43.34 46.61
CA VAL Q 58 64.77 -44.42 45.70
C VAL Q 58 66.12 -45.01 46.09
N ASP Q 59 67.10 -44.15 46.36
CA ASP Q 59 68.46 -44.62 46.66
C ASP Q 59 68.57 -45.27 48.04
N ALA Q 60 67.52 -45.21 48.86
CA ALA Q 60 67.63 -45.57 50.27
C ALA Q 60 68.20 -46.98 50.47
N ILE Q 61 67.61 -47.97 49.80
CA ILE Q 61 68.01 -49.36 49.97
C ILE Q 61 69.26 -49.71 49.15
N PRO Q 62 69.42 -49.18 47.91
CA PRO Q 62 70.68 -49.42 47.18
C PRO Q 62 71.91 -48.97 47.96
N MET Q 63 71.80 -47.90 48.74
CA MET Q 63 72.95 -47.44 49.50
C MET Q 63 73.25 -48.33 50.70
N ILE Q 64 72.21 -48.91 51.31
CA ILE Q 64 72.43 -49.93 52.33
C ILE Q 64 73.15 -51.13 51.72
N ALA Q 65 72.67 -51.55 50.54
CA ALA Q 65 73.30 -52.69 49.88
C ALA Q 65 74.75 -52.41 49.53
N VAL Q 66 75.05 -51.20 49.06
CA VAL Q 66 76.43 -50.86 48.69
C VAL Q 66 77.32 -50.76 49.92
N GLY Q 67 76.81 -50.19 51.03
CA GLY Q 67 77.59 -50.11 52.23
C GLY Q 67 77.88 -51.47 52.85
N LEU Q 68 76.89 -52.37 52.81
CA LEU Q 68 77.14 -53.71 53.33
C LEU Q 68 78.05 -54.51 52.40
N GLY Q 69 77.95 -54.30 51.09
CA GLY Q 69 78.92 -54.91 50.20
C GLY Q 69 80.33 -54.43 50.46
N LEU Q 70 80.50 -53.13 50.71
CA LEU Q 70 81.83 -52.62 51.04
C LEU Q 70 82.33 -53.15 52.37
N TYR Q 71 81.43 -53.31 53.35
CA TYR Q 71 81.84 -53.88 54.64
C TYR Q 71 82.30 -55.32 54.47
N VAL Q 72 81.50 -56.14 53.80
CA VAL Q 72 81.88 -57.53 53.56
C VAL Q 72 83.18 -57.60 52.78
N MET Q 73 83.35 -56.72 51.79
CA MET Q 73 84.54 -56.76 50.94
C MET Q 73 85.81 -56.40 51.71
N PHE Q 74 85.78 -55.27 52.43
CA PHE Q 74 87.00 -54.72 53.00
C PHE Q 74 87.11 -54.83 54.51
N ALA Q 75 86.01 -55.00 55.23
CA ALA Q 75 86.03 -54.94 56.68
C ALA Q 75 85.90 -56.30 57.36
N VAL Q 76 86.02 -57.38 56.60
CA VAL Q 76 86.00 -58.72 57.18
C VAL Q 76 86.75 -59.70 56.28
N ASN R 1 85.56 -69.49 59.91
CA ASN R 1 85.55 -70.95 59.83
C ASN R 1 84.40 -71.46 58.96
N LEU R 2 84.11 -72.76 59.07
CA LEU R 2 83.14 -73.39 58.17
C LEU R 2 81.72 -72.89 58.39
N ASN R 3 81.34 -72.62 59.65
CA ASN R 3 79.94 -72.33 59.95
C ASN R 3 79.51 -70.98 59.39
N MET R 4 80.29 -69.93 59.65
CA MET R 4 79.81 -68.57 59.44
C MET R 4 79.82 -68.15 57.97
N ASP R 5 80.56 -68.84 57.11
CA ASP R 5 80.82 -68.32 55.76
C ASP R 5 79.59 -68.31 54.86
N LEU R 6 78.48 -68.92 55.28
CA LEU R 6 77.30 -69.01 54.43
C LEU R 6 76.15 -68.11 54.88
N LEU R 7 76.17 -67.61 56.12
CA LEU R 7 75.10 -66.72 56.56
C LEU R 7 75.15 -65.36 55.88
N TYR R 8 76.34 -64.92 55.47
CA TYR R 8 76.45 -63.65 54.76
C TYR R 8 75.81 -63.71 53.38
N MET R 9 75.72 -64.89 52.77
CA MET R 9 75.00 -65.04 51.52
C MET R 9 73.49 -65.09 51.73
N ALA R 10 73.04 -65.65 52.85
CA ALA R 10 71.64 -65.57 53.21
C ALA R 10 71.21 -64.13 53.45
N ALA R 11 72.09 -63.33 54.05
CA ALA R 11 71.81 -61.89 54.16
C ALA R 11 71.86 -61.23 52.78
N ALA R 12 72.83 -61.62 51.95
CA ALA R 12 73.02 -60.98 50.65
C ALA R 12 71.82 -61.16 49.74
N VAL R 13 71.25 -62.36 49.69
CA VAL R 13 70.12 -62.60 48.80
C VAL R 13 68.91 -61.79 49.25
N MET R 14 68.62 -61.81 50.54
CA MET R 14 67.46 -61.08 51.05
C MET R 14 67.60 -59.59 50.81
N MET R 15 68.79 -59.04 51.05
CA MET R 15 68.94 -57.59 50.92
C MET R 15 69.01 -57.14 49.47
N GLY R 16 69.59 -57.95 48.57
CA GLY R 16 69.56 -57.60 47.16
C GLY R 16 68.15 -57.62 46.59
N LEU R 17 67.41 -58.69 46.89
CA LEU R 17 66.05 -58.78 46.38
C LEU R 17 65.15 -57.69 46.97
N ALA R 18 65.30 -57.40 48.27
CA ALA R 18 64.52 -56.34 48.87
C ALA R 18 64.87 -54.97 48.30
N ALA R 19 66.16 -54.72 48.01
CA ALA R 19 66.55 -53.45 47.41
C ALA R 19 66.00 -53.31 46.00
N ILE R 20 66.05 -54.38 45.21
CA ILE R 20 65.52 -54.30 43.85
C ILE R 20 64.03 -54.05 43.88
N GLY R 21 63.29 -54.80 44.70
CA GLY R 21 61.85 -54.64 44.71
C GLY R 21 61.42 -53.28 45.22
N ALA R 22 61.99 -52.83 46.35
CA ALA R 22 61.60 -51.56 46.91
C ALA R 22 61.98 -50.41 45.98
N ALA R 23 63.17 -50.46 45.39
CA ALA R 23 63.60 -49.37 44.51
C ALA R 23 62.71 -49.28 43.28
N ILE R 24 62.39 -50.43 42.67
CA ILE R 24 61.58 -50.37 41.45
C ILE R 24 60.14 -49.94 41.76
N GLY R 25 59.55 -50.44 42.85
CA GLY R 25 58.19 -50.02 43.19
C GLY R 25 58.12 -48.55 43.53
N ILE R 26 59.08 -48.05 44.30
CA ILE R 26 59.10 -46.63 44.63
C ILE R 26 59.35 -45.80 43.38
N GLY R 27 60.16 -46.29 42.45
CA GLY R 27 60.34 -45.57 41.20
C GLY R 27 59.06 -45.46 40.39
N ILE R 28 58.30 -46.55 40.31
CA ILE R 28 57.04 -46.51 39.56
C ILE R 28 56.07 -45.53 40.22
N LEU R 29 55.93 -45.62 41.55
CA LEU R 29 55.01 -44.74 42.25
C LEU R 29 55.42 -43.28 42.11
N GLY R 30 56.72 -42.99 42.25
CA GLY R 30 57.19 -41.63 42.09
C GLY R 30 57.05 -41.12 40.68
N GLY R 31 57.21 -41.99 39.69
CA GLY R 31 56.97 -41.58 38.32
C GLY R 31 55.53 -41.20 38.07
N LYS R 32 54.58 -41.99 38.59
CA LYS R 32 53.17 -41.62 38.43
C LYS R 32 52.82 -40.37 39.21
N PHE R 33 53.39 -40.20 40.41
CA PHE R 33 53.15 -38.99 41.19
C PHE R 33 53.70 -37.76 40.46
N LEU R 34 54.90 -37.86 39.90
CA LEU R 34 55.46 -36.77 39.12
C LEU R 34 54.64 -36.47 37.88
N GLU R 35 54.08 -37.49 37.24
CA GLU R 35 53.19 -37.26 36.10
C GLU R 35 51.96 -36.47 36.54
N GLY R 36 51.32 -36.91 37.63
CA GLY R 36 50.14 -36.23 38.12
C GLY R 36 50.41 -34.81 38.57
N ALA R 37 51.58 -34.57 39.16
CA ALA R 37 51.95 -33.21 39.55
C ALA R 37 52.35 -32.36 38.35
N ALA R 38 52.75 -32.99 37.25
CA ALA R 38 53.03 -32.26 36.03
C ALA R 38 51.75 -31.88 35.30
N ARG R 39 50.70 -32.70 35.42
CA ARG R 39 49.43 -32.35 34.78
C ARG R 39 48.75 -31.19 35.50
N GLN R 40 48.66 -31.26 36.82
CA GLN R 40 47.98 -30.25 37.64
C GLN R 40 48.90 -29.79 38.76
N PRO R 41 49.69 -28.75 38.53
CA PRO R 41 50.66 -28.31 39.55
C PRO R 41 50.02 -27.92 40.88
N ASP R 42 48.81 -27.36 40.86
CA ASP R 42 48.19 -26.88 42.08
C ASP R 42 47.85 -27.99 43.05
N LEU R 43 47.63 -29.21 42.57
CA LEU R 43 47.29 -30.32 43.46
C LEU R 43 48.51 -30.99 44.08
N ILE R 44 49.70 -30.42 43.91
CA ILE R 44 50.95 -31.05 44.34
C ILE R 44 50.97 -31.44 45.82
N PRO R 45 50.37 -30.67 46.77
CA PRO R 45 50.47 -31.11 48.18
C PRO R 45 49.59 -32.31 48.45
N LEU R 46 48.41 -32.32 47.84
CA LEU R 46 47.49 -33.44 48.00
C LEU R 46 48.06 -34.71 47.39
N LEU R 47 48.61 -34.60 46.17
CA LEU R 47 49.25 -35.76 45.54
C LEU R 47 50.44 -36.22 46.34
N ARG R 48 51.23 -35.28 46.89
CA ARG R 48 52.36 -35.66 47.72
C ARG R 48 51.91 -36.42 48.96
N THR R 49 50.80 -35.99 49.57
CA THR R 49 50.29 -36.70 50.73
C THR R 49 49.79 -38.09 50.37
N GLN R 50 49.10 -38.22 49.23
CA GLN R 50 48.65 -39.55 48.80
C GLN R 50 49.83 -40.46 48.47
N PHE R 51 50.87 -39.90 47.85
CA PHE R 51 52.06 -40.67 47.55
C PHE R 51 52.75 -41.15 48.82
N PHE R 52 52.87 -40.25 49.81
CA PHE R 52 53.44 -40.66 51.10
C PHE R 52 52.58 -41.69 51.79
N ILE R 53 51.26 -41.62 51.59
CA ILE R 53 50.36 -42.64 52.14
C ILE R 53 50.64 -43.99 51.52
N VAL R 54 50.73 -44.04 50.18
CA VAL R 54 50.88 -45.31 49.49
C VAL R 54 52.29 -45.87 49.64
N MET R 55 53.30 -44.99 49.76
CA MET R 55 54.69 -45.43 49.82
C MET R 55 54.95 -46.30 51.03
N GLY R 56 54.33 -45.98 52.17
CA GLY R 56 54.45 -46.84 53.33
C GLY R 56 53.87 -48.21 53.10
N LEU R 57 52.82 -48.32 52.30
CA LEU R 57 52.30 -49.62 51.90
C LEU R 57 53.29 -50.33 50.98
N VAL R 58 53.97 -49.58 50.11
CA VAL R 58 54.86 -50.18 49.12
C VAL R 58 56.02 -50.90 49.81
N ASP R 59 56.69 -50.23 50.75
CA ASP R 59 57.96 -50.70 51.30
C ASP R 59 57.79 -51.39 52.66
N ALA R 60 56.65 -52.03 52.90
CA ALA R 60 56.44 -52.69 54.18
C ALA R 60 57.24 -53.98 54.26
N ILE R 61 57.02 -54.89 53.31
CA ILE R 61 57.70 -56.18 53.24
C ILE R 61 59.20 -56.02 52.96
N PRO R 62 59.63 -55.16 52.01
CA PRO R 62 61.07 -54.96 51.80
C PRO R 62 61.79 -54.52 53.06
N MET R 63 61.12 -53.76 53.91
CA MET R 63 61.72 -53.37 55.18
C MET R 63 61.81 -54.54 56.15
N ILE R 64 60.85 -55.47 56.12
CA ILE R 64 60.98 -56.69 56.91
C ILE R 64 62.18 -57.49 56.42
N ALA R 65 62.38 -57.56 55.11
CA ALA R 65 63.51 -58.31 54.56
C ALA R 65 64.83 -57.67 54.94
N VAL R 66 64.91 -56.34 54.87
CA VAL R 66 66.14 -55.64 55.27
C VAL R 66 66.40 -55.82 56.76
N GLY R 67 65.35 -55.75 57.58
CA GLY R 67 65.53 -55.92 59.01
C GLY R 67 66.01 -57.32 59.37
N LEU R 68 65.40 -58.34 58.79
CA LEU R 68 65.84 -59.70 59.09
C LEU R 68 67.22 -60.00 58.51
N GLY R 69 67.58 -59.39 57.37
CA GLY R 69 68.92 -59.57 56.86
C GLY R 69 69.99 -58.92 57.74
N LEU R 70 69.69 -57.73 58.27
CA LEU R 70 70.61 -57.10 59.21
C LEU R 70 70.69 -57.88 60.52
N TYR R 71 69.56 -58.44 60.95
CA TYR R 71 69.55 -59.30 62.13
C TYR R 71 70.46 -60.51 61.93
N VAL R 72 70.29 -61.21 60.81
CA VAL R 72 71.15 -62.37 60.54
C VAL R 72 72.60 -61.94 60.54
N MET R 73 72.92 -60.89 59.77
CA MET R 73 74.31 -60.53 59.55
C MET R 73 75.00 -60.02 60.80
N PHE R 74 74.27 -59.39 61.73
CA PHE R 74 74.90 -58.78 62.88
C PHE R 74 74.51 -59.40 64.22
N ALA R 75 73.69 -60.45 64.24
CA ALA R 75 73.41 -61.21 65.45
C ALA R 75 73.62 -62.69 65.30
N VAL R 76 73.40 -63.25 64.10
CA VAL R 76 73.71 -64.65 63.87
C VAL R 76 75.15 -64.81 63.40
N ALA R 77 75.69 -63.80 62.72
CA ALA R 77 77.07 -63.80 62.23
C ALA R 77 77.35 -65.00 61.33
N GLU S 1 -44.35 46.14 -24.40
CA GLU S 1 -45.25 47.17 -24.88
C GLU S 1 -45.64 48.10 -23.74
N PHE S 2 -45.96 49.36 -24.08
CA PHE S 2 -46.33 50.36 -23.08
C PHE S 2 -47.70 50.13 -22.48
N ILE S 3 -48.35 48.99 -22.73
CA ILE S 3 -49.69 48.76 -22.18
C ILE S 3 -49.67 48.76 -20.66
N THR S 4 -48.68 48.09 -20.06
CA THR S 4 -48.66 47.96 -18.61
C THR S 4 -48.30 49.25 -17.92
N VAL S 5 -47.37 50.03 -18.50
CA VAL S 5 -46.93 51.27 -17.86
C VAL S 5 -47.90 52.41 -18.10
N ALA S 6 -48.76 52.32 -19.11
CA ALA S 6 -49.71 53.40 -19.37
C ALA S 6 -50.85 53.41 -18.36
N ARG S 7 -51.14 52.27 -17.76
CA ARG S 7 -52.32 52.13 -16.90
C ARG S 7 -52.38 53.13 -15.75
N PRO S 8 -51.35 53.31 -14.92
CA PRO S 8 -51.48 54.26 -13.81
C PRO S 8 -51.75 55.68 -14.26
N TYR S 9 -51.09 56.12 -15.32
CA TYR S 9 -51.31 57.48 -15.82
C TYR S 9 -52.72 57.65 -16.33
N ALA S 10 -53.23 56.66 -17.07
CA ALA S 10 -54.60 56.74 -17.57
C ALA S 10 -55.59 56.78 -16.42
N LYS S 11 -55.39 55.95 -15.41
CA LYS S 11 -56.31 55.92 -14.27
C LYS S 11 -56.30 57.23 -13.52
N ALA S 12 -55.10 57.77 -13.23
CA ALA S 12 -55.00 59.04 -12.54
C ALA S 12 -55.67 60.15 -13.32
N ALA S 13 -55.37 60.23 -14.63
CA ALA S 13 -55.95 61.27 -15.47
C ALA S 13 -57.47 61.16 -15.50
N PHE S 14 -57.99 59.93 -15.58
CA PHE S 14 -59.45 59.78 -15.63
C PHE S 14 -60.09 60.17 -14.32
N ASP S 15 -59.50 59.77 -13.19
CA ASP S 15 -60.05 60.16 -11.90
C ASP S 15 -60.03 61.69 -11.75
N PHE S 16 -58.93 62.32 -12.15
CA PHE S 16 -58.84 63.78 -12.08
C PHE S 16 -59.89 64.44 -12.95
N ALA S 17 -60.06 63.95 -14.18
CA ALA S 17 -61.06 64.52 -15.08
C ALA S 17 -62.47 64.31 -14.55
N VAL S 18 -62.71 63.21 -13.84
CA VAL S 18 -64.01 62.97 -13.24
C VAL S 18 -64.27 63.94 -12.10
N GLU S 19 -63.24 64.17 -11.26
CA GLU S 19 -63.40 65.10 -10.14
C GLU S 19 -63.59 66.53 -10.60
N HIS S 20 -63.12 66.87 -11.81
CA HIS S 20 -63.30 68.20 -12.37
C HIS S 20 -64.33 68.26 -13.48
N GLN S 21 -65.00 67.14 -13.78
CA GLN S 21 -66.10 67.10 -14.76
C GLN S 21 -65.68 67.69 -16.10
N SER S 22 -64.53 67.23 -16.61
CA SER S 22 -63.95 67.76 -17.84
C SER S 22 -63.41 66.65 -18.74
N VAL S 23 -64.08 65.51 -18.78
CA VAL S 23 -63.53 64.31 -19.43
C VAL S 23 -63.28 64.54 -20.91
N GLU S 24 -64.22 65.18 -21.61
CA GLU S 24 -64.11 65.34 -23.05
C GLU S 24 -62.87 66.16 -23.42
N ARG S 25 -62.64 67.26 -22.71
CA ARG S 25 -61.47 68.08 -22.98
C ARG S 25 -60.19 67.30 -22.77
N TRP S 26 -60.16 66.51 -21.69
CA TRP S 26 -59.01 65.64 -21.43
C TRP S 26 -58.78 64.66 -22.57
N GLN S 27 -59.86 64.04 -23.06
CA GLN S 27 -59.71 63.12 -24.18
C GLN S 27 -59.15 63.81 -25.41
N ASP S 28 -59.60 65.03 -25.68
CA ASP S 28 -59.07 65.77 -26.83
C ASP S 28 -57.60 66.13 -26.62
N MET S 29 -57.25 66.55 -25.40
CA MET S 29 -55.86 66.86 -25.08
C MET S 29 -54.99 65.63 -25.21
N LEU S 30 -55.47 64.48 -24.74
CA LEU S 30 -54.71 63.25 -24.86
C LEU S 30 -54.52 62.87 -26.32
N ALA S 31 -55.55 63.05 -27.15
CA ALA S 31 -55.38 62.77 -28.58
C ALA S 31 -54.33 63.67 -29.19
N PHE S 32 -54.38 64.96 -28.87
CA PHE S 32 -53.39 65.89 -29.41
C PHE S 32 -51.99 65.52 -28.95
N ALA S 33 -51.83 65.18 -27.67
CA ALA S 33 -50.54 64.80 -27.14
C ALA S 33 -50.04 63.52 -27.81
N ALA S 34 -50.96 62.62 -28.17
CA ALA S 34 -50.57 61.40 -28.87
C ALA S 34 -50.17 61.68 -30.31
N GLU S 35 -50.71 62.73 -30.93
CA GLU S 35 -50.35 63.02 -32.31
C GLU S 35 -48.95 63.62 -32.43
N VAL S 36 -48.60 64.54 -31.53
CA VAL S 36 -47.28 65.16 -31.60
C VAL S 36 -46.18 64.13 -31.36
N THR S 37 -46.47 63.11 -30.56
CA THR S 37 -45.49 62.05 -30.31
C THR S 37 -45.10 61.34 -31.60
N LYS S 38 -46.02 61.25 -32.56
CA LYS S 38 -45.78 60.55 -33.81
C LYS S 38 -44.99 61.37 -34.81
N ASN S 39 -44.75 62.65 -34.53
CA ASN S 39 -43.99 63.50 -35.44
C ASN S 39 -42.57 62.95 -35.61
N GLU S 40 -42.09 62.95 -36.86
CA GLU S 40 -40.83 62.31 -37.17
C GLU S 40 -39.65 62.95 -36.44
N GLN S 41 -39.59 64.28 -36.39
CA GLN S 41 -38.49 64.93 -35.70
C GLN S 41 -38.67 64.81 -34.19
N MET S 42 -39.91 64.92 -33.72
CA MET S 42 -40.19 64.70 -32.31
C MET S 42 -39.88 63.27 -31.89
N ALA S 43 -40.06 62.30 -32.78
CA ALA S 43 -39.68 60.93 -32.44
C ALA S 43 -38.18 60.81 -32.19
N GLU S 44 -37.36 61.45 -33.03
CA GLU S 44 -35.92 61.42 -32.80
C GLU S 44 -35.55 62.16 -31.52
N LEU S 45 -36.20 63.29 -31.29
CA LEU S 45 -35.96 64.05 -30.06
C LEU S 45 -36.29 63.20 -28.82
N LEU S 46 -37.42 62.48 -28.86
CA LEU S 46 -37.80 61.62 -27.74
C LEU S 46 -36.87 60.44 -27.58
N SER S 47 -36.31 59.95 -28.68
CA SER S 47 -35.39 58.82 -28.59
C SER S 47 -34.07 59.22 -27.96
N GLY S 48 -33.64 60.47 -28.19
CA GLY S 48 -32.40 60.93 -27.61
C GLY S 48 -32.47 61.05 -26.10
N ALA S 49 -31.30 60.97 -25.47
CA ALA S 49 -31.20 60.98 -24.00
C ALA S 49 -31.03 62.40 -23.48
N LEU S 50 -32.06 63.21 -23.72
CA LEU S 50 -32.11 64.54 -23.13
C LEU S 50 -32.49 64.47 -21.67
N ALA S 51 -32.16 65.53 -20.93
CA ALA S 51 -32.59 65.62 -19.55
C ALA S 51 -34.11 65.70 -19.47
N PRO S 52 -34.73 65.11 -18.45
CA PRO S 52 -36.21 65.12 -18.38
C PRO S 52 -36.83 66.49 -18.47
N GLU S 53 -36.28 67.48 -17.76
CA GLU S 53 -36.90 68.80 -17.74
C GLU S 53 -36.78 69.52 -19.08
N THR S 54 -35.62 69.42 -19.74
CA THR S 54 -35.47 70.08 -21.03
C THR S 54 -36.35 69.43 -22.08
N LEU S 55 -36.45 68.11 -22.07
CA LEU S 55 -37.33 67.42 -22.99
C LEU S 55 -38.78 67.79 -22.74
N ALA S 56 -39.16 67.88 -21.46
CA ALA S 56 -40.53 68.29 -21.13
C ALA S 56 -40.82 69.70 -21.62
N GLU S 57 -39.93 70.65 -21.31
CA GLU S 57 -40.16 72.03 -21.71
C GLU S 57 -40.13 72.18 -23.22
N SER S 58 -39.40 71.31 -23.92
CA SER S 58 -39.46 71.33 -25.38
C SER S 58 -40.75 70.72 -25.89
N PHE S 59 -41.30 69.75 -25.15
CA PHE S 59 -42.57 69.16 -25.57
C PHE S 59 -43.73 70.11 -25.36
N ILE S 60 -43.73 70.84 -24.24
CA ILE S 60 -44.78 71.82 -23.97
C ILE S 60 -44.77 72.92 -25.03
N ALA S 61 -43.60 73.21 -25.59
CA ALA S 61 -43.52 74.26 -26.61
C ALA S 61 -44.33 73.89 -27.84
N VAL S 62 -44.33 72.61 -28.23
CA VAL S 62 -45.04 72.18 -29.42
C VAL S 62 -46.54 72.02 -29.18
N ALA S 63 -47.01 72.25 -27.96
CA ALA S 63 -48.43 72.10 -27.65
C ALA S 63 -48.95 73.42 -27.09
N GLY S 64 -49.91 74.03 -27.77
CA GLY S 64 -50.56 75.23 -27.29
C GLY S 64 -52.04 75.01 -27.09
N GLU S 65 -52.50 73.78 -27.34
CA GLU S 65 -53.87 73.39 -27.15
C GLU S 65 -54.06 72.52 -25.91
N GLN S 66 -53.13 72.60 -24.97
CA GLN S 66 -53.21 71.84 -23.73
C GLN S 66 -53.64 72.75 -22.58
N LEU S 67 -54.45 72.21 -21.67
CA LEU S 67 -54.74 72.90 -20.43
C LEU S 67 -53.49 72.87 -19.58
N ASP S 68 -52.80 74.01 -19.49
CA ASP S 68 -51.43 74.01 -18.97
C ASP S 68 -51.37 73.50 -17.54
N GLU S 69 -52.27 73.99 -16.68
CA GLU S 69 -52.20 73.65 -15.26
C GLU S 69 -52.27 72.15 -15.03
N ASN S 70 -53.02 71.44 -15.87
CA ASN S 70 -53.15 70.00 -15.71
C ASN S 70 -52.43 69.21 -16.81
N GLY S 71 -52.49 69.68 -18.05
CA GLY S 71 -51.83 68.96 -19.12
C GLY S 71 -50.32 69.05 -19.01
N GLN S 72 -49.81 70.23 -18.67
CA GLN S 72 -48.37 70.37 -18.46
C GLN S 72 -47.90 69.53 -17.30
N ASN S 73 -48.69 69.47 -16.22
CA ASN S 73 -48.35 68.61 -15.09
C ASN S 73 -48.28 67.15 -15.53
N LEU S 74 -49.27 66.70 -16.30
CA LEU S 74 -49.25 65.33 -16.81
C LEU S 74 -47.98 65.07 -17.61
N ILE S 75 -47.67 65.96 -18.56
CA ILE S 75 -46.52 65.76 -19.44
C ILE S 75 -45.23 65.74 -18.64
N ARG S 76 -45.10 66.66 -17.68
CA ARG S 76 -43.88 66.71 -16.86
C ARG S 76 -43.75 65.46 -16.01
N VAL S 77 -44.87 64.92 -15.52
CA VAL S 77 -44.80 63.69 -14.73
C VAL S 77 -44.36 62.53 -15.59
N MET S 78 -44.94 62.40 -16.79
CA MET S 78 -44.49 61.34 -17.70
C MET S 78 -43.06 61.57 -18.14
N ALA S 79 -42.66 62.82 -18.35
CA ALA S 79 -41.30 63.10 -18.80
C ALA S 79 -40.28 62.67 -17.75
N GLU S 80 -40.57 62.91 -16.48
CA GLU S 80 -39.61 62.58 -15.42
C GLU S 80 -39.31 61.10 -15.36
N ASN S 81 -40.17 60.25 -15.92
CA ASN S 81 -39.93 58.82 -15.98
C ASN S 81 -39.68 58.32 -17.40
N GLY S 82 -39.60 59.23 -18.38
CA GLY S 82 -39.35 58.81 -19.75
C GLY S 82 -40.48 58.06 -20.41
N ARG S 83 -41.71 58.21 -19.91
CA ARG S 83 -42.86 57.47 -20.40
C ARG S 83 -43.58 58.17 -21.53
N LEU S 84 -43.01 59.24 -22.09
CA LEU S 84 -43.72 60.04 -23.09
C LEU S 84 -44.18 59.20 -24.27
N ASN S 85 -43.44 58.14 -24.62
CA ASN S 85 -43.87 57.28 -25.72
C ASN S 85 -45.16 56.54 -25.41
N ALA S 86 -45.54 56.44 -24.13
CA ALA S 86 -46.73 55.69 -23.75
C ALA S 86 -48.03 56.45 -24.02
N LEU S 87 -47.95 57.71 -24.43
CA LEU S 87 -49.17 58.51 -24.64
C LEU S 87 -50.19 57.87 -25.57
N PRO S 88 -49.83 57.28 -26.71
CA PRO S 88 -50.86 56.65 -27.53
C PRO S 88 -51.61 55.53 -26.82
N ASP S 89 -50.97 54.86 -25.86
CA ASP S 89 -51.62 53.84 -25.07
C ASP S 89 -52.38 54.41 -23.89
N VAL S 90 -51.87 55.48 -23.29
CA VAL S 90 -52.61 56.18 -22.24
C VAL S 90 -53.95 56.65 -22.80
N LEU S 91 -53.95 57.16 -24.02
CA LEU S 91 -55.19 57.60 -24.64
C LEU S 91 -56.18 56.45 -24.77
N GLU S 92 -55.71 55.29 -25.25
CA GLU S 92 -56.60 54.15 -25.44
C GLU S 92 -57.15 53.66 -24.11
N GLN S 93 -56.31 53.59 -23.08
CA GLN S 93 -56.80 53.13 -21.79
C GLN S 93 -57.74 54.16 -21.16
N PHE S 94 -57.51 55.44 -21.40
CA PHE S 94 -58.44 56.46 -20.95
C PHE S 94 -59.80 56.30 -21.61
N ILE S 95 -59.80 56.03 -22.92
CA ILE S 95 -61.07 55.79 -23.61
C ILE S 95 -61.76 54.57 -23.05
N HIS S 96 -61.00 53.50 -22.81
CA HIS S 96 -61.59 52.27 -22.27
C HIS S 96 -62.20 52.52 -20.89
N LEU S 97 -61.48 53.22 -20.03
CA LEU S 97 -62.00 53.49 -18.69
C LEU S 97 -63.23 54.40 -18.76
N ARG S 98 -63.24 55.36 -19.70
CA ARG S 98 -64.42 56.19 -19.86
C ARG S 98 -65.62 55.35 -20.28
N ALA S 99 -65.41 54.43 -21.22
CA ALA S 99 -66.49 53.58 -21.69
C ALA S 99 -67.00 52.68 -20.58
N VAL S 100 -66.10 52.18 -19.74
CA VAL S 100 -66.51 51.38 -18.58
C VAL S 100 -67.32 52.24 -17.61
N SER S 101 -66.86 53.47 -17.36
CA SER S 101 -67.55 54.36 -16.42
C SER S 101 -68.93 54.74 -16.94
N GLU S 102 -69.06 54.98 -18.24
CA GLU S 102 -70.36 55.31 -18.82
C GLU S 102 -71.21 54.08 -19.09
N ALA S 103 -70.72 52.90 -18.74
CA ALA S 103 -71.43 51.64 -18.95
C ALA S 103 -71.87 51.49 -20.41
N THR S 104 -70.93 51.70 -21.32
CA THR S 104 -71.20 51.61 -22.75
C THR S 104 -70.18 50.67 -23.38
N ALA S 105 -70.65 49.85 -24.32
CA ALA S 105 -69.82 48.84 -24.94
C ALA S 105 -69.96 48.89 -26.45
N GLU S 106 -68.82 48.86 -27.14
CA GLU S 106 -68.80 48.75 -28.59
C GLU S 106 -68.88 47.28 -28.99
N VAL S 107 -69.63 47.00 -30.05
CA VAL S 107 -69.80 45.63 -30.54
C VAL S 107 -69.59 45.64 -32.04
N ASP S 108 -68.84 44.65 -32.53
CA ASP S 108 -68.60 44.47 -33.95
C ASP S 108 -69.40 43.28 -34.44
N VAL S 109 -70.07 43.45 -35.58
CA VAL S 109 -70.90 42.41 -36.18
C VAL S 109 -70.38 42.14 -37.58
N ILE S 110 -70.14 40.86 -37.89
CA ILE S 110 -69.61 40.45 -39.18
C ILE S 110 -70.54 39.38 -39.75
N SER S 111 -70.93 39.57 -41.01
CA SER S 111 -71.83 38.65 -41.69
C SER S 111 -71.50 38.61 -43.17
N ALA S 112 -72.12 37.67 -43.87
CA ALA S 112 -71.92 37.55 -45.31
C ALA S 112 -72.55 38.71 -46.08
N ALA S 113 -73.55 39.38 -45.51
CA ALA S 113 -74.26 40.43 -46.22
C ALA S 113 -74.83 41.41 -45.22
N ALA S 114 -75.22 42.58 -45.71
CA ALA S 114 -75.75 43.63 -44.85
C ALA S 114 -77.04 43.17 -44.18
N LEU S 115 -77.15 43.48 -42.89
CA LEU S 115 -78.31 43.07 -42.10
C LEU S 115 -79.42 44.11 -42.17
N SER S 116 -80.64 43.66 -41.88
CA SER S 116 -81.78 44.56 -41.78
C SER S 116 -81.78 45.28 -40.43
N GLU S 117 -82.51 46.39 -40.39
CA GLU S 117 -82.59 47.17 -39.15
C GLU S 117 -83.20 46.36 -38.01
N GLN S 118 -84.17 45.50 -38.32
CA GLN S 118 -84.83 44.73 -37.26
C GLN S 118 -83.88 43.70 -36.66
N GLN S 119 -83.07 43.06 -37.50
CA GLN S 119 -82.06 42.15 -36.99
C GLN S 119 -81.05 42.89 -36.13
N LEU S 120 -80.62 44.08 -36.56
CA LEU S 120 -79.70 44.88 -35.76
C LEU S 120 -80.33 45.24 -34.43
N ALA S 121 -81.61 45.58 -34.43
CA ALA S 121 -82.30 45.94 -33.19
C ALA S 121 -82.34 44.76 -32.23
N LYS S 122 -82.69 43.58 -32.74
CA LYS S 122 -82.73 42.39 -31.89
C LYS S 122 -81.35 42.06 -31.35
N ILE S 123 -80.31 42.22 -32.18
CA ILE S 123 -78.95 41.97 -31.74
C ILE S 123 -78.57 42.91 -30.60
N SER S 124 -78.83 44.21 -30.80
CA SER S 124 -78.51 45.19 -29.77
C SER S 124 -79.28 44.91 -28.48
N ALA S 125 -80.56 44.57 -28.60
CA ALA S 125 -81.37 44.29 -27.42
C ALA S 125 -80.85 43.07 -26.67
N ALA S 126 -80.47 42.02 -27.38
CA ALA S 126 -79.92 40.84 -26.72
C ALA S 126 -78.60 41.16 -26.05
N MET S 127 -77.73 41.91 -26.74
CA MET S 127 -76.42 42.22 -26.19
C MET S 127 -76.51 43.12 -24.98
N GLU S 128 -77.48 44.04 -24.96
CA GLU S 128 -77.63 44.92 -23.80
C GLU S 128 -78.01 44.14 -22.55
N LYS S 129 -78.82 43.09 -22.69
CA LYS S 129 -79.11 42.25 -21.54
C LYS S 129 -77.96 41.31 -21.21
N ARG S 130 -77.21 40.87 -22.22
CA ARG S 130 -76.06 40.01 -21.97
C ARG S 130 -75.00 40.74 -21.15
N LEU S 131 -74.70 41.99 -21.52
CA LEU S 131 -73.65 42.76 -20.88
C LEU S 131 -74.16 43.60 -19.72
N SER S 132 -75.46 43.89 -19.68
CA SER S 132 -76.05 44.84 -18.73
C SER S 132 -75.45 46.23 -18.92
N ARG S 133 -75.08 46.56 -20.15
CA ARG S 133 -74.58 47.87 -20.53
C ARG S 133 -75.25 48.30 -21.83
N LYS S 134 -75.18 49.61 -22.10
CA LYS S 134 -75.60 50.10 -23.40
C LYS S 134 -74.59 49.67 -24.46
N VAL S 135 -75.09 49.45 -25.67
CA VAL S 135 -74.28 48.93 -26.76
C VAL S 135 -74.36 49.87 -27.95
N LYS S 136 -73.32 49.84 -28.77
CA LYS S 136 -73.26 50.57 -30.03
C LYS S 136 -72.70 49.63 -31.09
N LEU S 137 -73.55 49.19 -32.00
CA LEU S 137 -73.16 48.22 -33.00
C LEU S 137 -72.47 48.88 -34.19
N ASN S 138 -71.55 48.14 -34.79
CA ASN S 138 -70.97 48.49 -36.08
C ASN S 138 -70.92 47.23 -36.93
N ALA S 139 -71.15 47.41 -38.23
CA ALA S 139 -71.27 46.29 -39.17
C ALA S 139 -70.08 46.28 -40.11
N LYS S 140 -69.38 45.15 -40.16
CA LYS S 140 -68.15 45.00 -40.94
C LYS S 140 -68.23 43.71 -41.77
N ILE S 141 -69.34 43.57 -42.50
CA ILE S 141 -69.60 42.35 -43.26
C ILE S 141 -68.39 41.99 -44.13
N ASP S 142 -68.24 40.69 -44.37
CA ASP S 142 -66.98 40.15 -44.87
C ASP S 142 -67.22 39.31 -46.11
N LYS S 143 -66.22 39.31 -47.00
CA LYS S 143 -66.29 38.61 -48.28
C LYS S 143 -66.17 37.11 -48.14
N SER S 144 -65.57 36.62 -47.06
CA SER S 144 -65.18 35.21 -46.95
C SER S 144 -66.26 34.34 -46.34
N VAL S 145 -66.91 34.79 -45.26
CA VAL S 145 -68.06 34.07 -44.75
C VAL S 145 -69.18 34.15 -45.77
N MET S 146 -69.73 32.98 -46.13
CA MET S 146 -70.79 32.91 -47.12
C MET S 146 -72.17 32.89 -46.52
N ALA S 147 -72.29 32.67 -45.22
CA ALA S 147 -73.57 32.73 -44.51
C ALA S 147 -73.32 32.85 -43.02
N GLY S 148 -74.38 33.17 -42.30
CA GLY S 148 -74.29 33.33 -40.86
C GLY S 148 -73.84 34.72 -40.47
N VAL S 149 -73.49 34.86 -39.19
CA VAL S 149 -73.08 36.14 -38.64
C VAL S 149 -72.18 35.88 -37.44
N ILE S 150 -71.25 36.81 -37.21
CA ILE S 150 -70.34 36.76 -36.08
C ILE S 150 -70.60 37.98 -35.20
N ILE S 151 -70.65 37.77 -33.90
CA ILE S 151 -70.87 38.84 -32.94
C ILE S 151 -69.71 38.85 -31.95
N ARG S 152 -68.99 39.96 -31.90
CA ARG S 152 -67.84 40.12 -31.02
C ARG S 152 -68.05 41.32 -30.12
N ALA S 153 -67.98 41.09 -28.81
CA ALA S 153 -68.06 42.17 -27.82
C ALA S 153 -66.97 41.93 -26.79
N GLY S 154 -66.16 42.94 -26.57
CA GLY S 154 -64.96 42.73 -25.77
C GLY S 154 -64.10 41.70 -26.48
N ASP S 155 -63.88 40.57 -25.83
CA ASP S 155 -63.25 39.42 -26.46
C ASP S 155 -64.14 38.19 -26.48
N MET S 156 -65.33 38.26 -25.89
CA MET S 156 -66.29 37.18 -26.02
C MET S 156 -66.87 37.17 -27.42
N VAL S 157 -66.91 35.99 -28.04
CA VAL S 157 -67.33 35.84 -29.42
C VAL S 157 -68.40 34.78 -29.51
N ILE S 158 -69.48 35.10 -30.23
CA ILE S 158 -70.54 34.14 -30.57
C ILE S 158 -70.51 33.96 -32.08
N ASP S 159 -70.33 32.71 -32.52
CA ASP S 159 -70.17 32.38 -33.93
C ASP S 159 -71.37 31.60 -34.41
N GLY S 160 -72.03 32.09 -35.45
CA GLY S 160 -73.07 31.35 -36.11
C GLY S 160 -72.83 31.24 -37.60
N SER S 161 -71.62 31.60 -38.03
CA SER S 161 -71.29 31.55 -39.45
C SER S 161 -71.27 30.11 -39.94
N VAL S 162 -71.66 29.95 -41.21
CA VAL S 162 -71.60 28.62 -41.82
C VAL S 162 -70.16 28.16 -41.98
N ARG S 163 -69.22 29.09 -42.15
CA ARG S 163 -67.80 28.73 -42.18
C ARG S 163 -67.39 28.07 -40.87
N GLY S 164 -67.81 28.66 -39.75
CA GLY S 164 -67.55 28.06 -38.46
C GLY S 164 -68.19 26.70 -38.29
N ARG S 165 -69.40 26.53 -38.83
CA ARG S 165 -70.04 25.21 -38.76
C ARG S 165 -69.30 24.19 -39.61
N LEU S 166 -68.83 24.60 -40.79
CA LEU S 166 -68.08 23.69 -41.66
C LEU S 166 -66.79 23.24 -40.99
N GLU S 167 -66.05 24.17 -40.40
CA GLU S 167 -64.80 23.77 -39.75
C GLU S 167 -65.07 22.95 -38.48
N ARG S 168 -66.07 23.36 -37.68
CA ARG S 168 -66.39 22.61 -36.48
C ARG S 168 -66.90 21.21 -36.80
N LEU S 169 -67.50 21.02 -37.98
CA LEU S 169 -67.95 19.68 -38.35
C LEU S 169 -66.79 18.80 -38.78
N ALA S 170 -65.86 19.36 -39.56
CA ALA S 170 -64.69 18.60 -39.96
C ALA S 170 -63.86 18.18 -38.76
N ASP S 171 -63.97 18.91 -37.64
CA ASP S 171 -63.20 18.58 -36.45
C ASP S 171 -63.60 17.22 -35.88
N VAL S 172 -64.80 16.74 -36.19
CA VAL S 172 -65.29 15.49 -35.64
C VAL S 172 -64.55 14.32 -36.28
N LEU S 173 -63.74 14.61 -37.30
CA LEU S 173 -62.90 13.59 -37.91
C LEU S 173 -61.88 13.02 -36.92
N MET T 1 50.19 -88.95 30.57
CA MET T 1 50.94 -89.94 31.33
C MET T 1 51.46 -91.05 30.42
N ASN T 2 50.86 -92.23 30.53
CA ASN T 2 51.24 -93.40 29.76
C ASN T 2 50.30 -93.56 28.58
N LEU T 3 50.85 -93.50 27.37
CA LEU T 3 50.08 -93.76 26.16
C LEU T 3 49.73 -95.25 26.07
N ASN T 4 48.61 -95.54 25.41
CA ASN T 4 48.12 -96.91 25.31
C ASN T 4 47.24 -97.03 24.07
N ALA T 5 46.95 -98.28 23.71
CA ALA T 5 46.07 -98.58 22.58
C ALA T 5 44.65 -98.06 22.79
N THR T 6 44.35 -97.45 23.94
CA THR T 6 43.10 -96.72 24.09
C THR T 6 42.99 -95.62 23.04
N ILE T 7 44.14 -95.17 22.52
CA ILE T 7 44.19 -94.16 21.47
C ILE T 7 43.43 -94.63 20.22
N LEU T 8 43.34 -95.94 20.01
CA LEU T 8 42.72 -96.49 18.81
C LEU T 8 41.23 -96.77 18.99
N GLY T 9 40.85 -97.41 20.10
CA GLY T 9 39.44 -97.68 20.34
C GLY T 9 38.61 -96.41 20.41
N GLN T 10 39.14 -95.36 21.04
CA GLN T 10 38.44 -94.09 21.04
C GLN T 10 38.42 -93.47 19.65
N ALA T 11 39.43 -93.75 18.82
CA ALA T 11 39.39 -93.29 17.44
C ALA T 11 38.29 -93.99 16.64
N ILE T 12 37.96 -95.24 17.00
CA ILE T 12 36.82 -95.91 16.40
C ILE T 12 35.51 -95.29 16.90
N ALA T 13 35.42 -95.09 18.22
CA ALA T 13 34.20 -94.54 18.81
C ALA T 13 33.90 -93.16 18.27
N PHE T 14 34.93 -92.32 18.12
CA PHE T 14 34.76 -90.96 17.66
C PHE T 14 34.21 -90.92 16.23
N VAL T 15 34.83 -91.68 15.31
CA VAL T 15 34.36 -91.70 13.93
C VAL T 15 32.94 -92.25 13.85
N LEU T 16 32.64 -93.29 14.63
CA LEU T 16 31.29 -93.83 14.61
C LEU T 16 30.27 -92.81 15.07
N PHE T 17 30.57 -92.09 16.16
CA PHE T 17 29.67 -91.06 16.64
C PHE T 17 29.52 -89.95 15.63
N VAL T 18 30.62 -89.57 14.97
CA VAL T 18 30.58 -88.49 14.00
C VAL T 18 29.71 -88.88 12.81
N LEU T 19 29.88 -90.09 12.30
CA LEU T 19 29.08 -90.54 11.17
C LEU T 19 27.60 -90.59 11.53
N PHE T 20 27.27 -91.19 12.66
CA PHE T 20 25.87 -91.31 13.04
C PHE T 20 25.23 -89.95 13.28
N ALA T 21 25.94 -89.05 13.97
CA ALA T 21 25.40 -87.72 14.22
C ALA T 21 25.24 -86.94 12.92
N MET T 22 26.25 -86.99 12.05
CA MET T 22 26.18 -86.26 10.79
C MET T 22 24.99 -86.71 9.96
N LYS T 23 24.81 -88.03 9.82
CA LYS T 23 23.66 -88.52 9.07
C LYS T 23 22.34 -88.14 9.72
N TYR T 24 22.08 -88.65 10.94
CA TYR T 24 20.72 -88.63 11.47
C TYR T 24 20.43 -87.39 12.30
N VAL T 25 21.38 -86.92 13.10
CA VAL T 25 21.07 -86.00 14.19
C VAL T 25 20.76 -84.60 13.66
N TRP T 26 21.70 -84.00 12.93
CA TRP T 26 21.58 -82.59 12.59
C TRP T 26 20.41 -82.27 11.66
N PRO T 27 20.20 -82.97 10.54
CA PRO T 27 19.23 -82.48 9.52
C PRO T 27 17.84 -82.23 10.08
N PRO T 28 17.30 -83.09 10.97
CA PRO T 28 15.96 -82.81 11.51
C PRO T 28 15.90 -81.54 12.35
N LEU T 29 16.93 -81.24 13.12
CA LEU T 29 16.93 -80.03 13.95
C LEU T 29 17.11 -78.79 13.07
N MET T 30 16.82 -77.63 13.67
CA MET T 30 17.01 -76.32 13.05
C MET T 30 15.98 -76.06 11.96
N ALA T 31 15.21 -77.09 11.60
CA ALA T 31 14.13 -76.90 10.64
C ALA T 31 12.98 -76.11 11.23
N ALA T 32 12.65 -76.38 12.50
CA ALA T 32 11.46 -75.78 13.10
C ALA T 32 11.61 -74.27 13.29
N ILE T 33 12.77 -73.83 13.76
CA ILE T 33 12.98 -72.40 13.98
C ILE T 33 13.03 -71.67 12.64
N GLU T 34 13.66 -72.27 11.64
CA GLU T 34 13.65 -71.68 10.30
C GLU T 34 12.23 -71.58 9.77
N LYS T 35 11.41 -72.60 10.05
CA LYS T 35 10.01 -72.55 9.65
C LYS T 35 9.28 -71.40 10.33
N ARG T 36 9.55 -71.19 11.62
CA ARG T 36 8.95 -70.06 12.33
C ARG T 36 9.33 -68.73 11.68
N GLN T 37 10.63 -68.55 11.41
CA GLN T 37 11.10 -67.30 10.81
C GLN T 37 10.50 -67.10 9.43
N LYS T 38 10.45 -68.17 8.63
CA LYS T 38 9.86 -68.07 7.30
C LYS T 38 8.37 -67.79 7.36
N GLU T 39 7.66 -68.35 8.35
CA GLU T 39 6.23 -68.06 8.48
C GLU T 39 6.01 -66.60 8.82
N ILE T 40 6.77 -66.07 9.79
CA ILE T 40 6.62 -64.67 10.15
C ILE T 40 6.94 -63.78 8.95
N ALA T 41 8.05 -64.07 8.27
CA ALA T 41 8.50 -63.24 7.16
C ALA T 41 7.53 -63.30 5.99
N ASP T 42 7.03 -64.49 5.64
CA ASP T 42 6.14 -64.58 4.48
C ASP T 42 4.75 -64.05 4.80
N GLY T 43 4.29 -64.18 6.04
CA GLY T 43 3.06 -63.52 6.42
C GLY T 43 3.17 -62.01 6.34
N LEU T 44 4.31 -61.47 6.79
CA LEU T 44 4.55 -60.04 6.65
C LEU T 44 4.60 -59.63 5.18
N ALA T 45 5.33 -60.38 4.37
CA ALA T 45 5.46 -60.06 2.94
C ALA T 45 4.11 -60.08 2.24
N SER T 46 3.32 -61.13 2.48
CA SER T 46 2.00 -61.24 1.85
C SER T 46 1.08 -60.12 2.31
N ALA T 47 1.07 -59.82 3.62
CA ALA T 47 0.22 -58.75 4.12
C ALA T 47 0.62 -57.40 3.55
N GLU T 48 1.92 -57.15 3.39
CA GLU T 48 2.35 -55.88 2.83
C GLU T 48 2.09 -55.80 1.33
N ARG T 49 2.18 -56.93 0.61
CA ARG T 49 1.79 -56.92 -0.79
C ARG T 49 0.31 -56.60 -0.94
N ALA T 50 -0.54 -57.21 -0.11
CA ALA T 50 -1.96 -56.88 -0.16
C ALA T 50 -2.23 -55.45 0.31
N HIS T 51 -1.37 -54.91 1.19
CA HIS T 51 -1.48 -53.52 1.59
C HIS T 51 -1.16 -52.58 0.42
N LYS T 52 -0.09 -52.89 -0.32
CA LYS T 52 0.19 -52.15 -1.55
C LYS T 52 -0.93 -52.31 -2.57
N ASP T 53 -1.65 -53.42 -2.53
CA ASP T 53 -2.86 -53.54 -3.32
C ASP T 53 -3.99 -52.73 -2.71
N LEU T 54 -4.04 -52.64 -1.37
CA LEU T 54 -5.05 -51.82 -0.71
C LEU T 54 -4.88 -50.36 -1.09
N ASP T 55 -3.63 -49.89 -1.23
CA ASP T 55 -3.37 -48.51 -1.57
C ASP T 55 -3.77 -48.15 -2.99
N LEU T 56 -4.12 -49.14 -3.81
CA LEU T 56 -4.59 -48.90 -5.16
C LEU T 56 -6.10 -48.74 -5.24
N ALA T 57 -6.81 -48.86 -4.12
CA ALA T 57 -8.26 -48.65 -4.13
C ALA T 57 -8.60 -47.24 -4.56
N LYS T 58 -7.91 -46.24 -4.01
CA LYS T 58 -8.07 -44.87 -4.49
C LYS T 58 -7.64 -44.75 -5.95
N ALA T 59 -6.52 -45.39 -6.31
CA ALA T 59 -6.07 -45.39 -7.69
C ALA T 59 -7.11 -46.03 -8.61
N SER T 60 -7.66 -47.17 -8.20
CA SER T 60 -8.66 -47.85 -9.01
C SER T 60 -9.96 -47.07 -9.10
N ALA T 61 -10.28 -46.27 -8.10
CA ALA T 61 -11.46 -45.41 -8.16
C ALA T 61 -11.23 -44.23 -9.10
N THR T 62 -10.07 -43.61 -9.03
CA THR T 62 -9.71 -42.54 -9.95
C THR T 62 -9.58 -43.04 -11.39
N ASP T 63 -9.37 -44.33 -11.59
CA ASP T 63 -9.41 -44.89 -12.94
C ASP T 63 -10.81 -44.91 -13.52
N GLN T 64 -11.85 -44.73 -12.70
CA GLN T 64 -13.22 -44.79 -13.20
C GLN T 64 -13.99 -43.49 -12.96
N LEU T 65 -13.92 -42.96 -11.74
CA LEU T 65 -14.82 -41.87 -11.34
C LEU T 65 -14.59 -40.62 -12.17
N LYS T 66 -13.36 -40.11 -12.18
CA LYS T 66 -13.10 -38.83 -12.84
C LYS T 66 -13.29 -38.93 -14.34
N LYS T 67 -12.98 -40.08 -14.93
CA LYS T 67 -13.17 -40.25 -16.37
C LYS T 67 -14.66 -40.19 -16.74
N ALA T 68 -15.50 -40.87 -15.96
CA ALA T 68 -16.94 -40.79 -16.19
C ALA T 68 -17.47 -39.38 -15.96
N LYS T 69 -16.95 -38.71 -14.93
CA LYS T 69 -17.36 -37.33 -14.66
C LYS T 69 -17.03 -36.42 -15.84
N ALA T 70 -15.84 -36.59 -16.42
CA ALA T 70 -15.48 -35.82 -17.60
C ALA T 70 -16.36 -36.17 -18.80
N GLU T 71 -16.63 -37.46 -19.00
CA GLU T 71 -17.44 -37.88 -20.15
C GLU T 71 -18.85 -37.33 -20.06
N ALA T 72 -19.40 -37.22 -18.84
CA ALA T 72 -20.71 -36.60 -18.68
C ALA T 72 -20.74 -35.21 -19.29
N GLN T 73 -19.62 -34.48 -19.22
CA GLN T 73 -19.61 -33.11 -19.70
C GLN T 73 -19.78 -33.05 -21.21
N VAL T 74 -19.05 -33.89 -21.95
CA VAL T 74 -19.22 -33.90 -23.41
C VAL T 74 -20.58 -34.47 -23.79
N ILE T 75 -21.11 -35.40 -22.99
CA ILE T 75 -22.46 -35.90 -23.24
C ILE T 75 -23.46 -34.74 -23.16
N ILE T 76 -23.29 -33.87 -22.17
CA ILE T 76 -24.16 -32.70 -22.04
C ILE T 76 -23.91 -31.71 -23.17
N GLU T 77 -22.65 -31.53 -23.57
CA GLU T 77 -22.32 -30.57 -24.62
C GLU T 77 -22.97 -30.93 -25.95
N GLN T 78 -22.98 -32.22 -26.29
CA GLN T 78 -23.60 -32.61 -27.55
C GLN T 78 -25.10 -32.33 -27.54
N ALA T 79 -25.77 -32.58 -26.41
CA ALA T 79 -27.18 -32.24 -26.28
C ALA T 79 -27.39 -30.74 -26.34
N ASN T 80 -26.46 -29.96 -25.78
CA ASN T 80 -26.55 -28.51 -25.86
C ASN T 80 -26.50 -28.04 -27.31
N ALA T 81 -25.58 -28.61 -28.09
CA ALA T 81 -25.49 -28.26 -29.50
C ALA T 81 -26.76 -28.63 -30.23
N ALA T 82 -27.30 -29.82 -29.94
CA ALA T 82 -28.55 -30.24 -30.59
C ALA T 82 -29.69 -29.29 -30.27
N ARG T 83 -29.81 -28.90 -28.99
CA ARG T 83 -30.83 -27.95 -28.59
C ARG T 83 -30.68 -26.63 -29.35
N SER T 84 -29.45 -26.11 -29.42
CA SER T 84 -29.23 -24.83 -30.09
C SER T 84 -29.62 -24.91 -31.56
N GLN T 85 -29.23 -26.00 -32.21
CA GLN T 85 -29.60 -26.17 -33.62
C GLN T 85 -31.10 -26.26 -33.80
N ILE T 86 -31.77 -27.00 -32.93
CA ILE T 86 -33.22 -27.18 -33.05
C ILE T 86 -33.92 -25.83 -32.90
N LEU T 87 -33.52 -25.03 -31.91
CA LEU T 87 -34.20 -23.76 -31.69
C LEU T 87 -33.92 -22.78 -32.82
N ASP T 88 -32.67 -22.76 -33.32
CA ASP T 88 -32.35 -21.88 -34.44
C ASP T 88 -33.15 -22.24 -35.69
N GLU T 89 -33.23 -23.54 -36.01
CA GLU T 89 -34.00 -23.97 -37.16
C GLU T 89 -35.49 -23.68 -37.00
N ALA T 90 -36.02 -23.83 -35.78
CA ALA T 90 -37.42 -23.51 -35.54
C ALA T 90 -37.69 -22.03 -35.82
N LYS T 91 -36.81 -21.16 -35.32
CA LYS T 91 -36.97 -19.73 -35.58
C LYS T 91 -36.88 -19.44 -37.08
N ALA T 92 -35.94 -20.08 -37.78
CA ALA T 92 -35.75 -19.83 -39.20
C ALA T 92 -36.90 -20.35 -40.05
N GLU T 93 -37.62 -21.36 -39.59
CA GLU T 93 -38.81 -21.81 -40.30
C GLU T 93 -40.02 -20.94 -39.97
N ALA T 94 -40.15 -20.53 -38.72
CA ALA T 94 -41.26 -19.68 -38.31
C ALA T 94 -41.22 -18.34 -39.04
N GLU T 95 -40.03 -17.76 -39.20
CA GLU T 95 -39.94 -16.49 -39.90
C GLU T 95 -40.39 -16.62 -41.35
N GLN T 96 -40.04 -17.72 -42.01
CA GLN T 96 -40.42 -17.93 -43.40
C GLN T 96 -41.89 -18.28 -43.55
N GLU T 97 -42.53 -18.81 -42.50
CA GLU T 97 -43.97 -18.95 -42.54
C GLU T 97 -44.66 -17.60 -42.36
N ARG T 98 -44.17 -16.80 -41.41
CA ARG T 98 -44.78 -15.49 -41.16
C ARG T 98 -44.67 -14.58 -42.37
N THR T 99 -43.50 -14.55 -43.01
CA THR T 99 -43.33 -13.71 -44.20
C THR T 99 -44.30 -14.13 -45.30
N LYS T 100 -44.46 -15.44 -45.50
CA LYS T 100 -45.39 -15.94 -46.50
C LYS T 100 -46.81 -15.49 -46.20
N ILE T 101 -47.23 -15.63 -44.94
CA ILE T 101 -48.60 -15.29 -44.57
C ILE T 101 -48.85 -13.80 -44.79
N VAL T 102 -47.92 -12.95 -44.34
CA VAL T 102 -48.14 -11.51 -44.48
C VAL T 102 -48.10 -11.10 -45.94
N ALA T 103 -47.24 -11.75 -46.74
CA ALA T 103 -47.19 -11.42 -48.16
C ALA T 103 -48.46 -11.83 -48.89
N GLN T 104 -49.15 -12.86 -48.40
CA GLN T 104 -50.46 -13.22 -48.93
C GLN T 104 -51.50 -12.18 -48.56
N ALA T 105 -51.59 -11.89 -47.26
CA ALA T 105 -52.65 -11.02 -46.75
C ALA T 105 -52.52 -9.60 -47.29
N GLN T 106 -51.30 -9.08 -47.38
CA GLN T 106 -51.10 -7.75 -47.93
C GLN T 106 -51.56 -7.68 -49.38
N ALA T 107 -51.23 -8.70 -50.17
CA ALA T 107 -51.68 -8.73 -51.56
C ALA T 107 -53.19 -8.90 -51.66
N GLU T 108 -53.83 -9.51 -50.66
CA GLU T 108 -55.29 -9.56 -50.66
C GLU T 108 -55.89 -8.18 -50.40
N ILE T 109 -55.40 -7.50 -49.35
CA ILE T 109 -55.97 -6.21 -49.00
C ILE T 109 -55.65 -5.17 -50.06
N GLU T 110 -54.55 -5.34 -50.80
CA GLU T 110 -54.22 -4.40 -51.87
C GLU T 110 -55.28 -4.41 -52.96
N ALA T 111 -55.75 -5.59 -53.36
CA ALA T 111 -56.83 -5.67 -54.34
C ALA T 111 -58.16 -5.27 -53.71
N GLU T 112 -58.37 -5.61 -52.44
CA GLU T 112 -59.62 -5.25 -51.79
C GLU T 112 -59.79 -3.73 -51.68
N ARG T 113 -58.69 -2.99 -51.52
CA ARG T 113 -58.76 -1.54 -51.55
C ARG T 113 -59.25 -1.04 -52.89
N LYS T 114 -58.75 -1.64 -53.98
CA LYS T 114 -59.23 -1.27 -55.31
C LYS T 114 -60.71 -1.60 -55.45
N ARG T 115 -61.14 -2.70 -54.83
CA ARG T 115 -62.58 -2.95 -54.73
C ARG T 115 -63.26 -1.89 -53.88
N ALA T 116 -62.61 -1.44 -52.80
CA ALA T 116 -63.24 -0.50 -51.88
C ALA T 116 -63.50 0.86 -52.53
N ARG T 117 -62.70 1.24 -53.53
CA ARG T 117 -62.79 2.59 -54.09
C ARG T 117 -64.19 2.89 -54.59
N GLU T 118 -64.86 1.90 -55.19
CA GLU T 118 -66.18 2.14 -55.77
C GLU T 118 -67.23 2.44 -54.71
N GLU T 119 -67.13 1.81 -53.54
CA GLU T 119 -68.06 2.14 -52.47
C GLU T 119 -67.79 3.54 -51.94
N LEU T 120 -66.52 3.91 -51.83
CA LEU T 120 -66.17 5.30 -51.46
C LEU T 120 -66.64 6.27 -52.54
N ARG T 121 -66.46 5.90 -53.81
CA ARG T 121 -66.90 6.76 -54.91
C ARG T 121 -68.41 6.88 -54.95
N LYS T 122 -69.14 5.81 -54.62
CA LYS T 122 -70.59 5.87 -54.56
C LYS T 122 -71.06 6.75 -53.41
N GLN T 123 -70.52 6.52 -52.22
CA GLN T 123 -71.09 7.12 -51.02
C GLN T 123 -70.77 8.60 -50.88
N VAL T 124 -69.84 9.13 -51.67
CA VAL T 124 -69.64 10.58 -51.68
C VAL T 124 -70.87 11.30 -52.21
N ALA T 125 -71.78 10.57 -52.87
CA ALA T 125 -73.03 11.15 -53.33
C ALA T 125 -73.81 11.78 -52.19
N ILE T 126 -73.82 11.13 -51.02
CA ILE T 126 -74.65 11.58 -49.92
C ILE T 126 -73.88 12.67 -49.17
N LEU T 127 -73.93 13.88 -49.71
CA LEU T 127 -73.40 15.06 -49.05
C LEU T 127 -74.47 16.12 -48.83
N ALA T 128 -75.64 15.98 -49.46
CA ALA T 128 -76.72 16.93 -49.24
C ALA T 128 -77.11 16.97 -47.77
N VAL T 129 -77.07 15.82 -47.09
CA VAL T 129 -77.32 15.81 -45.65
C VAL T 129 -76.32 16.70 -44.94
N ALA T 130 -75.03 16.41 -45.12
CA ALA T 130 -73.99 16.96 -44.25
C ALA T 130 -74.03 18.47 -44.22
N GLY T 131 -74.11 19.12 -45.37
CA GLY T 131 -74.21 20.56 -45.37
C GLY T 131 -75.64 21.07 -45.32
N ALA T 132 -76.48 20.57 -46.22
CA ALA T 132 -77.80 21.18 -46.41
C ALA T 132 -78.69 20.99 -45.19
N GLU T 133 -78.78 19.76 -44.66
CA GLU T 133 -79.72 19.52 -43.57
C GLU T 133 -79.24 20.11 -42.27
N LYS T 134 -77.99 20.58 -42.20
CA LYS T 134 -77.47 21.29 -41.03
C LYS T 134 -77.65 22.79 -41.15
N ILE T 135 -77.33 23.36 -42.32
CA ILE T 135 -77.27 24.81 -42.40
C ILE T 135 -78.65 25.46 -42.55
N ILE T 136 -79.61 24.82 -43.20
CA ILE T 136 -80.92 25.43 -43.39
C ILE T 136 -81.91 25.00 -42.32
N GLU T 137 -81.61 23.92 -41.59
CA GLU T 137 -82.40 23.42 -40.46
C GLU T 137 -83.71 22.81 -40.93
N ARG T 138 -84.00 22.97 -42.22
CA ARG T 138 -85.08 22.26 -42.89
C ARG T 138 -84.52 21.39 -44.00
N SER T 139 -85.36 20.48 -44.50
CA SER T 139 -85.01 19.81 -45.75
C SER T 139 -85.01 20.82 -46.90
N VAL T 140 -84.20 20.52 -47.91
CA VAL T 140 -83.93 21.48 -48.98
C VAL T 140 -84.22 20.85 -50.33
N ASP T 141 -84.64 21.69 -51.27
CA ASP T 141 -84.77 21.27 -52.66
C ASP T 141 -83.39 21.04 -53.27
N GLU T 142 -83.31 20.03 -54.14
CA GLU T 142 -82.02 19.61 -54.70
C GLU T 142 -81.62 20.55 -55.84
N ALA T 143 -81.16 21.73 -55.44
CA ALA T 143 -80.70 22.72 -56.41
C ALA T 143 -79.45 22.25 -57.14
N ALA T 144 -78.60 21.48 -56.46
CA ALA T 144 -77.38 20.94 -57.04
C ALA T 144 -77.60 19.59 -57.73
N ASN T 145 -78.80 19.36 -58.27
CA ASN T 145 -79.16 18.08 -58.86
C ASN T 145 -78.15 17.58 -59.89
N SER T 146 -77.53 18.50 -60.64
CA SER T 146 -76.46 18.13 -61.57
C SER T 146 -75.08 18.21 -60.91
N ASP T 147 -74.88 19.17 -60.02
CA ASP T 147 -73.57 19.35 -59.39
C ASP T 147 -73.20 18.21 -58.45
N ILE T 148 -74.17 17.46 -57.94
CA ILE T 148 -73.85 16.35 -57.03
C ILE T 148 -73.07 15.27 -57.76
N VAL T 149 -73.57 14.84 -58.92
CA VAL T 149 -72.84 13.83 -59.69
C VAL T 149 -71.57 14.42 -60.27
N ASP T 150 -71.56 15.73 -60.56
CA ASP T 150 -70.34 16.39 -60.98
C ASP T 150 -69.26 16.25 -59.92
N LYS T 151 -69.59 16.55 -58.67
CA LYS T 151 -68.65 16.38 -57.57
C LYS T 151 -68.23 14.92 -57.43
N LEU T 152 -69.20 14.01 -57.48
CA LEU T 152 -68.91 12.59 -57.33
C LEU T 152 -67.86 12.13 -58.34
N VAL T 153 -68.09 12.41 -59.62
CA VAL T 153 -67.20 11.89 -60.65
C VAL T 153 -65.88 12.66 -60.70
N ALA T 154 -65.89 13.97 -60.41
CA ALA T 154 -64.65 14.74 -60.52
C ALA T 154 -63.74 14.50 -59.33
N GLU T 155 -64.29 14.36 -58.12
CA GLU T 155 -63.46 14.24 -56.93
C GLU T 155 -62.84 12.86 -56.79
N LEU T 156 -63.55 11.82 -57.21
CA LEU T 156 -63.04 10.46 -57.09
C LEU T 156 -63.07 9.73 -58.43
N MET U 1 45.48 -93.24 57.00
CA MET U 1 44.33 -92.37 57.08
C MET U 1 43.03 -93.15 57.00
N ASN U 2 41.98 -92.64 57.64
CA ASN U 2 40.66 -93.22 57.49
C ASN U 2 40.05 -92.78 56.17
N LEU U 3 39.48 -93.74 55.45
CA LEU U 3 38.84 -93.44 54.16
C LEU U 3 37.37 -93.04 54.33
N ASN U 4 36.74 -93.46 55.43
CA ASN U 4 35.35 -93.07 55.70
C ASN U 4 35.25 -91.56 55.89
N ALA U 5 36.19 -90.96 56.63
CA ALA U 5 36.16 -89.52 56.88
C ALA U 5 36.27 -88.75 55.57
N THR U 6 37.09 -89.24 54.64
CA THR U 6 37.21 -88.61 53.34
C THR U 6 35.87 -88.63 52.60
N ILE U 7 35.15 -89.76 52.66
CA ILE U 7 33.87 -89.85 52.00
C ILE U 7 32.86 -88.91 52.66
N LEU U 8 32.96 -88.74 53.98
CA LEU U 8 32.09 -87.81 54.67
C LEU U 8 32.34 -86.37 54.22
N GLY U 9 33.61 -85.96 54.22
CA GLY U 9 33.96 -84.61 53.80
C GLY U 9 33.65 -84.32 52.34
N GLN U 10 33.84 -85.30 51.46
CA GLN U 10 33.50 -85.11 50.06
C GLN U 10 31.99 -84.95 49.89
N ALA U 11 31.20 -85.72 50.63
CA ALA U 11 29.75 -85.56 50.61
C ALA U 11 29.37 -84.16 51.07
N ILE U 12 29.96 -83.69 52.17
CA ILE U 12 29.66 -82.35 52.67
C ILE U 12 29.95 -81.30 51.60
N ALA U 13 31.14 -81.37 51.00
CA ALA U 13 31.54 -80.37 50.01
C ALA U 13 30.66 -80.43 48.78
N PHE U 14 30.25 -81.63 48.36
CA PHE U 14 29.40 -81.75 47.19
C PHE U 14 28.00 -81.21 47.47
N VAL U 15 27.47 -81.45 48.67
CA VAL U 15 26.20 -80.86 49.06
C VAL U 15 26.27 -79.33 48.96
N LEU U 16 27.32 -78.75 49.54
CA LEU U 16 27.44 -77.29 49.50
C LEU U 16 27.59 -76.77 48.08
N PHE U 17 28.32 -77.50 47.24
CA PHE U 17 28.51 -77.07 45.86
C PHE U 17 27.20 -77.18 45.07
N VAL U 18 26.45 -78.26 45.28
CA VAL U 18 25.15 -78.42 44.64
C VAL U 18 24.22 -77.28 45.01
N LEU U 19 24.20 -76.93 46.31
CA LEU U 19 23.36 -75.81 46.74
C LEU U 19 23.78 -74.51 46.06
N PHE U 20 25.09 -74.25 45.99
CA PHE U 20 25.56 -73.01 45.37
C PHE U 20 25.24 -72.99 43.89
N ALA U 21 25.44 -74.11 43.21
CA ALA U 21 25.15 -74.17 41.78
C ALA U 21 23.66 -73.97 41.52
N MET U 22 22.81 -74.61 42.33
CA MET U 22 21.38 -74.45 42.16
C MET U 22 20.93 -73.03 42.39
N LYS U 23 21.52 -72.33 43.34
CA LYS U 23 21.05 -70.97 43.60
C LYS U 23 21.84 -69.88 42.87
N TYR U 24 22.87 -70.24 42.09
CA TYR U 24 23.61 -69.23 41.32
C TYR U 24 23.93 -69.61 39.89
N VAL U 25 23.89 -70.88 39.51
CA VAL U 25 24.19 -71.30 38.15
C VAL U 25 22.93 -71.74 37.38
N TRP U 26 21.91 -72.21 38.09
CA TRP U 26 20.60 -72.55 37.53
C TRP U 26 19.83 -71.37 36.95
N PRO U 27 19.88 -70.16 37.53
CA PRO U 27 18.97 -69.08 37.09
C PRO U 27 19.04 -68.75 35.62
N PRO U 28 20.20 -68.91 34.92
CA PRO U 28 20.21 -68.68 33.46
C PRO U 28 19.02 -69.24 32.68
N LEU U 29 18.33 -70.23 33.23
CA LEU U 29 17.06 -70.65 32.63
C LEU U 29 16.05 -69.51 32.64
N MET U 30 16.15 -68.59 33.61
CA MET U 30 15.34 -67.38 33.57
C MET U 30 15.64 -66.55 32.34
N ALA U 31 16.92 -66.41 32.00
CA ALA U 31 17.28 -65.77 30.74
C ALA U 31 16.71 -66.55 29.57
N ALA U 32 16.71 -67.89 29.67
CA ALA U 32 16.10 -68.72 28.64
C ALA U 32 14.59 -68.52 28.54
N ILE U 33 13.94 -68.05 29.61
CA ILE U 33 12.49 -67.84 29.58
C ILE U 33 12.12 -66.71 28.63
N GLU U 34 12.96 -65.67 28.56
CA GLU U 34 12.70 -64.54 27.68
C GLU U 34 12.59 -64.98 26.22
N LYS U 35 13.41 -65.97 25.84
CA LYS U 35 13.32 -66.52 24.48
C LYS U 35 11.95 -67.12 24.21
N ARG U 36 11.43 -67.89 25.18
CA ARG U 36 10.11 -68.49 25.02
C ARG U 36 9.03 -67.41 24.91
N GLN U 37 9.07 -66.42 25.81
CA GLN U 37 8.08 -65.35 25.77
C GLN U 37 8.10 -64.63 24.43
N LYS U 38 9.30 -64.23 24.00
CA LYS U 38 9.46 -63.54 22.72
C LYS U 38 8.91 -64.38 21.58
N GLU U 39 9.30 -65.65 21.49
CA GLU U 39 8.87 -66.48 20.38
C GLU U 39 7.36 -66.61 20.34
N ILE U 40 6.74 -66.98 21.46
CA ILE U 40 5.29 -67.17 21.48
C ILE U 40 4.58 -65.88 21.09
N ALA U 41 4.95 -64.78 21.76
CA ALA U 41 4.22 -63.53 21.56
C ALA U 41 4.38 -63.03 20.13
N ASP U 42 5.61 -63.00 19.63
CA ASP U 42 5.85 -62.49 18.29
C ASP U 42 5.18 -63.36 17.23
N GLY U 43 5.25 -64.69 17.37
CA GLY U 43 4.60 -65.54 16.38
C GLY U 43 3.10 -65.34 16.34
N LEU U 44 2.46 -65.37 17.51
CA LEU U 44 1.00 -65.25 17.54
C LEU U 44 0.56 -63.89 17.03
N ALA U 45 1.20 -62.82 17.52
CA ALA U 45 0.81 -61.47 17.12
C ALA U 45 1.05 -61.23 15.64
N SER U 46 2.18 -61.71 15.09
CA SER U 46 2.47 -61.48 13.69
C SER U 46 1.55 -62.28 12.78
N ALA U 47 1.20 -63.52 13.15
CA ALA U 47 0.24 -64.27 12.34
C ALA U 47 -1.13 -63.60 12.35
N GLU U 48 -1.58 -63.14 13.53
CA GLU U 48 -2.85 -62.44 13.61
C GLU U 48 -2.82 -61.17 12.77
N ARG U 49 -1.72 -60.41 12.84
CA ARG U 49 -1.59 -59.18 12.07
C ARG U 49 -1.66 -59.48 10.58
N ALA U 50 -0.93 -60.50 10.12
CA ALA U 50 -0.94 -60.82 8.70
C ALA U 50 -2.34 -61.20 8.22
N HIS U 51 -3.04 -62.04 8.99
CA HIS U 51 -4.38 -62.46 8.57
C HIS U 51 -5.35 -61.29 8.57
N LYS U 52 -5.29 -60.44 9.60
CA LYS U 52 -6.18 -59.29 9.68
C LYS U 52 -5.92 -58.33 8.52
N ASP U 53 -4.64 -58.12 8.20
CA ASP U 53 -4.31 -57.24 7.07
C ASP U 53 -4.81 -57.82 5.75
N LEU U 54 -4.69 -59.14 5.58
CA LEU U 54 -5.19 -59.75 4.35
C LEU U 54 -6.71 -59.59 4.24
N ASP U 55 -7.42 -59.77 5.35
CA ASP U 55 -8.87 -59.61 5.33
C ASP U 55 -9.26 -58.16 5.05
N LEU U 56 -8.57 -57.21 5.69
CA LEU U 56 -8.87 -55.80 5.44
C LEU U 56 -8.60 -55.42 4.00
N ALA U 57 -7.51 -55.93 3.43
CA ALA U 57 -7.17 -55.61 2.05
C ALA U 57 -8.22 -56.13 1.09
N LYS U 58 -8.63 -57.39 1.25
CA LYS U 58 -9.63 -57.93 0.32
C LYS U 58 -10.97 -57.20 0.49
N ALA U 59 -11.37 -56.93 1.74
CA ALA U 59 -12.64 -56.25 1.97
C ALA U 59 -12.63 -54.85 1.36
N SER U 60 -11.53 -54.10 1.57
CA SER U 60 -11.43 -52.76 1.01
C SER U 60 -11.42 -52.77 -0.51
N ALA U 61 -10.70 -53.73 -1.11
CA ALA U 61 -10.69 -53.82 -2.57
C ALA U 61 -12.09 -54.06 -3.11
N THR U 62 -12.82 -55.00 -2.52
CA THR U 62 -14.18 -55.27 -2.99
C THR U 62 -15.09 -54.06 -2.79
N ASP U 63 -14.99 -53.41 -1.63
CA ASP U 63 -15.83 -52.26 -1.34
C ASP U 63 -15.59 -51.12 -2.33
N GLN U 64 -14.31 -50.77 -2.56
CA GLN U 64 -14.02 -49.68 -3.48
C GLN U 64 -14.38 -50.03 -4.92
N LEU U 65 -14.17 -51.29 -5.32
CA LEU U 65 -14.56 -51.69 -6.67
C LEU U 65 -16.07 -51.55 -6.86
N LYS U 66 -16.84 -52.07 -5.90
CA LYS U 66 -18.30 -51.95 -5.97
C LYS U 66 -18.75 -50.50 -5.99
N LYS U 67 -18.15 -49.66 -5.13
CA LYS U 67 -18.57 -48.27 -5.04
C LYS U 67 -18.29 -47.52 -6.34
N ALA U 68 -17.08 -47.67 -6.89
CA ALA U 68 -16.76 -46.99 -8.14
C ALA U 68 -17.60 -47.49 -9.29
N LYS U 69 -17.81 -48.82 -9.37
CA LYS U 69 -18.62 -49.38 -10.45
C LYS U 69 -20.05 -48.87 -10.40
N ALA U 70 -20.60 -48.70 -9.19
CA ALA U 70 -21.95 -48.14 -9.08
C ALA U 70 -21.97 -46.66 -9.44
N GLU U 71 -21.03 -45.88 -8.88
CA GLU U 71 -21.07 -44.43 -9.04
C GLU U 71 -20.88 -44.01 -10.49
N ALA U 72 -19.94 -44.65 -11.20
CA ALA U 72 -19.71 -44.27 -12.59
C ALA U 72 -20.94 -44.55 -13.45
N GLN U 73 -21.58 -45.70 -13.23
CA GLN U 73 -22.81 -46.01 -13.95
C GLN U 73 -23.89 -44.99 -13.65
N VAL U 74 -24.02 -44.61 -12.38
CA VAL U 74 -25.03 -43.61 -11.99
C VAL U 74 -24.77 -42.30 -12.71
N ILE U 75 -23.50 -41.87 -12.73
CA ILE U 75 -23.14 -40.59 -13.37
C ILE U 75 -23.48 -40.62 -14.84
N ILE U 76 -23.11 -41.70 -15.54
CA ILE U 76 -23.36 -41.76 -16.97
C ILE U 76 -24.85 -41.84 -17.26
N GLU U 77 -25.60 -42.60 -16.47
CA GLU U 77 -27.04 -42.71 -16.68
C GLU U 77 -27.72 -41.36 -16.46
N GLN U 78 -27.33 -40.62 -15.42
CA GLN U 78 -27.93 -39.32 -15.20
C GLN U 78 -27.47 -38.28 -16.23
N ALA U 79 -26.28 -38.46 -16.80
CA ALA U 79 -25.88 -37.62 -17.94
C ALA U 79 -26.79 -37.89 -19.13
N ASN U 80 -27.13 -39.16 -19.36
CA ASN U 80 -28.10 -39.48 -20.41
C ASN U 80 -29.46 -38.87 -20.09
N LYS U 81 -29.84 -38.88 -18.81
CA LYS U 81 -31.11 -38.25 -18.41
C LYS U 81 -31.12 -36.76 -18.70
N ARG U 82 -30.00 -36.08 -18.41
CA ARG U 82 -29.90 -34.65 -18.69
C ARG U 82 -29.96 -34.38 -20.18
N ARG U 83 -29.24 -35.19 -20.98
CA ARG U 83 -29.31 -35.04 -22.43
C ARG U 83 -30.73 -35.18 -22.93
N SER U 84 -31.44 -36.20 -22.47
CA SER U 84 -32.83 -36.41 -22.87
C SER U 84 -33.71 -35.25 -22.42
N GLN U 85 -33.46 -34.70 -21.23
CA GLN U 85 -34.23 -33.57 -20.74
C GLN U 85 -34.06 -32.36 -21.66
N ILE U 86 -32.82 -32.06 -22.01
CA ILE U 86 -32.55 -30.93 -22.89
C ILE U 86 -33.19 -31.14 -24.26
N LEU U 87 -33.09 -32.36 -24.79
CA LEU U 87 -33.69 -32.65 -26.09
C LEU U 87 -35.19 -32.45 -26.07
N ASP U 88 -35.86 -32.98 -25.04
CA ASP U 88 -37.31 -32.83 -24.94
C ASP U 88 -37.70 -31.37 -24.79
N GLU U 89 -36.96 -30.62 -23.96
CA GLU U 89 -37.26 -29.22 -23.77
C GLU U 89 -37.16 -28.44 -25.08
N ALA U 90 -36.07 -28.68 -25.82
CA ALA U 90 -35.90 -28.01 -27.11
C ALA U 90 -37.01 -28.39 -28.07
N LYS U 91 -37.37 -29.68 -28.10
CA LYS U 91 -38.39 -30.15 -29.03
C LYS U 91 -39.74 -29.51 -28.75
N ALA U 92 -40.09 -29.36 -27.47
CA ALA U 92 -41.34 -28.71 -27.11
C ALA U 92 -41.30 -27.21 -27.42
N GLU U 93 -40.22 -26.54 -26.99
CA GLU U 93 -40.16 -25.08 -27.12
C GLU U 93 -40.04 -24.61 -28.55
N ALA U 94 -39.52 -25.44 -29.45
CA ALA U 94 -39.53 -25.06 -30.86
C ALA U 94 -40.95 -24.83 -31.37
N GLU U 95 -41.84 -25.78 -31.10
CA GLU U 95 -43.21 -25.65 -31.55
C GLU U 95 -43.94 -24.58 -30.76
N GLN U 96 -43.61 -24.43 -29.47
CA GLN U 96 -44.18 -23.32 -28.71
C GLN U 96 -43.86 -21.96 -29.35
N GLU U 97 -42.61 -21.78 -29.77
CA GLU U 97 -42.20 -20.52 -30.40
C GLU U 97 -42.91 -20.32 -31.74
N ARG U 98 -42.97 -21.38 -32.55
CA ARG U 98 -43.65 -21.27 -33.84
C ARG U 98 -45.13 -20.91 -33.66
N THR U 99 -45.79 -21.53 -32.69
CA THR U 99 -47.18 -21.22 -32.40
C THR U 99 -47.36 -19.80 -31.87
N LYS U 100 -46.35 -19.24 -31.21
CA LYS U 100 -46.44 -17.82 -30.86
C LYS U 100 -46.30 -16.93 -32.10
N ILE U 101 -45.36 -17.27 -32.97
CA ILE U 101 -45.04 -16.41 -34.11
C ILE U 101 -46.20 -16.38 -35.10
N VAL U 102 -46.91 -17.49 -35.27
CA VAL U 102 -48.01 -17.49 -36.23
C VAL U 102 -49.15 -16.59 -35.76
N ALA U 103 -49.46 -16.61 -34.46
CA ALA U 103 -50.47 -15.71 -33.93
C ALA U 103 -50.01 -14.27 -34.04
N GLN U 104 -48.71 -14.03 -33.87
CA GLN U 104 -48.18 -12.68 -34.09
C GLN U 104 -48.43 -12.23 -35.51
N ALA U 105 -48.21 -13.11 -36.49
CA ALA U 105 -48.47 -12.77 -37.89
C ALA U 105 -49.94 -12.42 -38.10
N GLN U 106 -50.84 -13.22 -37.53
CA GLN U 106 -52.27 -12.95 -37.70
C GLN U 106 -52.68 -11.63 -37.08
N ALA U 107 -52.12 -11.31 -35.90
CA ALA U 107 -52.42 -10.02 -35.28
C ALA U 107 -51.91 -8.87 -36.12
N GLU U 108 -50.72 -9.03 -36.72
CA GLU U 108 -50.20 -7.98 -37.60
C GLU U 108 -51.13 -7.75 -38.79
N ILE U 109 -51.64 -8.83 -39.37
CA ILE U 109 -52.55 -8.69 -40.52
C ILE U 109 -53.83 -7.97 -40.11
N GLU U 110 -54.41 -8.36 -38.96
CA GLU U 110 -55.64 -7.72 -38.52
C GLU U 110 -55.42 -6.23 -38.23
N ALA U 111 -54.28 -5.91 -37.64
CA ALA U 111 -53.96 -4.51 -37.35
C ALA U 111 -53.82 -3.71 -38.64
N GLU U 112 -53.17 -4.28 -39.66
CA GLU U 112 -53.04 -3.57 -40.92
C GLU U 112 -54.41 -3.36 -41.56
N ARG U 113 -55.31 -4.35 -41.44
CA ARG U 113 -56.66 -4.18 -41.96
C ARG U 113 -57.39 -3.04 -41.26
N LYS U 114 -57.28 -2.97 -39.93
CA LYS U 114 -57.94 -1.89 -39.20
C LYS U 114 -57.37 -0.54 -39.60
N ARG U 115 -56.05 -0.47 -39.77
CA ARG U 115 -55.42 0.77 -40.20
C ARG U 115 -55.91 1.19 -41.58
N ALA U 116 -56.06 0.21 -42.50
CA ALA U 116 -56.59 0.53 -43.83
C ALA U 116 -58.00 1.08 -43.74
N ARG U 117 -58.83 0.50 -42.87
CA ARG U 117 -60.20 1.00 -42.72
C ARG U 117 -60.22 2.42 -42.19
N GLU U 118 -59.38 2.71 -41.19
CA GLU U 118 -59.34 4.08 -40.67
C GLU U 118 -58.80 5.05 -41.73
N GLU U 119 -57.82 4.59 -42.52
CA GLU U 119 -57.31 5.38 -43.63
C GLU U 119 -58.42 5.77 -44.59
N LEU U 120 -59.27 4.79 -44.95
CA LEU U 120 -60.38 5.08 -45.86
C LEU U 120 -61.34 6.09 -45.26
N ARG U 121 -61.60 5.99 -43.95
CA ARG U 121 -62.43 7.00 -43.29
C ARG U 121 -61.80 8.40 -43.40
N LYS U 122 -60.50 8.48 -43.15
CA LYS U 122 -59.79 9.76 -43.28
C LYS U 122 -59.89 10.29 -44.71
N GLN U 123 -59.78 9.39 -45.68
CA GLN U 123 -59.89 9.80 -47.08
C GLN U 123 -61.25 10.41 -47.37
N VAL U 124 -62.32 9.72 -46.94
CA VAL U 124 -63.66 10.15 -47.33
C VAL U 124 -64.04 11.47 -46.64
N ALA U 125 -63.62 11.65 -45.38
CA ALA U 125 -64.12 12.80 -44.61
C ALA U 125 -63.72 14.13 -45.24
N ILE U 126 -62.46 14.25 -45.68
CA ILE U 126 -61.96 15.53 -46.18
C ILE U 126 -62.70 15.94 -47.45
N LEU U 127 -62.77 15.04 -48.42
CA LEU U 127 -63.46 15.37 -49.66
C LEU U 127 -64.97 15.51 -49.44
N ALA U 128 -65.53 14.82 -48.44
CA ALA U 128 -66.95 14.98 -48.15
C ALA U 128 -67.25 16.39 -47.66
N VAL U 129 -66.47 16.88 -46.69
CA VAL U 129 -66.70 18.24 -46.20
C VAL U 129 -66.38 19.26 -47.30
N ALA U 130 -65.38 18.98 -48.13
CA ALA U 130 -65.07 19.89 -49.23
C ALA U 130 -66.19 19.95 -50.27
N GLY U 131 -66.93 18.87 -50.46
CA GLY U 131 -68.07 18.88 -51.35
C GLY U 131 -69.28 19.54 -50.71
N ALA U 132 -69.41 19.36 -49.40
CA ALA U 132 -70.47 20.05 -48.67
C ALA U 132 -70.29 21.56 -48.76
N GLU U 133 -69.04 22.02 -48.73
CA GLU U 133 -68.76 23.43 -48.96
C GLU U 133 -69.37 23.92 -50.27
N LYS U 134 -69.20 23.15 -51.34
CA LYS U 134 -69.73 23.57 -52.62
C LYS U 134 -71.25 23.45 -52.65
N ILE U 135 -71.81 22.49 -51.91
CA ILE U 135 -73.26 22.39 -51.77
C ILE U 135 -73.80 23.67 -51.14
N ILE U 136 -73.12 24.18 -50.11
CA ILE U 136 -73.49 25.47 -49.53
C ILE U 136 -73.37 26.57 -50.58
N GLU U 137 -72.25 26.57 -51.30
CA GLU U 137 -72.00 27.58 -52.31
C GLU U 137 -73.10 27.67 -53.36
N ARG U 138 -73.70 26.53 -53.72
CA ARG U 138 -74.68 26.48 -54.81
C ARG U 138 -76.09 26.14 -54.34
N SER U 139 -76.35 26.21 -53.03
CA SER U 139 -77.70 25.97 -52.53
C SER U 139 -78.08 26.99 -51.48
N VAL U 140 -77.17 27.93 -51.17
CA VAL U 140 -77.45 28.94 -50.18
C VAL U 140 -78.63 29.81 -50.62
N ASP U 141 -79.37 30.33 -49.64
CA ASP U 141 -80.50 31.21 -49.89
C ASP U 141 -80.44 32.38 -48.91
N GLU U 142 -80.76 33.58 -49.41
CA GLU U 142 -80.80 34.74 -48.54
C GLU U 142 -81.88 34.61 -47.48
N ALA U 143 -82.99 33.95 -47.81
CA ALA U 143 -84.00 33.67 -46.80
C ALA U 143 -83.47 32.68 -45.78
N ALA U 144 -82.67 31.70 -46.22
CA ALA U 144 -82.03 30.78 -45.29
C ALA U 144 -81.02 31.49 -44.40
N ASN U 145 -80.23 32.41 -44.97
CA ASN U 145 -79.28 33.18 -44.17
C ASN U 145 -80.01 34.02 -43.13
N SER U 146 -81.09 34.70 -43.53
CA SER U 146 -81.87 35.47 -42.58
C SER U 146 -82.48 34.57 -41.50
N ASP U 147 -82.90 33.37 -41.89
CA ASP U 147 -83.42 32.43 -40.91
C ASP U 147 -82.36 32.04 -39.90
N ILE U 148 -81.13 31.80 -40.37
CA ILE U 148 -80.03 31.47 -39.46
C ILE U 148 -79.78 32.62 -38.49
N VAL U 149 -79.71 33.84 -39.02
CA VAL U 149 -79.44 35.00 -38.17
C VAL U 149 -80.52 35.13 -37.10
N ASP U 150 -81.78 35.10 -37.53
CA ASP U 150 -82.89 35.26 -36.60
C ASP U 150 -82.97 34.10 -35.61
N LYS U 151 -82.56 32.90 -36.02
CA LYS U 151 -82.54 31.77 -35.10
C LYS U 151 -81.50 31.98 -34.01
N LEU U 152 -80.28 32.40 -34.39
CA LEU U 152 -79.23 32.51 -33.40
C LEU U 152 -79.46 33.70 -32.49
N VAL U 153 -80.00 34.80 -33.02
CA VAL U 153 -80.28 35.96 -32.15
C VAL U 153 -81.42 35.63 -31.19
N ALA U 154 -82.30 34.70 -31.55
CA ALA U 154 -83.41 34.32 -30.69
C ALA U 154 -82.97 33.41 -29.55
N GLU U 155 -81.71 33.00 -29.52
CA GLU U 155 -81.23 32.10 -28.48
C GLU U 155 -79.87 32.52 -27.93
N LEU U 156 -79.40 33.72 -28.26
CA LEU U 156 -78.11 34.22 -27.81
C LEU U 156 -78.09 34.36 -26.29
N GLU V 1 40.53 -96.86 59.22
CA GLU V 1 41.28 -97.37 58.07
C GLU V 1 42.72 -96.85 58.11
N ASN V 2 43.63 -97.58 57.46
CA ASN V 2 45.04 -97.22 57.43
C ASN V 2 45.46 -97.05 55.99
N MET V 3 45.93 -95.85 55.65
CA MET V 3 46.32 -95.52 54.28
C MET V 3 47.27 -94.33 54.32
N THR V 4 48.23 -94.35 53.40
CA THR V 4 49.09 -93.19 53.19
C THR V 4 48.49 -92.33 52.09
N PRO V 5 48.29 -91.03 52.32
CA PRO V 5 47.70 -90.17 51.28
C PRO V 5 48.39 -90.29 49.93
N GLN V 6 49.68 -90.61 49.93
CA GLN V 6 50.42 -90.80 48.69
C GLN V 6 49.83 -91.94 47.87
N ASP V 7 49.45 -93.03 48.52
CA ASP V 7 48.88 -94.17 47.82
C ASP V 7 47.43 -93.92 47.44
N TYR V 8 46.68 -93.21 48.28
CA TYR V 8 45.34 -92.78 47.93
C TYR V 8 45.36 -91.97 46.63
N ILE V 9 46.29 -91.02 46.53
CA ILE V 9 46.46 -90.27 45.29
C ILE V 9 46.91 -91.21 44.17
N GLY V 10 47.77 -92.17 44.48
CA GLY V 10 48.25 -93.13 43.51
C GLY V 10 47.14 -93.93 42.86
N HIS V 11 46.22 -94.46 43.67
CA HIS V 11 45.13 -95.26 43.13
C HIS V 11 44.27 -94.44 42.17
N HIS V 12 43.93 -93.21 42.56
CA HIS V 12 43.01 -92.40 41.76
C HIS V 12 43.59 -92.04 40.40
N LEU V 13 44.91 -91.94 40.29
CA LEU V 13 45.56 -91.61 39.03
C LEU V 13 45.78 -92.84 38.15
N ASN V 14 45.17 -93.97 38.53
CA ASN V 14 45.32 -95.24 37.77
C ASN V 14 44.03 -95.56 37.01
N ASN V 15 44.11 -96.40 35.97
CA ASN V 15 42.93 -96.68 35.11
C ASN V 15 42.63 -98.19 35.02
N LEU V 16 41.35 -98.55 34.89
CA LEU V 16 40.96 -99.97 34.69
C LEU V 16 41.48 -100.40 33.34
N GLN V 17 42.79 -100.36 33.11
CA GLN V 17 43.30 -100.94 31.89
C GLN V 17 43.02 -102.43 31.84
N LEU V 18 42.76 -102.94 30.65
CA LEU V 18 42.50 -104.37 30.45
C LEU V 18 43.21 -104.81 29.17
N ASP V 19 43.89 -105.96 29.25
CA ASP V 19 44.63 -106.46 28.11
C ASP V 19 43.69 -106.86 26.99
N LEU V 20 43.95 -106.33 25.79
CA LEU V 20 43.17 -106.73 24.62
C LEU V 20 43.50 -108.14 24.20
N ARG V 21 44.76 -108.54 24.31
CA ARG V 21 45.17 -109.89 23.92
C ARG V 21 44.54 -110.95 24.81
N THR V 22 44.89 -110.94 26.10
CA THR V 22 44.50 -112.00 27.00
C THR V 22 43.18 -111.75 27.72
N PHE V 23 42.60 -110.55 27.61
CA PHE V 23 41.36 -110.19 28.31
C PHE V 23 41.54 -110.36 29.81
N SER V 24 42.47 -109.59 30.37
CA SER V 24 42.86 -109.70 31.77
C SER V 24 42.85 -108.31 32.41
N LEU V 25 42.28 -108.23 33.60
CA LEU V 25 42.15 -106.95 34.31
C LEU V 25 43.48 -106.56 34.94
N VAL V 26 44.08 -105.47 34.43
CA VAL V 26 45.27 -104.92 35.06
C VAL V 26 44.91 -104.38 36.45
N ASP V 27 45.91 -104.32 37.31
CA ASP V 27 45.76 -103.84 38.68
C ASP V 27 46.66 -102.63 38.88
N PRO V 28 46.33 -101.74 39.82
CA PRO V 28 47.12 -100.52 39.98
C PRO V 28 48.48 -100.74 40.63
N GLN V 29 48.67 -101.85 41.35
CA GLN V 29 49.91 -102.05 42.09
C GLN V 29 51.09 -102.33 41.17
N ASN V 30 50.89 -103.14 40.13
CA ASN V 30 51.95 -103.49 39.20
C ASN V 30 51.45 -103.25 37.78
N PRO V 31 51.93 -102.22 37.09
CA PRO V 31 51.57 -102.04 35.69
C PRO V 31 52.47 -102.85 34.78
N PRO V 32 51.91 -103.70 33.93
CA PRO V 32 52.71 -104.34 32.88
C PRO V 32 53.17 -103.33 31.85
N ALA V 33 53.98 -103.81 30.90
CA ALA V 33 54.56 -102.94 29.89
C ALA V 33 54.14 -103.35 28.49
N THR V 34 52.86 -103.66 28.30
CA THR V 34 52.33 -104.07 27.00
C THR V 34 51.43 -102.97 26.45
N PHE V 35 51.62 -102.66 25.16
CA PHE V 35 50.95 -101.51 24.56
C PHE V 35 49.43 -101.66 24.53
N TRP V 36 48.94 -102.84 24.17
CA TRP V 36 47.51 -103.03 23.88
C TRP V 36 46.75 -103.43 25.15
N THR V 37 46.60 -102.46 26.05
CA THR V 37 45.78 -102.63 27.26
C THR V 37 44.82 -101.45 27.37
N ILE V 38 43.68 -101.50 26.67
CA ILE V 38 42.75 -100.31 26.65
C ILE V 38 42.50 -99.77 28.05
N ASN V 39 42.55 -98.44 28.23
CA ASN V 39 42.19 -97.87 29.55
C ASN V 39 40.66 -97.76 29.54
N ILE V 40 39.99 -98.72 30.17
CA ILE V 40 38.49 -98.81 30.12
C ILE V 40 37.75 -97.67 30.82
N ASP V 41 38.23 -97.19 31.96
CA ASP V 41 37.39 -96.22 32.73
C ASP V 41 37.03 -94.97 31.92
N SER V 42 38.00 -94.31 31.30
CA SER V 42 37.65 -93.07 30.60
C SER V 42 36.73 -93.39 29.41
N MET V 43 37.06 -94.41 28.62
CA MET V 43 36.27 -94.74 27.39
C MET V 43 34.85 -95.17 27.78
N PHE V 44 34.70 -95.93 28.87
CA PHE V 44 33.36 -96.43 29.28
C PHE V 44 32.45 -95.24 29.59
N PHE V 45 32.94 -94.28 30.39
CA PHE V 45 32.14 -93.07 30.69
C PHE V 45 32.00 -92.22 29.43
N SER V 46 33.03 -92.17 28.59
CA SER V 46 33.02 -91.29 27.40
C SER V 46 31.91 -91.63 26.39
N VAL V 47 31.67 -92.90 26.07
CA VAL V 47 30.68 -93.21 24.99
C VAL V 47 29.29 -93.14 25.62
N VAL V 48 29.18 -93.48 26.90
CA VAL V 48 27.93 -93.29 27.64
C VAL V 48 27.44 -91.84 27.51
N LEU V 49 28.36 -90.89 27.65
CA LEU V 49 27.97 -89.49 27.52
C LEU V 49 27.52 -89.17 26.10
N GLY V 50 28.20 -89.72 25.09
CA GLY V 50 27.76 -89.52 23.72
C GLY V 50 26.40 -90.14 23.46
N LEU V 51 26.14 -91.31 24.04
CA LEU V 51 24.83 -91.93 23.92
C LEU V 51 23.74 -91.08 24.55
N LEU V 52 24.02 -90.50 25.72
CA LEU V 52 23.04 -89.62 26.35
C LEU V 52 22.77 -88.41 25.46
N PHE V 53 23.82 -87.82 24.90
CA PHE V 53 23.65 -86.68 24.00
C PHE V 53 22.77 -87.05 22.80
N LEU V 54 23.09 -88.16 22.14
CA LEU V 54 22.33 -88.57 20.96
C LEU V 54 20.88 -88.86 21.33
N VAL V 55 20.67 -89.50 22.49
CA VAL V 55 19.32 -89.86 22.91
C VAL V 55 18.49 -88.60 23.16
N LEU V 56 19.06 -87.63 23.87
CA LEU V 56 18.31 -86.41 24.17
C LEU V 56 18.01 -85.63 22.91
N PHE V 57 19.00 -85.47 22.04
CA PHE V 57 18.78 -84.70 20.82
C PHE V 57 17.76 -85.37 19.92
N ARG V 58 17.76 -86.71 19.86
CA ARG V 58 16.74 -87.38 19.08
C ARG V 58 15.37 -87.27 19.75
N SER V 59 15.32 -87.37 21.08
CA SER V 59 14.05 -87.31 21.80
C SER V 59 13.39 -85.95 21.67
N VAL V 60 14.16 -84.90 21.39
CA VAL V 60 13.58 -83.59 21.13
C VAL V 60 13.31 -83.36 19.65
N ALA V 61 14.24 -83.79 18.79
CA ALA V 61 14.05 -83.63 17.35
C ALA V 61 12.83 -84.39 16.85
N LYS V 62 12.48 -85.50 17.51
CA LYS V 62 11.39 -86.35 17.05
C LYS V 62 10.02 -85.72 17.25
N LYS V 63 9.92 -84.60 17.98
CA LYS V 63 8.63 -84.00 18.29
C LYS V 63 8.53 -82.50 18.05
N ALA V 64 9.65 -81.78 17.95
CA ALA V 64 9.64 -80.32 17.93
C ALA V 64 8.71 -79.77 16.85
N THR V 65 7.87 -78.82 17.24
CA THR V 65 6.93 -78.16 16.35
C THR V 65 7.20 -76.66 16.32
N SER V 66 6.76 -76.01 15.26
CA SER V 66 6.90 -74.56 15.10
C SER V 66 5.85 -73.78 15.87
N GLY V 67 5.03 -74.45 16.66
CA GLY V 67 4.01 -73.81 17.47
C GLY V 67 4.58 -73.26 18.77
N VAL V 68 3.79 -73.38 19.83
CA VAL V 68 4.22 -72.94 21.15
C VAL V 68 5.35 -73.87 21.62
N PRO V 69 6.56 -73.34 21.84
CA PRO V 69 7.66 -74.20 22.27
C PRO V 69 7.53 -74.58 23.73
N GLY V 70 7.94 -75.82 24.03
CA GLY V 70 7.96 -76.29 25.40
C GLY V 70 9.15 -75.75 26.18
N LYS V 71 9.12 -75.99 27.50
CA LYS V 71 10.23 -75.58 28.34
C LYS V 71 11.46 -76.44 28.11
N PHE V 72 11.26 -77.72 27.79
CA PHE V 72 12.36 -78.65 27.54
C PHE V 72 13.00 -78.40 26.17
N GLN V 73 12.17 -78.23 25.13
CA GLN V 73 12.68 -78.02 23.78
C GLN V 73 13.50 -76.74 23.67
N THR V 74 13.25 -75.77 24.56
CA THR V 74 13.88 -74.46 24.41
C THR V 74 15.39 -74.51 24.62
N ALA V 75 15.87 -75.35 25.54
CA ALA V 75 17.31 -75.44 25.74
C ALA V 75 18.01 -76.00 24.50
N ILE V 76 17.41 -77.00 23.87
CA ILE V 76 18.01 -77.58 22.68
C ILE V 76 17.94 -76.60 21.51
N GLU V 77 16.83 -75.87 21.38
CA GLU V 77 16.77 -74.86 20.31
C GLU V 77 17.83 -73.78 20.54
N LEU V 78 18.06 -73.42 21.81
CA LEU V 78 19.07 -72.41 22.11
C LEU V 78 20.47 -72.90 21.78
N VAL V 79 20.78 -74.16 22.10
CA VAL V 79 22.13 -74.66 21.83
C VAL V 79 22.34 -74.82 20.32
N ILE V 80 21.31 -75.26 19.60
CA ILE V 80 21.39 -75.35 18.15
C ILE V 80 21.62 -73.97 17.56
N GLY V 81 20.90 -72.97 18.05
CA GLY V 81 21.09 -71.61 17.56
C GLY V 81 22.47 -71.06 17.88
N PHE V 82 23.00 -71.37 19.06
CA PHE V 82 24.32 -70.89 19.43
C PHE V 82 25.40 -71.50 18.53
N VAL V 83 25.34 -72.81 18.33
CA VAL V 83 26.32 -73.47 17.47
C VAL V 83 26.21 -72.97 16.04
N ASN V 84 24.96 -72.87 15.55
CA ASN V 84 24.75 -72.41 14.18
C ASN V 84 25.24 -70.98 14.00
N GLY V 85 25.01 -70.12 14.99
CA GLY V 85 25.48 -68.76 14.90
C GLY V 85 26.99 -68.66 14.93
N SER V 86 27.65 -69.48 15.74
CA SER V 86 29.11 -69.49 15.74
C SER V 86 29.66 -69.95 14.39
N VAL V 87 29.05 -71.00 13.82
CA VAL V 87 29.50 -71.51 12.53
C VAL V 87 29.30 -70.45 11.44
N LYS V 88 28.11 -69.86 11.40
CA LYS V 88 27.83 -68.82 10.41
C LYS V 88 28.74 -67.61 10.60
N ASP V 89 29.17 -67.35 11.84
CA ASP V 89 30.12 -66.27 12.07
C ASP V 89 31.48 -66.61 11.47
N MET V 90 31.96 -67.85 11.68
CA MET V 90 33.31 -68.20 11.28
C MET V 90 33.38 -69.25 10.17
N TYR V 91 32.30 -69.45 9.41
CA TYR V 91 32.36 -70.34 8.25
C TYR V 91 31.31 -69.91 7.24
N HIS V 92 31.72 -69.79 5.97
CA HIS V 92 30.83 -69.39 4.89
C HIS V 92 30.61 -70.44 3.83
N GLY V 93 31.35 -71.54 3.85
CA GLY V 93 31.27 -72.55 2.82
C GLY V 93 29.97 -73.35 2.85
N LYS V 94 29.84 -74.23 1.86
CA LYS V 94 28.64 -75.06 1.68
C LYS V 94 28.73 -76.40 2.38
N SER V 95 29.87 -76.73 3.01
CA SER V 95 30.03 -78.05 3.60
C SER V 95 29.04 -78.27 4.73
N LYS V 96 28.21 -79.31 4.59
CA LYS V 96 27.26 -79.68 5.64
C LYS V 96 27.94 -80.34 6.83
N LEU V 97 29.23 -80.69 6.69
CA LEU V 97 29.92 -81.41 7.76
C LEU V 97 30.20 -80.51 8.96
N ILE V 98 30.53 -79.24 8.71
CA ILE V 98 31.13 -78.40 9.74
C ILE V 98 30.21 -78.24 10.94
N ALA V 99 28.96 -77.86 10.70
CA ALA V 99 28.07 -77.52 11.81
C ALA V 99 27.75 -78.70 12.72
N PRO V 100 27.31 -79.87 12.23
CA PRO V 100 27.10 -80.99 13.15
C PRO V 100 28.38 -81.46 13.83
N LEU V 101 29.52 -81.37 13.15
CA LEU V 101 30.79 -81.71 13.78
C LEU V 101 31.06 -80.80 14.98
N ALA V 102 30.89 -79.50 14.78
CA ALA V 102 31.09 -78.55 15.88
C ALA V 102 30.09 -78.79 17.00
N LEU V 103 28.83 -79.08 16.65
CA LEU V 103 27.83 -79.33 17.67
C LEU V 103 28.19 -80.56 18.50
N THR V 104 28.58 -81.64 17.83
CA THR V 104 28.99 -82.85 18.54
C THR V 104 30.20 -82.58 19.42
N ILE V 105 31.19 -81.86 18.90
CA ILE V 105 32.38 -81.56 19.68
C ILE V 105 32.00 -80.80 20.95
N PHE V 106 31.21 -79.73 20.79
CA PHE V 106 30.85 -78.90 21.93
C PHE V 106 30.09 -79.72 22.98
N VAL V 107 29.04 -80.41 22.56
CA VAL V 107 28.20 -81.10 23.53
C VAL V 107 28.97 -82.24 24.20
N TRP V 108 29.70 -83.04 23.42
CA TRP V 108 30.42 -84.17 23.98
C TRP V 108 31.52 -83.70 24.93
N VAL V 109 32.26 -82.67 24.55
CA VAL V 109 33.33 -82.18 25.43
C VAL V 109 32.75 -81.59 26.70
N PHE V 110 31.63 -80.88 26.59
CA PHE V 110 30.97 -80.35 27.77
C PHE V 110 30.52 -81.47 28.71
N LEU V 111 29.95 -82.53 28.14
CA LEU V 111 29.51 -83.66 28.94
C LEU V 111 30.67 -84.36 29.62
N MET V 112 31.78 -84.55 28.90
CA MET V 112 32.94 -85.22 29.48
C MET V 112 33.49 -84.42 30.65
N ASN V 113 33.60 -83.10 30.50
CA ASN V 113 34.16 -82.27 31.56
C ASN V 113 33.26 -82.25 32.79
N LEU V 114 31.94 -82.30 32.58
CA LEU V 114 31.00 -82.21 33.70
C LEU V 114 31.22 -83.31 34.72
N MET V 115 31.74 -84.46 34.30
CA MET V 115 31.98 -85.57 35.22
C MET V 115 32.90 -85.18 36.37
N ASP V 116 33.78 -84.20 36.16
CA ASP V 116 34.73 -83.80 37.19
C ASP V 116 34.06 -83.17 38.40
N LEU V 117 32.89 -82.54 38.21
CA LEU V 117 32.21 -81.89 39.34
C LEU V 117 31.76 -82.89 40.39
N LEU V 118 31.48 -84.13 39.96
CA LEU V 118 30.96 -85.14 40.87
C LEU V 118 31.98 -85.44 41.97
N PRO V 119 31.51 -85.94 43.12
CA PRO V 119 32.44 -86.38 44.16
C PRO V 119 33.43 -87.40 43.62
N ILE V 120 34.71 -87.20 43.95
CA ILE V 120 35.79 -87.97 43.34
C ILE V 120 35.68 -89.44 43.70
N ASP V 121 35.24 -89.76 44.93
CA ASP V 121 35.25 -91.13 45.40
C ASP V 121 33.94 -91.88 45.21
N LEU V 122 32.86 -91.21 44.81
CA LEU V 122 31.56 -91.86 44.78
C LEU V 122 31.56 -93.04 43.82
N LEU V 123 31.72 -92.77 42.53
CA LEU V 123 31.74 -93.80 41.50
C LEU V 123 32.90 -94.77 41.67
N PRO V 124 34.13 -94.32 41.98
CA PRO V 124 35.19 -95.30 42.24
C PRO V 124 34.92 -96.21 43.42
N TYR V 125 34.36 -95.69 44.51
CA TYR V 125 33.99 -96.54 45.65
C TYR V 125 32.94 -97.56 45.25
N ILE V 126 31.93 -97.10 44.49
CA ILE V 126 30.90 -98.01 44.00
C ILE V 126 31.50 -99.12 43.16
N ALA V 127 32.37 -98.75 42.20
CA ALA V 127 32.93 -99.73 41.29
C ALA V 127 33.81 -100.72 42.03
N GLU V 128 34.60 -100.24 42.99
CA GLU V 128 35.48 -101.15 43.74
C GLU V 128 34.67 -102.10 44.60
N HIS V 129 33.73 -101.58 45.39
CA HIS V 129 33.06 -102.41 46.38
C HIS V 129 31.94 -103.24 45.74
N VAL V 130 30.94 -102.59 45.14
CA VAL V 130 29.78 -103.30 44.65
C VAL V 130 30.18 -104.25 43.52
N LEU V 131 30.91 -103.73 42.52
CA LEU V 131 31.32 -104.55 41.39
C LEU V 131 32.55 -105.39 41.71
N GLY V 132 33.67 -104.73 42.03
CA GLY V 132 34.93 -105.39 42.23
C GLY V 132 36.02 -105.00 41.25
N LEU V 133 35.84 -103.94 40.48
CA LEU V 133 36.86 -103.51 39.53
C LEU V 133 38.08 -103.00 40.29
N PRO V 134 39.29 -103.33 39.82
CA PRO V 134 40.49 -102.87 40.53
C PRO V 134 40.68 -101.36 40.55
N ALA V 135 40.24 -100.65 39.52
CA ALA V 135 40.51 -99.22 39.43
C ALA V 135 39.42 -98.54 38.61
N LEU V 136 39.30 -97.23 38.79
CA LEU V 136 38.29 -96.44 38.09
C LEU V 136 38.59 -94.96 38.25
N ARG V 137 38.48 -94.22 37.16
CA ARG V 137 38.41 -92.76 37.20
C ARG V 137 37.45 -92.32 36.11
N VAL V 138 36.52 -91.44 36.48
CA VAL V 138 35.28 -91.27 35.74
C VAL V 138 35.27 -90.03 34.87
N VAL V 139 36.32 -89.20 34.88
CA VAL V 139 36.23 -88.04 33.94
C VAL V 139 36.92 -88.47 32.65
N PRO V 140 36.18 -88.58 31.54
CA PRO V 140 36.75 -89.08 30.29
C PRO V 140 37.78 -88.08 29.75
N SER V 141 37.48 -86.81 29.89
CA SER V 141 38.35 -85.75 29.31
C SER V 141 39.77 -85.81 29.87
N ALA V 142 39.91 -86.24 31.12
CA ALA V 142 41.25 -86.28 31.74
C ALA V 142 42.11 -87.31 30.99
N ASP V 143 41.51 -88.15 30.16
CA ASP V 143 42.33 -89.09 29.35
C ASP V 143 43.07 -88.31 28.28
N VAL V 144 44.38 -88.49 28.16
CA VAL V 144 45.16 -87.85 27.06
C VAL V 144 44.65 -88.42 25.75
N ASN V 145 44.39 -89.73 25.72
CA ASN V 145 43.99 -90.40 24.46
C ASN V 145 42.69 -89.79 23.94
N VAL V 146 41.71 -89.56 24.80
CA VAL V 146 40.41 -89.07 24.25
C VAL V 146 40.72 -87.73 23.61
N THR V 147 41.54 -86.92 24.26
CA THR V 147 41.86 -85.58 23.72
C THR V 147 42.64 -85.74 22.41
N LEU V 148 43.68 -86.56 22.40
CA LEU V 148 44.55 -86.72 21.23
C LEU V 148 43.83 -87.37 20.07
N SER V 149 42.93 -88.32 20.33
CA SER V 149 42.17 -88.92 19.25
C SER V 149 41.27 -87.89 18.58
N MET V 150 40.62 -87.04 19.39
CA MET V 150 39.77 -86.00 18.81
C MET V 150 40.59 -84.97 18.04
N ALA V 151 41.74 -84.57 18.60
CA ALA V 151 42.59 -83.61 17.92
C ALA V 151 43.15 -84.16 16.62
N LEU V 152 43.54 -85.44 16.60
CA LEU V 152 44.05 -86.04 15.38
C LEU V 152 42.97 -86.23 14.34
N GLY V 153 41.75 -86.56 14.75
CA GLY V 153 40.63 -86.57 13.82
C GLY V 153 40.39 -85.21 13.21
N VAL V 154 40.46 -84.16 14.03
CA VAL V 154 40.31 -82.81 13.50
C VAL V 154 41.46 -82.47 12.54
N PHE V 155 42.68 -82.93 12.85
CA PHE V 155 43.81 -82.70 11.95
C PHE V 155 43.63 -83.44 10.63
N ILE V 156 43.09 -84.66 10.68
CA ILE V 156 42.79 -85.41 9.47
C ILE V 156 41.76 -84.66 8.64
N LEU V 157 40.73 -84.11 9.30
CA LEU V 157 39.74 -83.31 8.59
C LEU V 157 40.38 -82.08 7.97
N ILE V 158 41.32 -81.45 8.67
CA ILE V 158 42.02 -80.28 8.13
C ILE V 158 42.80 -80.65 6.88
N LEU V 159 43.51 -81.77 6.93
CA LEU V 159 44.25 -82.23 5.76
C LEU V 159 43.33 -82.53 4.59
N PHE V 160 42.22 -83.20 4.85
CA PHE V 160 41.24 -83.47 3.81
C PHE V 160 40.74 -82.18 3.18
N TYR V 161 40.40 -81.18 4.00
CA TYR V 161 39.91 -79.91 3.46
C TYR V 161 40.99 -79.20 2.65
N SER V 162 42.23 -79.19 3.15
CA SER V 162 43.32 -78.57 2.41
C SER V 162 43.52 -79.23 1.06
N ILE V 163 43.41 -80.56 1.01
CA ILE V 163 43.59 -81.29 -0.25
C ILE V 163 42.42 -81.03 -1.19
N LYS V 164 41.20 -80.95 -0.65
CA LYS V 164 40.03 -80.93 -1.52
C LYS V 164 39.56 -79.53 -1.86
N MET V 165 39.15 -78.75 -0.87
CA MET V 165 38.67 -77.40 -1.13
C MET V 165 39.83 -76.47 -1.44
N LYS V 166 40.84 -76.45 -0.56
CA LYS V 166 42.00 -75.60 -0.77
C LYS V 166 42.83 -76.10 -1.94
N GLY V 167 42.93 -77.41 -2.10
CA GLY V 167 43.66 -77.99 -3.21
C GLY V 167 45.04 -78.49 -2.82
N ILE V 168 45.46 -79.60 -3.43
CA ILE V 168 46.80 -80.10 -3.19
C ILE V 168 47.84 -79.19 -3.83
N GLY V 169 47.54 -78.67 -5.02
CA GLY V 169 48.41 -77.66 -5.60
C GLY V 169 48.48 -76.41 -4.75
N GLY V 170 47.33 -75.94 -4.28
CA GLY V 170 47.28 -74.81 -3.37
C GLY V 170 47.83 -75.09 -1.99
N PHE V 171 48.12 -76.36 -1.69
CA PHE V 171 48.77 -76.76 -0.46
C PHE V 171 50.29 -76.79 -0.60
N THR V 172 50.78 -77.38 -1.70
CA THR V 172 52.20 -77.35 -1.99
C THR V 172 52.69 -75.94 -2.24
N LYS V 173 51.87 -75.12 -2.92
CA LYS V 173 52.24 -73.73 -3.17
C LYS V 173 52.43 -72.98 -1.86
N GLU V 174 51.46 -73.11 -0.95
CA GLU V 174 51.55 -72.43 0.34
C GLU V 174 52.72 -72.95 1.16
N LEU V 175 52.91 -74.27 1.19
CA LEU V 175 54.00 -74.84 1.99
C LEU V 175 55.36 -74.39 1.49
N THR V 176 55.57 -74.40 0.18
CA THR V 176 56.87 -74.03 -0.38
C THR V 176 57.09 -72.52 -0.30
N LEU V 177 56.20 -71.74 -0.92
CA LEU V 177 56.43 -70.31 -1.04
C LEU V 177 56.24 -69.58 0.28
N GLN V 178 55.04 -69.66 0.86
CA GLN V 178 54.71 -68.84 2.02
C GLN V 178 55.49 -69.30 3.25
N PRO V 179 55.79 -68.39 4.19
CA PRO V 179 55.44 -66.96 4.21
C PRO V 179 56.42 -66.03 3.51
N PHE V 180 57.61 -66.51 3.15
CA PHE V 180 58.62 -65.63 2.57
C PHE V 180 58.64 -65.62 1.05
N ASN V 181 58.04 -66.62 0.40
CA ASN V 181 57.73 -66.62 -1.04
C ASN V 181 58.98 -66.76 -1.91
N HIS V 182 60.18 -66.67 -1.33
CA HIS V 182 61.40 -66.79 -2.11
C HIS V 182 61.98 -68.21 -2.00
N TRP V 183 62.61 -68.66 -3.10
CA TRP V 183 63.15 -70.02 -3.14
C TRP V 183 64.24 -70.24 -2.10
N ALA V 184 64.96 -69.17 -1.71
CA ALA V 184 65.96 -69.30 -0.66
C ALA V 184 65.31 -69.72 0.65
N PHE V 185 64.11 -69.22 0.92
CA PHE V 185 63.40 -69.53 2.15
C PHE V 185 62.49 -70.75 2.04
N ILE V 186 62.32 -71.31 0.84
CA ILE V 186 61.38 -72.43 0.67
C ILE V 186 61.70 -73.59 1.61
N PRO V 187 62.94 -74.06 1.74
CA PRO V 187 63.20 -75.08 2.77
C PRO V 187 62.82 -74.64 4.17
N VAL V 188 63.05 -73.37 4.50
CA VAL V 188 62.63 -72.83 5.79
C VAL V 188 61.11 -72.74 5.86
N ASN V 189 60.49 -72.37 4.74
CA ASN V 189 59.03 -72.26 4.70
C ASN V 189 58.36 -73.60 4.98
N LEU V 190 58.90 -74.68 4.40
CA LEU V 190 58.32 -76.01 4.64
C LEU V 190 58.36 -76.36 6.12
N ILE V 191 59.50 -76.10 6.76
CA ILE V 191 59.65 -76.45 8.18
C ILE V 191 58.71 -75.63 9.03
N LEU V 192 58.62 -74.31 8.77
CA LEU V 192 57.76 -73.47 9.58
C LEU V 192 56.29 -73.87 9.42
N GLU V 193 55.86 -74.12 8.18
CA GLU V 193 54.47 -74.49 7.94
C GLU V 193 54.15 -75.82 8.59
N GLY V 194 55.04 -76.81 8.47
CA GLY V 194 54.79 -78.09 9.10
C GLY V 194 54.73 -77.99 10.62
N VAL V 195 55.64 -77.21 11.20
CA VAL V 195 55.67 -77.07 12.65
C VAL V 195 54.38 -76.42 13.15
N SER V 196 53.93 -75.35 12.49
CA SER V 196 52.69 -74.71 12.92
C SER V 196 51.49 -75.63 12.71
N LEU V 197 51.46 -76.34 11.59
CA LEU V 197 50.35 -77.22 11.27
C LEU V 197 50.21 -78.32 12.31
N LEU V 198 51.32 -78.94 12.69
CA LEU V 198 51.25 -79.96 13.73
C LEU V 198 51.06 -79.34 15.11
N SER V 199 51.45 -78.08 15.30
CA SER V 199 51.29 -77.44 16.60
C SER V 199 49.82 -77.22 16.93
N LYS V 200 49.01 -76.87 15.91
CA LYS V 200 47.61 -76.53 16.17
C LYS V 200 46.83 -77.65 16.86
N PRO V 201 46.73 -78.87 16.32
CA PRO V 201 45.89 -79.87 16.99
C PRO V 201 46.51 -80.39 18.27
N VAL V 202 47.84 -80.47 18.34
CA VAL V 202 48.50 -80.81 19.59
C VAL V 202 48.14 -79.79 20.65
N SER V 203 48.11 -78.51 20.27
CA SER V 203 47.70 -77.48 21.21
C SER V 203 46.27 -77.68 21.68
N LEU V 204 45.35 -78.01 20.77
CA LEU V 204 43.97 -78.24 21.17
C LEU V 204 43.87 -79.40 22.18
N GLY V 205 44.43 -80.56 21.81
CA GLY V 205 44.26 -81.74 22.64
C GLY V 205 44.95 -81.61 23.98
N LEU V 206 46.18 -81.10 23.99
CA LEU V 206 46.90 -80.99 25.23
C LEU V 206 46.38 -79.85 26.09
N ARG V 207 45.78 -78.81 25.51
CA ARG V 207 45.11 -77.80 26.32
C ARG V 207 43.93 -78.40 27.06
N LEU V 208 43.08 -79.14 26.35
CA LEU V 208 41.94 -79.75 27.01
C LEU V 208 42.37 -80.73 28.09
N PHE V 209 43.35 -81.59 27.76
CA PHE V 209 43.82 -82.57 28.73
C PHE V 209 44.43 -81.88 29.94
N GLY V 210 45.22 -80.82 29.73
CA GLY V 210 45.80 -80.13 30.86
C GLY V 210 44.75 -79.54 31.77
N ASN V 211 43.73 -78.91 31.20
CA ASN V 211 42.67 -78.33 32.03
C ASN V 211 41.99 -79.40 32.88
N MET V 212 41.52 -80.46 32.21
CA MET V 212 40.76 -81.49 32.94
C MET V 212 41.64 -82.21 33.95
N TYR V 213 42.86 -82.55 33.57
CA TYR V 213 43.78 -83.26 34.45
C TYR V 213 44.13 -82.42 35.66
N ALA V 214 44.40 -81.12 35.47
CA ALA V 214 44.77 -80.26 36.58
C ALA V 214 43.57 -79.81 37.39
N GLY V 215 42.35 -80.11 36.97
CA GLY V 215 41.23 -79.91 37.87
C GLY V 215 40.97 -81.17 38.67
N GLU V 216 41.09 -82.32 38.00
CA GLU V 216 40.86 -83.59 38.68
C GLU V 216 41.90 -83.82 39.77
N LEU V 217 43.16 -83.53 39.48
CA LEU V 217 44.20 -83.74 40.50
C LEU V 217 44.01 -82.79 41.67
N ILE V 218 43.54 -81.57 41.42
CA ILE V 218 43.27 -80.64 42.51
C ILE V 218 42.16 -81.20 43.41
N PHE V 219 41.09 -81.73 42.80
CA PHE V 219 40.04 -82.34 43.61
C PHE V 219 40.57 -83.52 44.41
N ILE V 220 41.43 -84.33 43.80
CA ILE V 220 41.96 -85.51 44.48
C ILE V 220 42.85 -85.10 45.66
N LEU V 221 43.68 -84.09 45.46
CA LEU V 221 44.54 -83.60 46.54
C LEU V 221 43.70 -83.03 47.68
N ILE V 222 42.68 -82.23 47.35
CA ILE V 222 41.81 -81.67 48.38
C ILE V 222 41.13 -82.77 49.18
N ALA V 223 40.66 -83.82 48.49
CA ALA V 223 40.05 -84.94 49.19
C ALA V 223 41.04 -85.68 50.08
N GLY V 224 42.25 -85.94 49.56
CA GLY V 224 43.17 -86.82 50.26
C GLY V 224 43.89 -86.18 51.42
N LEU V 225 44.18 -84.88 51.33
CA LEU V 225 45.04 -84.25 52.33
C LEU V 225 44.27 -83.68 53.52
N LEU V 226 43.25 -82.90 53.26
CA LEU V 226 42.58 -82.12 54.31
C LEU V 226 41.65 -83.00 55.13
N PRO V 227 41.49 -82.71 56.42
CA PRO V 227 40.48 -83.40 57.22
C PRO V 227 39.08 -83.04 56.76
N TRP V 228 38.14 -83.97 56.96
CA TRP V 228 36.78 -83.85 56.43
C TRP V 228 36.14 -82.52 56.80
N TRP V 229 36.29 -82.08 58.05
CA TRP V 229 35.63 -80.86 58.51
C TRP V 229 36.12 -79.61 57.77
N SER V 230 37.33 -79.66 57.21
CA SER V 230 37.92 -78.49 56.56
C SER V 230 37.91 -78.56 55.04
N GLN V 231 37.49 -79.68 54.45
CA GLN V 231 37.58 -79.83 53.00
C GLN V 231 36.68 -78.84 52.26
N TRP V 232 35.48 -78.59 52.79
CA TRP V 232 34.50 -77.79 52.06
C TRP V 232 34.99 -76.37 51.77
N ILE V 233 35.78 -75.78 52.69
CA ILE V 233 36.16 -74.38 52.52
C ILE V 233 37.13 -74.17 51.37
N LEU V 234 37.76 -75.24 50.87
CA LEU V 234 38.60 -75.16 49.69
C LEU V 234 38.05 -75.93 48.50
N ASN V 235 37.19 -76.92 48.74
CA ASN V 235 36.57 -77.66 47.64
C ASN V 235 35.51 -76.82 46.94
N VAL V 236 34.63 -76.18 47.72
CA VAL V 236 33.54 -75.40 47.12
C VAL V 236 34.05 -74.25 46.27
N PRO V 237 35.01 -73.43 46.71
CA PRO V 237 35.50 -72.36 45.83
C PRO V 237 36.13 -72.86 44.55
N TRP V 238 36.54 -74.13 44.49
CA TRP V 238 37.17 -74.67 43.31
C TRP V 238 36.15 -75.20 42.29
N ALA V 239 35.07 -75.84 42.73
CA ALA V 239 34.07 -76.34 41.80
C ALA V 239 33.35 -75.20 41.08
N ILE V 240 33.08 -74.10 41.79
CA ILE V 240 32.48 -72.93 41.15
C ILE V 240 33.38 -72.43 40.04
N PHE V 241 34.69 -72.40 40.28
CA PHE V 241 35.65 -72.01 39.26
C PHE V 241 35.68 -73.00 38.11
N HIS V 242 35.64 -74.30 38.43
CA HIS V 242 35.75 -75.32 37.40
C HIS V 242 34.51 -75.42 36.52
N ILE V 243 33.36 -74.94 36.99
CA ILE V 243 32.19 -74.88 36.12
C ILE V 243 32.46 -73.93 34.95
N LEU V 244 32.93 -72.72 35.27
CA LEU V 244 33.33 -71.78 34.23
C LEU V 244 34.48 -72.35 33.41
N ILE V 245 35.39 -73.07 34.05
CA ILE V 245 36.51 -73.66 33.34
C ILE V 245 36.04 -74.64 32.27
N ILE V 246 35.11 -75.53 32.63
CA ILE V 246 34.66 -76.55 31.69
C ILE V 246 33.84 -75.93 30.58
N THR V 247 32.99 -74.94 30.92
CA THR V 247 32.24 -74.25 29.87
C THR V 247 33.19 -73.57 28.89
N LEU V 248 34.15 -72.82 29.43
CA LEU V 248 35.10 -72.11 28.58
C LEU V 248 35.91 -73.08 27.73
N GLN V 249 36.32 -74.20 28.30
CA GLN V 249 37.15 -75.13 27.54
C GLN V 249 36.38 -75.85 26.44
N ALA V 250 35.10 -76.16 26.67
CA ALA V 250 34.31 -76.74 25.59
C ALA V 250 34.08 -75.70 24.49
N PHE V 251 33.80 -74.46 24.89
CA PHE V 251 33.62 -73.39 23.91
C PHE V 251 34.89 -73.18 23.11
N ILE V 252 36.05 -73.19 23.78
CA ILE V 252 37.32 -73.00 23.11
C ILE V 252 37.59 -74.13 22.12
N PHE V 253 37.32 -75.37 22.52
CA PHE V 253 37.56 -76.47 21.60
C PHE V 253 36.69 -76.33 20.36
N MET V 254 35.39 -76.08 20.54
CA MET V 254 34.50 -75.92 19.39
C MET V 254 34.95 -74.80 18.48
N VAL V 255 35.17 -73.61 19.05
CA VAL V 255 35.45 -72.43 18.23
C VAL V 255 36.80 -72.59 17.53
N LEU V 256 37.81 -73.13 18.22
CA LEU V 256 39.11 -73.30 17.58
C LEU V 256 39.06 -74.33 16.47
N THR V 257 38.27 -75.39 16.65
CA THR V 257 38.08 -76.35 15.56
C THR V 257 37.45 -75.66 14.36
N ILE V 258 36.43 -74.83 14.60
CA ILE V 258 35.79 -74.08 13.53
C ILE V 258 36.80 -73.18 12.81
N VAL V 259 37.61 -72.48 13.60
CA VAL V 259 38.59 -71.55 13.02
C VAL V 259 39.58 -72.30 12.16
N TYR V 260 40.10 -73.42 12.65
CA TYR V 260 41.09 -74.16 11.89
C TYR V 260 40.50 -74.71 10.60
N LEU V 261 39.29 -75.26 10.67
CA LEU V 261 38.66 -75.79 9.47
C LEU V 261 38.36 -74.69 8.46
N SER V 262 37.92 -73.52 8.93
CA SER V 262 37.63 -72.43 8.01
C SER V 262 38.89 -71.89 7.37
N MET V 263 39.99 -71.81 8.13
CA MET V 263 41.25 -71.36 7.57
C MET V 263 41.84 -72.37 6.60
N ALA V 264 41.61 -73.66 6.83
CA ALA V 264 42.07 -74.68 5.90
C ALA V 264 41.27 -74.63 4.60
N SER V 265 39.95 -74.49 4.72
CA SER V 265 39.09 -74.57 3.53
C SER V 265 39.19 -73.29 2.70
N GLU V 266 38.85 -72.16 3.31
CA GLU V 266 38.86 -70.89 2.59
C GLU V 266 40.21 -70.19 2.74
PG ATP W . 7.71 35.16 -21.16
O1G ATP W . 7.96 36.10 -20.02
O2G ATP W . 7.38 35.85 -22.45
O3G ATP W . 6.74 34.07 -20.82
PB ATP W . 9.25 33.32 -22.59
O1B ATP W . 8.55 32.08 -22.18
O2B ATP W . 8.91 33.97 -23.88
O3B ATP W . 9.07 34.41 -21.45
PA ATP W . 11.91 34.10 -23.11
O1A ATP W . 11.69 35.42 -22.44
O2A ATP W . 11.89 34.04 -24.59
O3A ATP W . 10.83 33.09 -22.53
O5' ATP W . 13.26 33.45 -22.56
C5' ATP W . 13.32 33.18 -21.15
C4' ATP W . 14.73 32.75 -20.80
O4' ATP W . 15.08 31.63 -21.64
C3' ATP W . 15.83 33.79 -21.04
O3' ATP W . 16.79 33.67 -20.00
C2' ATP W . 16.46 33.29 -22.34
O2' ATP W . 17.78 33.75 -22.54
C1' ATP W . 16.40 31.79 -22.08
N9 ATP W . 16.58 30.99 -23.27
C8 ATP W . 15.71 30.85 -24.31
N7 ATP W . 16.16 30.03 -25.23
C5 ATP W . 17.39 29.61 -24.76
C6 ATP W . 18.34 28.72 -25.28
N6 ATP W . 18.22 28.09 -26.45
N1 ATP W . 19.47 28.53 -24.54
C2 ATP W . 19.58 29.17 -23.38
N3 ATP W . 18.74 30.02 -22.79
C4 ATP W . 17.64 30.19 -23.55
MG MG X . 7.19 35.90 -24.68
PG ATP Y . -28.06 4.41 -21.16
O1G ATP Y . -27.39 5.46 -20.36
O2G ATP Y . -29.57 4.57 -21.20
O3G ATP Y . -27.54 4.28 -22.59
PB ATP Y . -28.38 2.09 -19.36
O1B ATP Y . -27.79 2.46 -18.06
O2B ATP Y . -29.89 2.20 -19.43
O3B ATP Y . -27.84 2.98 -20.52
PA ATP Y . -28.65 -0.55 -20.62
O1A ATP Y . -29.77 -1.14 -19.86
O2A ATP Y . -29.00 -0.03 -22.01
O3A ATP Y . -27.97 0.64 -19.84
O5' ATP Y . -27.48 -1.59 -20.76
C5' ATP Y . -26.18 -1.18 -21.21
C4' ATP Y . -25.42 -2.40 -21.67
O4' ATP Y . -25.23 -3.31 -20.57
C3' ATP Y . -26.07 -3.20 -22.79
O3' ATP Y . -25.11 -3.67 -23.73
C2' ATP Y . -26.73 -4.37 -22.04
O2' ATP Y . -26.86 -5.51 -22.87
C1' ATP Y . -25.69 -4.59 -20.94
N9 ATP Y . -26.23 -5.25 -19.76
C8 ATP Y . -27.22 -4.81 -18.93
N7 ATP Y . -27.50 -5.61 -17.93
C5 ATP Y . -26.63 -6.68 -18.12
C6 ATP Y . -26.42 -7.87 -17.40
N6 ATP Y . -27.09 -8.21 -16.31
N1 ATP Y . -25.47 -8.71 -17.86
C2 ATP Y . -24.78 -8.38 -18.96
N3 ATP Y . -24.90 -7.29 -19.71
C4 ATP Y . -25.85 -6.47 -19.24
MG MG Z . -31.09 3.55 -20.61
PG ATP AA . -20.17 26.70 18.97
O1G ATP AA . -19.60 26.94 17.62
O2G ATP AA . -20.77 27.96 19.61
O3G ATP AA . -21.21 25.57 19.03
PB ATP AA . -17.70 26.81 20.59
O1B ATP AA . -16.54 26.62 19.71
O2B ATP AA . -17.97 28.26 20.97
O3B ATP AA . -19.03 26.25 19.97
PA ATP AA . -17.95 26.15 23.46
O1A ATP AA . -17.26 27.30 24.09
O2A ATP AA . -19.47 26.18 23.55
O3A ATP AA . -17.57 25.96 21.93
O5' ATP AA . -17.44 24.80 24.10
C5' ATP AA . -17.84 23.52 23.55
C4' ATP AA . -17.77 22.47 24.63
O4' ATP AA . -16.39 22.26 25.02
C3' ATP AA . -18.54 22.80 25.90
O3' ATP AA . -19.24 21.66 26.38
C2' ATP AA . -17.45 23.23 26.87
O2' ATP AA . -17.78 22.95 28.23
C1' ATP AA . -16.29 22.34 26.42
N9 ATP AA . -14.97 22.86 26.77
C8 ATP AA . -14.34 23.94 26.22
N7 ATP AA . -13.16 24.19 26.72
C5 ATP AA . -13.00 23.19 27.68
C6 ATP AA . -11.96 22.90 28.57
N6 ATP AA . -10.83 23.60 28.66
N1 ATP AA . -12.11 21.83 29.39
C2 ATP AA . -13.24 21.13 29.31
N3 ATP AA . -14.30 21.32 28.52
C4 ATP AA . -14.11 22.38 27.72
MG MG BA . -19.83 29.15 20.95
MG MG CA . -10.05 16.78 -36.16
PG ATP DA . -8.84 18.18 -33.73
O1G ATP DA . -9.62 18.25 -34.98
O2G ATP DA . -9.70 18.30 -32.49
O3G ATP DA . -7.68 19.17 -33.67
PB ATP DA . -8.42 15.26 -34.05
O1B ATP DA . -9.35 15.20 -35.18
O2B ATP DA . -8.85 14.48 -32.81
O3B ATP DA . -8.16 16.75 -33.60
PA ATP DA . -6.26 14.23 -35.74
O1A ATP DA . -5.92 15.31 -36.66
O2A ATP DA . -7.16 13.14 -36.31
O3A ATP DA . -6.97 14.76 -34.43
O5' ATP DA . -4.96 13.55 -35.16
C5' ATP DA . -3.99 14.32 -34.41
C4' ATP DA . -2.76 13.48 -34.25
O4' ATP DA . -3.15 12.11 -34.05
C3' ATP DA . -1.84 13.45 -35.46
O3' ATP DA . -0.85 14.47 -35.35
C2' ATP DA . -1.21 12.05 -35.40
O2' ATP DA . 0.17 12.12 -35.04
C1' ATP DA . -2.01 11.33 -34.31
N9 ATP DA . -2.45 9.99 -34.70
C8 ATP DA . -3.74 9.55 -34.83
N7 ATP DA . -3.84 8.29 -35.18
C5 ATP DA . -2.52 7.89 -35.30
C6 ATP DA . -1.94 6.65 -35.66
N6 ATP DA . -2.65 5.56 -35.97
N1 ATP DA . -0.59 6.58 -35.67
C2 ATP DA . 0.12 7.65 -35.36
N3 ATP DA . -0.32 8.87 -35.01
C4 ATP DA . -1.66 8.91 -35.00
PB ADP EA . -34.08 8.29 6.79
O1B ADP EA . -35.49 8.59 7.24
O2B ADP EA . -33.04 8.46 7.88
O3B ADP EA . -33.71 8.89 5.46
PA ADP EA . -34.83 5.72 7.55
O1A ADP EA . -36.25 5.57 7.06
O2A ADP EA . -34.57 6.21 8.95
O3A ADP EA . -34.08 6.71 6.53
O5' ADP EA . -34.04 4.36 7.31
C5' ADP EA . -33.89 3.90 5.97
C4' ADP EA . -33.35 2.47 5.96
O4' ADP EA . -32.14 2.36 6.71
C3' ADP EA . -34.33 1.49 6.58
O3' ADP EA . -35.06 0.82 5.56
C2' ADP EA . -33.47 0.49 7.30
O2' ADP EA . -33.41 -0.72 6.55
C1' ADP EA . -32.08 1.10 7.38
N9 ADP EA . -31.83 1.33 8.82
C8 ADP EA . -31.62 2.53 9.38
N7 ADP EA . -31.42 2.41 10.72
C5 ADP EA . -31.51 1.11 11.02
C6 ADP EA . -31.40 0.31 12.25
N6 ADP EA . -31.15 0.90 13.45
N1 ADP EA . -31.56 -1.04 12.15
C2 ADP EA . -31.80 -1.63 10.96
N3 ADP EA . -31.91 -0.95 9.80
C4 ADP EA . -31.78 0.39 9.77
MG MG FA . -35.73 7.70 9.09
PB ADP GA . 8.33 42.19 10.79
O1B ADP GA . 7.46 41.60 11.88
O2B ADP GA . 7.94 43.59 10.39
O3B ADP GA . 8.58 41.24 9.64
PA ADP GA . 11.06 42.90 10.78
O1A ADP GA . 10.85 42.78 9.30
O2A ADP GA . 11.37 44.26 11.37
O3A ADP GA . 9.75 42.35 11.53
O5' ADP GA . 12.23 41.91 11.27
C5' ADP GA . 12.56 41.87 12.66
C4' ADP GA . 13.70 40.90 12.94
O4' ADP GA . 14.68 40.87 11.89
C3' ADP GA . 14.44 41.30 14.20
O3' ADP GA . 14.13 40.40 15.26
C2' ADP GA . 15.92 41.20 13.86
O2' ADP GA . 16.59 40.35 14.79
C1' ADP GA . 15.96 40.59 12.47
N9 ADP GA . 17.07 41.16 11.68
C8 ADP GA . 16.97 41.73 10.48
N7 ADP GA . 18.19 42.14 10.03
C5 ADP GA . 19.10 41.81 10.96
C6 ADP GA . 20.57 41.93 11.13
N6 ADP GA . 21.34 42.52 10.17
N1 ADP GA . 21.11 41.44 12.27
C2 ADP GA . 20.36 40.84 13.23
N3 ADP GA . 19.03 40.70 13.13
C4 ADP GA . 18.36 41.15 12.04
#